data_4J9U
#
_entry.id   4J9U
#
_cell.length_a   133.725
_cell.length_b   146.627
_cell.length_c   163.672
_cell.angle_alpha   90.000
_cell.angle_beta   99.320
_cell.angle_gamma   90.000
#
_symmetry.space_group_name_H-M   'P 1 21 1'
#
loop_
_entity.id
_entity.type
_entity.pdbx_description
1 polymer 'Trk system potassium uptake protein TrkH'
2 polymer 'Potassium uptake protein TrkA'
3 non-polymer 'HEXATANTALUM DODECABROMIDE'
4 non-polymer 'POTASSIUM ION'
5 non-polymer NICOTINAMIDE-ADENINE-DINUCLEOTIDE
#
loop_
_entity_poly.entity_id
_entity_poly.type
_entity_poly.pdbx_seq_one_letter_code
_entity_poly.pdbx_strand_id
1 'polypeptide(L)'
;MQFRSIIRIVGLLLALFSVTMLAPALVALLYRDGAGVPFVTTFFVLLFCGAMCWFPNRRHKHELKSRDGFLIVVLFWTVL
GSAGSLPFLIADNPNISVTDAFFESFSALTTTGATVIVGLDELPKAILFYRQFLQWFGGMGIIVLAVAILPVLGIGGMQL
YRAEIPGPVKDTKMTPRIAETAKALWYIYLSLTIACAVAFWLAGMTPFDAISHSFSTIAIGGFSTHDASMGYFDSYAINL
ITVVFLLISACNFTLHFAAFASGGVHPKYYWKDPEFRAFIFIQVLLFLVCFLLLLKHHSYTSPYDAFDQALFQTVSISTT
AGFTTTGFADWPLFLPVLLLFSSFIGGCAGSTGGGMKVIRILLLTLQGARELKRLVHPRAVYTIKVGGSALPQRVVDAVW
GFFSAYALVFVVCMLGLIATGMDELSAFSAVAATLNNLGPGLGEVALHFGDVNDKAKWVLIVSMLFGRLEIFTLLILLTP
TFWRS
;
A,B,C,D
2 'polypeptide(L)'
;MKIIILGAGQVGGTLAENLVGENNDITIVDNNADRLRELQDKYDLRVVNGHASHPDVLHEAGAQDADMLVAVTNTDETNM
AACQVAFTLFNTPNRVARIRSPEYLAEKEALFKSGAIPVDHLIAPEELVTSYIERLIQYPGALQVVSFAEQKVSLVAVKA
YYGGPLVGNALSALREHMPHIDTRVAAIFRQGRPIRPQGTTIIEADDEVFFVAASNHIRSVMSELQRLEKPYRRIMIVGG
GNIGASLAKRLEQTYSVKLIERDYQRAEKLSEQLENTIVFCGDAADQELLTEENIDQVDVFIALTNEDETNIMSAMLAKR
MGAKKVMVLIQRGAYVDLVQGGVIDVAISPQQATISALLTHVRRADIVNVSSLRRGAAEAIEAVAHGDETTSKVVGRAIG
DIKLPPGTTIGAVVRGEEVLIAHDRTVIEQDDHVVMFLVDKKYVPDVEALFQPSPFFL
;
E,F,G,H
#
loop_
_chem_comp.id
_chem_comp.type
_chem_comp.name
_chem_comp.formula
K non-polymer 'POTASSIUM ION' 'K 1'
NAD non-polymer NICOTINAMIDE-ADENINE-DINUCLEOTIDE 'C21 H27 N7 O14 P2'
TBR non-polymer 'HEXATANTALUM DODECABROMIDE' 'Br12 Ta6'
#
# COMPACT_ATOMS: atom_id res chain seq x y z
N MET A 1 6.28 -28.82 31.45
CA MET A 1 7.64 -29.27 31.73
C MET A 1 7.76 -30.79 31.66
N GLN A 2 6.91 -31.48 32.41
CA GLN A 2 6.79 -32.94 32.36
C GLN A 2 8.10 -33.72 32.43
N PHE A 3 8.72 -33.69 33.61
CA PHE A 3 9.98 -34.39 33.86
C PHE A 3 9.68 -35.89 33.95
N ARG A 4 8.40 -36.20 33.98
CA ARG A 4 7.91 -37.54 34.23
C ARG A 4 8.20 -38.47 33.07
N SER A 5 8.32 -37.90 31.88
CA SER A 5 8.57 -38.66 30.67
C SER A 5 10.06 -38.61 30.36
N ILE A 6 10.75 -37.69 31.03
CA ILE A 6 12.18 -37.50 30.85
C ILE A 6 12.93 -38.63 31.57
N ILE A 7 12.39 -39.02 32.71
CA ILE A 7 12.99 -40.05 33.55
C ILE A 7 12.93 -41.40 32.83
N ARG A 8 11.90 -41.58 32.00
CA ARG A 8 11.77 -42.77 31.17
C ARG A 8 13.03 -42.96 30.32
N ILE A 9 13.44 -41.89 29.65
CA ILE A 9 14.57 -41.91 28.74
C ILE A 9 15.86 -42.03 29.55
N VAL A 10 15.85 -41.42 30.74
CA VAL A 10 17.04 -41.49 31.59
C VAL A 10 17.34 -42.91 32.06
N GLY A 11 16.38 -43.55 32.74
CA GLY A 11 16.50 -44.94 33.10
C GLY A 11 16.80 -45.86 31.94
N LEU A 12 16.13 -45.61 30.80
CA LEU A 12 16.38 -46.40 29.61
C LEU A 12 17.84 -46.28 29.21
N LEU A 13 18.43 -45.12 29.52
CA LEU A 13 19.82 -44.89 29.17
C LEU A 13 20.76 -45.56 30.17
N LEU A 14 20.38 -45.57 31.44
CA LEU A 14 21.17 -46.31 32.42
C LEU A 14 21.21 -47.80 32.10
N ALA A 15 20.10 -48.34 31.58
CA ALA A 15 20.09 -49.75 31.19
C ALA A 15 20.93 -49.98 29.93
N LEU A 16 20.79 -49.06 28.98
CA LEU A 16 21.54 -49.13 27.73
C LEU A 16 23.03 -48.99 28.03
N PHE A 17 23.34 -48.40 29.18
CA PHE A 17 24.71 -48.16 29.60
C PHE A 17 25.21 -49.39 30.32
N SER A 18 24.31 -50.04 31.05
CA SER A 18 24.62 -51.30 31.72
C SER A 18 25.09 -52.32 30.71
N VAL A 19 24.40 -52.41 29.58
CA VAL A 19 24.76 -53.44 28.59
C VAL A 19 26.07 -53.12 27.83
N THR A 20 26.82 -52.15 28.31
CA THR A 20 28.15 -51.87 27.73
C THR A 20 29.22 -52.13 28.78
N MET A 21 28.79 -52.63 29.93
CA MET A 21 29.71 -52.99 31.00
C MET A 21 30.13 -54.44 30.80
N LEU A 22 29.39 -55.13 29.95
CA LEU A 22 29.71 -56.51 29.59
C LEU A 22 30.79 -56.53 28.50
N ALA A 23 31.24 -55.36 28.10
CA ALA A 23 32.22 -55.23 27.02
C ALA A 23 33.66 -55.19 27.52
N PRO A 24 33.93 -54.53 28.67
CA PRO A 24 35.28 -54.68 29.18
C PRO A 24 35.34 -55.70 30.32
N ALA A 25 34.18 -56.28 30.63
CA ALA A 25 34.12 -57.42 31.52
C ALA A 25 34.38 -58.67 30.68
N LEU A 26 34.24 -58.52 29.37
CA LEU A 26 34.53 -59.58 28.42
C LEU A 26 36.01 -59.51 28.05
N VAL A 27 36.74 -58.67 28.78
CA VAL A 27 38.17 -58.50 28.57
C VAL A 27 38.82 -58.74 29.92
N ALA A 28 37.98 -58.92 30.92
CA ALA A 28 38.44 -59.24 32.26
C ALA A 28 38.43 -60.75 32.47
N LEU A 29 37.97 -61.46 31.46
CA LEU A 29 37.94 -62.92 31.48
C LEU A 29 38.72 -63.45 30.28
N LEU A 30 38.77 -62.64 29.23
CA LEU A 30 39.52 -62.97 28.02
C LEU A 30 41.00 -62.84 28.32
N TYR A 31 41.47 -61.61 28.42
CA TYR A 31 42.81 -61.33 28.90
C TYR A 31 42.85 -61.70 30.37
N ARG A 32 43.67 -62.70 30.70
CA ARG A 32 43.74 -63.26 32.05
C ARG A 32 43.93 -62.23 33.17
N ASP A 33 44.40 -61.05 32.80
CA ASP A 33 44.95 -60.09 33.75
C ASP A 33 43.95 -59.18 34.45
N GLY A 34 44.02 -59.16 35.78
CA GLY A 34 43.33 -58.17 36.59
C GLY A 34 42.00 -58.57 37.19
N ALA A 35 41.17 -57.57 37.48
CA ALA A 35 39.90 -57.76 38.16
C ALA A 35 38.73 -57.14 37.40
N GLY A 36 37.77 -57.97 37.03
CA GLY A 36 36.56 -57.48 36.39
C GLY A 36 35.31 -57.67 37.24
N VAL A 37 35.51 -57.98 38.52
CA VAL A 37 34.40 -58.01 39.48
C VAL A 37 33.56 -56.72 39.46
N PRO A 38 34.23 -55.54 39.44
CA PRO A 38 33.45 -54.31 39.39
C PRO A 38 32.53 -54.22 38.18
N PHE A 39 33.04 -54.48 36.99
CA PHE A 39 32.26 -54.26 35.77
C PHE A 39 30.95 -55.05 35.76
N VAL A 40 30.95 -56.21 36.42
CA VAL A 40 29.76 -57.04 36.48
C VAL A 40 28.91 -56.64 37.68
N THR A 41 29.52 -55.99 38.67
CA THR A 41 28.71 -55.39 39.74
C THR A 41 27.96 -54.16 39.21
N THR A 42 28.65 -53.40 38.37
CA THR A 42 28.18 -52.15 37.79
C THR A 42 27.07 -52.45 36.79
N PHE A 43 27.31 -53.45 35.95
CA PHE A 43 26.29 -53.91 35.00
C PHE A 43 24.99 -54.26 35.71
N PHE A 44 25.07 -54.57 37.00
CA PHE A 44 23.89 -54.91 37.79
C PHE A 44 23.25 -53.69 38.45
N VAL A 45 24.02 -52.92 39.23
CA VAL A 45 23.45 -51.72 39.86
C VAL A 45 22.89 -50.73 38.85
N LEU A 46 23.53 -50.65 37.68
CA LEU A 46 23.04 -49.76 36.63
C LEU A 46 21.75 -50.25 35.97
N LEU A 47 21.73 -51.51 35.56
CA LEU A 47 20.52 -52.12 35.00
C LEU A 47 19.36 -51.99 35.98
N PHE A 48 19.66 -52.20 37.26
CA PHE A 48 18.64 -52.12 38.30
C PHE A 48 18.12 -50.71 38.49
N CYS A 49 19.02 -49.75 38.70
CA CYS A 49 18.63 -48.36 38.87
C CYS A 49 17.84 -47.85 37.65
N GLY A 50 18.43 -48.02 36.48
CA GLY A 50 17.80 -47.66 35.23
C GLY A 50 16.40 -48.22 35.06
N ALA A 51 16.27 -49.54 35.20
CA ALA A 51 14.96 -50.16 35.06
C ALA A 51 14.01 -49.74 36.19
N MET A 52 14.59 -49.32 37.31
CA MET A 52 13.80 -48.79 38.43
C MET A 52 13.31 -47.39 38.09
N CYS A 53 13.87 -46.83 37.02
CA CYS A 53 13.37 -45.55 36.50
C CYS A 53 12.37 -45.75 35.36
N TRP A 54 12.80 -46.46 34.31
CA TRP A 54 11.96 -46.75 33.15
C TRP A 54 10.59 -47.35 33.48
N PHE A 55 10.57 -48.33 34.38
CA PHE A 55 9.35 -49.10 34.65
C PHE A 55 8.22 -48.31 35.33
N PRO A 56 8.51 -47.59 36.44
CA PRO A 56 7.44 -46.82 37.06
C PRO A 56 6.97 -45.62 36.22
N ASN A 57 7.34 -45.58 34.94
CA ASN A 57 6.94 -44.47 34.08
C ASN A 57 6.20 -44.92 32.82
N ARG A 58 6.95 -45.18 31.74
CA ARG A 58 6.38 -45.57 30.46
C ARG A 58 5.34 -44.58 29.92
N ARG A 59 5.81 -43.39 29.53
CA ARG A 59 4.97 -42.35 28.96
C ARG A 59 5.79 -41.60 27.93
N HIS A 60 5.47 -41.77 26.66
CA HIS A 60 6.20 -41.06 25.62
C HIS A 60 5.51 -39.74 25.31
N LYS A 61 5.48 -38.86 26.31
CA LYS A 61 4.96 -37.52 26.12
C LYS A 61 5.94 -36.71 25.27
N HIS A 62 6.03 -37.07 24.00
CA HIS A 62 7.01 -36.49 23.09
C HIS A 62 6.74 -35.01 22.81
N SER A 66 11.34 -28.42 23.75
CA SER A 66 12.43 -27.45 23.92
C SER A 66 13.13 -27.65 25.26
N ARG A 67 12.62 -27.00 26.30
CA ARG A 67 13.24 -27.01 27.63
C ARG A 67 13.52 -28.44 28.13
N ASP A 68 12.75 -29.39 27.61
CA ASP A 68 12.96 -30.79 27.91
C ASP A 68 14.15 -31.26 27.09
N GLY A 69 14.25 -30.82 25.85
CA GLY A 69 15.38 -31.18 25.01
C GLY A 69 16.69 -30.79 25.68
N PHE A 70 16.73 -29.57 26.20
CA PHE A 70 17.90 -29.10 26.96
C PHE A 70 18.14 -29.98 28.18
N LEU A 71 17.14 -30.05 29.06
CA LEU A 71 17.28 -30.83 30.29
C LEU A 71 17.75 -32.28 30.04
N ILE A 72 17.34 -32.82 28.90
CA ILE A 72 17.77 -34.14 28.47
C ILE A 72 19.24 -34.09 28.10
N VAL A 73 19.62 -33.20 27.19
CA VAL A 73 21.01 -33.18 26.76
C VAL A 73 21.98 -32.66 27.83
N VAL A 74 21.47 -32.36 29.03
CA VAL A 74 22.37 -32.18 30.16
C VAL A 74 22.33 -33.42 31.04
N LEU A 75 21.19 -34.11 31.02
CA LEU A 75 21.06 -35.36 31.78
C LEU A 75 21.92 -36.48 31.18
N PHE A 76 21.95 -36.56 29.85
CA PHE A 76 22.70 -37.60 29.14
C PHE A 76 24.19 -37.60 29.50
N TRP A 77 24.72 -36.46 29.90
CA TRP A 77 26.10 -36.40 30.34
C TRP A 77 26.20 -36.44 31.85
N THR A 78 25.51 -35.51 32.52
CA THR A 78 25.54 -35.44 33.97
C THR A 78 25.19 -36.76 34.66
N VAL A 79 24.34 -37.56 34.03
CA VAL A 79 23.94 -38.84 34.60
C VAL A 79 24.90 -39.97 34.18
N LEU A 80 25.13 -40.10 32.88
CA LEU A 80 26.05 -41.12 32.36
C LEU A 80 27.50 -40.95 32.84
N GLY A 81 27.99 -39.72 32.89
CA GLY A 81 29.34 -39.47 33.37
C GLY A 81 29.51 -39.68 34.86
N SER A 82 28.40 -39.68 35.59
CA SER A 82 28.41 -39.98 37.01
C SER A 82 28.35 -41.49 37.21
N ALA A 83 27.44 -42.13 36.47
CA ALA A 83 27.27 -43.58 36.52
C ALA A 83 28.54 -44.31 36.09
N GLY A 84 29.21 -43.77 35.07
CA GLY A 84 30.42 -44.35 34.52
C GLY A 84 31.64 -44.19 35.42
N SER A 85 31.42 -43.71 36.63
CA SER A 85 32.50 -43.54 37.60
C SER A 85 32.43 -44.69 38.59
N LEU A 86 31.56 -45.66 38.29
CA LEU A 86 31.33 -46.76 39.21
C LEU A 86 32.37 -47.88 39.15
N PRO A 87 32.80 -48.30 37.94
CA PRO A 87 33.94 -49.22 37.90
C PRO A 87 35.18 -48.65 38.60
N PHE A 88 35.52 -47.40 38.31
CA PHE A 88 36.67 -46.74 38.94
C PHE A 88 36.57 -46.59 40.46
N LEU A 89 35.47 -47.04 41.06
CA LEU A 89 35.30 -46.96 42.50
C LEU A 89 35.55 -48.31 43.16
N ILE A 90 34.67 -49.27 42.86
CA ILE A 90 34.73 -50.60 43.45
C ILE A 90 36.07 -51.32 43.21
N ALA A 91 36.65 -51.11 42.03
CA ALA A 91 37.94 -51.70 41.67
C ALA A 91 39.10 -51.18 42.51
N ASP A 92 39.71 -52.05 43.29
CA ASP A 92 40.90 -51.69 44.04
C ASP A 92 42.19 -52.09 43.33
N ASN A 93 42.20 -52.03 42.00
CA ASN A 93 43.41 -52.29 41.25
C ASN A 93 44.15 -50.98 40.93
N PRO A 94 43.47 -50.02 40.28
CA PRO A 94 43.95 -48.65 40.48
C PRO A 94 43.07 -48.02 41.55
N ASN A 95 43.38 -48.26 42.81
CA ASN A 95 42.53 -47.79 43.90
C ASN A 95 42.70 -46.29 44.08
N ILE A 96 41.62 -45.54 43.85
CA ILE A 96 41.72 -44.09 43.78
C ILE A 96 40.51 -43.42 44.41
N SER A 97 40.70 -42.18 44.86
CA SER A 97 39.65 -41.39 45.50
C SER A 97 38.38 -41.24 44.66
N VAL A 98 37.24 -41.03 45.32
CA VAL A 98 35.96 -40.86 44.63
C VAL A 98 35.97 -39.67 43.66
N THR A 99 36.54 -38.55 44.09
CA THR A 99 36.63 -37.36 43.25
C THR A 99 37.52 -37.65 42.05
N ASP A 100 38.58 -38.41 42.27
CA ASP A 100 39.46 -38.83 41.19
C ASP A 100 38.71 -39.71 40.20
N ALA A 101 37.85 -40.57 40.74
CA ALA A 101 37.07 -41.49 39.93
C ALA A 101 36.13 -40.70 39.03
N PHE A 102 35.42 -39.75 39.62
CA PHE A 102 34.55 -38.86 38.86
C PHE A 102 35.31 -38.08 37.81
N PHE A 103 36.46 -37.51 38.18
CA PHE A 103 37.28 -36.81 37.22
C PHE A 103 37.59 -37.72 36.03
N GLU A 104 37.93 -38.96 36.32
CA GLU A 104 38.35 -39.88 35.28
C GLU A 104 37.18 -40.25 34.37
N SER A 105 36.02 -40.46 34.97
CA SER A 105 34.83 -40.86 34.24
C SER A 105 34.29 -39.76 33.35
N PHE A 106 34.12 -38.57 33.92
CA PHE A 106 33.65 -37.43 33.15
C PHE A 106 34.65 -37.07 32.05
N SER A 107 35.93 -36.99 32.39
CA SER A 107 36.96 -36.73 31.37
C SER A 107 36.94 -37.78 30.26
N ALA A 108 36.63 -39.02 30.63
CA ALA A 108 36.61 -40.11 29.67
C ALA A 108 35.42 -40.00 28.72
N LEU A 109 34.25 -39.73 29.30
CA LEU A 109 33.00 -39.74 28.55
C LEU A 109 32.86 -38.49 27.68
N THR A 110 33.47 -37.40 28.13
CA THR A 110 33.43 -36.13 27.43
C THR A 110 34.33 -36.13 26.19
N THR A 111 35.21 -37.12 26.09
CA THR A 111 36.36 -37.08 25.16
C THR A 111 37.25 -35.89 25.49
N THR A 112 37.31 -35.55 26.76
CA THR A 112 38.27 -34.56 27.23
C THR A 112 39.68 -35.12 27.10
N GLY A 113 39.94 -36.22 27.79
CA GLY A 113 41.22 -36.91 27.70
C GLY A 113 42.26 -36.29 28.61
N ALA A 114 41.98 -36.34 29.90
CA ALA A 114 42.89 -35.80 30.89
C ALA A 114 42.84 -36.73 32.08
N THR A 115 43.91 -37.48 32.31
CA THR A 115 43.88 -38.52 33.32
C THR A 115 44.43 -38.05 34.68
N VAL A 116 43.95 -38.69 35.74
CA VAL A 116 44.50 -38.45 37.07
C VAL A 116 45.12 -39.74 37.61
N ILE A 117 45.05 -40.81 36.81
CA ILE A 117 45.76 -42.04 37.15
C ILE A 117 47.12 -42.14 36.46
N VAL A 118 48.17 -41.93 37.26
CA VAL A 118 49.53 -42.07 36.76
C VAL A 118 49.94 -43.50 37.00
N GLY A 119 50.67 -44.08 36.04
CA GLY A 119 51.13 -45.46 36.15
C GLY A 119 50.08 -46.46 35.69
N LEU A 120 49.36 -46.11 34.63
CA LEU A 120 48.32 -46.98 34.10
C LEU A 120 48.87 -48.05 33.15
N ASP A 121 50.15 -47.94 32.80
CA ASP A 121 50.82 -48.91 31.94
C ASP A 121 50.71 -50.31 32.50
N GLU A 122 50.80 -50.42 33.83
CA GLU A 122 50.69 -51.72 34.48
C GLU A 122 49.38 -51.80 35.27
N LEU A 123 48.28 -51.99 34.54
CA LEU A 123 46.96 -52.18 35.15
C LEU A 123 46.21 -53.23 34.36
N PRO A 124 45.12 -53.79 34.93
CA PRO A 124 44.27 -54.76 34.24
C PRO A 124 43.89 -54.35 32.82
N LYS A 125 43.87 -55.33 31.92
CA LYS A 125 43.55 -55.09 30.52
C LYS A 125 42.08 -54.69 30.35
N ALA A 126 41.34 -54.70 31.44
CA ALA A 126 39.92 -54.39 31.41
C ALA A 126 39.68 -52.93 31.80
N ILE A 127 40.26 -52.53 32.92
CA ILE A 127 40.16 -51.16 33.40
C ILE A 127 40.85 -50.17 32.45
N LEU A 128 41.67 -50.68 31.53
CA LEU A 128 42.28 -49.83 30.52
C LEU A 128 41.31 -49.76 29.33
N PHE A 129 40.71 -50.92 29.05
CA PHE A 129 39.78 -51.02 27.94
C PHE A 129 38.52 -50.23 28.27
N TYR A 130 38.09 -50.27 29.52
CA TYR A 130 36.98 -49.45 29.96
C TYR A 130 37.27 -47.97 29.71
N ARG A 131 38.48 -47.56 30.07
CA ARG A 131 38.94 -46.21 29.83
C ARG A 131 38.83 -45.79 28.37
N GLN A 132 39.15 -46.69 27.46
CA GLN A 132 39.09 -46.32 26.04
C GLN A 132 37.65 -46.42 25.50
N PHE A 133 36.91 -47.37 26.05
CA PHE A 133 35.57 -47.68 25.59
C PHE A 133 34.65 -46.52 25.90
N LEU A 134 34.77 -45.99 27.12
CA LEU A 134 34.12 -44.74 27.49
C LEU A 134 34.28 -43.64 26.45
N GLN A 135 35.52 -43.31 26.12
CA GLN A 135 35.83 -42.30 25.09
C GLN A 135 35.12 -42.61 23.76
N TRP A 136 35.08 -43.89 23.40
CA TRP A 136 34.46 -44.28 22.13
C TRP A 136 32.95 -44.04 22.18
N PHE A 137 32.34 -44.43 23.28
CA PHE A 137 30.92 -44.32 23.52
C PHE A 137 30.46 -42.87 23.55
N GLY A 138 31.24 -42.02 24.22
CA GLY A 138 30.93 -40.60 24.27
C GLY A 138 31.17 -40.00 22.90
N GLY A 139 32.09 -40.63 22.15
CA GLY A 139 32.43 -40.15 20.83
C GLY A 139 31.30 -40.47 19.88
N MET A 140 30.39 -41.32 20.34
CA MET A 140 29.16 -41.54 19.59
C MET A 140 28.23 -40.37 19.87
N GLY A 141 27.97 -40.13 21.15
CA GLY A 141 27.11 -39.07 21.61
C GLY A 141 27.37 -37.74 20.95
N ILE A 142 28.62 -37.29 21.01
CA ILE A 142 29.00 -36.00 20.44
C ILE A 142 28.70 -35.86 18.92
N ILE A 143 28.41 -36.96 18.23
CA ILE A 143 28.04 -36.84 16.81
C ILE A 143 26.60 -37.25 16.45
N VAL A 144 25.98 -38.11 17.25
CA VAL A 144 24.55 -38.37 17.05
C VAL A 144 23.68 -37.34 17.74
N LEU A 145 24.31 -36.46 18.51
CA LEU A 145 23.61 -35.32 19.10
C LEU A 145 23.74 -34.15 18.15
N ALA A 146 24.47 -34.37 17.06
CA ALA A 146 24.43 -33.45 15.92
C ALA A 146 23.39 -33.93 14.92
N VAL A 147 22.50 -34.81 15.38
CA VAL A 147 21.34 -35.28 14.62
C VAL A 147 20.09 -35.49 15.48
N ALA A 148 20.20 -36.40 16.45
CA ALA A 148 19.14 -36.68 17.42
C ALA A 148 18.54 -35.48 18.19
N ILE A 149 19.26 -34.37 18.29
CA ILE A 149 18.73 -33.21 19.01
C ILE A 149 17.52 -32.56 18.33
N LEU A 150 17.58 -32.48 17.01
CA LEU A 150 16.54 -31.84 16.20
C LEU A 150 15.07 -32.13 16.60
N PRO A 151 14.72 -33.41 16.86
CA PRO A 151 13.35 -33.63 17.33
C PRO A 151 13.08 -33.01 18.71
N VAL A 152 14.00 -33.17 19.66
CA VAL A 152 13.76 -32.65 21.00
C VAL A 152 14.06 -31.15 21.12
N LEU A 153 14.97 -30.66 20.28
CA LEU A 153 15.58 -29.35 20.47
C LEU A 153 15.67 -28.69 19.11
N GLY A 154 16.55 -27.71 18.99
CA GLY A 154 16.74 -27.00 17.75
C GLY A 154 18.18 -26.69 17.43
N ILE A 155 18.65 -27.16 16.28
CA ILE A 155 19.85 -26.59 15.66
C ILE A 155 19.33 -25.56 14.65
N GLY A 156 18.31 -25.97 13.89
CA GLY A 156 17.62 -25.10 12.97
C GLY A 156 16.49 -24.34 13.64
N GLY A 157 16.50 -24.33 14.97
CA GLY A 157 15.51 -23.59 15.75
C GLY A 157 16.15 -22.29 16.20
N MET A 158 17.46 -22.22 15.99
CA MET A 158 18.21 -20.99 16.12
C MET A 158 18.04 -20.16 14.85
N ILE A 178 14.42 -38.67 9.90
CA ILE A 178 15.69 -38.04 10.28
C ILE A 178 16.57 -39.02 11.05
N ALA A 179 15.95 -39.99 11.71
CA ALA A 179 16.67 -41.10 12.33
C ALA A 179 17.06 -42.09 11.22
N GLU A 180 16.86 -41.63 9.99
CA GLU A 180 17.39 -42.27 8.80
C GLU A 180 18.91 -42.38 8.91
N THR A 181 19.51 -41.34 9.49
CA THR A 181 20.96 -41.19 9.57
C THR A 181 21.54 -41.65 10.92
N ALA A 182 20.69 -42.10 11.82
CA ALA A 182 21.11 -42.58 13.14
C ALA A 182 21.97 -43.84 13.04
N LYS A 183 21.58 -44.73 12.15
CA LYS A 183 22.34 -45.93 11.83
C LYS A 183 23.51 -45.52 10.93
N ALA A 184 23.16 -44.72 9.93
CA ALA A 184 24.09 -44.29 8.89
C ALA A 184 25.32 -43.53 9.41
N LEU A 185 25.22 -42.98 10.62
CA LEU A 185 26.37 -42.33 11.22
C LEU A 185 27.21 -43.39 11.92
N TRP A 186 26.54 -44.27 12.63
CA TRP A 186 27.20 -45.36 13.35
C TRP A 186 28.01 -46.21 12.40
N TYR A 187 27.63 -46.20 11.11
CA TYR A 187 28.42 -46.95 10.12
C TYR A 187 29.71 -46.23 9.77
N ILE A 188 29.62 -44.94 9.41
CA ILE A 188 30.82 -44.15 9.15
C ILE A 188 31.77 -44.15 10.36
N TYR A 189 31.21 -44.32 11.54
CA TYR A 189 31.99 -44.32 12.78
C TYR A 189 32.68 -45.67 12.99
N LEU A 190 31.91 -46.74 12.78
CA LEU A 190 32.39 -48.10 13.00
C LEU A 190 33.45 -48.44 11.96
N SER A 191 33.13 -48.21 10.70
CA SER A 191 34.05 -48.45 9.59
C SER A 191 35.23 -47.48 9.60
N LEU A 192 35.35 -46.70 10.67
CA LEU A 192 36.49 -45.82 10.82
C LEU A 192 37.34 -46.34 11.97
N THR A 193 36.69 -46.71 13.08
CA THR A 193 37.42 -47.29 14.19
C THR A 193 38.04 -48.64 13.82
N ILE A 194 37.29 -49.43 13.05
CA ILE A 194 37.80 -50.71 12.56
C ILE A 194 38.97 -50.44 11.59
N ALA A 195 38.70 -49.58 10.60
CA ALA A 195 39.66 -49.23 9.56
C ALA A 195 40.91 -48.59 10.11
N CYS A 196 40.84 -48.14 11.36
CA CYS A 196 42.00 -47.56 12.00
C CYS A 196 42.70 -48.65 12.79
N ALA A 197 41.92 -49.43 13.53
CA ALA A 197 42.48 -50.51 14.36
C ALA A 197 43.40 -51.40 13.54
N VAL A 198 42.91 -51.82 12.37
CA VAL A 198 43.74 -52.58 11.44
C VAL A 198 45.06 -51.85 11.16
N ALA A 199 44.98 -50.59 10.73
CA ALA A 199 46.17 -49.81 10.37
C ALA A 199 47.17 -49.63 11.52
N PHE A 200 46.64 -49.54 12.74
CA PHE A 200 47.45 -49.38 13.92
C PHE A 200 48.19 -50.68 14.19
N TRP A 201 47.49 -51.80 13.96
CA TRP A 201 48.07 -53.12 14.22
C TRP A 201 48.89 -53.57 13.01
N LEU A 202 48.90 -52.76 11.96
CA LEU A 202 49.74 -53.01 10.79
C LEU A 202 51.02 -52.22 10.87
N ALA A 203 51.03 -51.19 11.72
CA ALA A 203 52.27 -50.51 12.07
C ALA A 203 52.71 -51.12 13.38
N GLY A 204 52.02 -52.19 13.74
CA GLY A 204 52.45 -53.09 14.79
C GLY A 204 52.26 -52.64 16.22
N MET A 205 51.01 -52.50 16.62
CA MET A 205 50.68 -52.50 18.04
C MET A 205 50.15 -53.89 18.35
N THR A 206 50.16 -54.27 19.62
CA THR A 206 49.37 -55.41 20.06
C THR A 206 47.92 -55.11 19.70
N PRO A 207 47.15 -56.16 19.33
CA PRO A 207 45.76 -55.95 18.87
C PRO A 207 44.96 -55.13 19.88
N PHE A 208 45.11 -55.45 21.17
CA PHE A 208 44.49 -54.70 22.24
C PHE A 208 44.82 -53.21 22.14
N ASP A 209 46.11 -52.92 21.96
CA ASP A 209 46.57 -51.53 21.94
C ASP A 209 46.22 -50.84 20.64
N ALA A 210 45.85 -51.64 19.63
CA ALA A 210 45.51 -51.07 18.33
C ALA A 210 44.01 -50.89 18.16
N ILE A 211 43.23 -51.54 19.01
CA ILE A 211 41.79 -51.30 19.03
C ILE A 211 41.54 -50.15 19.98
N SER A 212 42.15 -50.24 21.15
CA SER A 212 41.92 -49.27 22.20
C SER A 212 42.53 -47.91 21.88
N HIS A 213 43.32 -47.85 20.81
CA HIS A 213 43.87 -46.58 20.36
C HIS A 213 43.12 -46.01 19.17
N SER A 214 42.29 -46.84 18.54
CA SER A 214 41.46 -46.37 17.46
C SER A 214 40.20 -45.81 18.08
N PHE A 215 39.77 -46.46 19.16
CA PHE A 215 38.74 -45.91 20.02
C PHE A 215 39.04 -44.44 20.31
N SER A 216 40.24 -44.17 20.81
CA SER A 216 40.63 -42.83 21.21
C SER A 216 40.89 -41.93 20.01
N THR A 217 41.51 -42.45 18.96
CA THR A 217 41.91 -41.59 17.85
C THR A 217 40.73 -41.18 16.96
N ILE A 218 39.66 -41.96 16.95
CA ILE A 218 38.49 -41.61 16.15
C ILE A 218 37.54 -40.72 16.94
N ALA A 219 37.41 -40.99 18.23
CA ALA A 219 36.53 -40.20 19.07
C ALA A 219 37.21 -38.91 19.49
N ILE A 220 38.40 -38.67 18.94
CA ILE A 220 39.23 -37.51 19.29
C ILE A 220 39.20 -37.23 20.79
N GLY A 221 39.72 -38.19 21.56
CA GLY A 221 39.59 -38.18 23.00
C GLY A 221 40.92 -37.95 23.68
N GLY A 222 41.94 -38.70 23.27
CA GLY A 222 43.27 -38.46 23.78
C GLY A 222 43.79 -39.51 24.74
N PHE A 223 42.89 -40.39 25.19
CA PHE A 223 43.27 -41.45 26.11
C PHE A 223 44.24 -42.44 25.48
N SER A 224 45.05 -43.08 26.33
CA SER A 224 46.01 -44.07 25.87
C SER A 224 46.15 -45.26 26.81
N THR A 225 46.92 -46.26 26.39
CA THR A 225 47.32 -47.36 27.25
C THR A 225 48.66 -47.04 27.88
N HIS A 226 49.56 -46.50 27.06
CA HIS A 226 50.87 -46.01 27.51
C HIS A 226 50.77 -44.69 28.28
N ASP A 227 51.46 -44.61 29.41
CA ASP A 227 51.50 -43.39 30.22
C ASP A 227 52.11 -42.21 29.46
N ALA A 228 52.77 -42.48 28.35
CA ALA A 228 53.36 -41.44 27.52
C ALA A 228 52.62 -41.34 26.19
N SER A 229 51.38 -41.81 26.21
CA SER A 229 50.50 -41.78 25.04
C SER A 229 51.14 -42.32 23.77
N MET A 230 51.26 -41.48 22.75
CA MET A 230 51.82 -41.92 21.46
C MET A 230 53.35 -41.90 21.48
N GLY A 231 53.92 -42.14 22.65
CA GLY A 231 55.36 -42.23 22.79
C GLY A 231 55.95 -43.63 22.88
N TYR A 232 55.15 -44.65 22.59
CA TYR A 232 55.66 -46.02 22.64
C TYR A 232 56.77 -46.20 21.62
N PHE A 233 56.39 -46.15 20.36
CA PHE A 233 57.28 -46.44 19.26
C PHE A 233 57.24 -45.20 18.41
N ASP A 234 58.36 -44.46 18.41
CA ASP A 234 58.43 -43.18 17.73
C ASP A 234 58.46 -43.37 16.21
N SER A 235 57.87 -44.46 15.75
CA SER A 235 57.75 -44.75 14.34
C SER A 235 56.81 -43.75 13.71
N TYR A 236 57.31 -43.05 12.70
CA TYR A 236 56.56 -42.04 11.97
C TYR A 236 55.36 -42.72 11.32
N ALA A 237 55.36 -44.05 11.32
CA ALA A 237 54.24 -44.83 10.80
C ALA A 237 53.00 -44.54 11.61
N ILE A 238 53.09 -44.74 12.92
CA ILE A 238 51.94 -44.56 13.79
C ILE A 238 51.64 -43.08 14.02
N ASN A 239 52.68 -42.26 14.15
CA ASN A 239 52.50 -40.82 14.27
C ASN A 239 51.69 -40.30 13.08
N LEU A 240 52.13 -40.68 11.88
CA LEU A 240 51.50 -40.19 10.66
C LEU A 240 50.25 -40.98 10.27
N ILE A 241 49.92 -42.03 11.03
CA ILE A 241 48.61 -42.65 10.89
C ILE A 241 47.62 -41.90 11.77
N THR A 242 47.99 -41.72 13.03
CA THR A 242 47.18 -40.98 13.99
C THR A 242 46.83 -39.62 13.44
N VAL A 243 47.81 -38.95 12.83
CA VAL A 243 47.54 -37.70 12.13
C VAL A 243 46.38 -37.83 11.14
N VAL A 244 46.52 -38.74 10.20
CA VAL A 244 45.59 -38.85 9.09
C VAL A 244 44.20 -39.36 9.51
N PHE A 245 44.11 -40.05 10.64
CA PHE A 245 42.81 -40.52 11.10
C PHE A 245 42.17 -39.50 12.04
N LEU A 246 43.00 -38.62 12.58
CA LEU A 246 42.53 -37.54 13.42
C LEU A 246 41.87 -36.54 12.51
N LEU A 247 42.63 -36.06 11.52
CA LEU A 247 42.10 -35.17 10.50
C LEU A 247 40.75 -35.60 9.91
N ILE A 248 40.59 -36.89 9.64
CA ILE A 248 39.31 -37.39 9.12
C ILE A 248 38.24 -37.38 10.20
N SER A 249 38.57 -37.94 11.37
CA SER A 249 37.61 -37.95 12.47
C SER A 249 37.27 -36.54 12.91
N ALA A 250 38.26 -35.65 12.85
CA ALA A 250 38.05 -34.26 13.20
C ALA A 250 37.32 -33.49 12.11
N CYS A 251 36.45 -34.17 11.36
CA CYS A 251 35.83 -33.48 10.23
C CYS A 251 34.41 -33.88 9.83
N ASN A 252 33.43 -33.33 10.53
CA ASN A 252 32.07 -33.20 10.00
C ASN A 252 31.40 -34.46 9.46
N PHE A 253 30.90 -35.31 10.34
CA PHE A 253 30.34 -36.59 9.92
C PHE A 253 29.17 -36.44 8.93
N THR A 254 28.42 -35.35 9.05
CA THR A 254 27.34 -35.08 8.11
C THR A 254 27.91 -34.82 6.73
N LEU A 255 29.12 -34.29 6.68
CA LEU A 255 29.81 -34.04 5.41
C LEU A 255 30.31 -35.38 4.91
N HIS A 256 30.81 -36.20 5.82
CA HIS A 256 31.25 -37.55 5.50
C HIS A 256 30.10 -38.36 4.91
N PHE A 257 28.88 -38.05 5.36
CA PHE A 257 27.68 -38.76 4.92
C PHE A 257 27.49 -38.79 3.40
N ALA A 258 28.32 -38.03 2.70
CA ALA A 258 28.39 -38.10 1.25
C ALA A 258 29.13 -39.38 0.84
N ALA A 259 29.30 -40.29 1.80
CA ALA A 259 29.98 -41.56 1.56
C ALA A 259 29.04 -42.73 1.28
N PHE A 260 28.17 -43.07 2.23
CA PHE A 260 27.31 -44.21 2.02
C PHE A 260 26.26 -43.92 0.93
N ALA A 261 25.76 -42.68 0.93
CA ALA A 261 24.82 -42.21 -0.10
C ALA A 261 25.49 -42.14 -1.46
N SER A 262 25.04 -42.97 -2.41
CA SER A 262 25.74 -43.12 -3.70
C SER A 262 27.12 -43.74 -3.49
N GLY A 263 27.95 -43.75 -4.53
CA GLY A 263 29.28 -44.29 -4.34
C GLY A 263 30.30 -43.30 -3.81
N GLY A 264 31.55 -43.50 -4.21
CA GLY A 264 32.69 -42.71 -3.77
C GLY A 264 32.79 -41.34 -4.41
N VAL A 265 31.65 -40.66 -4.54
CA VAL A 265 31.62 -39.33 -5.14
C VAL A 265 31.96 -38.27 -4.09
N HIS A 266 32.72 -38.70 -3.09
CA HIS A 266 33.32 -37.81 -2.08
C HIS A 266 33.96 -36.53 -2.66
N PRO A 267 34.93 -36.66 -3.62
CA PRO A 267 35.88 -35.61 -4.00
C PRO A 267 35.42 -34.15 -3.90
N LYS A 268 34.33 -33.80 -4.56
CA LYS A 268 33.96 -32.40 -4.71
C LYS A 268 33.32 -31.81 -3.45
N TYR A 269 32.48 -32.62 -2.79
CA TYR A 269 31.77 -32.19 -1.57
C TYR A 269 32.64 -31.48 -0.53
N TYR A 270 33.79 -32.07 -0.22
CA TYR A 270 34.73 -31.47 0.72
C TYR A 270 35.16 -30.08 0.31
N TRP A 271 35.85 -29.96 -0.82
CA TRP A 271 36.35 -28.64 -1.19
C TRP A 271 35.23 -27.69 -1.60
N LYS A 272 34.00 -28.17 -1.58
CA LYS A 272 32.84 -27.29 -1.76
C LYS A 272 32.53 -26.48 -0.49
N ASP A 273 32.21 -27.19 0.59
CA ASP A 273 31.91 -26.57 1.89
C ASP A 273 33.08 -25.72 2.36
N PRO A 274 32.83 -24.43 2.64
CA PRO A 274 33.92 -23.53 3.05
C PRO A 274 34.37 -23.72 4.51
N GLU A 275 33.60 -24.47 5.29
CA GLU A 275 34.03 -24.80 6.64
C GLU A 275 35.29 -25.63 6.54
N PHE A 276 35.17 -26.76 5.83
CA PHE A 276 36.27 -27.68 5.59
C PHE A 276 37.43 -26.96 4.91
N ARG A 277 37.09 -26.21 3.88
CA ARG A 277 38.07 -25.43 3.12
C ARG A 277 38.89 -24.56 4.06
N ALA A 278 38.24 -24.09 5.14
CA ALA A 278 38.93 -23.26 6.12
C ALA A 278 39.77 -24.13 7.08
N PHE A 279 39.17 -25.21 7.57
CA PHE A 279 39.87 -26.19 8.42
C PHE A 279 41.21 -26.64 7.84
N ILE A 280 41.27 -26.72 6.51
CA ILE A 280 42.49 -27.18 5.86
C ILE A 280 43.55 -26.07 5.85
N PHE A 281 43.13 -24.85 5.53
CA PHE A 281 44.05 -23.71 5.58
C PHE A 281 44.62 -23.53 6.99
N ILE A 282 43.73 -23.58 7.98
CA ILE A 282 44.13 -23.46 9.38
C ILE A 282 45.17 -24.52 9.74
N GLN A 283 44.83 -25.77 9.49
CA GLN A 283 45.74 -26.87 9.78
C GLN A 283 47.11 -26.69 9.13
N VAL A 284 47.10 -26.36 7.84
CA VAL A 284 48.33 -26.17 7.08
C VAL A 284 49.18 -25.05 7.66
N LEU A 285 48.61 -23.84 7.76
CA LEU A 285 49.33 -22.67 8.28
C LEU A 285 49.95 -22.95 9.64
N LEU A 286 49.15 -23.57 10.50
CA LEU A 286 49.58 -23.89 11.86
C LEU A 286 50.81 -24.81 11.81
N PHE A 287 50.69 -25.89 11.05
CA PHE A 287 51.81 -26.81 10.88
C PHE A 287 53.05 -26.06 10.37
N LEU A 288 52.90 -25.40 9.23
CA LEU A 288 53.97 -24.62 8.60
C LEU A 288 54.76 -23.78 9.61
N VAL A 289 54.09 -22.86 10.30
CA VAL A 289 54.80 -22.04 11.27
C VAL A 289 55.48 -22.89 12.35
N CYS A 290 54.78 -23.92 12.84
CA CYS A 290 55.38 -24.79 13.87
C CYS A 290 56.69 -25.45 13.43
N PHE A 291 56.61 -26.26 12.37
CA PHE A 291 57.76 -26.85 11.70
C PHE A 291 58.91 -25.86 11.45
N LEU A 292 58.62 -24.77 10.74
CA LEU A 292 59.66 -23.79 10.41
C LEU A 292 60.36 -23.22 11.64
N LEU A 293 59.62 -23.09 12.74
CA LEU A 293 60.25 -22.61 13.98
C LEU A 293 61.05 -23.70 14.69
N LEU A 294 60.57 -24.95 14.63
CA LEU A 294 61.34 -26.06 15.15
C LEU A 294 62.64 -26.23 14.37
N LEU A 295 62.68 -25.71 13.14
CA LEU A 295 63.88 -25.76 12.34
C LEU A 295 64.82 -24.60 12.66
N LYS A 296 64.28 -23.39 12.64
CA LYS A 296 65.09 -22.19 12.91
C LYS A 296 65.80 -22.23 14.26
N HIS A 297 65.18 -22.92 15.21
CA HIS A 297 65.64 -22.91 16.60
C HIS A 297 66.62 -24.05 16.88
N HIS A 298 66.78 -24.93 15.90
CA HIS A 298 67.64 -26.10 16.02
C HIS A 298 67.17 -26.92 17.22
N SER A 299 65.87 -27.20 17.24
CA SER A 299 65.24 -27.91 18.34
C SER A 299 65.23 -29.41 18.08
N TYR A 300 65.63 -29.78 16.87
CA TYR A 300 65.70 -31.19 16.50
C TYR A 300 66.94 -31.56 15.71
N THR A 301 67.54 -32.69 16.09
CA THR A 301 68.78 -33.18 15.51
C THR A 301 68.71 -33.25 13.99
N SER A 302 67.73 -34.01 13.49
CA SER A 302 67.52 -34.16 12.06
C SER A 302 66.29 -33.39 11.62
N PRO A 303 66.39 -32.65 10.50
CA PRO A 303 65.22 -31.98 9.90
C PRO A 303 64.10 -32.92 9.47
N TYR A 304 64.15 -34.18 9.92
CA TYR A 304 63.04 -35.10 9.72
C TYR A 304 62.14 -35.21 10.96
N ASP A 305 62.76 -35.52 12.09
CA ASP A 305 62.07 -35.51 13.38
C ASP A 305 61.35 -34.18 13.66
N ALA A 306 61.88 -33.09 13.11
CA ALA A 306 61.24 -31.79 13.22
C ALA A 306 59.89 -31.86 12.53
N PHE A 307 59.92 -32.28 11.26
CA PHE A 307 58.72 -32.51 10.47
C PHE A 307 57.73 -33.40 11.20
N ASP A 308 58.19 -34.59 11.59
CA ASP A 308 57.39 -35.55 12.35
C ASP A 308 56.67 -34.91 13.53
N GLN A 309 57.44 -34.36 14.45
CA GLN A 309 56.90 -33.85 15.70
C GLN A 309 55.96 -32.68 15.46
N ALA A 310 56.34 -31.80 14.55
CA ALA A 310 55.49 -30.67 14.20
C ALA A 310 54.14 -31.13 13.66
N LEU A 311 54.19 -31.87 12.56
CA LEU A 311 53.00 -32.39 11.90
C LEU A 311 52.08 -33.17 12.85
N PHE A 312 52.64 -33.98 13.74
CA PHE A 312 51.80 -34.74 14.66
C PHE A 312 51.22 -33.85 15.75
N GLN A 313 52.05 -32.96 16.28
CA GLN A 313 51.67 -32.13 17.42
C GLN A 313 50.63 -31.07 17.10
N THR A 314 50.81 -30.36 15.99
CA THR A 314 49.81 -29.37 15.61
C THR A 314 48.44 -30.01 15.39
N VAL A 315 48.38 -31.04 14.56
CA VAL A 315 47.12 -31.74 14.33
C VAL A 315 46.50 -32.31 15.61
N SER A 316 47.33 -32.93 16.46
CA SER A 316 46.81 -33.52 17.69
C SER A 316 46.27 -32.45 18.65
N ILE A 317 47.04 -31.38 18.86
CA ILE A 317 46.67 -30.40 19.88
C ILE A 317 45.56 -29.46 19.38
N SER A 318 45.58 -29.14 18.10
CA SER A 318 44.64 -28.16 17.56
C SER A 318 43.26 -28.75 17.23
N THR A 319 43.22 -30.01 16.82
CA THR A 319 41.94 -30.63 16.49
C THR A 319 41.33 -31.28 17.72
N THR A 320 41.79 -30.84 18.90
CA THR A 320 41.20 -31.18 20.18
C THR A 320 41.50 -32.65 20.51
N ALA A 321 42.55 -33.21 19.91
CA ALA A 321 42.84 -34.62 20.13
C ALA A 321 43.44 -34.88 21.49
N GLY A 322 44.63 -34.32 21.74
CA GLY A 322 45.26 -34.47 23.03
C GLY A 322 46.50 -35.33 23.05
N PHE A 323 46.59 -36.26 22.11
CA PHE A 323 47.77 -37.13 21.99
C PHE A 323 49.05 -36.32 21.93
N THR A 324 50.03 -36.70 22.74
CA THR A 324 51.33 -36.05 22.70
C THR A 324 52.42 -37.04 22.35
N THR A 325 53.38 -36.60 21.53
CA THR A 325 54.48 -37.45 21.10
C THR A 325 55.79 -36.86 21.60
N THR A 326 55.72 -35.64 22.13
CA THR A 326 56.88 -35.01 22.72
C THR A 326 56.55 -34.54 24.14
N GLY A 327 57.43 -33.72 24.68
CA GLY A 327 57.19 -33.06 25.95
C GLY A 327 57.62 -31.61 25.87
N PHE A 328 57.88 -31.16 24.64
CA PHE A 328 58.28 -29.78 24.37
C PHE A 328 59.55 -29.37 25.11
N ALA A 329 60.56 -30.23 25.06
CA ALA A 329 61.84 -29.99 25.71
C ALA A 329 62.63 -28.87 25.06
N ASP A 330 62.89 -29.00 23.76
CA ASP A 330 63.64 -27.99 23.02
C ASP A 330 62.73 -27.03 22.29
N TRP A 331 61.42 -27.25 22.40
CA TRP A 331 60.44 -26.43 21.71
C TRP A 331 60.47 -25.01 22.24
N PRO A 332 60.59 -24.03 21.33
CA PRO A 332 60.51 -22.61 21.69
C PRO A 332 59.15 -22.33 22.31
N LEU A 333 59.14 -21.68 23.48
CA LEU A 333 57.94 -21.50 24.28
C LEU A 333 56.74 -21.01 23.47
N PHE A 334 57.04 -20.22 22.45
CA PHE A 334 56.02 -19.68 21.55
C PHE A 334 55.11 -20.77 20.96
N LEU A 335 55.65 -21.98 20.84
CA LEU A 335 54.96 -23.08 20.16
C LEU A 335 53.89 -23.80 20.98
N PRO A 336 54.21 -24.22 22.22
CA PRO A 336 53.12 -24.84 22.98
C PRO A 336 52.05 -23.83 23.36
N VAL A 337 52.43 -22.56 23.48
CA VAL A 337 51.47 -21.51 23.78
C VAL A 337 50.52 -21.29 22.60
N LEU A 338 51.10 -21.04 21.42
CA LEU A 338 50.28 -20.84 20.22
C LEU A 338 49.42 -22.06 19.94
N LEU A 339 49.94 -23.24 20.30
CA LEU A 339 49.17 -24.46 20.14
C LEU A 339 47.99 -24.49 21.11
N LEU A 340 48.25 -24.14 22.37
CA LEU A 340 47.22 -24.12 23.40
C LEU A 340 46.12 -23.13 23.05
N PHE A 341 46.48 -22.10 22.29
CA PHE A 341 45.49 -21.13 21.84
C PHE A 341 44.71 -21.64 20.64
N SER A 342 45.41 -22.23 19.68
CA SER A 342 44.74 -22.81 18.51
C SER A 342 43.83 -23.95 18.95
N SER A 343 44.01 -24.40 20.18
CA SER A 343 43.14 -25.39 20.77
C SER A 343 41.71 -24.87 20.87
N PHE A 344 41.54 -23.55 20.77
CA PHE A 344 40.22 -22.96 20.89
C PHE A 344 39.35 -23.23 19.66
N ILE A 345 40.00 -23.49 18.54
CA ILE A 345 39.27 -23.74 17.30
C ILE A 345 39.68 -25.06 16.67
N GLY A 346 38.92 -26.11 16.95
CA GLY A 346 39.28 -27.43 16.48
C GLY A 346 38.12 -28.32 16.12
N GLY A 347 38.04 -28.66 14.84
CA GLY A 347 37.05 -29.62 14.37
C GLY A 347 36.02 -28.99 13.46
N CYS A 348 35.86 -29.56 12.27
CA CYS A 348 34.69 -29.26 11.44
C CYS A 348 33.48 -29.39 12.36
N ALA A 349 32.54 -28.46 12.26
CA ALA A 349 31.38 -28.44 13.14
C ALA A 349 30.56 -29.71 12.98
N GLY A 350 30.11 -30.26 14.10
CA GLY A 350 29.42 -31.53 14.09
C GLY A 350 30.35 -32.71 13.86
N SER A 351 31.51 -32.67 14.52
CA SER A 351 32.43 -33.80 14.55
C SER A 351 32.68 -34.17 16.01
N THR A 352 33.79 -34.87 16.27
CA THR A 352 34.08 -35.30 17.63
C THR A 352 35.10 -34.41 18.36
N GLY A 353 35.24 -33.16 17.93
CA GLY A 353 36.29 -32.28 18.48
C GLY A 353 35.89 -31.48 19.71
N GLY A 354 35.28 -30.32 19.49
CA GLY A 354 34.76 -29.52 20.60
C GLY A 354 35.50 -28.30 21.12
N GLY A 355 36.12 -27.53 20.23
CA GLY A 355 36.52 -26.18 20.55
C GLY A 355 35.30 -25.28 20.44
N MET A 356 35.49 -23.98 20.23
CA MET A 356 34.43 -23.20 19.61
C MET A 356 34.55 -23.44 18.12
N LYS A 357 33.86 -24.47 17.65
CA LYS A 357 34.12 -25.16 16.37
C LYS A 357 34.44 -24.24 15.18
N VAL A 358 35.23 -24.74 14.24
CA VAL A 358 35.74 -23.98 13.10
C VAL A 358 34.80 -22.93 12.46
N ILE A 359 33.58 -23.33 12.07
CA ILE A 359 32.64 -22.35 11.49
C ILE A 359 32.45 -21.13 12.37
N ARG A 360 32.42 -21.35 13.69
CA ARG A 360 32.35 -20.22 14.62
C ARG A 360 33.47 -19.22 14.37
N ILE A 361 34.72 -19.68 14.32
CA ILE A 361 35.83 -18.74 14.13
C ILE A 361 35.80 -18.13 12.73
N LEU A 362 35.47 -18.92 11.73
CA LEU A 362 35.32 -18.41 10.37
C LEU A 362 34.35 -17.24 10.36
N LEU A 363 33.13 -17.53 10.79
CA LEU A 363 32.06 -16.55 10.89
C LEU A 363 32.53 -15.33 11.66
N LEU A 364 33.08 -15.56 12.85
CA LEU A 364 33.57 -14.50 13.71
C LEU A 364 34.49 -13.55 12.96
N THR A 365 35.51 -14.09 12.31
CA THR A 365 36.41 -13.28 11.51
C THR A 365 35.67 -12.50 10.43
N LEU A 366 34.73 -13.15 9.74
CA LEU A 366 33.90 -12.46 8.76
C LEU A 366 33.17 -11.25 9.37
N GLN A 367 32.49 -11.50 10.49
CA GLN A 367 31.68 -10.51 11.18
C GLN A 367 32.53 -9.32 11.63
N GLY A 368 33.70 -9.61 12.19
CA GLY A 368 34.60 -8.56 12.62
C GLY A 368 35.15 -7.76 11.46
N ALA A 369 35.44 -8.46 10.36
CA ALA A 369 35.93 -7.82 9.15
C ALA A 369 34.88 -6.82 8.69
N ARG A 370 33.63 -7.28 8.66
CA ARG A 370 32.48 -6.42 8.38
C ARG A 370 32.47 -5.20 9.30
N GLU A 371 32.44 -5.43 10.61
CA GLU A 371 32.47 -4.35 11.60
C GLU A 371 33.57 -3.34 11.29
N LEU A 372 34.68 -3.84 10.74
CA LEU A 372 35.80 -2.99 10.38
C LEU A 372 35.49 -2.24 9.08
N LYS A 373 34.65 -2.83 8.24
CA LYS A 373 34.26 -2.20 6.98
C LYS A 373 33.27 -1.06 7.21
N ARG A 374 32.30 -1.30 8.10
CA ARG A 374 31.26 -0.33 8.38
C ARG A 374 31.82 1.00 8.90
N LEU A 375 32.93 0.92 9.63
CA LEU A 375 33.60 2.12 10.12
C LEU A 375 34.00 3.06 8.98
N VAL A 376 34.49 2.50 7.88
CA VAL A 376 34.91 3.32 6.75
C VAL A 376 33.70 3.91 6.02
N HIS A 377 32.93 3.05 5.37
CA HIS A 377 31.67 3.48 4.76
C HIS A 377 30.51 3.01 5.62
N PRO A 378 29.88 3.94 6.35
CA PRO A 378 28.87 3.58 7.35
C PRO A 378 27.45 3.59 6.78
N ARG A 379 27.26 4.22 5.63
CA ARG A 379 25.97 4.26 4.96
C ARG A 379 25.78 3.07 4.01
N ALA A 380 26.73 2.13 4.05
CA ALA A 380 26.75 1.03 3.10
C ALA A 380 26.10 -0.24 3.66
N VAL A 381 25.65 -1.11 2.76
CA VAL A 381 25.03 -2.37 3.14
C VAL A 381 25.97 -3.54 2.92
N TYR A 382 26.58 -4.02 4.00
CA TYR A 382 27.47 -5.17 3.91
C TYR A 382 26.79 -6.42 4.44
N THR A 383 26.95 -7.54 3.71
CA THR A 383 26.34 -8.80 4.10
C THR A 383 27.38 -9.90 4.32
N ILE A 384 27.12 -10.76 5.31
CA ILE A 384 28.04 -11.85 5.64
C ILE A 384 27.80 -13.03 4.70
N LYS A 385 28.83 -13.41 3.94
CA LYS A 385 28.67 -14.47 2.96
C LYS A 385 29.53 -15.69 3.29
N VAL A 386 28.90 -16.86 3.40
CA VAL A 386 29.63 -18.11 3.65
C VAL A 386 29.72 -18.99 2.41
N GLY A 387 28.61 -19.64 2.04
CA GLY A 387 28.63 -20.53 0.90
C GLY A 387 28.12 -19.77 -0.30
N GLY A 388 26.85 -19.38 -0.23
CA GLY A 388 26.25 -18.50 -1.22
C GLY A 388 25.37 -17.49 -0.51
N SER A 389 24.31 -18.00 0.11
CA SER A 389 23.37 -17.16 0.86
C SER A 389 24.04 -16.50 2.05
N ALA A 390 23.60 -15.30 2.36
CA ALA A 390 24.09 -14.57 3.51
C ALA A 390 23.62 -15.18 4.82
N LEU A 391 24.28 -14.81 5.92
CA LEU A 391 23.88 -15.28 7.23
C LEU A 391 22.84 -14.31 7.75
N PRO A 392 21.82 -14.82 8.44
CA PRO A 392 20.82 -13.91 9.00
C PRO A 392 21.35 -13.26 10.27
N GLN A 393 20.82 -12.09 10.61
CA GLN A 393 21.34 -11.30 11.73
C GLN A 393 20.73 -11.81 13.04
N ARG A 394 20.54 -13.12 13.11
CA ARG A 394 19.96 -13.76 14.28
C ARG A 394 20.95 -14.82 14.71
N VAL A 395 21.85 -15.14 13.79
CA VAL A 395 22.84 -16.20 14.00
C VAL A 395 24.21 -15.55 14.20
N VAL A 396 24.43 -14.41 13.56
CA VAL A 396 25.60 -13.59 13.82
C VAL A 396 25.57 -13.16 15.29
N ASP A 397 24.37 -12.76 15.73
CA ASP A 397 24.14 -12.37 17.12
C ASP A 397 24.46 -13.53 18.04
N ALA A 398 23.99 -14.70 17.64
CA ALA A 398 24.18 -15.92 18.42
C ALA A 398 25.64 -16.29 18.50
N VAL A 399 26.35 -16.20 17.37
CA VAL A 399 27.77 -16.51 17.34
C VAL A 399 28.53 -15.59 18.28
N TRP A 400 28.32 -14.29 18.14
CA TRP A 400 29.03 -13.32 18.97
C TRP A 400 28.74 -13.56 20.46
N GLY A 401 27.47 -13.82 20.76
CA GLY A 401 27.06 -14.08 22.13
C GLY A 401 27.76 -15.30 22.66
N PHE A 402 27.89 -16.31 21.80
CA PHE A 402 28.59 -17.53 22.16
C PHE A 402 30.05 -17.26 22.50
N PHE A 403 30.74 -16.51 21.64
CA PHE A 403 32.13 -16.21 21.88
C PHE A 403 32.31 -15.48 23.21
N SER A 404 31.45 -14.49 23.44
CA SER A 404 31.49 -13.74 24.70
C SER A 404 31.32 -14.68 25.88
N ALA A 405 30.19 -15.39 25.90
CA ALA A 405 29.93 -16.41 26.93
C ALA A 405 31.12 -17.33 27.16
N TYR A 406 31.73 -17.79 26.08
CA TYR A 406 32.90 -18.65 26.13
C TYR A 406 33.99 -18.02 26.97
N ALA A 407 34.34 -16.79 26.61
CA ALA A 407 35.36 -16.04 27.34
C ALA A 407 35.00 -15.92 28.83
N LEU A 408 33.77 -15.49 29.09
CA LEU A 408 33.21 -15.41 30.44
C LEU A 408 33.46 -16.67 31.24
N VAL A 409 32.92 -17.79 30.75
CA VAL A 409 33.08 -19.09 31.36
C VAL A 409 34.55 -19.42 31.66
N PHE A 410 35.41 -19.21 30.66
CA PHE A 410 36.85 -19.46 30.81
C PHE A 410 37.44 -18.69 31.99
N VAL A 411 37.24 -17.37 32.00
CA VAL A 411 37.83 -16.54 33.03
C VAL A 411 37.22 -16.82 34.42
N VAL A 412 35.95 -17.21 34.42
CA VAL A 412 35.27 -17.60 35.65
C VAL A 412 35.91 -18.85 36.24
N CYS A 413 36.00 -19.91 35.46
CA CYS A 413 36.63 -21.13 35.95
C CYS A 413 38.11 -20.97 36.28
N MET A 414 38.79 -20.05 35.60
CA MET A 414 40.19 -19.75 35.89
C MET A 414 40.27 -19.12 37.28
N LEU A 415 39.30 -18.26 37.58
CA LEU A 415 39.22 -17.68 38.92
C LEU A 415 38.87 -18.73 39.97
N GLY A 416 37.87 -19.56 39.69
CA GLY A 416 37.49 -20.66 40.54
C GLY A 416 38.66 -21.57 40.91
N LEU A 417 39.54 -21.81 39.94
CA LEU A 417 40.73 -22.61 40.17
C LEU A 417 41.82 -21.88 40.94
N ILE A 418 42.10 -20.62 40.57
CA ILE A 418 43.11 -19.85 41.29
C ILE A 418 42.67 -19.69 42.75
N ALA A 419 41.36 -19.69 42.96
CA ALA A 419 40.78 -19.62 44.30
C ALA A 419 40.85 -20.96 45.02
N THR A 420 40.64 -22.04 44.27
CA THR A 420 40.76 -23.39 44.82
C THR A 420 42.11 -23.61 45.51
N GLY A 421 43.15 -22.97 45.01
CA GLY A 421 44.48 -23.15 45.55
C GLY A 421 45.53 -23.13 44.46
N MET A 422 45.15 -23.57 43.26
CA MET A 422 46.10 -23.68 42.15
C MET A 422 46.79 -22.34 41.88
N ASP A 423 47.95 -22.40 41.23
CA ASP A 423 48.64 -21.17 40.89
C ASP A 423 48.11 -20.67 39.56
N GLU A 424 48.55 -19.47 39.20
CA GLU A 424 47.94 -18.70 38.12
C GLU A 424 48.04 -19.39 36.76
N LEU A 425 49.27 -19.67 36.34
CA LEU A 425 49.50 -20.20 35.00
C LEU A 425 48.93 -21.60 34.86
N SER A 426 48.96 -22.36 35.96
CA SER A 426 48.45 -23.72 35.97
C SER A 426 46.94 -23.73 35.82
N ALA A 427 46.27 -22.83 36.53
CA ALA A 427 44.83 -22.72 36.42
C ALA A 427 44.46 -22.30 35.00
N PHE A 428 45.29 -21.44 34.41
CA PHE A 428 45.03 -20.98 33.05
C PHE A 428 45.10 -22.13 32.07
N SER A 429 46.18 -22.91 32.17
CA SER A 429 46.36 -24.06 31.30
C SER A 429 45.22 -25.06 31.51
N ALA A 430 44.82 -25.20 32.77
CA ALA A 430 43.78 -26.15 33.16
C ALA A 430 42.45 -25.84 32.50
N VAL A 431 41.96 -24.62 32.71
CA VAL A 431 40.72 -24.21 32.06
C VAL A 431 40.84 -24.32 30.55
N ALA A 432 41.92 -23.74 29.99
CA ALA A 432 42.14 -23.80 28.54
C ALA A 432 42.22 -25.23 28.00
N ALA A 433 42.37 -26.20 28.89
CA ALA A 433 42.51 -27.58 28.48
C ALA A 433 41.23 -28.39 28.71
N THR A 434 40.39 -27.89 29.62
CA THR A 434 39.17 -28.61 29.95
C THR A 434 37.95 -27.97 29.29
N LEU A 435 38.10 -26.74 28.83
CA LEU A 435 36.97 -26.04 28.24
C LEU A 435 36.91 -26.40 26.76
N ASN A 436 38.06 -26.78 26.23
CA ASN A 436 38.10 -27.28 24.86
C ASN A 436 38.08 -28.79 24.82
N ASN A 437 38.38 -29.40 25.97
CA ASN A 437 38.57 -30.86 26.10
C ASN A 437 39.83 -31.38 25.39
N LEU A 438 41.02 -30.97 25.85
CA LEU A 438 42.25 -31.46 25.21
C LEU A 438 42.77 -32.85 25.69
N GLY A 439 43.33 -33.02 26.90
CA GLY A 439 43.52 -31.98 27.91
C GLY A 439 44.89 -32.05 28.58
N PRO A 440 45.97 -31.94 27.78
CA PRO A 440 47.30 -31.82 28.36
C PRO A 440 47.52 -30.40 28.88
N GLY A 441 48.29 -30.25 29.97
CA GLY A 441 48.65 -28.95 30.50
C GLY A 441 49.13 -27.95 29.45
N LEU A 442 50.20 -28.31 28.75
CA LEU A 442 50.61 -27.62 27.52
C LEU A 442 51.17 -26.21 27.71
N GLY A 443 51.05 -25.65 28.92
CA GLY A 443 51.50 -24.28 29.13
C GLY A 443 53.01 -24.14 29.24
N GLU A 444 53.56 -24.49 30.39
CA GLU A 444 54.99 -24.40 30.63
C GLU A 444 55.41 -25.60 31.47
N VAL A 445 55.05 -26.78 30.98
CA VAL A 445 55.35 -28.06 31.62
C VAL A 445 54.88 -28.14 33.08
N ALA A 446 53.58 -27.95 33.30
CA ALA A 446 52.96 -28.10 34.61
C ALA A 446 51.70 -28.96 34.50
N LEU A 447 51.73 -29.92 33.58
CA LEU A 447 50.53 -30.59 33.08
C LEU A 447 49.68 -31.51 33.98
N HIS A 448 50.28 -32.12 35.01
CA HIS A 448 49.69 -33.35 35.58
C HIS A 448 48.58 -33.18 36.64
N PHE A 449 47.38 -33.63 36.30
CA PHE A 449 46.17 -33.37 37.09
C PHE A 449 46.02 -34.25 38.32
N GLY A 450 46.64 -35.42 38.29
CA GLY A 450 46.51 -36.41 39.35
C GLY A 450 46.50 -35.86 40.75
N ASP A 451 47.47 -35.03 41.03
CA ASP A 451 47.72 -34.53 42.37
C ASP A 451 47.37 -33.04 42.57
N VAL A 452 46.57 -32.51 41.64
CA VAL A 452 46.05 -31.16 41.78
C VAL A 452 45.03 -31.15 42.93
N ASN A 453 44.71 -29.96 43.45
CA ASN A 453 43.71 -29.80 44.51
C ASN A 453 42.44 -30.59 44.19
N ASP A 454 41.75 -31.05 45.25
CA ASP A 454 40.56 -31.88 45.10
C ASP A 454 39.35 -31.10 44.58
N LYS A 455 39.13 -29.89 45.11
CA LYS A 455 38.05 -29.04 44.64
C LYS A 455 38.25 -28.74 43.16
N ALA A 456 39.49 -28.38 42.83
CA ALA A 456 39.90 -28.08 41.47
C ALA A 456 39.47 -29.15 40.48
N LYS A 457 39.48 -30.40 40.94
CA LYS A 457 39.09 -31.53 40.10
C LYS A 457 37.61 -31.38 39.72
N TRP A 458 36.80 -31.07 40.72
CA TRP A 458 35.38 -30.85 40.50
C TRP A 458 35.16 -29.68 39.53
N VAL A 459 35.78 -28.55 39.85
CA VAL A 459 35.79 -27.39 38.96
C VAL A 459 36.09 -27.78 37.51
N LEU A 460 37.15 -28.58 37.32
CA LEU A 460 37.56 -29.00 36.00
C LEU A 460 36.50 -29.89 35.34
N ILE A 461 35.79 -30.67 36.15
CA ILE A 461 34.68 -31.48 35.64
C ILE A 461 33.59 -30.58 35.07
N VAL A 462 33.17 -29.60 35.87
CA VAL A 462 32.28 -28.55 35.38
C VAL A 462 32.80 -27.96 34.07
N SER A 463 34.04 -27.49 34.09
CA SER A 463 34.72 -26.93 32.93
C SER A 463 34.57 -27.74 31.65
N MET A 464 34.66 -29.07 31.78
CA MET A 464 34.52 -29.93 30.61
C MET A 464 33.07 -30.28 30.27
N LEU A 465 32.17 -30.13 31.24
CA LEU A 465 30.74 -30.21 30.93
C LEU A 465 30.31 -29.01 30.09
N PHE A 466 30.75 -27.81 30.50
CA PHE A 466 30.58 -26.61 29.70
C PHE A 466 31.19 -26.83 28.32
N GLY A 467 32.46 -27.27 28.32
CA GLY A 467 33.18 -27.50 27.09
C GLY A 467 32.49 -28.46 26.13
N ARG A 468 31.77 -29.43 26.69
CA ARG A 468 31.04 -30.36 25.84
C ARG A 468 29.78 -29.68 25.32
N LEU A 469 28.95 -29.20 26.24
CA LEU A 469 27.64 -28.66 25.89
C LEU A 469 27.65 -27.32 25.14
N GLU A 470 28.81 -26.92 24.62
CA GLU A 470 28.94 -25.64 23.90
C GLU A 470 28.45 -24.43 24.71
N ILE A 471 28.51 -24.58 26.04
CA ILE A 471 28.41 -23.45 26.96
C ILE A 471 27.01 -22.90 27.19
N PHE A 472 26.24 -22.74 26.12
CA PHE A 472 24.92 -22.14 26.28
C PHE A 472 23.96 -23.13 26.94
N THR A 473 23.93 -24.35 26.43
CA THR A 473 22.90 -25.31 26.82
C THR A 473 23.01 -25.82 28.26
N LEU A 474 23.86 -25.16 29.05
CA LEU A 474 23.96 -25.42 30.47
C LEU A 474 23.76 -24.10 31.19
N LEU A 475 24.31 -23.03 30.62
CA LEU A 475 24.11 -21.68 31.11
C LEU A 475 22.63 -21.35 31.25
N ILE A 476 21.84 -21.70 30.24
CA ILE A 476 20.41 -21.39 30.28
C ILE A 476 19.69 -22.18 31.38
N LEU A 477 20.31 -23.25 31.86
CA LEU A 477 19.65 -24.11 32.83
C LEU A 477 19.50 -23.40 34.16
N LEU A 478 20.30 -22.36 34.37
CA LEU A 478 20.30 -21.64 35.63
C LEU A 478 19.77 -20.20 35.51
N THR A 479 19.24 -19.86 34.34
CA THR A 479 18.46 -18.64 34.21
C THR A 479 17.09 -18.88 34.80
N PRO A 480 16.51 -17.86 35.44
CA PRO A 480 15.16 -18.04 35.98
C PRO A 480 14.20 -18.34 34.83
N THR A 481 14.45 -17.71 33.69
CA THR A 481 13.57 -17.75 32.53
C THR A 481 13.29 -19.17 32.02
N PHE A 482 14.21 -20.10 32.29
CA PHE A 482 14.06 -21.49 31.85
C PHE A 482 12.81 -22.13 32.44
N TRP A 483 12.51 -21.79 33.68
CA TRP A 483 11.34 -22.28 34.38
C TRP A 483 10.39 -21.11 34.70
N ARG A 484 9.15 -21.16 34.22
CA ARG A 484 8.58 -22.30 33.49
C ARG A 484 7.44 -21.85 32.59
N MET B 1 41.30 12.35 0.32
CA MET B 1 42.19 12.06 1.44
C MET B 1 42.83 13.32 2.01
N GLN B 2 43.48 14.10 1.15
CA GLN B 2 44.03 15.41 1.51
C GLN B 2 44.88 15.45 2.80
N PHE B 3 46.04 14.81 2.74
CA PHE B 3 46.97 14.75 3.88
C PHE B 3 47.62 16.12 4.02
N ARG B 4 47.43 16.93 3.00
CA ARG B 4 48.10 18.21 2.85
C ARG B 4 47.53 19.17 3.87
N SER B 5 46.28 18.93 4.26
CA SER B 5 45.59 19.78 5.22
C SER B 5 45.69 19.16 6.61
N ILE B 6 46.05 17.88 6.64
CA ILE B 6 46.20 17.12 7.88
C ILE B 6 47.54 17.50 8.53
N ILE B 7 48.55 17.68 7.69
CA ILE B 7 49.89 18.00 8.14
C ILE B 7 49.89 19.40 8.76
N ARG B 8 49.00 20.27 8.28
CA ARG B 8 48.81 21.59 8.87
C ARG B 8 48.52 21.44 10.37
N ILE B 9 47.60 20.53 10.68
CA ILE B 9 47.15 20.32 12.04
C ILE B 9 48.26 19.63 12.84
N VAL B 10 49.02 18.77 12.17
CA VAL B 10 50.11 18.08 12.85
C VAL B 10 51.20 19.05 13.31
N GLY B 11 51.76 19.82 12.38
CA GLY B 11 52.70 20.86 12.72
C GLY B 11 52.18 21.85 13.75
N LEU B 12 50.92 22.25 13.59
CA LEU B 12 50.29 23.18 14.53
C LEU B 12 50.31 22.56 15.93
N LEU B 13 50.23 21.23 15.95
CA LEU B 13 50.20 20.51 17.22
C LEU B 13 51.60 20.41 17.81
N LEU B 14 52.60 20.25 16.95
CA LEU B 14 53.99 20.28 17.40
C LEU B 14 54.36 21.63 18.00
N ALA B 15 53.83 22.72 17.43
CA ALA B 15 54.12 24.03 18.01
C ALA B 15 53.40 24.15 19.34
N LEU B 16 52.17 23.67 19.37
CA LEU B 16 51.37 23.70 20.59
C LEU B 16 52.02 22.83 21.67
N PHE B 17 52.87 21.89 21.24
CA PHE B 17 53.53 20.99 22.15
C PHE B 17 54.81 21.65 22.65
N SER B 18 55.45 22.40 21.76
CA SER B 18 56.63 23.18 22.12
C SER B 18 56.28 24.12 23.24
N VAL B 19 55.10 24.73 23.16
CA VAL B 19 54.71 25.70 24.18
C VAL B 19 54.37 25.01 25.52
N THR B 20 54.69 23.72 25.63
CA THR B 20 54.53 23.01 26.90
C THR B 20 55.87 22.49 27.44
N MET B 21 56.95 22.81 26.73
CA MET B 21 58.29 22.42 27.18
C MET B 21 58.87 23.51 28.04
N LEU B 22 58.23 24.67 27.98
CA LEU B 22 58.58 25.81 28.82
C LEU B 22 57.94 25.65 30.19
N ALA B 23 57.24 24.54 30.37
CA ALA B 23 56.50 24.27 31.59
C ALA B 23 57.32 23.48 32.62
N PRO B 24 58.14 22.52 32.16
CA PRO B 24 59.02 21.93 33.18
C PRO B 24 60.43 22.51 33.11
N ALA B 25 60.65 23.42 32.16
CA ALA B 25 61.88 24.20 32.13
C ALA B 25 61.73 25.39 33.07
N LEU B 26 60.49 25.67 33.45
CA LEU B 26 60.19 26.73 34.41
C LEU B 26 60.28 26.10 35.81
N VAL B 27 60.76 24.87 35.86
CA VAL B 27 60.94 24.13 37.10
C VAL B 27 62.40 23.70 37.07
N ALA B 28 63.06 24.01 35.96
CA ALA B 28 64.47 23.73 35.79
C ALA B 28 65.31 24.94 36.19
N LEU B 29 64.61 26.02 36.56
CA LEU B 29 65.25 27.23 37.04
C LEU B 29 64.72 27.59 38.43
N LEU B 30 63.49 27.16 38.70
CA LEU B 30 62.87 27.37 40.01
C LEU B 30 63.53 26.46 41.03
N TYR B 31 63.23 25.18 40.95
CA TYR B 31 63.91 24.19 41.77
C TYR B 31 65.35 24.07 41.29
N ARG B 32 66.28 24.48 42.14
CA ARG B 32 67.70 24.59 41.79
C ARG B 32 68.36 23.36 41.18
N ASP B 33 67.78 22.18 41.44
CA ASP B 33 68.47 20.91 41.21
C ASP B 33 68.35 20.32 39.80
N GLY B 34 69.50 19.99 39.22
CA GLY B 34 69.57 19.19 38.01
C GLY B 34 69.76 19.96 36.71
N ALA B 35 69.33 19.34 35.61
CA ALA B 35 69.55 19.91 34.27
C ALA B 35 68.26 20.02 33.46
N GLY B 36 67.93 21.23 33.05
CA GLY B 36 66.79 21.46 32.17
C GLY B 36 67.15 21.97 30.79
N VAL B 37 68.44 21.88 30.44
CA VAL B 37 68.92 22.21 29.08
C VAL B 37 68.13 21.49 27.96
N PRO B 38 67.84 20.18 28.13
CA PRO B 38 67.08 19.50 27.09
C PRO B 38 65.73 20.14 26.82
N PHE B 39 64.96 20.43 27.86
CA PHE B 39 63.59 20.93 27.69
C PHE B 39 63.53 22.19 26.81
N VAL B 40 64.58 23.00 26.90
CA VAL B 40 64.64 24.24 26.15
C VAL B 40 65.23 24.00 24.77
N THR B 41 65.99 22.91 24.62
CA THR B 41 66.41 22.51 23.29
C THR B 41 65.21 21.94 22.50
N THR B 42 64.37 21.21 23.23
CA THR B 42 63.20 20.53 22.68
C THR B 42 62.16 21.56 22.28
N PHE B 43 61.92 22.54 23.16
CA PHE B 43 61.02 23.64 22.82
C PHE B 43 61.41 24.31 21.51
N PHE B 44 62.67 24.17 21.13
CA PHE B 44 63.18 24.76 19.90
C PHE B 44 63.00 23.83 18.71
N VAL B 45 63.56 22.63 18.78
CA VAL B 45 63.43 21.70 17.67
C VAL B 45 61.97 21.38 17.32
N LEU B 46 61.12 21.32 18.32
CA LEU B 46 59.70 21.07 18.10
C LEU B 46 58.97 22.25 17.45
N LEU B 47 59.15 23.44 18.00
CA LEU B 47 58.58 24.65 17.42
C LEU B 47 59.02 24.80 15.97
N PHE B 48 60.28 24.49 15.72
CA PHE B 48 60.86 24.59 14.39
C PHE B 48 60.24 23.58 13.44
N CYS B 49 60.26 22.30 13.82
CA CYS B 49 59.68 21.24 13.00
C CYS B 49 58.20 21.48 12.71
N GLY B 50 57.43 21.67 13.77
CA GLY B 50 56.02 21.98 13.68
C GLY B 50 55.73 23.13 12.74
N ALA B 51 56.37 24.27 12.97
CA ALA B 51 56.15 25.43 12.11
C ALA B 51 56.67 25.17 10.68
N MET B 52 57.60 24.22 10.54
CA MET B 52 58.08 23.82 9.23
C MET B 52 57.02 22.97 8.53
N CYS B 53 56.02 22.55 9.29
CA CYS B 53 54.88 21.89 8.68
C CYS B 53 53.74 22.89 8.43
N TRP B 54 53.32 23.59 9.48
CA TRP B 54 52.25 24.59 9.42
C TRP B 54 52.41 25.62 8.29
N PHE B 55 53.61 26.18 8.16
CA PHE B 55 53.83 27.28 7.22
C PHE B 55 53.73 26.88 5.74
N PRO B 56 54.40 25.80 5.30
CA PRO B 56 54.26 25.42 3.89
C PRO B 56 52.88 24.86 3.54
N ASN B 57 51.88 25.06 4.39
CA ASN B 57 50.55 24.54 4.14
C ASN B 57 49.45 25.60 4.15
N ARG B 58 48.85 25.80 5.32
CA ARG B 58 47.78 26.77 5.53
C ARG B 58 46.60 26.57 4.58
N ARG B 59 45.89 25.45 4.77
CA ARG B 59 44.71 25.09 3.99
C ARG B 59 43.74 24.33 4.86
N HIS B 60 42.61 24.95 5.20
CA HIS B 60 41.61 24.29 6.02
C HIS B 60 40.57 23.56 5.17
N LYS B 61 40.99 22.54 4.42
CA LYS B 61 40.02 21.72 3.70
C LYS B 61 39.27 20.86 4.72
N HIS B 62 38.43 21.54 5.50
CA HIS B 62 37.70 20.97 6.61
C HIS B 62 36.71 19.89 6.20
N SER B 66 35.97 11.62 7.50
CA SER B 66 36.03 10.22 7.89
C SER B 66 37.48 9.73 7.88
N ARG B 67 37.94 9.24 6.72
CA ARG B 67 39.29 8.67 6.61
C ARG B 67 40.37 9.60 7.14
N ASP B 68 40.06 10.90 7.17
CA ASP B 68 40.95 11.89 7.73
C ASP B 68 40.89 11.91 9.26
N GLY B 69 39.68 11.86 9.82
CA GLY B 69 39.48 11.89 11.25
C GLY B 69 40.24 10.83 12.03
N PHE B 70 40.18 9.60 11.54
CA PHE B 70 40.94 8.50 12.13
C PHE B 70 42.43 8.82 12.09
N LEU B 71 42.94 9.04 10.88
CA LEU B 71 44.34 9.33 10.64
C LEU B 71 44.85 10.47 11.54
N ILE B 72 43.96 11.40 11.84
CA ILE B 72 44.26 12.49 12.76
C ILE B 72 44.40 11.94 14.16
N VAL B 73 43.38 11.24 14.65
CA VAL B 73 43.48 10.75 16.03
C VAL B 73 44.45 9.58 16.20
N VAL B 74 45.16 9.19 15.15
CA VAL B 74 46.31 8.29 15.32
C VAL B 74 47.60 9.08 15.24
N LEU B 75 47.60 10.17 14.48
CA LEU B 75 48.77 11.04 14.43
C LEU B 75 48.97 11.81 15.73
N PHE B 76 47.87 12.27 16.33
CA PHE B 76 47.90 13.04 17.57
C PHE B 76 48.63 12.32 18.70
N TRP B 77 48.64 10.99 18.64
CA TRP B 77 49.36 10.18 19.60
C TRP B 77 50.72 9.74 19.05
N THR B 78 50.68 9.08 17.89
CA THR B 78 51.89 8.57 17.26
C THR B 78 52.99 9.64 17.07
N VAL B 79 52.60 10.89 16.85
CA VAL B 79 53.58 11.97 16.67
C VAL B 79 53.96 12.61 18.00
N LEU B 80 52.95 13.02 18.76
CA LEU B 80 53.16 13.63 20.07
C LEU B 80 53.90 12.71 21.03
N GLY B 81 53.51 11.44 21.05
CA GLY B 81 54.17 10.47 21.90
C GLY B 81 55.56 10.11 21.42
N SER B 82 55.83 10.43 20.16
CA SER B 82 57.16 10.23 19.59
C SER B 82 58.03 11.44 19.88
N ALA B 83 57.49 12.63 19.62
CA ALA B 83 58.19 13.88 19.87
C ALA B 83 58.53 13.99 21.36
N GLY B 84 57.61 13.52 22.20
CA GLY B 84 57.76 13.59 23.64
C GLY B 84 58.80 12.65 24.24
N SER B 85 59.56 11.98 23.39
CA SER B 85 60.62 11.11 23.88
C SER B 85 61.95 11.83 23.75
N LEU B 86 61.87 13.11 23.40
CA LEU B 86 63.06 13.92 23.12
C LEU B 86 63.77 14.45 24.37
N PRO B 87 63.01 14.95 25.37
CA PRO B 87 63.67 15.25 26.64
C PRO B 87 64.39 14.04 27.22
N PHE B 88 63.72 12.90 27.25
CA PHE B 88 64.31 11.66 27.76
C PHE B 88 65.53 11.18 26.95
N LEU B 89 65.90 11.90 25.90
CA LEU B 89 67.06 11.52 25.10
C LEU B 89 68.28 12.37 25.42
N ILE B 90 68.21 13.66 25.10
CA ILE B 90 69.34 14.57 25.30
C ILE B 90 69.78 14.62 26.76
N ALA B 91 68.83 14.54 27.68
CA ALA B 91 69.12 14.57 29.12
C ALA B 91 69.94 13.38 29.59
N ASP B 92 71.16 13.64 30.03
CA ASP B 92 71.99 12.60 30.63
C ASP B 92 71.88 12.60 32.16
N ASN B 93 70.70 12.95 32.67
CA ASN B 93 70.47 12.89 34.09
C ASN B 93 69.82 11.55 34.46
N PRO B 94 68.67 11.20 33.84
CA PRO B 94 68.44 9.76 33.76
C PRO B 94 68.87 9.30 32.37
N ASN B 95 70.16 8.97 32.19
CA ASN B 95 70.63 8.60 30.86
C ASN B 95 70.11 7.23 30.52
N ILE B 96 69.28 7.15 29.48
CA ILE B 96 68.54 5.94 29.20
C ILE B 96 68.47 5.67 27.70
N SER B 97 68.32 4.39 27.35
CA SER B 97 68.24 3.96 25.96
C SER B 97 67.13 4.66 25.16
N VAL B 98 67.34 4.77 23.85
CA VAL B 98 66.35 5.39 22.98
C VAL B 98 64.99 4.69 23.06
N THR B 99 65.02 3.36 23.07
CA THR B 99 63.79 2.59 23.14
C THR B 99 63.10 2.79 24.49
N ASP B 100 63.91 2.88 25.54
CA ASP B 100 63.39 3.14 26.87
C ASP B 100 62.77 4.54 26.93
N ALA B 101 63.40 5.48 26.23
CA ALA B 101 62.92 6.85 26.19
C ALA B 101 61.54 6.86 25.54
N PHE B 102 61.42 6.18 24.41
CA PHE B 102 60.13 6.03 23.73
C PHE B 102 59.07 5.37 24.61
N PHE B 103 59.43 4.24 25.23
CA PHE B 103 58.53 3.55 26.13
C PHE B 103 58.03 4.49 27.21
N GLU B 104 58.93 5.29 27.77
CA GLU B 104 58.58 6.15 28.88
C GLU B 104 57.65 7.27 28.41
N SER B 105 57.95 7.82 27.24
CA SER B 105 57.18 8.93 26.70
C SER B 105 55.77 8.49 26.33
N PHE B 106 55.67 7.39 25.60
CA PHE B 106 54.37 6.84 25.23
C PHE B 106 53.55 6.41 26.44
N SER B 107 54.18 5.67 27.36
CA SER B 107 53.49 5.25 28.59
C SER B 107 52.98 6.46 29.35
N ALA B 108 53.73 7.56 29.28
CA ALA B 108 53.34 8.78 29.96
C ALA B 108 52.16 9.44 29.27
N LEU B 109 52.24 9.56 27.94
CA LEU B 109 51.27 10.31 27.16
C LEU B 109 49.94 9.56 27.01
N THR B 110 50.00 8.24 27.01
CA THR B 110 48.82 7.40 26.88
C THR B 110 48.00 7.44 28.17
N THR B 111 48.63 7.91 29.24
CA THR B 111 48.17 7.70 30.62
C THR B 111 48.15 6.22 30.96
N THR B 112 49.05 5.46 30.33
CA THR B 112 49.28 4.06 30.70
C THR B 112 49.90 3.99 32.08
N GLY B 113 51.09 4.57 32.24
CA GLY B 113 51.75 4.66 33.52
C GLY B 113 52.53 3.42 33.94
N ALA B 114 53.53 3.09 33.15
CA ALA B 114 54.37 1.94 33.42
C ALA B 114 55.77 2.36 33.06
N THR B 115 56.61 2.55 34.08
CA THR B 115 57.92 3.15 33.87
C THR B 115 59.03 2.11 33.67
N VAL B 116 60.07 2.53 32.95
CA VAL B 116 61.27 1.71 32.81
C VAL B 116 62.47 2.43 33.40
N ILE B 117 62.25 3.62 33.94
CA ILE B 117 63.29 4.33 34.68
C ILE B 117 63.18 4.04 36.17
N VAL B 118 64.11 3.23 36.65
CA VAL B 118 64.19 2.86 38.05
C VAL B 118 65.06 3.85 38.81
N GLY B 119 64.66 4.19 40.02
CA GLY B 119 65.44 5.11 40.84
C GLY B 119 65.14 6.55 40.47
N LEU B 120 63.86 6.83 40.22
CA LEU B 120 63.47 8.18 39.83
C LEU B 120 63.29 9.11 41.04
N ASP B 121 63.32 8.54 42.23
CA ASP B 121 63.25 9.32 43.46
C ASP B 121 64.37 10.37 43.50
N GLU B 122 65.55 9.98 43.01
CA GLU B 122 66.69 10.88 42.99
C GLU B 122 67.05 11.29 41.55
N LEU B 123 66.25 12.19 40.99
CA LEU B 123 66.46 12.73 39.66
C LEU B 123 66.09 14.21 39.67
N PRO B 124 66.48 14.97 38.63
CA PRO B 124 66.08 16.39 38.52
C PRO B 124 64.60 16.59 38.79
N LYS B 125 64.26 17.68 39.48
CA LYS B 125 62.88 17.98 39.81
C LYS B 125 62.09 18.35 38.55
N ALA B 126 62.79 18.43 37.42
CA ALA B 126 62.18 18.83 36.16
C ALA B 126 61.83 17.60 35.34
N ILE B 127 62.80 16.71 35.18
CA ILE B 127 62.62 15.46 34.46
C ILE B 127 61.59 14.58 35.18
N LEU B 128 61.25 14.93 36.41
CA LEU B 128 60.19 14.25 37.14
C LEU B 128 58.86 14.94 36.82
N PHE B 129 58.95 16.27 36.76
CA PHE B 129 57.78 17.08 36.50
C PHE B 129 57.32 16.87 35.06
N TYR B 130 58.26 16.72 34.13
CA TYR B 130 57.91 16.38 32.77
C TYR B 130 57.12 15.07 32.73
N ARG B 131 57.60 14.09 33.49
CA ARG B 131 56.93 12.80 33.62
C ARG B 131 55.48 12.96 34.06
N GLN B 132 55.20 13.88 34.98
CA GLN B 132 53.83 14.03 35.43
C GLN B 132 52.99 14.88 34.46
N PHE B 133 53.68 15.82 33.83
CA PHE B 133 53.05 16.80 32.96
C PHE B 133 52.54 16.12 31.70
N LEU B 134 53.35 15.24 31.13
CA LEU B 134 52.89 14.36 30.06
C LEU B 134 51.55 13.69 30.38
N GLN B 135 51.48 12.97 31.50
CA GLN B 135 50.22 12.36 31.91
C GLN B 135 49.06 13.35 31.95
N TRP B 136 49.33 14.56 32.43
CA TRP B 136 48.26 15.56 32.56
C TRP B 136 47.77 15.98 31.17
N PHE B 137 48.73 16.26 30.31
CA PHE B 137 48.51 16.71 28.94
C PHE B 137 47.78 15.68 28.10
N GLY B 138 48.17 14.41 28.20
CA GLY B 138 47.48 13.36 27.48
C GLY B 138 46.10 13.17 28.07
N GLY B 139 46.00 13.50 29.36
CA GLY B 139 44.75 13.37 30.06
C GLY B 139 43.77 14.44 29.61
N MET B 140 44.30 15.43 28.90
CA MET B 140 43.44 16.40 28.24
C MET B 140 42.87 15.78 26.97
N GLY B 141 43.77 15.30 26.12
CA GLY B 141 43.42 14.65 24.88
C GLY B 141 42.33 13.62 25.03
N ILE B 142 42.52 12.67 25.95
CA ILE B 142 41.56 11.59 26.14
C ILE B 142 40.13 12.06 26.50
N ILE B 143 39.95 13.33 26.86
CA ILE B 143 38.59 13.82 27.11
C ILE B 143 38.09 14.87 26.15
N VAL B 144 38.99 15.61 25.50
CA VAL B 144 38.56 16.48 24.43
C VAL B 144 38.46 15.73 23.12
N LEU B 145 38.90 14.48 23.13
CA LEU B 145 38.71 13.60 21.98
C LEU B 145 37.43 12.83 22.15
N ALA B 146 36.78 13.02 23.30
CA ALA B 146 35.40 12.56 23.47
C ALA B 146 34.41 13.68 23.14
N VAL B 147 34.91 14.71 22.44
CA VAL B 147 34.08 15.81 21.92
C VAL B 147 34.56 16.29 20.55
N ALA B 148 35.80 16.75 20.50
CA ALA B 148 36.46 17.16 19.25
C ALA B 148 36.44 16.17 18.07
N ILE B 149 36.19 14.89 18.32
CA ILE B 149 36.13 13.93 17.22
C ILE B 149 34.93 14.15 16.31
N LEU B 150 33.79 14.47 16.91
CA LEU B 150 32.54 14.69 16.17
C LEU B 150 32.67 15.52 14.88
N PRO B 151 33.41 16.65 14.91
CA PRO B 151 33.60 17.36 13.64
C PRO B 151 34.40 16.54 12.62
N VAL B 152 35.49 15.91 13.05
CA VAL B 152 36.31 15.11 12.12
C VAL B 152 35.76 13.70 11.88
N LEU B 153 35.03 13.17 12.86
CA LEU B 153 34.73 11.75 12.93
C LEU B 153 33.28 11.53 13.34
N GLY B 154 33.01 10.33 13.84
CA GLY B 154 31.67 9.99 14.28
C GLY B 154 31.64 9.19 15.58
N ILE B 155 30.96 9.73 16.58
CA ILE B 155 30.48 8.93 17.69
C ILE B 155 29.03 8.60 17.34
N GLY B 156 28.31 9.63 16.91
CA GLY B 156 26.96 9.48 16.40
C GLY B 156 26.98 9.17 14.92
N GLY B 157 28.14 8.78 14.42
CA GLY B 157 28.30 8.37 13.04
C GLY B 157 28.33 6.86 12.98
N MET B 158 28.39 6.26 14.15
CA MET B 158 28.17 4.83 14.32
C MET B 158 26.67 4.55 14.35
N ILE B 178 29.76 23.62 19.20
CA ILE B 178 30.05 22.40 19.94
C ILE B 178 31.42 22.45 20.61
N ALA B 179 32.31 23.29 20.08
CA ALA B 179 33.58 23.56 20.75
C ALA B 179 33.29 24.50 21.93
N GLU B 180 32.00 24.64 22.22
CA GLU B 180 31.51 25.26 23.44
C GLU B 180 32.08 24.55 24.66
N THR B 181 32.25 23.24 24.54
CA THR B 181 32.63 22.38 25.66
C THR B 181 34.14 22.10 25.69
N ALA B 182 34.86 22.64 24.71
CA ALA B 182 36.32 22.49 24.66
C ALA B 182 36.97 23.23 25.83
N LYS B 183 36.47 24.43 26.10
CA LYS B 183 36.89 25.19 27.26
C LYS B 183 36.19 24.69 28.52
N ALA B 184 34.87 24.50 28.39
CA ALA B 184 34.02 24.11 29.49
C ALA B 184 34.43 22.77 30.13
N LEU B 185 35.19 21.97 29.39
CA LEU B 185 35.72 20.71 29.92
C LEU B 185 37.02 21.02 30.64
N TRP B 186 37.85 21.84 30.00
CA TRP B 186 39.13 22.26 30.54
C TRP B 186 38.97 22.89 31.92
N TYR B 187 37.77 23.41 32.17
CA TYR B 187 37.47 23.97 33.49
C TYR B 187 37.26 22.87 34.51
N ILE B 188 36.38 21.91 34.18
CA ILE B 188 36.17 20.75 35.05
C ILE B 188 37.46 19.99 35.34
N TYR B 189 38.41 20.08 34.41
CA TYR B 189 39.68 19.38 34.54
C TYR B 189 40.64 20.16 35.44
N LEU B 190 40.71 21.47 35.20
CA LEU B 190 41.62 22.34 35.93
C LEU B 190 41.19 22.48 37.37
N SER B 191 39.91 22.81 37.56
CA SER B 191 39.30 22.91 38.89
C SER B 191 39.21 21.56 39.59
N LEU B 192 39.83 20.54 39.02
CA LEU B 192 39.90 19.23 39.65
C LEU B 192 41.34 18.95 40.06
N THR B 193 42.28 19.21 39.15
CA THR B 193 43.69 19.03 39.49
C THR B 193 44.12 20.02 40.58
N ILE B 194 43.65 21.26 40.49
CA ILE B 194 43.93 22.27 41.51
C ILE B 194 43.26 21.86 42.84
N ALA B 195 41.96 21.56 42.75
CA ALA B 195 41.15 21.16 43.91
C ALA B 195 41.66 19.89 44.56
N CYS B 196 42.52 19.17 43.86
CA CYS B 196 43.13 17.97 44.40
C CYS B 196 44.45 18.34 45.04
N ALA B 197 45.24 19.13 44.32
CA ALA B 197 46.55 19.58 44.80
C ALA B 197 46.45 20.17 46.20
N VAL B 198 45.48 21.06 46.39
CA VAL B 198 45.23 21.60 47.73
C VAL B 198 45.08 20.48 48.77
N ALA B 199 44.15 19.56 48.52
CA ALA B 199 43.87 18.46 49.46
C ALA B 199 45.07 17.55 49.73
N PHE B 200 45.89 17.34 48.71
CA PHE B 200 47.07 16.49 48.82
C PHE B 200 48.12 17.16 49.69
N TRP B 201 48.27 18.47 49.50
CA TRP B 201 49.27 19.22 50.24
C TRP B 201 48.68 19.61 51.59
N LEU B 202 47.43 19.24 51.80
CA LEU B 202 46.76 19.44 53.06
C LEU B 202 46.85 18.16 53.88
N ALA B 203 47.14 17.05 53.22
CA ALA B 203 47.52 15.82 53.90
C ALA B 203 49.03 15.71 53.87
N GLY B 204 49.66 16.80 53.46
CA GLY B 204 51.08 17.02 53.65
C GLY B 204 52.02 16.28 52.72
N MET B 205 51.98 16.64 51.44
CA MET B 205 53.09 16.35 50.55
C MET B 205 53.84 17.65 50.40
N THR B 206 55.09 17.57 49.97
CA THR B 206 55.77 18.76 49.47
C THR B 206 54.90 19.30 48.34
N PRO B 207 54.83 20.63 48.18
CA PRO B 207 53.93 21.25 47.20
C PRO B 207 54.11 20.67 45.80
N PHE B 208 55.37 20.51 45.42
CA PHE B 208 55.76 19.88 44.17
C PHE B 208 55.10 18.52 44.00
N ASP B 209 55.14 17.73 45.06
CA ASP B 209 54.64 16.35 44.99
C ASP B 209 53.13 16.33 44.96
N ALA B 210 52.51 17.42 45.39
CA ALA B 210 51.06 17.47 45.48
C ALA B 210 50.45 18.09 44.25
N ILE B 211 51.28 18.74 43.45
CA ILE B 211 50.83 19.20 42.14
C ILE B 211 51.06 18.03 41.19
N SER B 212 52.26 17.46 41.26
CA SER B 212 52.63 16.39 40.36
C SER B 212 51.92 15.06 40.66
N HIS B 213 51.21 14.98 41.79
CA HIS B 213 50.42 13.77 42.05
C HIS B 213 48.95 13.99 41.74
N SER B 214 48.56 15.25 41.54
CA SER B 214 47.21 15.55 41.09
C SER B 214 47.22 15.43 39.59
N PHE B 215 48.33 15.85 38.99
CA PHE B 215 48.63 15.56 37.60
C PHE B 215 48.31 14.10 37.29
N SER B 216 48.90 13.21 38.06
CA SER B 216 48.76 11.78 37.83
C SER B 216 47.38 11.26 38.25
N THR B 217 46.86 11.75 39.38
CA THR B 217 45.63 11.18 39.90
C THR B 217 44.35 11.60 39.18
N ILE B 218 44.36 12.76 38.52
CA ILE B 218 43.16 13.19 37.80
C ILE B 218 43.12 12.62 36.38
N ALA B 219 44.29 12.52 35.76
CA ALA B 219 44.37 11.98 34.41
C ALA B 219 44.34 10.46 34.45
N ILE B 220 44.11 9.90 35.65
CA ILE B 220 44.13 8.46 35.87
C ILE B 220 45.25 7.77 35.12
N GLY B 221 46.48 8.09 35.51
CA GLY B 221 47.66 7.68 34.77
C GLY B 221 48.51 6.68 35.52
N GLY B 222 48.81 6.99 36.78
CA GLY B 222 49.51 6.05 37.64
C GLY B 222 50.94 6.42 37.94
N PHE B 223 51.47 7.41 37.22
CA PHE B 223 52.83 7.88 37.42
C PHE B 223 53.04 8.50 38.81
N SER B 224 54.27 8.45 39.30
CA SER B 224 54.58 9.03 40.60
C SER B 224 55.96 9.70 40.65
N THR B 225 56.24 10.35 41.77
CA THR B 225 57.57 10.86 42.06
C THR B 225 58.33 9.82 42.86
N HIS B 226 57.65 9.23 43.84
CA HIS B 226 58.20 8.12 44.61
C HIS B 226 58.24 6.83 43.80
N ASP B 227 59.38 6.14 43.83
CA ASP B 227 59.54 4.87 43.16
C ASP B 227 58.56 3.81 43.65
N ALA B 228 57.91 4.08 44.78
CA ALA B 228 56.93 3.16 45.34
C ALA B 228 55.53 3.77 45.24
N SER B 229 55.38 4.70 44.30
CA SER B 229 54.12 5.37 44.03
C SER B 229 53.45 5.90 45.30
N MET B 230 52.26 5.41 45.61
CA MET B 230 51.52 5.88 46.78
C MET B 230 51.99 5.23 48.06
N GLY B 231 53.27 4.87 48.12
CA GLY B 231 53.86 4.31 49.31
C GLY B 231 54.69 5.26 50.16
N TYR B 232 54.62 6.56 49.87
CA TYR B 232 55.36 7.54 50.68
C TYR B 232 54.84 7.54 52.10
N PHE B 233 53.61 8.01 52.26
CA PHE B 233 53.03 8.29 53.56
C PHE B 233 51.80 7.41 53.63
N ASP B 234 51.84 6.37 54.46
CA ASP B 234 50.74 5.42 54.51
C ASP B 234 49.55 6.03 55.24
N SER B 235 49.46 7.35 55.21
CA SER B 235 48.35 8.07 55.81
C SER B 235 47.12 7.78 54.98
N TYR B 236 46.09 7.27 55.64
CA TYR B 236 44.82 6.95 55.00
C TYR B 236 44.25 8.26 54.45
N ALA B 237 44.84 9.38 54.85
CA ALA B 237 44.47 10.69 54.35
C ALA B 237 44.71 10.72 52.85
N ILE B 238 45.94 10.45 52.44
CA ILE B 238 46.28 10.53 51.02
C ILE B 238 45.72 9.35 50.23
N ASN B 239 45.74 8.16 50.81
CA ASN B 239 45.12 6.99 50.17
C ASN B 239 43.64 7.24 49.88
N LEU B 240 42.91 7.69 50.89
CA LEU B 240 41.47 7.88 50.78
C LEU B 240 41.12 9.22 50.14
N ILE B 241 42.12 10.03 49.84
CA ILE B 241 41.91 11.20 48.99
C ILE B 241 42.04 10.76 47.54
N THR B 242 43.13 10.06 47.25
CA THR B 242 43.41 9.52 45.93
C THR B 242 42.20 8.71 45.47
N VAL B 243 41.63 7.93 46.38
CA VAL B 243 40.38 7.22 46.10
C VAL B 243 39.26 8.14 45.58
N VAL B 244 38.87 9.15 46.35
CA VAL B 244 37.70 9.95 45.98
C VAL B 244 37.95 10.81 44.74
N PHE B 245 39.22 11.12 44.49
CA PHE B 245 39.51 11.96 43.33
C PHE B 245 39.69 11.08 42.10
N LEU B 246 39.96 9.80 42.33
CA LEU B 246 40.00 8.84 41.25
C LEU B 246 38.57 8.59 40.81
N LEU B 247 37.75 8.15 41.76
CA LEU B 247 36.32 7.99 41.53
C LEU B 247 35.69 9.20 40.82
N ILE B 248 36.09 10.41 41.20
CA ILE B 248 35.57 11.56 40.47
C ILE B 248 36.14 11.62 39.06
N SER B 249 37.46 11.52 38.95
CA SER B 249 38.11 11.54 37.64
C SER B 249 37.74 10.38 36.72
N ALA B 250 37.57 9.19 37.28
CA ALA B 250 37.23 8.02 36.48
C ALA B 250 35.79 7.97 36.02
N CYS B 251 35.16 9.12 35.82
CA CYS B 251 33.73 9.10 35.53
C CYS B 251 33.14 10.21 34.63
N ASN B 252 33.28 10.04 33.32
CA ASN B 252 32.40 10.70 32.34
C ASN B 252 32.30 12.22 32.46
N PHE B 253 33.29 12.93 31.94
CA PHE B 253 33.33 14.39 32.09
C PHE B 253 32.08 15.10 31.53
N THR B 254 31.47 14.52 30.51
CA THR B 254 30.22 15.08 29.97
C THR B 254 29.11 14.96 31.01
N LEU B 255 29.20 13.96 31.88
CA LEU B 255 28.22 13.81 32.94
C LEU B 255 28.54 14.85 34.01
N HIS B 256 29.83 15.05 34.25
CA HIS B 256 30.26 16.09 35.19
C HIS B 256 29.80 17.45 34.69
N PHE B 257 29.66 17.58 33.38
CA PHE B 257 29.27 18.82 32.72
C PHE B 257 27.95 19.39 33.24
N ALA B 258 27.27 18.62 34.08
CA ALA B 258 26.11 19.12 34.80
C ALA B 258 26.56 20.02 35.95
N ALA B 259 27.84 20.40 35.96
CA ALA B 259 28.40 21.29 36.98
C ALA B 259 28.49 22.75 36.56
N PHE B 260 29.25 23.04 35.51
CA PHE B 260 29.40 24.41 35.04
C PHE B 260 28.08 24.88 34.42
N ALA B 261 27.34 23.94 33.82
CA ALA B 261 26.03 24.27 33.33
C ALA B 261 25.32 24.68 34.61
N SER B 262 25.05 25.99 34.70
CA SER B 262 24.67 26.66 35.95
C SER B 262 23.65 25.96 36.84
N GLY B 263 23.97 25.88 38.13
CA GLY B 263 23.05 25.31 39.08
C GLY B 263 23.71 24.56 40.21
N GLY B 264 24.63 23.68 39.87
CA GLY B 264 25.25 22.81 40.84
C GLY B 264 24.11 21.89 41.25
N VAL B 265 23.27 21.62 40.26
CA VAL B 265 22.11 20.74 40.37
C VAL B 265 22.56 19.31 40.08
N HIS B 266 23.80 19.04 40.44
CA HIS B 266 24.43 17.71 40.36
C HIS B 266 23.54 16.53 40.79
N PRO B 267 22.99 16.56 42.04
CA PRO B 267 22.45 15.37 42.72
C PRO B 267 21.81 14.30 41.83
N LYS B 268 20.80 14.65 41.05
CA LYS B 268 20.00 13.65 40.35
C LYS B 268 20.66 13.08 39.09
N TYR B 269 21.33 13.95 38.32
CA TYR B 269 21.97 13.56 37.07
C TYR B 269 22.82 12.29 37.12
N TYR B 270 23.69 12.19 38.13
CA TYR B 270 24.50 10.99 38.28
C TYR B 270 23.64 9.73 38.40
N TRP B 271 22.81 9.64 39.43
CA TRP B 271 22.04 8.42 39.61
C TRP B 271 20.95 8.24 38.54
N LYS B 272 20.84 9.19 37.61
CA LYS B 272 19.95 9.03 36.47
C LYS B 272 20.55 8.05 35.46
N ASP B 273 21.71 8.41 34.93
CA ASP B 273 22.46 7.60 33.97
C ASP B 273 22.77 6.21 34.53
N PRO B 274 22.39 5.14 33.80
CA PRO B 274 22.63 3.79 34.32
C PRO B 274 24.08 3.31 34.16
N GLU B 275 24.86 4.03 33.37
CA GLU B 275 26.28 3.74 33.23
C GLU B 275 26.98 3.95 34.58
N PHE B 276 26.84 5.17 35.11
CA PHE B 276 27.42 5.51 36.41
C PHE B 276 26.90 4.56 37.49
N ARG B 277 25.59 4.34 37.49
CA ARG B 277 24.94 3.44 38.44
C ARG B 277 25.64 2.08 38.45
N ALA B 278 26.07 1.66 37.27
CA ALA B 278 26.73 0.38 37.11
C ALA B 278 28.18 0.46 37.61
N PHE B 279 28.89 1.51 37.22
CA PHE B 279 30.24 1.77 37.71
C PHE B 279 30.30 1.71 39.26
N ILE B 280 29.21 2.16 39.88
CA ILE B 280 29.13 2.18 41.34
C ILE B 280 28.85 0.79 41.89
N PHE B 281 27.91 0.07 41.28
CA PHE B 281 27.65 -1.30 41.72
C PHE B 281 28.94 -2.14 41.62
N ILE B 282 29.61 -2.03 40.48
CA ILE B 282 30.87 -2.74 40.24
C ILE B 282 31.89 -2.39 41.32
N GLN B 283 32.12 -1.10 41.51
CA GLN B 283 33.11 -0.63 42.49
C GLN B 283 32.84 -1.20 43.89
N VAL B 284 31.57 -1.10 44.30
CA VAL B 284 31.15 -1.58 45.61
C VAL B 284 31.42 -3.06 45.76
N LEU B 285 30.85 -3.86 44.86
CA LEU B 285 31.01 -5.31 44.91
C LEU B 285 32.48 -5.75 44.94
N LEU B 286 33.28 -5.13 44.07
CA LEU B 286 34.69 -5.47 43.93
C LEU B 286 35.44 -5.21 45.24
N PHE B 287 35.27 -3.99 45.77
CA PHE B 287 35.87 -3.69 47.07
C PHE B 287 35.41 -4.66 48.14
N LEU B 288 34.09 -4.76 48.30
CA LEU B 288 33.46 -5.65 49.27
C LEU B 288 34.11 -7.02 49.33
N VAL B 289 34.08 -7.74 48.21
CA VAL B 289 34.69 -9.07 48.16
C VAL B 289 36.19 -9.02 48.50
N CYS B 290 36.90 -8.04 47.95
CA CYS B 290 38.33 -7.91 48.24
C CYS B 290 38.65 -7.79 49.73
N PHE B 291 38.12 -6.74 50.34
CA PHE B 291 38.13 -6.52 51.79
C PHE B 291 37.78 -7.78 52.57
N LEU B 292 36.60 -8.34 52.32
CA LEU B 292 36.15 -9.52 53.07
C LEU B 292 37.08 -10.72 52.98
N LEU B 293 37.77 -10.86 51.85
CA LEU B 293 38.74 -11.95 51.75
C LEU B 293 40.04 -11.59 52.45
N LEU B 294 40.43 -10.32 52.39
CA LEU B 294 41.59 -9.84 53.13
C LEU B 294 41.40 -9.99 54.63
N LEU B 295 40.14 -10.05 55.06
CA LEU B 295 39.84 -10.28 56.47
C LEU B 295 39.83 -11.76 56.76
N LYS B 296 39.11 -12.51 55.93
CA LYS B 296 38.98 -13.95 56.09
C LYS B 296 40.36 -14.64 56.12
N HIS B 297 41.31 -14.05 55.41
CA HIS B 297 42.62 -14.66 55.22
C HIS B 297 43.64 -14.17 56.27
N HIS B 298 43.23 -13.19 57.06
CA HIS B 298 44.13 -12.55 58.04
C HIS B 298 45.35 -12.02 57.31
N SER B 299 45.11 -11.25 56.25
CA SER B 299 46.19 -10.73 55.43
C SER B 299 46.65 -9.38 55.94
N TYR B 300 45.93 -8.87 56.93
CA TYR B 300 46.32 -7.60 57.55
C TYR B 300 46.20 -7.61 59.06
N THR B 301 47.23 -7.07 59.71
CA THR B 301 47.34 -7.05 61.15
C THR B 301 46.07 -6.46 61.77
N SER B 302 45.74 -5.25 61.33
CA SER B 302 44.54 -4.56 61.79
C SER B 302 43.49 -4.63 60.68
N PRO B 303 42.22 -4.90 61.06
CA PRO B 303 41.10 -4.89 60.12
C PRO B 303 40.92 -3.54 59.43
N TYR B 304 41.40 -2.49 60.10
CA TYR B 304 41.41 -1.16 59.51
C TYR B 304 42.35 -1.05 58.32
N ASP B 305 43.61 -1.42 58.50
CA ASP B 305 44.56 -1.51 57.38
C ASP B 305 44.05 -2.40 56.24
N ALA B 306 43.24 -3.39 56.60
CA ALA B 306 42.60 -4.24 55.61
C ALA B 306 41.66 -3.38 54.79
N PHE B 307 40.78 -2.65 55.47
CA PHE B 307 39.88 -1.70 54.82
C PHE B 307 40.61 -0.74 53.88
N ASP B 308 41.60 -0.06 54.41
CA ASP B 308 42.44 0.87 53.66
C ASP B 308 42.96 0.25 52.38
N GLN B 309 43.76 -0.79 52.54
CA GLN B 309 44.49 -1.37 51.43
C GLN B 309 43.53 -1.93 50.39
N ALA B 310 42.46 -2.56 50.86
CA ALA B 310 41.43 -3.09 49.97
C ALA B 310 40.79 -1.98 49.12
N LEU B 311 40.16 -1.02 49.78
CA LEU B 311 39.49 0.07 49.09
C LEU B 311 40.41 0.79 48.08
N PHE B 312 41.63 1.07 48.50
CA PHE B 312 42.55 1.80 47.64
C PHE B 312 42.97 0.94 46.47
N GLN B 313 43.22 -0.34 46.72
CA GLN B 313 43.70 -1.21 45.66
C GLN B 313 42.63 -1.50 44.61
N THR B 314 41.42 -1.83 45.04
CA THR B 314 40.34 -2.04 44.08
C THR B 314 40.06 -0.78 43.26
N VAL B 315 39.81 0.33 43.94
CA VAL B 315 39.53 1.56 43.21
C VAL B 315 40.67 1.96 42.25
N SER B 316 41.91 1.86 42.72
CA SER B 316 43.04 2.22 41.87
C SER B 316 43.21 1.29 40.67
N ILE B 317 43.15 -0.01 40.91
CA ILE B 317 43.50 -0.97 39.87
C ILE B 317 42.38 -1.18 38.86
N SER B 318 41.14 -1.11 39.33
CA SER B 318 40.01 -1.43 38.45
C SER B 318 39.66 -0.25 37.55
N THR B 319 39.86 0.97 38.05
CA THR B 319 39.56 2.16 37.27
C THR B 319 40.75 2.62 36.44
N THR B 320 41.69 1.70 36.19
CA THR B 320 42.77 1.90 35.24
C THR B 320 43.79 2.91 35.78
N ALA B 321 43.84 3.11 37.09
CA ALA B 321 44.76 4.09 37.65
C ALA B 321 46.20 3.61 37.68
N GLY B 322 46.48 2.55 38.44
CA GLY B 322 47.83 2.00 38.47
C GLY B 322 48.55 2.17 39.80
N PHE B 323 48.17 3.20 40.54
CA PHE B 323 48.76 3.49 41.86
C PHE B 323 48.73 2.25 42.76
N THR B 324 49.86 1.96 43.40
CA THR B 324 49.91 0.85 44.36
C THR B 324 50.28 1.31 45.76
N THR B 325 49.64 0.71 46.76
CA THR B 325 49.88 1.08 48.14
C THR B 325 50.42 -0.14 48.88
N THR B 326 50.32 -1.30 48.24
CA THR B 326 50.90 -2.53 48.76
C THR B 326 51.74 -3.18 47.69
N GLY B 327 52.08 -4.45 47.90
CA GLY B 327 52.75 -5.26 46.90
C GLY B 327 52.13 -6.64 46.86
N PHE B 328 50.96 -6.76 47.50
CA PHE B 328 50.23 -8.02 47.59
C PHE B 328 51.09 -9.07 48.29
N ALA B 329 51.68 -8.66 49.41
CA ALA B 329 52.53 -9.54 50.20
C ALA B 329 51.69 -10.64 50.82
N ASP B 330 50.63 -10.24 51.52
CA ASP B 330 49.76 -11.19 52.20
C ASP B 330 48.52 -11.54 51.38
N TRP B 331 48.37 -10.89 50.22
CA TRP B 331 47.19 -11.07 49.36
C TRP B 331 47.09 -12.44 48.71
N PRO B 332 45.94 -13.12 48.89
CA PRO B 332 45.63 -14.37 48.19
C PRO B 332 45.62 -14.15 46.68
N LEU B 333 46.32 -15.00 45.93
CA LEU B 333 46.52 -14.80 44.48
C LEU B 333 45.23 -14.46 43.73
N PHE B 334 44.13 -15.02 44.22
CA PHE B 334 42.79 -14.77 43.69
C PHE B 334 42.50 -13.28 43.60
N LEU B 335 43.10 -12.49 44.48
CA LEU B 335 42.83 -11.06 44.56
C LEU B 335 43.57 -10.22 43.53
N PRO B 336 44.90 -10.40 43.40
CA PRO B 336 45.53 -9.62 42.32
C PRO B 336 45.12 -10.14 40.95
N VAL B 337 44.77 -11.43 40.85
CA VAL B 337 44.27 -11.94 39.57
C VAL B 337 42.91 -11.33 39.22
N LEU B 338 41.96 -11.46 40.13
CA LEU B 338 40.61 -10.90 39.92
C LEU B 338 40.67 -9.38 39.71
N LEU B 339 41.63 -8.70 40.34
CA LEU B 339 41.80 -7.27 40.13
C LEU B 339 42.31 -6.97 38.73
N LEU B 340 43.35 -7.69 38.32
CA LEU B 340 43.90 -7.50 36.98
C LEU B 340 42.86 -7.81 35.91
N PHE B 341 41.89 -8.65 36.27
CA PHE B 341 40.81 -8.97 35.36
C PHE B 341 39.77 -7.85 35.35
N SER B 342 39.40 -7.36 36.53
CA SER B 342 38.47 -6.24 36.64
C SER B 342 39.03 -4.97 36.03
N SER B 343 40.33 -4.96 35.76
CA SER B 343 40.98 -3.85 35.07
C SER B 343 40.41 -3.66 33.67
N PHE B 344 39.72 -4.67 33.16
CA PHE B 344 39.14 -4.59 31.83
C PHE B 344 37.92 -3.67 31.82
N ILE B 345 37.37 -3.41 33.01
CA ILE B 345 36.19 -2.57 33.14
C ILE B 345 36.54 -1.40 34.02
N GLY B 346 36.95 -0.29 33.43
CA GLY B 346 37.31 0.85 34.25
C GLY B 346 37.01 2.18 33.62
N GLY B 347 36.06 2.89 34.21
CA GLY B 347 35.79 4.24 33.78
C GLY B 347 34.45 4.36 33.09
N CYS B 348 33.61 5.26 33.58
CA CYS B 348 32.47 5.72 32.79
C CYS B 348 33.04 6.08 31.43
N ALA B 349 32.35 5.69 30.36
CA ALA B 349 32.86 5.93 29.02
C ALA B 349 33.02 7.43 28.78
N GLY B 350 34.11 7.80 28.12
CA GLY B 350 34.44 9.20 27.94
C GLY B 350 34.98 9.83 29.21
N SER B 351 35.88 9.10 29.87
CA SER B 351 36.64 9.62 31.01
C SER B 351 38.12 9.50 30.70
N THR B 352 38.94 9.52 31.74
CA THR B 352 40.37 9.41 31.55
C THR B 352 40.89 7.98 31.81
N GLY B 353 40.01 7.00 31.73
CA GLY B 353 40.35 5.63 32.10
C GLY B 353 40.90 4.72 31.01
N GLY B 354 40.01 4.08 30.26
CA GLY B 354 40.44 3.29 29.12
C GLY B 354 40.51 1.76 29.20
N GLY B 355 39.57 1.13 29.89
CA GLY B 355 39.36 -0.30 29.71
C GLY B 355 38.54 -0.51 28.45
N MET B 356 37.85 -1.64 28.35
CA MET B 356 36.67 -1.68 27.47
C MET B 356 35.54 -1.10 28.30
N LYS B 357 35.38 0.22 28.20
CA LYS B 357 34.66 1.06 29.19
C LYS B 357 33.35 0.50 29.75
N VAL B 358 33.00 0.90 30.96
CA VAL B 358 31.84 0.37 31.70
C VAL B 358 30.59 0.03 30.86
N ILE B 359 30.07 1.00 30.09
CA ILE B 359 28.92 0.75 29.22
C ILE B 359 29.13 -0.43 28.31
N ARG B 360 30.35 -0.62 27.82
CA ARG B 360 30.65 -1.81 27.02
C ARG B 360 30.27 -3.09 27.79
N ILE B 361 30.73 -3.22 29.03
CA ILE B 361 30.42 -4.41 29.82
C ILE B 361 28.94 -4.49 30.18
N LEU B 362 28.35 -3.35 30.51
CA LEU B 362 26.92 -3.27 30.79
C LEU B 362 26.14 -3.85 29.61
N LEU B 363 26.34 -3.23 28.45
CA LEU B 363 25.72 -3.64 27.21
C LEU B 363 25.97 -5.11 26.97
N LEU B 364 27.22 -5.52 27.05
CA LEU B 364 27.60 -6.91 26.82
C LEU B 364 26.75 -7.86 27.66
N THR B 365 26.69 -7.64 28.97
CA THR B 365 25.87 -8.48 29.82
C THR B 365 24.40 -8.45 29.40
N LEU B 366 23.90 -7.27 29.06
CA LEU B 366 22.53 -7.15 28.54
C LEU B 366 22.27 -8.04 27.33
N GLN B 367 23.12 -7.87 26.31
CA GLN B 367 23.02 -8.54 25.02
C GLN B 367 23.11 -10.04 25.17
N GLY B 368 24.08 -10.48 25.97
CA GLY B 368 24.25 -11.90 26.24
C GLY B 368 23.06 -12.46 27.00
N ALA B 369 22.53 -11.66 27.92
CA ALA B 369 21.36 -12.07 28.69
C ALA B 369 20.21 -12.36 27.73
N ARG B 370 20.01 -11.42 26.80
CA ARG B 370 19.08 -11.61 25.70
C ARG B 370 19.36 -12.93 24.99
N GLU B 371 20.59 -13.10 24.51
CA GLU B 371 21.01 -14.33 23.84
C GLU B 371 20.62 -15.59 24.60
N LEU B 372 20.67 -15.51 25.94
CA LEU B 372 20.30 -16.63 26.77
C LEU B 372 18.79 -16.76 26.86
N LYS B 373 18.08 -15.65 26.69
CA LYS B 373 16.62 -15.70 26.74
C LYS B 373 16.06 -16.29 25.46
N ARG B 374 16.64 -15.89 24.33
CA ARG B 374 16.18 -16.33 23.02
C ARG B 374 16.21 -17.85 22.86
N LEU B 375 17.18 -18.50 23.49
CA LEU B 375 17.23 -19.96 23.45
C LEU B 375 15.95 -20.57 24.01
N VAL B 376 15.41 -19.98 25.07
CA VAL B 376 14.21 -20.50 25.70
C VAL B 376 12.98 -20.26 24.82
N HIS B 377 12.57 -19.01 24.69
CA HIS B 377 11.50 -18.67 23.75
C HIS B 377 12.11 -17.99 22.53
N PRO B 378 12.17 -18.72 21.41
CA PRO B 378 12.90 -18.22 20.25
C PRO B 378 12.02 -17.47 19.26
N ARG B 379 10.71 -17.64 19.40
CA ARG B 379 9.75 -16.93 18.56
C ARG B 379 9.42 -15.57 19.15
N ALA B 380 10.13 -15.21 20.21
CA ALA B 380 9.80 -14.02 20.99
C ALA B 380 10.64 -12.81 20.58
N VAL B 381 10.12 -11.62 20.86
CA VAL B 381 10.80 -10.37 20.53
C VAL B 381 11.39 -9.72 21.77
N TYR B 382 12.70 -9.86 21.95
CA TYR B 382 13.37 -9.23 23.07
C TYR B 382 14.14 -8.00 22.61
N THR B 383 14.03 -6.90 23.35
CA THR B 383 14.71 -5.67 23.01
C THR B 383 15.67 -5.23 24.12
N ILE B 384 16.81 -4.68 23.72
CA ILE B 384 17.82 -4.23 24.65
C ILE B 384 17.45 -2.85 25.18
N LYS B 385 17.28 -2.74 26.49
CA LYS B 385 16.83 -1.49 27.10
C LYS B 385 17.93 -0.92 27.99
N VAL B 386 18.34 0.32 27.76
CA VAL B 386 19.36 0.95 28.59
C VAL B 386 18.74 1.96 29.57
N GLY B 387 18.36 3.13 29.06
CA GLY B 387 17.78 4.14 29.93
C GLY B 387 16.28 4.02 29.79
N GLY B 388 15.81 4.30 28.59
CA GLY B 388 14.42 4.08 28.24
C GLY B 388 14.38 3.57 26.82
N SER B 389 15.02 4.31 25.91
CA SER B 389 15.07 3.93 24.50
C SER B 389 15.83 2.62 24.33
N ALA B 390 15.39 1.81 23.38
CA ALA B 390 16.07 0.57 23.07
C ALA B 390 17.38 0.85 22.34
N LEU B 391 18.29 -0.10 22.36
CA LEU B 391 19.55 0.04 21.64
C LEU B 391 19.35 -0.50 20.25
N PRO B 392 19.94 0.16 19.24
CA PRO B 392 19.80 -0.34 17.87
C PRO B 392 20.74 -1.50 17.56
N GLN B 393 20.35 -2.32 16.59
CA GLN B 393 21.09 -3.55 16.26
C GLN B 393 22.23 -3.21 15.30
N ARG B 394 22.82 -2.04 15.50
CA ARG B 394 23.92 -1.60 14.66
C ARG B 394 25.04 -1.28 15.62
N VAL B 395 24.67 -1.15 16.89
CA VAL B 395 25.58 -0.76 17.95
C VAL B 395 25.85 -1.98 18.83
N VAL B 396 24.84 -2.84 18.95
CA VAL B 396 25.00 -4.13 19.60
C VAL B 396 26.07 -4.92 18.85
N ASP B 397 25.96 -4.89 17.52
CA ASP B 397 26.93 -5.53 16.65
C ASP B 397 28.30 -4.93 16.88
N ALA B 398 28.33 -3.61 17.03
CA ALA B 398 29.58 -2.89 17.23
C ALA B 398 30.20 -3.27 18.57
N VAL B 399 29.39 -3.37 19.61
CA VAL B 399 29.88 -3.76 20.93
C VAL B 399 30.50 -5.15 20.88
N TRP B 400 29.74 -6.11 20.35
CA TRP B 400 30.22 -7.50 20.28
C TRP B 400 31.52 -7.59 19.48
N GLY B 401 31.54 -6.90 18.33
CA GLY B 401 32.69 -6.90 17.47
C GLY B 401 33.89 -6.32 18.19
N PHE B 402 33.65 -5.26 18.96
CA PHE B 402 34.71 -4.63 19.73
C PHE B 402 35.29 -5.59 20.74
N PHE B 403 34.44 -6.27 21.50
CA PHE B 403 34.91 -7.22 22.50
C PHE B 403 35.77 -8.31 21.87
N SER B 404 35.29 -8.86 20.76
CA SER B 404 36.04 -9.87 20.02
C SER B 404 37.42 -9.34 19.62
N ALA B 405 37.42 -8.26 18.85
CA ALA B 405 38.66 -7.59 18.47
C ALA B 405 39.62 -7.42 19.64
N TYR B 406 39.08 -7.00 20.77
CA TYR B 406 39.84 -6.83 22.00
C TYR B 406 40.56 -8.13 22.33
N ALA B 407 39.80 -9.21 22.36
CA ALA B 407 40.37 -10.53 22.65
C ALA B 407 41.52 -10.85 21.68
N LEU B 408 41.25 -10.71 20.39
CA LEU B 408 42.26 -10.89 19.36
C LEU B 408 43.54 -10.14 19.67
N VAL B 409 43.45 -8.82 19.76
CA VAL B 409 44.59 -7.97 20.08
C VAL B 409 45.36 -8.45 21.31
N PHE B 410 44.64 -8.74 22.38
CA PHE B 410 45.26 -9.23 23.62
C PHE B 410 46.09 -10.49 23.39
N VAL B 411 45.49 -11.51 22.80
CA VAL B 411 46.17 -12.79 22.60
C VAL B 411 47.31 -12.70 21.56
N VAL B 412 47.12 -11.82 20.59
CA VAL B 412 48.16 -11.55 19.58
C VAL B 412 49.38 -10.93 20.25
N CYS B 413 49.20 -9.84 20.99
CA CYS B 413 50.32 -9.23 21.67
C CYS B 413 50.90 -10.13 22.77
N MET B 414 50.09 -11.02 23.33
CA MET B 414 50.59 -11.96 24.34
C MET B 414 51.55 -12.92 23.65
N LEU B 415 51.19 -13.34 22.44
CA LEU B 415 52.08 -14.17 21.64
C LEU B 415 53.31 -13.38 21.20
N GLY B 416 53.11 -12.13 20.77
CA GLY B 416 54.20 -11.22 20.44
C GLY B 416 55.23 -11.05 21.53
N LEU B 417 54.77 -11.02 22.77
CA LEU B 417 55.68 -10.92 23.91
C LEU B 417 56.35 -12.25 24.20
N ILE B 418 55.60 -13.34 24.19
CA ILE B 418 56.20 -14.67 24.40
C ILE B 418 57.24 -14.96 23.32
N ALA B 419 57.01 -14.36 22.15
CA ALA B 419 57.90 -14.45 20.99
C ALA B 419 59.10 -13.54 21.16
N THR B 420 58.88 -12.37 21.77
CA THR B 420 59.97 -11.46 22.08
C THR B 420 61.05 -12.15 22.91
N GLY B 421 60.61 -13.08 23.76
CA GLY B 421 61.54 -13.77 24.64
C GLY B 421 60.90 -13.99 26.00
N MET B 422 60.00 -13.08 26.39
CA MET B 422 59.40 -13.11 27.73
C MET B 422 58.75 -14.45 28.04
N ASP B 423 58.59 -14.72 29.33
CA ASP B 423 57.94 -15.95 29.76
C ASP B 423 56.44 -15.75 29.76
N GLU B 424 55.71 -16.83 29.98
CA GLU B 424 54.27 -16.86 29.70
C GLU B 424 53.47 -15.87 30.56
N LEU B 425 53.54 -16.03 31.87
CA LEU B 425 52.71 -15.25 32.75
C LEU B 425 53.09 -13.78 32.75
N SER B 426 54.37 -13.50 32.55
CA SER B 426 54.85 -12.12 32.51
C SER B 426 54.28 -11.42 31.30
N ALA B 427 54.23 -12.13 30.19
CA ALA B 427 53.64 -11.59 28.97
C ALA B 427 52.14 -11.37 29.13
N PHE B 428 51.48 -12.27 29.86
CA PHE B 428 50.04 -12.15 30.06
C PHE B 428 49.76 -10.88 30.85
N SER B 429 50.49 -10.72 31.94
CA SER B 429 50.36 -9.55 32.79
C SER B 429 50.70 -8.29 32.02
N ALA B 430 51.71 -8.38 31.18
CA ALA B 430 52.20 -7.24 30.40
C ALA B 430 51.13 -6.71 29.47
N VAL B 431 50.60 -7.57 28.62
CA VAL B 431 49.51 -7.15 27.75
C VAL B 431 48.33 -6.63 28.57
N ALA B 432 47.91 -7.43 29.55
CA ALA B 432 46.78 -7.03 30.41
C ALA B 432 47.03 -5.70 31.14
N ALA B 433 48.26 -5.22 31.11
CA ALA B 433 48.59 -3.98 31.78
C ALA B 433 48.77 -2.85 30.79
N THR B 434 49.04 -3.19 29.53
CA THR B 434 49.24 -2.17 28.52
C THR B 434 48.04 -2.00 27.59
N LEU B 435 47.14 -2.97 27.56
CA LEU B 435 45.97 -2.89 26.69
C LEU B 435 44.84 -2.16 27.41
N ASN B 436 44.87 -2.21 28.73
CA ASN B 436 43.92 -1.46 29.52
C ASN B 436 44.55 -0.14 29.90
N ASN B 437 45.87 -0.09 29.74
CA ASN B 437 46.71 1.02 30.18
C ASN B 437 46.74 1.10 31.71
N LEU B 438 47.20 0.02 32.34
CA LEU B 438 47.36 -0.04 33.80
C LEU B 438 48.66 0.54 34.31
N GLY B 439 49.74 -0.22 34.06
CA GLY B 439 51.04 0.10 34.61
C GLY B 439 51.65 -0.99 35.47
N PRO B 440 50.93 -1.47 36.50
CA PRO B 440 51.51 -2.54 37.29
C PRO B 440 51.49 -3.90 36.62
N GLY B 441 52.57 -4.68 36.80
CA GLY B 441 52.64 -6.07 36.39
C GLY B 441 51.43 -6.83 36.89
N LEU B 442 51.26 -6.81 38.21
CA LEU B 442 50.02 -7.22 38.87
C LEU B 442 49.74 -8.73 38.85
N GLY B 443 50.53 -9.50 38.12
CA GLY B 443 50.26 -10.91 37.99
C GLY B 443 50.64 -11.72 39.21
N GLU B 444 51.94 -11.98 39.35
CA GLU B 444 52.44 -12.74 40.46
C GLU B 444 53.77 -12.09 40.84
N VAL B 445 53.70 -10.79 41.08
CA VAL B 445 54.86 -9.96 41.43
C VAL B 445 55.98 -10.08 40.38
N ALA B 446 55.65 -9.73 39.14
CA ALA B 446 56.61 -9.72 38.04
C ALA B 446 56.54 -8.36 37.32
N LEU B 447 56.26 -7.31 38.09
CA LEU B 447 55.84 -6.03 37.53
C LEU B 447 56.83 -5.21 36.69
N HIS B 448 58.12 -5.31 36.96
CA HIS B 448 59.04 -4.24 36.59
C HIS B 448 59.65 -4.30 35.17
N PHE B 449 59.28 -3.32 34.37
CA PHE B 449 59.53 -3.29 32.93
C PHE B 449 60.95 -2.88 32.52
N GLY B 450 61.65 -2.20 33.43
CA GLY B 450 62.98 -1.67 33.15
C GLY B 450 63.92 -2.52 32.31
N ASP B 451 64.08 -3.78 32.69
CA ASP B 451 65.07 -4.64 32.03
C ASP B 451 64.41 -5.72 31.18
N VAL B 452 63.14 -5.50 30.84
CA VAL B 452 62.43 -6.41 29.95
C VAL B 452 63.07 -6.31 28.56
N ASN B 453 62.85 -7.32 27.72
CA ASN B 453 63.35 -7.33 26.36
C ASN B 453 63.03 -6.00 25.62
N ASP B 454 63.91 -5.61 24.70
CA ASP B 454 63.76 -4.35 23.98
C ASP B 454 62.62 -4.40 22.97
N LYS B 455 62.56 -5.51 22.25
CA LYS B 455 61.50 -5.76 21.28
C LYS B 455 60.21 -5.71 22.08
N ALA B 456 60.19 -6.39 23.22
CA ALA B 456 59.06 -6.38 24.13
C ALA B 456 58.62 -4.97 24.48
N LYS B 457 59.59 -4.06 24.62
CA LYS B 457 59.30 -2.68 24.95
C LYS B 457 58.51 -2.07 23.79
N TRP B 458 59.00 -2.29 22.57
CA TRP B 458 58.28 -1.80 21.39
C TRP B 458 56.86 -2.38 21.26
N VAL B 459 56.77 -3.70 21.29
CA VAL B 459 55.49 -4.40 21.33
C VAL B 459 54.51 -3.81 22.34
N LEU B 460 54.98 -3.61 23.58
CA LEU B 460 54.15 -3.06 24.64
C LEU B 460 53.71 -1.63 24.34
N ILE B 461 54.56 -0.88 23.64
CA ILE B 461 54.20 0.46 23.18
C ILE B 461 53.01 0.36 22.23
N VAL B 462 53.12 -0.51 21.23
CA VAL B 462 52.00 -0.83 20.37
C VAL B 462 50.74 -1.14 21.19
N SER B 463 50.88 -2.11 22.10
CA SER B 463 49.80 -2.52 23.00
C SER B 463 49.07 -1.36 23.67
N MET B 464 49.82 -0.33 24.08
CA MET B 464 49.16 0.82 24.70
C MET B 464 48.64 1.84 23.70
N LEU B 465 49.15 1.81 22.47
CA LEU B 465 48.52 2.60 21.41
C LEU B 465 47.16 2.02 21.04
N PHE B 466 47.08 0.70 20.90
CA PHE B 466 45.80 0.01 20.77
C PHE B 466 44.92 0.35 21.95
N GLY B 467 45.47 0.17 23.16
CA GLY B 467 44.73 0.43 24.38
C GLY B 467 44.12 1.81 24.44
N ARG B 468 44.79 2.79 23.85
CA ARG B 468 44.23 4.13 23.81
C ARG B 468 43.12 4.24 22.77
N LEU B 469 43.47 3.92 21.52
CA LEU B 469 42.57 4.13 20.38
C LEU B 469 41.34 3.23 20.34
N GLU B 470 41.04 2.55 21.46
CA GLU B 470 39.90 1.65 21.53
C GLU B 470 39.92 0.59 20.42
N ILE B 471 41.12 0.28 19.94
CA ILE B 471 41.40 -0.90 19.14
C ILE B 471 40.99 -0.80 17.67
N PHE B 472 39.79 -0.27 17.43
CA PHE B 472 39.27 -0.23 16.07
C PHE B 472 39.98 0.83 15.25
N THR B 473 40.08 2.04 15.80
CA THR B 473 40.51 3.19 15.02
C THR B 473 41.99 3.12 14.63
N LEU B 474 42.58 1.94 14.82
CA LEU B 474 43.94 1.67 14.37
C LEU B 474 43.91 0.44 13.49
N LEU B 475 43.12 -0.56 13.88
CA LEU B 475 42.94 -1.74 13.06
C LEU B 475 42.49 -1.38 11.65
N ILE B 476 41.54 -0.44 11.55
CA ILE B 476 41.02 -0.06 10.23
C ILE B 476 42.10 0.62 9.39
N LEU B 477 43.18 1.07 10.03
CA LEU B 477 44.21 1.80 9.33
C LEU B 477 44.98 0.89 8.37
N LEU B 478 44.92 -0.42 8.62
CA LEU B 478 45.63 -1.37 7.79
C LEU B 478 44.73 -2.30 6.97
N THR B 479 43.43 -2.04 7.00
CA THR B 479 42.51 -2.68 6.06
C THR B 479 42.67 -1.97 4.73
N PRO B 480 42.56 -2.73 3.62
CA PRO B 480 42.66 -2.12 2.31
C PRO B 480 41.53 -1.11 2.13
N THR B 481 40.37 -1.44 2.69
CA THR B 481 39.15 -0.67 2.51
C THR B 481 39.32 0.81 2.89
N PHE B 482 40.24 1.07 3.81
CA PHE B 482 40.53 2.43 4.28
C PHE B 482 41.05 3.32 3.15
N TRP B 483 41.84 2.73 2.26
CA TRP B 483 42.37 3.44 1.11
C TRP B 483 41.89 2.86 -0.23
N ARG B 484 41.21 3.64 -1.05
CA ARG B 484 40.93 5.06 -0.81
C ARG B 484 39.69 5.48 -1.59
N MET C 1 -6.51 27.91 -32.45
CA MET C 1 -7.73 27.85 -33.25
C MET C 1 -7.41 27.72 -34.74
N GLN C 2 -6.59 28.63 -35.25
CA GLN C 2 -6.07 28.56 -36.63
C GLN C 2 -7.10 28.29 -37.73
N PHE C 3 -7.96 29.28 -37.97
CA PHE C 3 -8.99 29.20 -38.98
C PHE C 3 -8.33 29.32 -40.35
N ARG C 4 -7.07 29.70 -40.33
CA ARG C 4 -6.30 30.03 -41.52
C ARG C 4 -5.98 28.76 -42.32
N SER C 5 -5.89 27.63 -41.61
CA SER C 5 -5.56 26.35 -42.23
C SER C 5 -6.83 25.58 -42.50
N ILE C 6 -7.91 26.03 -41.86
CA ILE C 6 -9.24 25.43 -42.00
C ILE C 6 -9.85 25.88 -43.33
N ILE C 7 -9.60 27.14 -43.66
CA ILE C 7 -10.11 27.75 -44.87
C ILE C 7 -9.45 27.12 -46.08
N ARG C 8 -8.22 26.67 -45.91
CA ARG C 8 -7.51 25.93 -46.95
C ARG C 8 -8.34 24.72 -47.39
N ILE C 9 -8.82 23.97 -46.40
CA ILE C 9 -9.58 22.75 -46.67
C ILE C 9 -10.96 23.11 -47.22
N VAL C 10 -11.51 24.22 -46.76
CA VAL C 10 -12.81 24.66 -47.25
C VAL C 10 -12.78 25.02 -48.74
N GLY C 11 -11.88 25.94 -49.10
CA GLY C 11 -11.66 26.28 -50.50
C GLY C 11 -11.36 25.07 -51.34
N LEU C 12 -10.53 24.17 -50.81
CA LEU C 12 -10.22 22.93 -51.51
C LEU C 12 -11.50 22.13 -51.74
N LEU C 13 -12.48 22.28 -50.85
CA LEU C 13 -13.72 21.54 -50.97
C LEU C 13 -14.70 22.18 -51.96
N LEU C 14 -14.75 23.51 -52.01
CA LEU C 14 -15.54 24.19 -53.03
C LEU C 14 -15.00 23.83 -54.40
N ALA C 15 -13.67 23.71 -54.49
CA ALA C 15 -13.03 23.33 -55.74
C ALA C 15 -13.37 21.87 -56.04
N LEU C 16 -13.42 21.04 -55.00
CA LEU C 16 -13.79 19.64 -55.15
C LEU C 16 -15.26 19.50 -55.57
N PHE C 17 -16.05 20.53 -55.28
CA PHE C 17 -17.49 20.51 -55.54
C PHE C 17 -17.79 20.98 -56.95
N SER C 18 -17.00 21.91 -57.45
CA SER C 18 -17.15 22.39 -58.82
C SER C 18 -17.07 21.23 -59.82
N VAL C 19 -16.12 20.32 -59.58
CA VAL C 19 -15.87 19.20 -60.49
C VAL C 19 -16.98 18.13 -60.38
N THR C 20 -18.06 18.48 -59.70
CA THR C 20 -19.22 17.59 -59.63
C THR C 20 -20.41 18.28 -60.28
N MET C 21 -20.17 19.47 -60.81
CA MET C 21 -21.21 20.23 -61.51
C MET C 21 -21.14 19.94 -63.00
N LEU C 22 -20.02 19.35 -63.42
CA LEU C 22 -19.85 18.93 -64.81
C LEU C 22 -20.53 17.60 -65.03
N ALA C 23 -21.15 17.09 -63.98
CA ALA C 23 -21.77 15.77 -64.00
C ALA C 23 -23.25 15.82 -64.37
N PRO C 24 -23.99 16.83 -63.91
CA PRO C 24 -25.34 16.88 -64.46
C PRO C 24 -25.45 17.92 -65.58
N ALA C 25 -24.33 18.58 -65.87
CA ALA C 25 -24.22 19.42 -67.06
C ALA C 25 -23.88 18.52 -68.24
N LEU C 26 -23.39 17.32 -67.92
CA LEU C 26 -23.11 16.29 -68.91
C LEU C 26 -24.39 15.51 -69.15
N VAL C 27 -25.50 16.06 -68.65
CA VAL C 27 -26.81 15.45 -68.80
C VAL C 27 -27.68 16.53 -69.42
N ALA C 28 -27.11 17.73 -69.52
CA ALA C 28 -27.78 18.84 -70.18
C ALA C 28 -27.31 18.92 -71.63
N LEU C 29 -26.39 18.04 -71.97
CA LEU C 29 -25.90 17.94 -73.34
C LEU C 29 -26.15 16.51 -73.82
N LEU C 30 -26.19 15.57 -72.88
CA LEU C 30 -26.54 14.19 -73.21
C LEU C 30 -28.03 14.13 -73.48
N TYR C 31 -28.83 14.19 -72.42
CA TYR C 31 -30.27 14.35 -72.57
C TYR C 31 -30.61 15.73 -73.11
N ARG C 32 -31.17 15.75 -74.31
CA ARG C 32 -31.45 16.98 -75.05
C ARG C 32 -32.27 18.02 -74.29
N ASP C 33 -33.01 17.58 -73.28
CA ASP C 33 -34.06 18.41 -72.68
C ASP C 33 -33.60 19.37 -71.59
N GLY C 34 -33.98 20.64 -71.75
CA GLY C 34 -33.86 21.63 -70.69
C GLY C 34 -32.63 22.52 -70.74
N ALA C 35 -32.27 23.06 -69.57
CA ALA C 35 -31.17 24.02 -69.47
C ALA C 35 -30.14 23.61 -68.42
N GLY C 36 -28.91 23.42 -68.86
CA GLY C 36 -27.80 23.15 -67.96
C GLY C 36 -26.78 24.27 -67.95
N VAL C 37 -27.15 25.40 -68.53
CA VAL C 37 -26.36 26.63 -68.46
C VAL C 37 -25.97 26.99 -67.01
N PRO C 38 -26.92 26.87 -66.06
CA PRO C 38 -26.55 27.15 -64.67
C PRO C 38 -25.40 26.28 -64.20
N PHE C 39 -25.46 24.98 -64.45
CA PHE C 39 -24.46 24.04 -63.94
C PHE C 39 -23.03 24.42 -64.38
N VAL C 40 -22.90 25.00 -65.57
CA VAL C 40 -21.60 25.37 -66.09
C VAL C 40 -21.21 26.76 -65.62
N THR C 41 -22.20 27.56 -65.24
CA THR C 41 -21.89 28.82 -64.55
C THR C 41 -21.41 28.52 -63.12
N THR C 42 -22.04 27.52 -62.52
CA THR C 42 -21.83 27.12 -61.14
C THR C 42 -20.45 26.50 -60.98
N PHE C 43 -20.08 25.63 -61.92
CA PHE C 43 -18.74 25.05 -61.92
C PHE C 43 -17.65 26.14 -61.92
N PHE C 44 -18.03 27.32 -62.44
CA PHE C 44 -17.10 28.45 -62.51
C PHE C 44 -17.09 29.29 -61.26
N VAL C 45 -18.25 29.77 -60.81
CA VAL C 45 -18.28 30.56 -59.58
C VAL C 45 -17.73 29.76 -58.40
N LEU C 46 -17.97 28.45 -58.41
CA LEU C 46 -17.46 27.58 -57.38
C LEU C 46 -15.95 27.33 -57.48
N LEU C 47 -15.48 26.94 -58.67
CA LEU C 47 -14.04 26.77 -58.85
C LEU C 47 -13.28 28.04 -58.46
N PHE C 48 -13.84 29.19 -58.85
CA PHE C 48 -13.24 30.48 -58.58
C PHE C 48 -13.24 30.79 -57.09
N CYS C 49 -14.39 30.67 -56.43
CA CYS C 49 -14.47 30.92 -54.99
C CYS C 49 -13.51 30.02 -54.20
N GLY C 50 -13.66 28.71 -54.41
CA GLY C 50 -12.80 27.73 -53.78
C GLY C 50 -11.32 28.02 -53.95
N ALA C 51 -10.89 28.16 -55.20
CA ALA C 51 -9.48 28.42 -55.48
C ALA C 51 -9.02 29.80 -54.98
N MET C 52 -9.96 30.73 -54.84
CA MET C 52 -9.63 32.04 -54.27
C MET C 52 -9.47 31.92 -52.76
N CYS C 53 -9.87 30.77 -52.21
CA CYS C 53 -9.60 30.49 -50.81
C CYS C 53 -8.34 29.63 -50.59
N TRP C 54 -8.30 28.46 -51.23
CA TRP C 54 -7.16 27.55 -51.14
C TRP C 54 -5.81 28.23 -51.42
N PHE C 55 -5.76 29.05 -52.45
CA PHE C 55 -4.50 29.62 -52.95
C PHE C 55 -3.81 30.61 -51.99
N PRO C 56 -4.54 31.61 -51.45
CA PRO C 56 -3.89 32.54 -50.51
C PRO C 56 -3.55 31.90 -49.15
N ASN C 57 -3.55 30.57 -49.08
CA ASN C 57 -3.25 29.89 -47.82
C ASN C 57 -2.09 28.90 -47.94
N ARG C 58 -2.44 27.66 -48.25
CA ARG C 58 -1.46 26.56 -48.37
C ARG C 58 -0.64 26.38 -47.10
N ARG C 59 -1.31 25.95 -46.03
CA ARG C 59 -0.67 25.68 -44.74
C ARG C 59 -1.40 24.53 -44.08
N HIS C 60 -0.74 23.38 -44.00
CA HIS C 60 -1.33 22.19 -43.37
C HIS C 60 -0.98 22.12 -41.89
N LYS C 61 -1.44 23.11 -41.12
CA LYS C 61 -1.30 23.08 -39.67
C LYS C 61 -2.26 22.05 -39.07
N HIS C 62 -1.91 20.78 -39.27
CA HIS C 62 -2.74 19.65 -38.91
C HIS C 62 -2.98 19.54 -37.41
N SER C 66 -8.97 19.40 -32.18
CA SER C 66 -10.30 19.25 -31.61
C SER C 66 -11.23 20.35 -32.11
N ARG C 67 -11.22 21.49 -31.41
CA ARG C 67 -12.12 22.60 -31.71
C ARG C 67 -12.13 23.00 -33.19
N ASP C 68 -11.07 22.60 -33.90
CA ASP C 68 -10.99 22.80 -35.34
C ASP C 68 -11.82 21.75 -36.07
N GLY C 69 -11.71 20.49 -35.62
CA GLY C 69 -12.44 19.38 -36.20
C GLY C 69 -13.95 19.55 -36.24
N PHE C 70 -14.52 20.03 -35.14
CA PHE C 70 -15.95 20.33 -35.07
C PHE C 70 -16.28 21.35 -36.14
N LEU C 71 -15.59 22.49 -36.06
CA LEU C 71 -15.76 23.59 -37.00
C LEU C 71 -15.68 23.09 -38.46
N ILE C 72 -14.86 22.07 -38.68
CA ILE C 72 -14.74 21.46 -39.98
C ILE C 72 -16.01 20.70 -40.34
N VAL C 73 -16.43 19.76 -39.50
CA VAL C 73 -17.62 18.98 -39.84
C VAL C 73 -18.93 19.73 -39.69
N VAL C 74 -18.87 21.03 -39.37
CA VAL C 74 -20.04 21.87 -39.52
C VAL C 74 -19.89 22.72 -40.78
N LEU C 75 -18.65 23.02 -41.15
CA LEU C 75 -18.40 23.75 -42.38
C LEU C 75 -18.68 22.91 -43.63
N PHE C 76 -18.28 21.64 -43.59
CA PHE C 76 -18.47 20.72 -44.72
C PHE C 76 -19.93 20.61 -45.16
N TRP C 77 -20.85 20.85 -44.24
CA TRP C 77 -22.25 20.85 -44.57
C TRP C 77 -22.79 22.25 -44.78
N THR C 78 -22.63 23.10 -43.77
CA THR C 78 -23.12 24.47 -43.83
C THR C 78 -22.62 25.25 -45.06
N VAL C 79 -21.42 24.93 -45.54
CA VAL C 79 -20.86 25.61 -46.71
C VAL C 79 -21.26 24.90 -48.02
N LEU C 80 -21.01 23.60 -48.08
CA LEU C 80 -21.38 22.80 -49.25
C LEU C 80 -22.87 22.79 -49.51
N GLY C 81 -23.66 22.66 -48.44
CA GLY C 81 -25.11 22.68 -48.55
C GLY C 81 -25.65 24.05 -48.87
N SER C 82 -24.82 25.07 -48.68
CA SER C 82 -25.17 26.44 -49.07
C SER C 82 -24.80 26.65 -50.53
N ALA C 83 -23.60 26.24 -50.89
CA ALA C 83 -23.11 26.37 -52.26
C ALA C 83 -23.99 25.61 -53.24
N GLY C 84 -24.49 24.45 -52.81
CA GLY C 84 -25.31 23.60 -53.65
C GLY C 84 -26.71 24.11 -53.95
N SER C 85 -27.00 25.33 -53.54
CA SER C 85 -28.30 25.94 -53.83
C SER C 85 -28.19 26.92 -54.99
N LEU C 86 -27.03 26.92 -55.63
CA LEU C 86 -26.76 27.88 -56.71
C LEU C 86 -27.38 27.48 -58.05
N PRO C 87 -27.30 26.19 -58.44
CA PRO C 87 -28.07 25.78 -59.61
C PRO C 87 -29.56 26.11 -59.45
N PHE C 88 -30.13 25.76 -58.29
CA PHE C 88 -31.54 26.04 -58.01
C PHE C 88 -31.91 27.53 -58.02
N LEU C 89 -30.93 28.40 -58.24
CA LEU C 89 -31.20 29.83 -58.30
C LEU C 89 -31.23 30.37 -59.72
N ILE C 90 -30.08 30.33 -60.38
CA ILE C 90 -29.96 30.86 -61.75
C ILE C 90 -30.92 30.19 -62.74
N ALA C 91 -31.14 28.88 -62.54
CA ALA C 91 -32.04 28.10 -63.40
C ALA C 91 -33.49 28.57 -63.30
N ASP C 92 -34.02 29.08 -64.41
CA ASP C 92 -35.43 29.43 -64.49
C ASP C 92 -36.28 28.34 -65.12
N ASN C 93 -35.92 27.09 -64.87
CA ASN C 93 -36.76 25.99 -65.33
C ASN C 93 -37.72 25.55 -64.21
N PRO C 94 -37.19 25.18 -63.03
CA PRO C 94 -38.07 25.32 -61.87
C PRO C 94 -37.73 26.63 -61.17
N ASN C 95 -38.32 27.74 -61.60
CA ASN C 95 -37.96 29.03 -61.02
C ASN C 95 -38.57 29.12 -59.63
N ILE C 96 -37.71 29.18 -58.62
CA ILE C 96 -38.17 29.04 -57.24
C ILE C 96 -37.41 30.00 -56.32
N SER C 97 -38.04 30.35 -55.20
CA SER C 97 -37.47 31.30 -54.23
C SER C 97 -36.07 30.92 -53.75
N VAL C 98 -35.29 31.92 -53.35
CA VAL C 98 -33.95 31.70 -52.83
C VAL C 98 -34.01 30.79 -51.61
N THR C 99 -34.97 31.04 -50.74
CA THR C 99 -35.16 30.24 -49.53
C THR C 99 -35.58 28.82 -49.86
N ASP C 100 -36.44 28.68 -50.87
CA ASP C 100 -36.83 27.36 -51.36
C ASP C 100 -35.64 26.64 -51.96
N ALA C 101 -34.78 27.39 -52.64
CA ALA C 101 -33.59 26.83 -53.26
C ALA C 101 -32.67 26.26 -52.18
N PHE C 102 -32.42 27.05 -51.15
CA PHE C 102 -31.64 26.61 -50.00
C PHE C 102 -32.26 25.39 -49.32
N PHE C 103 -33.57 25.45 -49.06
CA PHE C 103 -34.27 24.32 -48.47
C PHE C 103 -34.02 23.06 -49.31
N GLU C 104 -34.10 23.21 -50.63
CA GLU C 104 -33.97 22.07 -51.52
C GLU C 104 -32.55 21.52 -51.51
N SER C 105 -31.57 22.41 -51.48
CA SER C 105 -30.17 22.01 -51.51
C SER C 105 -29.75 21.33 -50.21
N PHE C 106 -30.06 21.96 -49.09
CA PHE C 106 -29.76 21.38 -47.78
C PHE C 106 -30.47 20.05 -47.59
N SER C 107 -31.77 20.03 -47.90
CA SER C 107 -32.54 18.79 -47.83
C SER C 107 -31.94 17.70 -48.70
N ALA C 108 -31.35 18.11 -49.84
CA ALA C 108 -30.74 17.17 -50.77
C ALA C 108 -29.41 16.61 -50.23
N LEU C 109 -28.56 17.49 -49.73
CA LEU C 109 -27.21 17.12 -49.32
C LEU C 109 -27.21 16.39 -47.98
N THR C 110 -28.19 16.68 -47.14
CA THR C 110 -28.30 16.05 -45.84
C THR C 110 -28.74 14.60 -46.02
N THR C 111 -29.26 14.28 -47.19
CA THR C 111 -30.04 13.07 -47.43
C THR C 111 -31.28 13.06 -46.55
N THR C 112 -31.81 14.25 -46.27
CA THR C 112 -33.09 14.39 -45.62
C THR C 112 -34.20 13.90 -46.54
N GLY C 113 -34.32 14.54 -47.70
CA GLY C 113 -35.31 14.14 -48.68
C GLY C 113 -36.66 14.77 -48.42
N ALA C 114 -36.71 16.10 -48.49
CA ALA C 114 -37.95 16.83 -48.29
C ALA C 114 -37.96 17.96 -49.30
N THR C 115 -38.81 17.84 -50.31
CA THR C 115 -38.81 18.76 -51.42
C THR C 115 -39.83 19.90 -51.26
N VAL C 116 -39.54 21.03 -51.88
CA VAL C 116 -40.50 22.12 -51.97
C VAL C 116 -40.82 22.43 -53.42
N ILE C 117 -40.18 21.68 -54.33
CA ILE C 117 -40.52 21.79 -55.75
C ILE C 117 -41.55 20.73 -56.14
N VAL C 118 -42.79 21.18 -56.30
CA VAL C 118 -43.90 20.33 -56.72
C VAL C 118 -43.97 20.37 -58.23
N GLY C 119 -44.27 19.22 -58.85
CA GLY C 119 -44.38 19.15 -60.29
C GLY C 119 -43.01 18.98 -60.91
N LEU C 120 -42.17 18.20 -60.23
CA LEU C 120 -40.81 17.95 -60.70
C LEU C 120 -40.76 16.84 -61.75
N ASP C 121 -41.90 16.18 -61.95
CA ASP C 121 -42.02 15.13 -62.96
C ASP C 121 -41.65 15.63 -64.34
N GLU C 122 -42.05 16.87 -64.64
CA GLU C 122 -41.77 17.48 -65.94
C GLU C 122 -40.75 18.61 -65.80
N LEU C 123 -39.48 18.25 -65.68
CA LEU C 123 -38.40 19.23 -65.60
C LEU C 123 -37.20 18.73 -66.41
N PRO C 124 -36.25 19.64 -66.73
CA PRO C 124 -35.02 19.23 -67.40
C PRO C 124 -34.38 18.00 -66.73
N LYS C 125 -33.87 17.08 -67.53
CA LYS C 125 -33.27 15.86 -67.02
C LYS C 125 -31.98 16.13 -66.27
N ALA C 126 -31.56 17.38 -66.26
CA ALA C 126 -30.31 17.79 -65.62
C ALA C 126 -30.59 18.32 -64.22
N ILE C 127 -31.53 19.26 -64.13
CA ILE C 127 -31.98 19.81 -62.86
C ILE C 127 -32.67 18.72 -62.03
N LEU C 128 -33.02 17.61 -62.68
CA LEU C 128 -33.61 16.49 -61.98
C LEU C 128 -32.50 15.56 -61.48
N PHE C 129 -31.46 15.42 -62.29
CA PHE C 129 -30.33 14.56 -61.95
C PHE C 129 -29.50 15.15 -60.81
N TYR C 130 -29.37 16.48 -60.80
CA TYR C 130 -28.67 17.20 -59.75
C TYR C 130 -29.23 16.88 -58.36
N ARG C 131 -30.56 16.86 -58.27
CA ARG C 131 -31.26 16.50 -57.04
C ARG C 131 -30.85 15.15 -56.47
N GLN C 132 -30.62 14.17 -57.33
CA GLN C 132 -30.26 12.83 -56.87
C GLN C 132 -28.77 12.75 -56.58
N PHE C 133 -28.00 13.52 -57.36
CA PHE C 133 -26.55 13.48 -57.28
C PHE C 133 -26.11 14.05 -55.96
N LEU C 134 -26.71 15.19 -55.58
CA LEU C 134 -26.54 15.72 -54.22
C LEU C 134 -26.71 14.65 -53.15
N GLN C 135 -27.86 13.98 -53.14
CA GLN C 135 -28.10 12.89 -52.19
C GLN C 135 -26.99 11.83 -52.18
N TRP C 136 -26.48 11.49 -53.35
CA TRP C 136 -25.44 10.47 -53.44
C TRP C 136 -24.13 10.97 -52.80
N PHE C 137 -23.76 12.20 -53.15
CA PHE C 137 -22.55 12.83 -52.67
C PHE C 137 -22.57 13.03 -51.14
N GLY C 138 -23.72 13.47 -50.64
CA GLY C 138 -23.87 13.63 -49.20
C GLY C 138 -23.89 12.27 -48.55
N GLY C 139 -24.32 11.27 -49.30
CA GLY C 139 -24.38 9.91 -48.79
C GLY C 139 -22.98 9.33 -48.73
N MET C 140 -22.05 9.99 -49.42
CA MET C 140 -20.64 9.65 -49.30
C MET C 140 -20.13 10.29 -48.03
N GLY C 141 -20.35 11.60 -47.92
CA GLY C 141 -19.95 12.35 -46.75
C GLY C 141 -20.31 11.69 -45.42
N ILE C 142 -21.59 11.36 -45.27
CA ILE C 142 -22.09 10.77 -44.03
C ILE C 142 -21.43 9.45 -43.60
N ILE C 143 -20.68 8.81 -44.49
CA ILE C 143 -19.98 7.57 -44.09
C ILE C 143 -18.47 7.71 -44.09
N VAL C 144 -17.94 8.67 -44.85
CA VAL C 144 -16.51 8.97 -44.71
C VAL C 144 -16.28 9.90 -43.54
N LEU C 145 -17.35 10.39 -42.92
CA LEU C 145 -17.24 11.14 -41.69
C LEU C 145 -17.39 10.22 -40.50
N ALA C 146 -17.69 8.95 -40.77
CA ALA C 146 -17.58 7.91 -39.75
C ALA C 146 -16.22 7.22 -39.85
N VAL C 147 -15.28 7.89 -40.52
CA VAL C 147 -13.89 7.43 -40.58
C VAL C 147 -12.87 8.57 -40.54
N ALA C 148 -12.92 9.43 -41.55
CA ALA C 148 -12.08 10.63 -41.64
C ALA C 148 -12.07 11.58 -40.44
N ILE C 149 -13.08 11.53 -39.57
CA ILE C 149 -13.11 12.42 -38.42
C ILE C 149 -11.99 12.16 -37.41
N LEU C 150 -11.70 10.88 -37.16
CA LEU C 150 -10.67 10.47 -36.21
C LEU C 150 -9.38 11.31 -36.21
N PRO C 151 -8.83 11.61 -37.42
CA PRO C 151 -7.68 12.53 -37.44
C PRO C 151 -8.01 13.95 -36.98
N VAL C 152 -9.13 14.51 -37.42
CA VAL C 152 -9.50 15.87 -37.01
C VAL C 152 -10.17 15.93 -35.63
N LEU C 153 -10.85 14.86 -35.26
CA LEU C 153 -11.79 14.88 -34.14
C LEU C 153 -11.61 13.60 -33.33
N GLY C 154 -12.61 13.25 -32.54
CA GLY C 154 -12.58 12.05 -31.74
C GLY C 154 -13.91 11.33 -31.72
N ILE C 155 -13.93 10.08 -32.19
CA ILE C 155 -15.02 9.16 -31.89
C ILE C 155 -14.61 8.25 -30.73
N GLY C 156 -13.40 7.70 -30.82
CA GLY C 156 -12.82 6.90 -29.76
C GLY C 156 -12.09 7.76 -28.75
N GLY C 157 -12.36 9.05 -28.80
CA GLY C 157 -11.79 10.01 -27.87
C GLY C 157 -12.83 10.31 -26.81
N MET C 158 -14.02 9.78 -27.05
CA MET C 158 -15.10 9.76 -26.07
C MET C 158 -14.89 8.66 -25.03
N ILE C 178 -5.16 5.09 -41.83
CA ILE C 178 -6.59 5.03 -41.56
C ILE C 178 -7.40 5.44 -42.80
N ALA C 179 -6.78 6.22 -43.68
CA ALA C 179 -7.40 6.56 -44.96
C ALA C 179 -7.34 5.40 -45.96
N GLU C 180 -6.99 4.22 -45.48
CA GLU C 180 -7.16 2.97 -46.21
C GLU C 180 -8.64 2.78 -46.56
N THR C 181 -9.49 3.22 -45.63
CA THR C 181 -10.91 2.97 -45.74
C THR C 181 -11.59 4.14 -46.45
N ALA C 182 -10.80 5.15 -46.80
CA ALA C 182 -11.31 6.28 -47.58
C ALA C 182 -11.66 5.77 -48.97
N LYS C 183 -10.79 4.95 -49.53
CA LYS C 183 -11.05 4.25 -50.77
C LYS C 183 -11.91 3.02 -50.49
N ALA C 184 -11.50 2.28 -49.46
CA ALA C 184 -12.18 1.01 -49.13
C ALA C 184 -13.68 1.13 -48.85
N LEU C 185 -14.16 2.32 -48.52
CA LEU C 185 -15.58 2.56 -48.30
C LEU C 185 -16.27 2.90 -49.62
N TRP C 186 -15.60 3.77 -50.38
CA TRP C 186 -16.08 4.21 -51.70
C TRP C 186 -16.30 3.02 -52.62
N TYR C 187 -15.61 1.92 -52.35
CA TYR C 187 -15.83 0.73 -53.17
C TYR C 187 -17.16 0.06 -52.84
N ILE C 188 -17.39 -0.22 -51.56
CA ILE C 188 -18.66 -0.79 -51.10
C ILE C 188 -19.84 0.09 -51.49
N TYR C 189 -19.60 1.39 -51.63
CA TYR C 189 -20.66 2.33 -51.95
C TYR C 189 -20.96 2.30 -53.46
N LEU C 190 -19.90 2.29 -54.26
CA LEU C 190 -20.05 2.32 -55.71
C LEU C 190 -20.66 1.01 -56.21
N SER C 191 -20.06 -0.11 -55.78
CA SER C 191 -20.55 -1.43 -56.15
C SER C 191 -21.91 -1.75 -55.51
N LEU C 192 -22.53 -0.76 -54.88
CA LEU C 192 -23.86 -0.93 -54.33
C LEU C 192 -24.85 -0.11 -55.15
N THR C 193 -24.48 1.14 -55.43
CA THR C 193 -25.35 1.97 -56.28
C THR C 193 -25.44 1.40 -57.70
N ILE C 194 -24.33 0.89 -58.20
CA ILE C 194 -24.33 0.25 -59.52
C ILE C 194 -25.17 -1.03 -59.46
N ALA C 195 -24.89 -1.87 -58.46
CA ALA C 195 -25.57 -3.14 -58.26
C ALA C 195 -27.06 -2.96 -58.00
N CYS C 196 -27.45 -1.72 -57.72
CA CYS C 196 -28.86 -1.41 -57.51
C CYS C 196 -29.43 -0.94 -58.84
N ALA C 197 -28.69 -0.05 -59.51
CA ALA C 197 -29.11 0.48 -60.81
C ALA C 197 -29.47 -0.62 -61.79
N VAL C 198 -28.59 -1.62 -61.91
CA VAL C 198 -28.89 -2.80 -62.73
C VAL C 198 -30.25 -3.42 -62.38
N ALA C 199 -30.44 -3.77 -61.11
CA ALA C 199 -31.67 -4.42 -60.65
C ALA C 199 -32.93 -3.57 -60.84
N PHE C 200 -32.80 -2.26 -60.68
CA PHE C 200 -33.93 -1.34 -60.84
C PHE C 200 -34.32 -1.30 -62.30
N TRP C 201 -33.31 -1.30 -63.16
CA TRP C 201 -33.53 -1.18 -64.59
C TRP C 201 -33.82 -2.57 -65.18
N LEU C 202 -33.78 -3.59 -64.31
CA LEU C 202 -34.12 -4.95 -64.68
C LEU C 202 -35.57 -5.26 -64.33
N ALA C 203 -36.15 -4.45 -63.45
CA ALA C 203 -37.58 -4.48 -63.21
C ALA C 203 -38.20 -3.37 -64.04
N GLY C 204 -37.38 -2.82 -64.91
CA GLY C 204 -37.83 -1.95 -65.99
C GLY C 204 -38.16 -0.53 -65.62
N MET C 205 -37.16 0.24 -65.21
CA MET C 205 -37.25 1.69 -65.30
C MET C 205 -36.44 2.09 -66.50
N THR C 206 -36.72 3.28 -67.03
CA THR C 206 -35.80 3.92 -67.96
C THR C 206 -34.47 4.08 -67.23
N PRO C 207 -33.34 3.96 -67.95
CA PRO C 207 -32.02 3.95 -67.33
C PRO C 207 -31.75 5.15 -66.41
N PHE C 208 -32.14 6.33 -66.85
CA PHE C 208 -32.04 7.55 -66.06
C PHE C 208 -32.69 7.37 -64.69
N ASP C 209 -33.89 6.79 -64.68
CA ASP C 209 -34.65 6.67 -63.44
C ASP C 209 -34.09 5.60 -62.51
N ALA C 210 -33.32 4.68 -63.08
CA ALA C 210 -32.80 3.56 -62.31
C ALA C 210 -31.41 3.86 -61.81
N ILE C 211 -30.80 4.89 -62.38
CA ILE C 211 -29.54 5.40 -61.87
C ILE C 211 -29.92 6.39 -60.78
N SER C 212 -30.87 7.26 -61.11
CA SER C 212 -31.30 8.31 -60.20
C SER C 212 -32.16 7.81 -59.03
N HIS C 213 -32.60 6.55 -59.08
CA HIS C 213 -33.31 6.00 -57.92
C HIS C 213 -32.40 5.13 -57.08
N SER C 214 -31.24 4.78 -57.63
CA SER C 214 -30.26 4.04 -56.87
C SER C 214 -29.43 5.05 -56.09
N PHE C 215 -29.16 6.19 -56.74
CA PHE C 215 -28.61 7.36 -56.06
C PHE C 215 -29.35 7.59 -54.74
N SER C 216 -30.66 7.70 -54.83
CA SER C 216 -31.47 8.01 -53.66
C SER C 216 -31.60 6.81 -52.72
N THR C 217 -31.76 5.61 -53.28
CA THR C 217 -32.06 4.46 -52.43
C THR C 217 -30.87 3.91 -51.65
N ILE C 218 -29.65 4.16 -52.13
CA ILE C 218 -28.49 3.65 -51.39
C ILE C 218 -28.05 4.64 -50.31
N ALA C 219 -28.16 5.93 -50.62
CA ALA C 219 -27.78 6.97 -49.67
C ALA C 219 -28.89 7.18 -48.65
N ILE C 220 -29.91 6.31 -48.71
CA ILE C 220 -31.09 6.41 -47.86
C ILE C 220 -31.55 7.86 -47.70
N GLY C 221 -32.00 8.45 -48.81
CA GLY C 221 -32.29 9.88 -48.88
C GLY C 221 -33.75 10.20 -49.06
N GLY C 222 -34.40 9.52 -50.01
CA GLY C 222 -35.83 9.65 -50.17
C GLY C 222 -36.26 10.42 -51.41
N PHE C 223 -35.32 11.08 -52.07
CA PHE C 223 -35.63 11.84 -53.29
C PHE C 223 -36.09 10.94 -54.44
N SER C 224 -36.89 11.49 -55.33
CA SER C 224 -37.39 10.74 -56.47
C SER C 224 -37.46 11.56 -57.75
N THR C 225 -37.77 10.90 -58.86
CA THR C 225 -38.07 11.58 -60.11
C THR C 225 -39.56 11.80 -60.23
N HIS C 226 -40.31 10.75 -59.91
CA HIS C 226 -41.77 10.84 -59.88
C HIS C 226 -42.24 11.63 -58.66
N ASP C 227 -43.16 12.57 -58.90
CA ASP C 227 -43.73 13.38 -57.82
C ASP C 227 -44.45 12.55 -56.76
N ALA C 228 -44.71 11.28 -57.08
CA ALA C 228 -45.35 10.37 -56.15
C ALA C 228 -44.35 9.32 -55.72
N SER C 229 -43.07 9.68 -55.84
CA SER C 229 -41.95 8.83 -55.46
C SER C 229 -42.07 7.40 -56.00
N MET C 230 -42.16 6.43 -55.10
CA MET C 230 -42.21 5.02 -55.50
C MET C 230 -43.61 4.58 -55.90
N GLY C 231 -44.39 5.52 -56.43
CA GLY C 231 -45.72 5.21 -56.93
C GLY C 231 -45.82 5.07 -58.45
N TYR C 232 -44.67 5.03 -59.13
CA TYR C 232 -44.67 4.88 -60.58
C TYR C 232 -45.30 3.55 -60.99
N PHE C 233 -44.57 2.48 -60.69
CA PHE C 233 -44.92 1.15 -61.11
C PHE C 233 -45.01 0.39 -59.81
N ASP C 234 -46.23 0.06 -59.40
CA ASP C 234 -46.46 -0.60 -58.12
C ASP C 234 -46.05 -2.06 -58.20
N SER C 235 -45.12 -2.36 -59.09
CA SER C 235 -44.60 -3.70 -59.27
C SER C 235 -43.81 -4.05 -58.02
N TYR C 236 -44.19 -5.18 -57.41
CA TYR C 236 -43.57 -5.66 -56.19
C TYR C 236 -42.09 -5.89 -56.42
N ALA C 237 -41.68 -5.89 -57.69
CA ALA C 237 -40.28 -6.02 -58.06
C ALA C 237 -39.50 -4.85 -57.49
N ILE C 238 -39.91 -3.62 -57.83
CA ILE C 238 -39.18 -2.44 -57.40
C ILE C 238 -39.35 -2.13 -55.91
N ASN C 239 -40.57 -2.32 -55.39
CA ASN C 239 -40.79 -2.17 -53.95
C ASN C 239 -39.89 -3.09 -53.15
N LEU C 240 -39.88 -4.37 -53.51
CA LEU C 240 -39.13 -5.37 -52.77
C LEU C 240 -37.65 -5.42 -53.18
N ILE C 241 -37.28 -4.61 -54.16
CA ILE C 241 -35.86 -4.39 -54.43
C ILE C 241 -35.37 -3.25 -53.54
N THR C 242 -36.10 -2.14 -53.57
CA THR C 242 -35.80 -0.97 -52.75
C THR C 242 -35.67 -1.37 -51.28
N VAL C 243 -36.60 -2.21 -50.81
CA VAL C 243 -36.51 -2.76 -49.46
C VAL C 243 -35.14 -3.40 -49.19
N VAL C 244 -34.79 -4.37 -50.02
CA VAL C 244 -33.59 -5.18 -49.79
C VAL C 244 -32.27 -4.42 -50.01
N PHE C 245 -32.31 -3.33 -50.77
CA PHE C 245 -31.11 -2.54 -50.95
C PHE C 245 -31.03 -1.46 -49.88
N LEU C 246 -32.18 -1.17 -49.28
CA LEU C 246 -32.24 -0.24 -48.15
C LEU C 246 -31.66 -0.91 -46.92
N LEU C 247 -32.24 -2.05 -46.55
CA LEU C 247 -31.75 -2.86 -45.44
C LEU C 247 -30.22 -3.03 -45.48
N ILE C 248 -29.69 -3.24 -46.68
CA ILE C 248 -28.25 -3.36 -46.85
C ILE C 248 -27.59 -1.99 -46.66
N SER C 249 -28.13 -0.98 -47.33
CA SER C 249 -27.61 0.37 -47.19
C SER C 249 -27.75 0.92 -45.77
N ALA C 250 -28.86 0.60 -45.13
CA ALA C 250 -29.11 1.06 -43.77
C ALA C 250 -28.37 0.28 -42.71
N CYS C 251 -27.19 -0.24 -43.04
CA CYS C 251 -26.53 -1.12 -42.08
C CYS C 251 -25.00 -1.16 -42.04
N ASN C 252 -24.39 -0.18 -41.38
CA ASN C 252 -23.02 -0.33 -40.87
C ASN C 252 -21.96 -0.70 -41.91
N PHE C 253 -21.51 0.28 -42.70
CA PHE C 253 -20.57 0.01 -43.79
C PHE C 253 -19.28 -0.67 -43.33
N THR C 254 -18.84 -0.33 -42.12
CA THR C 254 -17.66 -0.94 -41.55
C THR C 254 -17.89 -2.41 -41.24
N LEU C 255 -19.14 -2.74 -40.94
CA LEU C 255 -19.51 -4.11 -40.63
C LEU C 255 -19.54 -4.88 -41.94
N HIS C 256 -20.04 -4.22 -42.98
CA HIS C 256 -20.05 -4.77 -44.33
C HIS C 256 -18.66 -5.06 -44.86
N PHE C 257 -17.71 -4.28 -44.38
CA PHE C 257 -16.33 -4.41 -44.81
C PHE C 257 -15.80 -5.85 -44.59
N ALA C 258 -16.48 -6.64 -43.77
CA ALA C 258 -16.11 -8.05 -43.63
C ALA C 258 -16.59 -8.91 -44.80
N ALA C 259 -17.57 -8.42 -45.55
CA ALA C 259 -18.02 -9.12 -46.75
C ALA C 259 -16.89 -8.98 -47.76
N PHE C 260 -16.51 -7.73 -48.01
CA PHE C 260 -15.39 -7.40 -48.90
C PHE C 260 -13.99 -7.76 -48.42
N ALA C 261 -13.71 -7.66 -47.12
CA ALA C 261 -12.33 -7.90 -46.67
C ALA C 261 -11.87 -9.29 -47.04
N SER C 262 -11.12 -9.31 -48.14
CA SER C 262 -10.68 -10.52 -48.84
C SER C 262 -11.55 -11.76 -48.62
N GLY C 263 -12.54 -11.97 -49.49
CA GLY C 263 -13.36 -13.17 -49.41
C GLY C 263 -14.77 -13.00 -48.86
N GLY C 264 -15.68 -13.81 -49.41
CA GLY C 264 -17.09 -13.77 -49.03
C GLY C 264 -17.35 -14.43 -47.69
N VAL C 265 -16.45 -14.19 -46.72
CA VAL C 265 -16.59 -14.76 -45.39
C VAL C 265 -17.51 -13.88 -44.53
N HIS C 266 -18.39 -13.16 -45.22
CA HIS C 266 -19.45 -12.34 -44.61
C HIS C 266 -20.30 -12.99 -43.48
N PRO C 267 -20.93 -14.18 -43.71
CA PRO C 267 -22.06 -14.69 -42.91
C PRO C 267 -22.11 -14.35 -41.42
N LYS C 268 -21.08 -14.70 -40.66
CA LYS C 268 -21.14 -14.66 -39.20
C LYS C 268 -21.01 -13.26 -38.60
N TYR C 269 -20.16 -12.44 -39.22
CA TYR C 269 -19.90 -11.07 -38.77
C TYR C 269 -21.16 -10.29 -38.38
N TYR C 270 -22.17 -10.37 -39.21
CA TYR C 270 -23.44 -9.71 -38.95
C TYR C 270 -24.07 -10.18 -37.65
N TRP C 271 -24.42 -11.46 -37.66
CA TRP C 271 -25.17 -12.02 -36.55
C TRP C 271 -24.34 -12.14 -35.29
N LYS C 272 -23.08 -11.74 -35.38
CA LYS C 272 -22.25 -11.59 -34.20
C LYS C 272 -22.57 -10.28 -33.50
N ASP C 273 -22.33 -9.18 -34.22
CA ASP C 273 -22.59 -7.83 -33.72
C ASP C 273 -24.05 -7.69 -33.34
N PRO C 274 -24.33 -7.30 -32.07
CA PRO C 274 -25.71 -7.19 -31.59
C PRO C 274 -26.41 -5.94 -32.08
N GLU C 275 -25.68 -4.99 -32.65
CA GLU C 275 -26.31 -3.82 -33.25
C GLU C 275 -27.16 -4.29 -34.43
N PHE C 276 -26.53 -4.99 -35.37
CA PHE C 276 -27.24 -5.54 -36.52
C PHE C 276 -28.38 -6.46 -36.08
N ARG C 277 -28.07 -7.34 -35.14
CA ARG C 277 -29.02 -8.28 -34.57
C ARG C 277 -30.28 -7.57 -34.04
N ALA C 278 -30.05 -6.38 -33.46
CA ALA C 278 -31.14 -5.59 -32.90
C ALA C 278 -31.91 -4.87 -33.98
N PHE C 279 -31.19 -4.24 -34.90
CA PHE C 279 -31.77 -3.62 -36.08
C PHE C 279 -32.70 -4.59 -36.81
N ILE C 280 -32.33 -5.87 -36.77
CA ILE C 280 -33.10 -6.92 -37.46
C ILE C 280 -34.33 -7.29 -36.65
N PHE C 281 -34.17 -7.49 -35.34
CA PHE C 281 -35.34 -7.75 -34.50
C PHE C 281 -36.37 -6.64 -34.61
N ILE C 282 -35.87 -5.41 -34.52
CA ILE C 282 -36.67 -4.20 -34.63
C ILE C 282 -37.42 -4.17 -35.95
N GLN C 283 -36.69 -4.30 -37.06
CA GLN C 283 -37.31 -4.26 -38.39
C GLN C 283 -38.43 -5.30 -38.50
N VAL C 284 -38.12 -6.53 -38.07
CA VAL C 284 -39.09 -7.62 -38.13
C VAL C 284 -40.35 -7.29 -37.34
N LEU C 285 -40.19 -7.01 -36.04
CA LEU C 285 -41.31 -6.70 -35.17
C LEU C 285 -42.18 -5.56 -35.70
N LEU C 286 -41.52 -4.50 -36.15
CA LEU C 286 -42.21 -3.32 -36.67
C LEU C 286 -43.08 -3.70 -37.87
N PHE C 287 -42.45 -4.38 -38.83
CA PHE C 287 -43.22 -4.87 -39.98
C PHE C 287 -44.37 -5.75 -39.55
N LEU C 288 -44.07 -6.81 -38.81
CA LEU C 288 -45.04 -7.76 -38.29
C LEU C 288 -46.30 -7.08 -37.77
N VAL C 289 -46.14 -6.24 -36.75
CA VAL C 289 -47.29 -5.52 -36.21
C VAL C 289 -48.01 -4.68 -37.26
N CYS C 290 -47.25 -3.96 -38.10
CA CYS C 290 -47.87 -3.14 -39.14
C CYS C 290 -48.76 -3.97 -40.08
N PHE C 291 -48.17 -4.95 -40.74
CA PHE C 291 -48.83 -5.97 -41.54
C PHE C 291 -50.09 -6.54 -40.88
N LEU C 292 -49.94 -7.10 -39.69
CA LEU C 292 -51.07 -7.70 -38.98
C LEU C 292 -52.21 -6.72 -38.69
N LEU C 293 -51.87 -5.45 -38.47
CA LEU C 293 -52.92 -4.45 -38.25
C LEU C 293 -53.59 -3.99 -39.55
N LEU C 294 -52.79 -3.87 -40.61
CA LEU C 294 -53.34 -3.56 -41.93
C LEU C 294 -54.24 -4.70 -42.40
N LEU C 295 -54.04 -5.87 -41.83
CA LEU C 295 -54.90 -7.01 -42.14
C LEU C 295 -56.16 -6.99 -41.28
N LYS C 296 -55.98 -6.82 -39.97
CA LYS C 296 -57.10 -6.79 -39.05
C LYS C 296 -58.12 -5.70 -39.41
N HIS C 297 -57.63 -4.60 -40.00
CA HIS C 297 -58.46 -3.45 -40.29
C HIS C 297 -59.04 -3.54 -41.70
N HIS C 298 -58.57 -4.54 -42.45
CA HIS C 298 -58.98 -4.72 -43.84
C HIS C 298 -58.66 -3.47 -44.62
N SER C 299 -57.40 -3.03 -44.52
CA SER C 299 -56.98 -1.77 -45.12
C SER C 299 -56.50 -1.99 -46.56
N TYR C 300 -56.43 -3.25 -46.96
CA TYR C 300 -56.05 -3.57 -48.33
C TYR C 300 -56.89 -4.71 -48.91
N THR C 301 -57.32 -4.50 -50.16
CA THR C 301 -58.20 -5.41 -50.87
C THR C 301 -57.70 -6.85 -50.84
N SER C 302 -56.47 -7.06 -51.31
CA SER C 302 -55.89 -8.39 -51.31
C SER C 302 -54.83 -8.49 -50.21
N PRO C 303 -54.87 -9.59 -49.44
CA PRO C 303 -53.85 -9.90 -48.41
C PRO C 303 -52.43 -10.04 -48.95
N TYR C 304 -52.21 -9.71 -50.21
CA TYR C 304 -50.86 -9.60 -50.77
C TYR C 304 -50.42 -8.14 -50.78
N ASP C 305 -51.21 -7.27 -51.38
CA ASP C 305 -50.97 -5.82 -51.32
C ASP C 305 -50.81 -5.29 -49.90
N ALA C 306 -51.47 -5.94 -48.94
CA ALA C 306 -51.33 -5.58 -47.54
C ALA C 306 -49.88 -5.84 -47.14
N PHE C 307 -49.44 -7.06 -47.41
CA PHE C 307 -48.05 -7.47 -47.20
C PHE C 307 -47.08 -6.49 -47.85
N ASP C 308 -47.28 -6.26 -49.15
CA ASP C 308 -46.47 -5.31 -49.92
C ASP C 308 -46.32 -3.97 -49.22
N GLN C 309 -47.44 -3.29 -49.02
CA GLN C 309 -47.42 -1.92 -48.54
C GLN C 309 -46.87 -1.84 -47.11
N ALA C 310 -47.25 -2.81 -46.28
CA ALA C 310 -46.73 -2.87 -44.92
C ALA C 310 -45.20 -2.99 -44.93
N LEU C 311 -44.70 -4.07 -45.54
CA LEU C 311 -43.28 -4.33 -45.63
C LEU C 311 -42.46 -3.17 -46.21
N PHE C 312 -42.96 -2.53 -47.26
CA PHE C 312 -42.20 -1.43 -47.86
C PHE C 312 -42.24 -0.19 -46.97
N GLN C 313 -43.40 0.08 -46.39
CA GLN C 313 -43.60 1.29 -45.60
C GLN C 313 -42.81 1.28 -44.30
N THR C 314 -42.83 0.16 -43.58
CA THR C 314 -42.05 0.07 -42.34
C THR C 314 -40.56 0.29 -42.58
N VAL C 315 -39.99 -0.51 -43.47
CA VAL C 315 -38.57 -0.39 -43.79
C VAL C 315 -38.17 0.99 -44.32
N SER C 316 -38.96 1.53 -45.24
CA SER C 316 -38.65 2.83 -45.81
C SER C 316 -38.73 3.95 -44.76
N ILE C 317 -39.80 3.96 -43.99
CA ILE C 317 -40.05 5.08 -43.09
C ILE C 317 -39.18 5.01 -41.84
N SER C 318 -38.94 3.80 -41.35
CA SER C 318 -38.23 3.63 -40.08
C SER C 318 -36.71 3.69 -40.23
N THR C 319 -36.19 3.24 -41.36
CA THR C 319 -34.73 3.28 -41.57
C THR C 319 -34.31 4.59 -42.19
N THR C 320 -35.18 5.60 -42.06
CA THR C 320 -34.85 6.98 -42.40
C THR C 320 -34.75 7.15 -43.92
N ALA C 321 -35.40 6.27 -44.66
CA ALA C 321 -35.34 6.35 -46.12
C ALA C 321 -36.22 7.48 -46.64
N GLY C 322 -37.54 7.35 -46.44
CA GLY C 322 -38.46 8.38 -46.86
C GLY C 322 -39.39 8.01 -47.99
N PHE C 323 -38.95 7.08 -48.84
CA PHE C 323 -39.77 6.61 -49.96
C PHE C 323 -41.16 6.18 -49.50
N THR C 324 -42.19 6.68 -50.20
CA THR C 324 -43.55 6.27 -49.90
C THR C 324 -44.20 5.59 -51.09
N THR C 325 -44.98 4.55 -50.83
CA THR C 325 -45.63 3.78 -51.88
C THR C 325 -47.14 3.84 -51.72
N THR C 326 -47.59 4.36 -50.59
CA THR C 326 -49.02 4.56 -50.36
C THR C 326 -49.24 6.01 -49.96
N GLY C 327 -50.44 6.29 -49.44
CA GLY C 327 -50.73 7.60 -48.88
C GLY C 327 -51.46 7.48 -47.56
N PHE C 328 -51.47 6.25 -47.03
CA PHE C 328 -52.12 5.94 -45.77
C PHE C 328 -53.59 6.27 -45.85
N ALA C 329 -54.21 5.88 -46.96
CA ALA C 329 -55.62 6.10 -47.23
C ALA C 329 -56.50 5.26 -46.30
N ASP C 330 -56.24 3.96 -46.29
CA ASP C 330 -57.03 3.03 -45.49
C ASP C 330 -56.37 2.73 -44.14
N TRP C 331 -55.17 3.27 -43.95
CA TRP C 331 -54.34 3.01 -42.77
C TRP C 331 -54.87 3.59 -41.45
N PRO C 332 -54.98 2.74 -40.41
CA PRO C 332 -55.30 3.17 -39.04
C PRO C 332 -54.25 4.13 -38.49
N LEU C 333 -54.68 5.26 -37.93
CA LEU C 333 -53.80 6.35 -37.49
C LEU C 333 -52.60 5.87 -36.65
N PHE C 334 -52.87 4.81 -35.89
CA PHE C 334 -51.88 4.15 -35.04
C PHE C 334 -50.62 3.80 -35.84
N LEU C 335 -50.81 3.54 -37.12
CA LEU C 335 -49.73 3.09 -37.99
C LEU C 335 -48.80 4.19 -38.51
N PRO C 336 -49.36 5.28 -39.08
CA PRO C 336 -48.42 6.34 -39.47
C PRO C 336 -47.85 7.07 -38.25
N VAL C 337 -48.58 7.10 -37.14
CA VAL C 337 -48.03 7.72 -35.94
C VAL C 337 -46.87 6.88 -35.40
N LEU C 338 -47.13 5.58 -35.18
CA LEU C 338 -46.09 4.68 -34.70
C LEU C 338 -44.90 4.62 -35.65
N LEU C 339 -45.15 4.79 -36.94
CA LEU C 339 -44.05 4.81 -37.91
C LEU C 339 -43.21 6.08 -37.76
N LEU C 340 -43.88 7.24 -37.66
CA LEU C 340 -43.15 8.49 -37.50
C LEU C 340 -42.35 8.46 -36.20
N PHE C 341 -42.81 7.66 -35.24
CA PHE C 341 -42.07 7.50 -33.99
C PHE C 341 -40.89 6.54 -34.12
N SER C 342 -41.12 5.39 -34.74
CA SER C 342 -40.05 4.44 -34.99
C SER C 342 -38.99 5.02 -35.92
N SER C 343 -39.33 6.11 -36.59
CA SER C 343 -38.40 6.83 -37.44
C SER C 343 -37.23 7.38 -36.63
N PHE C 344 -37.40 7.43 -35.31
CA PHE C 344 -36.36 7.93 -34.42
C PHE C 344 -35.23 6.91 -34.27
N ILE C 345 -35.51 5.66 -34.65
CA ILE C 345 -34.55 4.58 -34.52
C ILE C 345 -34.29 4.01 -35.90
N GLY C 346 -33.27 4.49 -36.60
CA GLY C 346 -33.04 4.00 -37.94
C GLY C 346 -31.62 3.94 -38.44
N GLY C 347 -31.11 2.73 -38.64
CA GLY C 347 -29.81 2.58 -39.25
C GLY C 347 -28.77 2.06 -38.28
N CYS C 348 -28.12 0.95 -38.63
CA CYS C 348 -26.91 0.55 -37.93
C CYS C 348 -26.00 1.78 -37.87
N ALA C 349 -25.38 2.01 -36.71
CA ALA C 349 -24.53 3.19 -36.56
C ALA C 349 -23.36 3.13 -37.54
N GLY C 350 -23.03 4.27 -38.12
CA GLY C 350 -22.03 4.35 -39.16
C GLY C 350 -22.55 3.82 -40.48
N SER C 351 -23.78 4.18 -40.80
CA SER C 351 -24.39 3.94 -42.10
C SER C 351 -24.88 5.28 -42.66
N THR C 352 -25.78 5.21 -43.63
CA THR C 352 -26.32 6.43 -44.24
C THR C 352 -27.71 6.83 -43.72
N GLY C 353 -28.05 6.37 -42.52
CA GLY C 353 -29.41 6.58 -42.00
C GLY C 353 -29.63 7.87 -41.25
N GLY C 354 -29.34 7.88 -39.96
CA GLY C 354 -29.41 9.10 -39.18
C GLY C 354 -30.60 9.39 -38.25
N GLY C 355 -31.12 8.37 -37.58
CA GLY C 355 -31.98 8.59 -36.42
C GLY C 355 -31.08 8.88 -35.24
N MET C 356 -31.57 8.66 -34.02
CA MET C 356 -30.64 8.40 -32.92
C MET C 356 -30.29 6.94 -33.04
N LYS C 357 -29.22 6.67 -33.80
CA LYS C 357 -28.92 5.35 -34.39
C LYS C 357 -29.14 4.14 -33.48
N VAL C 358 -29.45 3.00 -34.09
CA VAL C 358 -29.83 1.77 -33.39
C VAL C 358 -29.14 1.48 -32.05
N ILE C 359 -27.80 1.45 -32.06
CA ILE C 359 -27.03 1.22 -30.82
C ILE C 359 -27.42 2.17 -29.70
N ARG C 360 -27.69 3.44 -30.04
CA ARG C 360 -28.17 4.38 -29.04
C ARG C 360 -29.40 3.85 -28.32
N ILE C 361 -30.38 3.37 -29.09
CA ILE C 361 -31.62 2.84 -28.50
C ILE C 361 -31.37 1.56 -27.71
N LEU C 362 -30.51 0.69 -28.27
CA LEU C 362 -30.10 -0.54 -27.60
C LEU C 362 -29.54 -0.20 -26.22
N LEU C 363 -28.49 0.61 -26.22
CA LEU C 363 -27.83 1.08 -25.02
C LEU C 363 -28.84 1.67 -24.07
N LEU C 364 -29.66 2.58 -24.58
CA LEU C 364 -30.66 3.26 -23.78
C LEU C 364 -31.51 2.27 -23.00
N THR C 365 -32.11 1.31 -23.71
CA THR C 365 -32.91 0.27 -23.06
C THR C 365 -32.11 -0.50 -22.02
N LEU C 366 -30.87 -0.86 -22.36
CA LEU C 366 -30.00 -1.52 -21.40
C LEU C 366 -29.83 -0.70 -20.11
N GLN C 367 -29.46 0.56 -20.26
CA GLN C 367 -29.17 1.47 -19.16
C GLN C 367 -30.39 1.66 -18.28
N GLY C 368 -31.54 1.84 -18.91
CA GLY C 368 -32.78 2.01 -18.17
C GLY C 368 -33.12 0.72 -17.43
N ALA C 369 -32.85 -0.41 -18.08
CA ALA C 369 -33.10 -1.71 -17.47
C ALA C 369 -32.30 -1.79 -16.18
N ARG C 370 -31.03 -1.44 -16.28
CA ARG C 370 -30.16 -1.32 -15.12
C ARG C 370 -30.80 -0.44 -14.05
N GLU C 371 -31.12 0.81 -14.40
CA GLU C 371 -31.78 1.74 -13.47
C GLU C 371 -32.98 1.14 -12.75
N LEU C 372 -33.73 0.29 -13.45
CA LEU C 372 -34.88 -0.37 -12.86
C LEU C 372 -34.46 -1.52 -11.97
N LYS C 373 -33.32 -2.12 -12.28
CA LYS C 373 -32.82 -3.24 -11.49
C LYS C 373 -32.23 -2.74 -10.17
N ARG C 374 -31.48 -1.64 -10.24
CA ARG C 374 -30.85 -1.06 -9.06
C ARG C 374 -31.90 -0.69 -8.03
N LEU C 375 -33.08 -0.30 -8.49
CA LEU C 375 -34.19 0.02 -7.60
C LEU C 375 -34.55 -1.16 -6.70
N VAL C 376 -34.50 -2.36 -7.25
CA VAL C 376 -34.83 -3.56 -6.49
C VAL C 376 -33.74 -3.89 -5.47
N HIS C 377 -32.57 -4.29 -5.99
CA HIS C 377 -31.40 -4.52 -5.16
C HIS C 377 -30.43 -3.35 -5.35
N PRO C 378 -30.32 -2.48 -4.34
CA PRO C 378 -29.56 -1.24 -4.57
C PRO C 378 -28.11 -1.39 -4.19
N ARG C 379 -27.80 -2.42 -3.40
CA ARG C 379 -26.44 -2.66 -2.98
C ARG C 379 -25.68 -3.50 -4.00
N ALA C 380 -26.30 -3.74 -5.14
CA ALA C 380 -25.75 -4.66 -6.12
C ALA C 380 -24.97 -3.94 -7.21
N VAL C 381 -24.04 -4.68 -7.82
CA VAL C 381 -23.20 -4.13 -8.88
C VAL C 381 -23.65 -4.65 -10.24
N TYR C 382 -24.37 -3.83 -10.99
CA TYR C 382 -24.83 -4.19 -12.33
C TYR C 382 -23.99 -3.51 -13.40
N THR C 383 -23.63 -4.24 -14.46
CA THR C 383 -22.83 -3.67 -15.54
C THR C 383 -23.56 -3.71 -16.89
N ILE C 384 -23.34 -2.69 -17.70
CA ILE C 384 -23.95 -2.58 -19.02
C ILE C 384 -23.16 -3.42 -20.01
N LYS C 385 -23.80 -4.42 -20.60
CA LYS C 385 -23.12 -5.33 -21.50
C LYS C 385 -23.66 -5.29 -22.93
N VAL C 386 -22.78 -5.06 -23.89
CA VAL C 386 -23.16 -5.09 -25.30
C VAL C 386 -22.66 -6.36 -25.98
N GLY C 387 -21.36 -6.44 -26.25
CA GLY C 387 -20.82 -7.62 -26.91
C GLY C 387 -20.21 -8.57 -25.90
N GLY C 388 -19.15 -8.10 -25.25
CA GLY C 388 -18.55 -8.82 -24.15
C GLY C 388 -18.20 -7.83 -23.07
N SER C 389 -17.23 -6.95 -23.37
CA SER C 389 -16.80 -5.93 -22.42
C SER C 389 -17.93 -4.96 -22.10
N ALA C 390 -17.94 -4.47 -20.87
CA ALA C 390 -18.92 -3.46 -20.43
C ALA C 390 -18.67 -2.10 -21.04
N LEU C 391 -19.67 -1.23 -20.98
CA LEU C 391 -19.53 0.13 -21.47
C LEU C 391 -19.00 0.95 -20.30
N PRO C 392 -18.09 1.89 -20.57
CA PRO C 392 -17.54 2.73 -19.49
C PRO C 392 -18.52 3.83 -19.11
N GLN C 393 -18.40 4.38 -17.91
CA GLN C 393 -19.38 5.34 -17.41
C GLN C 393 -19.07 6.73 -17.98
N ARG C 394 -18.60 6.73 -19.22
CA ARG C 394 -18.26 7.96 -19.92
C ARG C 394 -19.06 7.94 -21.21
N VAL C 395 -19.53 6.76 -21.57
CA VAL C 395 -20.23 6.54 -22.82
C VAL C 395 -21.73 6.33 -22.53
N VAL C 396 -22.03 5.72 -21.39
CA VAL C 396 -23.41 5.65 -20.91
C VAL C 396 -23.94 7.07 -20.67
N ASP C 397 -23.08 7.89 -20.06
CA ASP C 397 -23.38 9.29 -19.78
C ASP C 397 -23.66 10.02 -21.08
N ALA C 398 -22.81 9.75 -22.06
CA ALA C 398 -22.90 10.40 -23.35
C ALA C 398 -24.19 10.02 -24.05
N VAL C 399 -24.55 8.74 -24.02
CA VAL C 399 -25.79 8.27 -24.65
C VAL C 399 -26.99 8.96 -24.03
N TRP C 400 -27.09 8.93 -22.70
CA TRP C 400 -28.23 9.55 -22.03
C TRP C 400 -28.33 11.05 -22.33
N GLY C 401 -27.18 11.72 -22.26
CA GLY C 401 -27.13 13.16 -22.51
C GLY C 401 -27.56 13.46 -23.93
N PHE C 402 -27.14 12.59 -24.85
CA PHE C 402 -27.51 12.72 -26.24
C PHE C 402 -29.02 12.63 -26.41
N PHE C 403 -29.63 11.64 -25.79
CA PHE C 403 -31.08 11.48 -25.90
C PHE C 403 -31.79 12.73 -25.39
N SER C 404 -31.34 13.23 -24.23
CA SER C 404 -31.92 14.45 -23.68
C SER C 404 -31.82 15.60 -24.67
N ALA C 405 -30.59 15.92 -25.08
CA ALA C 405 -30.35 16.94 -26.10
C ALA C 405 -31.27 16.80 -27.32
N TYR C 406 -31.42 15.57 -27.79
CA TYR C 406 -32.32 15.27 -28.91
C TYR C 406 -33.72 15.79 -28.60
N ALA C 407 -34.23 15.39 -27.43
CA ALA C 407 -35.55 15.85 -27.01
C ALA C 407 -35.65 17.39 -27.01
N LEU C 408 -34.70 18.03 -26.34
CA LEU C 408 -34.60 19.49 -26.30
C LEU C 408 -34.73 20.11 -27.68
N VAL C 409 -33.78 19.79 -28.56
CA VAL C 409 -33.78 20.28 -29.94
C VAL C 409 -35.13 20.08 -30.61
N PHE C 410 -35.69 18.87 -30.48
CA PHE C 410 -36.99 18.56 -31.08
C PHE C 410 -38.06 19.55 -30.63
N VAL C 411 -38.19 19.70 -29.32
CA VAL C 411 -39.24 20.56 -28.76
C VAL C 411 -38.99 22.05 -29.07
N VAL C 412 -37.72 22.43 -29.16
CA VAL C 412 -37.33 23.79 -29.51
C VAL C 412 -37.73 24.13 -30.95
N CYS C 413 -37.32 23.32 -31.91
CA CYS C 413 -37.71 23.58 -33.28
C CYS C 413 -39.22 23.40 -33.50
N MET C 414 -39.86 22.57 -32.67
CA MET C 414 -41.30 22.38 -32.76
C MET C 414 -42.02 23.66 -32.36
N LEU C 415 -41.53 24.27 -31.28
CA LEU C 415 -42.06 25.55 -30.83
C LEU C 415 -41.73 26.67 -31.83
N GLY C 416 -40.49 26.69 -32.31
CA GLY C 416 -40.06 27.62 -33.33
C GLY C 416 -40.96 27.59 -34.56
N LEU C 417 -41.42 26.41 -34.91
CA LEU C 417 -42.35 26.24 -36.02
C LEU C 417 -43.75 26.73 -35.67
N ILE C 418 -44.22 26.39 -34.47
CA ILE C 418 -45.53 26.90 -34.07
C ILE C 418 -45.53 28.44 -34.00
N ALA C 419 -44.36 29.00 -33.71
CA ALA C 419 -44.17 30.44 -33.64
C ALA C 419 -44.04 31.10 -35.01
N THR C 420 -43.34 30.44 -35.93
CA THR C 420 -43.23 30.96 -37.30
C THR C 420 -44.61 31.17 -37.93
N GLY C 421 -45.57 30.34 -37.54
CA GLY C 421 -46.90 30.43 -38.11
C GLY C 421 -47.58 29.08 -38.28
N MET C 422 -46.80 28.04 -38.50
CA MET C 422 -47.36 26.71 -38.75
C MET C 422 -48.30 26.27 -37.62
N ASP C 423 -49.18 25.33 -37.92
CA ASP C 423 -50.10 24.81 -36.92
C ASP C 423 -49.43 23.70 -36.12
N GLU C 424 -50.08 23.25 -35.06
CA GLU C 424 -49.44 22.42 -34.05
C GLU C 424 -48.93 21.05 -34.56
N LEU C 425 -49.84 20.25 -35.08
CA LEU C 425 -49.50 18.88 -35.46
C LEU C 425 -48.55 18.85 -36.65
N SER C 426 -48.71 19.83 -37.54
CA SER C 426 -47.85 19.93 -38.71
C SER C 426 -46.45 20.27 -38.29
N ALA C 427 -46.33 21.14 -37.29
CA ALA C 427 -45.01 21.48 -36.75
C ALA C 427 -44.37 20.27 -36.08
N PHE C 428 -45.20 19.45 -35.43
CA PHE C 428 -44.70 18.24 -34.78
C PHE C 428 -44.13 17.27 -35.81
N SER C 429 -44.92 17.00 -36.84
CA SER C 429 -44.47 16.13 -37.91
C SER C 429 -43.27 16.71 -38.62
N ALA C 430 -43.25 18.03 -38.78
CA ALA C 430 -42.17 18.70 -39.50
C ALA C 430 -40.84 18.48 -38.83
N VAL C 431 -40.76 18.83 -37.55
CA VAL C 431 -39.52 18.54 -36.82
C VAL C 431 -39.21 17.05 -36.86
N ALA C 432 -40.20 16.22 -36.52
CA ALA C 432 -40.02 14.77 -36.55
C ALA C 432 -39.59 14.23 -37.92
N ALA C 433 -39.67 15.06 -38.95
CA ALA C 433 -39.31 14.63 -40.29
C ALA C 433 -37.98 15.21 -40.75
N THR C 434 -37.58 16.33 -40.14
CA THR C 434 -36.32 16.95 -40.54
C THR C 434 -35.23 16.71 -39.50
N LEU C 435 -35.60 16.29 -38.30
CA LEU C 435 -34.61 16.07 -37.25
C LEU C 435 -34.12 14.64 -37.39
N ASN C 436 -34.96 13.80 -37.97
CA ASN C 436 -34.56 12.45 -38.28
C ASN C 436 -34.09 12.35 -39.71
N ASN C 437 -34.41 13.36 -40.52
CA ASN C 437 -34.14 13.36 -41.96
C ASN C 437 -34.97 12.30 -42.68
N LEU C 438 -36.29 12.47 -42.69
CA LEU C 438 -37.17 11.45 -43.29
C LEU C 438 -37.31 11.48 -44.84
N GLY C 439 -38.01 12.45 -45.46
CA GLY C 439 -38.70 13.59 -44.87
C GLY C 439 -40.20 13.73 -45.10
N PRO C 440 -40.96 12.62 -45.24
CA PRO C 440 -42.41 12.86 -45.38
C PRO C 440 -43.08 13.26 -44.07
N GLY C 441 -44.08 14.12 -44.17
CA GLY C 441 -44.90 14.55 -43.04
C GLY C 441 -45.39 13.41 -42.15
N LEU C 442 -46.16 12.49 -42.74
CA LEU C 442 -46.48 11.21 -42.12
C LEU C 442 -47.43 11.27 -40.91
N GLY C 443 -47.72 12.47 -40.44
CA GLY C 443 -48.54 12.62 -39.24
C GLY C 443 -50.00 12.34 -39.54
N GLU C 444 -50.66 13.30 -40.18
CA GLU C 444 -52.05 13.16 -40.53
C GLU C 444 -52.26 13.79 -41.90
N VAL C 445 -51.47 13.34 -42.87
CA VAL C 445 -51.53 13.82 -44.25
C VAL C 445 -51.38 15.35 -44.33
N ALA C 446 -50.27 15.86 -43.81
CA ALA C 446 -49.95 17.28 -43.90
C ALA C 446 -48.53 17.49 -44.41
N LEU C 447 -48.07 16.56 -45.26
CA LEU C 447 -46.65 16.45 -45.58
C LEU C 447 -45.98 17.58 -46.37
N HIS C 448 -46.75 18.29 -47.19
CA HIS C 448 -46.14 19.01 -48.32
C HIS C 448 -45.59 20.41 -48.02
N PHE C 449 -44.28 20.50 -48.12
CA PHE C 449 -43.50 21.66 -47.66
C PHE C 449 -43.46 22.85 -48.61
N GLY C 450 -43.76 22.60 -49.89
CA GLY C 450 -43.69 23.63 -50.93
C GLY C 450 -44.17 25.01 -50.53
N ASP C 451 -45.37 25.09 -49.98
CA ASP C 451 -45.98 26.39 -49.69
C ASP C 451 -46.07 26.69 -48.19
N VAL C 452 -45.29 25.97 -47.38
CA VAL C 452 -45.23 26.25 -45.95
C VAL C 452 -44.55 27.61 -45.74
N ASN C 453 -44.71 28.17 -44.55
CA ASN C 453 -44.10 29.45 -44.18
C ASN C 453 -42.63 29.54 -44.59
N ASP C 454 -42.19 30.74 -44.93
CA ASP C 454 -40.82 30.97 -45.42
C ASP C 454 -39.77 30.84 -44.33
N LYS C 455 -40.05 31.43 -43.16
CA LYS C 455 -39.17 31.30 -42.01
C LYS C 455 -39.09 29.83 -41.61
N ALA C 456 -40.25 29.18 -41.58
CA ALA C 456 -40.37 27.77 -41.24
C ALA C 456 -39.42 26.88 -42.03
N LYS C 457 -39.20 27.25 -43.29
CA LYS C 457 -38.31 26.49 -44.16
C LYS C 457 -36.91 26.57 -43.59
N TRP C 458 -36.52 27.78 -43.19
CA TRP C 458 -35.23 28.02 -42.56
C TRP C 458 -35.08 27.22 -41.26
N VAL C 459 -36.06 27.38 -40.37
CA VAL C 459 -36.13 26.58 -39.16
C VAL C 459 -35.88 25.10 -39.44
N LEU C 460 -36.61 24.56 -40.42
CA LEU C 460 -36.47 23.15 -40.77
C LEU C 460 -35.08 22.82 -41.31
N ILE C 461 -34.46 23.79 -41.97
CA ILE C 461 -33.07 23.64 -42.41
C ILE C 461 -32.15 23.47 -41.21
N VAL C 462 -32.27 24.38 -40.24
CA VAL C 462 -31.59 24.22 -38.97
C VAL C 462 -31.81 22.81 -38.41
N SER C 463 -33.08 22.44 -38.28
CA SER C 463 -33.48 21.11 -37.82
C SER C 463 -32.77 19.95 -38.49
N MET C 464 -32.56 20.03 -39.81
CA MET C 464 -31.89 18.92 -40.50
C MET C 464 -30.36 19.01 -40.49
N LEU C 465 -29.83 20.20 -40.24
CA LEU C 465 -28.40 20.33 -39.97
C LEU C 465 -28.10 19.71 -38.61
N PHE C 466 -28.94 20.01 -37.62
CA PHE C 466 -28.90 19.35 -36.33
C PHE C 466 -29.01 17.84 -36.53
N GLY C 467 -30.02 17.43 -37.28
CA GLY C 467 -30.26 16.03 -37.56
C GLY C 467 -29.07 15.30 -38.16
N ARG C 468 -28.29 16.03 -38.96
CA ARG C 468 -27.11 15.43 -39.56
C ARG C 468 -25.98 15.25 -38.55
N LEU C 469 -25.55 16.36 -37.97
CA LEU C 469 -24.38 16.39 -37.12
C LEU C 469 -24.55 15.69 -35.76
N GLU C 470 -25.59 14.87 -35.64
CA GLU C 470 -25.89 14.18 -34.39
C GLU C 470 -26.01 15.12 -33.19
N ILE C 471 -26.39 16.37 -33.46
CA ILE C 471 -26.86 17.31 -32.45
C ILE C 471 -25.78 17.96 -31.58
N PHE C 472 -24.83 17.17 -31.12
CA PHE C 472 -23.81 17.71 -30.22
C PHE C 472 -22.84 18.59 -30.99
N THR C 473 -22.35 18.07 -32.11
CA THR C 473 -21.22 18.71 -32.80
C THR C 473 -21.60 20.05 -33.46
N LEU C 474 -22.78 20.55 -33.11
CA LEU C 474 -23.21 21.87 -33.54
C LEU C 474 -23.64 22.65 -32.30
N LEU C 475 -24.32 21.97 -31.38
CA LEU C 475 -24.68 22.56 -30.09
C LEU C 475 -23.48 23.15 -29.37
N ILE C 476 -22.37 22.41 -29.36
CA ILE C 476 -21.18 22.89 -28.65
C ILE C 476 -20.56 24.13 -29.29
N LEU C 477 -20.95 24.43 -30.53
CA LEU C 477 -20.36 25.55 -31.26
C LEU C 477 -20.74 26.88 -30.64
N LEU C 478 -21.83 26.87 -29.86
CA LEU C 478 -22.33 28.09 -29.25
C LEU C 478 -22.20 28.13 -27.72
N THR C 479 -21.52 27.14 -27.16
CA THR C 479 -21.10 27.23 -25.75
C THR C 479 -19.89 28.15 -25.66
N PRO C 480 -19.80 28.93 -24.56
CA PRO C 480 -18.63 29.80 -24.41
C PRO C 480 -17.37 28.95 -24.33
N THR C 481 -17.49 27.79 -23.69
CA THR C 481 -16.35 26.91 -23.43
C THR C 481 -15.63 26.50 -24.71
N PHE C 482 -16.34 26.49 -25.82
CA PHE C 482 -15.76 26.13 -27.12
C PHE C 482 -14.65 27.09 -27.55
N TRP C 483 -14.83 28.36 -27.24
CA TRP C 483 -13.83 29.38 -27.56
C TRP C 483 -13.22 29.99 -26.30
N ARG C 484 -11.91 29.88 -26.14
CA ARG C 484 -10.99 29.30 -27.12
C ARG C 484 -9.72 28.79 -26.45
N MET D 1 -41.48 -11.85 1.13
CA MET D 1 -42.47 -11.00 0.47
C MET D 1 -43.51 -10.48 1.45
N GLN D 2 -44.12 -11.41 2.19
CA GLN D 2 -45.04 -11.12 3.29
C GLN D 2 -46.15 -10.09 3.04
N PHE D 3 -47.08 -10.47 2.18
CA PHE D 3 -48.24 -9.63 1.83
C PHE D 3 -49.25 -9.63 2.96
N ARG D 4 -49.07 -10.53 3.91
CA ARG D 4 -50.05 -10.79 4.94
C ARG D 4 -50.10 -9.62 5.91
N SER D 5 -48.99 -8.90 6.01
CA SER D 5 -48.87 -7.77 6.92
C SER D 5 -49.14 -6.49 6.13
N ILE D 6 -49.12 -6.62 4.80
CA ILE D 6 -49.39 -5.50 3.91
C ILE D 6 -50.91 -5.24 3.88
N ILE D 7 -51.65 -6.34 3.91
CA ILE D 7 -53.11 -6.29 3.87
C ILE D 7 -53.63 -5.66 5.15
N ARG D 8 -52.88 -5.84 6.24
CA ARG D 8 -53.18 -5.19 7.51
C ARG D 8 -53.27 -3.68 7.31
N ILE D 9 -52.27 -3.14 6.63
CA ILE D 9 -52.18 -1.70 6.42
C ILE D 9 -53.23 -1.28 5.41
N VAL D 10 -53.52 -2.16 4.46
CA VAL D 10 -54.53 -1.87 3.45
C VAL D 10 -55.92 -1.71 4.07
N GLY D 11 -56.38 -2.74 4.76
CA GLY D 11 -57.62 -2.67 5.51
C GLY D 11 -57.66 -1.51 6.48
N LEU D 12 -56.54 -1.27 7.16
CA LEU D 12 -56.44 -0.14 8.07
C LEU D 12 -56.67 1.16 7.30
N LEU D 13 -56.33 1.15 6.01
CA LEU D 13 -56.50 2.33 5.17
C LEU D 13 -57.92 2.49 4.64
N LEU D 14 -58.58 1.39 4.30
CA LEU D 14 -59.99 1.44 3.92
C LEU D 14 -60.84 1.93 5.09
N ALA D 15 -60.47 1.49 6.29
CA ALA D 15 -61.15 1.92 7.50
C ALA D 15 -60.83 3.39 7.77
N LEU D 16 -59.58 3.77 7.53
CA LEU D 16 -59.15 5.15 7.71
C LEU D 16 -59.85 6.06 6.70
N PHE D 17 -60.31 5.45 5.60
CA PHE D 17 -60.93 6.17 4.50
C PHE D 17 -62.43 6.36 4.71
N SER D 18 -63.05 5.37 5.33
CA SER D 18 -64.47 5.47 5.66
C SER D 18 -64.76 6.70 6.53
N VAL D 19 -63.88 6.94 7.51
CA VAL D 19 -64.07 8.03 8.46
C VAL D 19 -63.81 9.40 7.81
N THR D 20 -63.71 9.41 6.49
CA THR D 20 -63.60 10.66 5.75
C THR D 20 -64.83 10.81 4.86
N MET D 21 -65.76 9.86 4.98
CA MET D 21 -67.01 9.92 4.24
C MET D 21 -68.06 10.63 5.06
N LEU D 22 -67.80 10.76 6.36
CA LEU D 22 -68.69 11.46 7.26
C LEU D 22 -68.44 12.97 7.20
N ALA D 23 -67.51 13.36 6.35
CA ALA D 23 -67.12 14.76 6.23
C ALA D 23 -67.92 15.47 5.13
N PRO D 24 -68.20 14.79 4.01
CA PRO D 24 -69.12 15.48 3.11
C PRO D 24 -70.56 14.96 3.21
N ALA D 25 -70.76 13.97 4.07
CA ALA D 25 -72.12 13.53 4.41
C ALA D 25 -72.66 14.45 5.51
N LEU D 26 -71.74 15.16 6.15
CA LEU D 26 -72.09 16.14 7.17
C LEU D 26 -72.39 17.47 6.49
N VAL D 27 -72.52 17.42 5.16
CA VAL D 27 -72.80 18.60 4.37
C VAL D 27 -74.04 18.25 3.54
N ALA D 28 -74.47 17.00 3.65
CA ALA D 28 -75.67 16.54 2.98
C ALA D 28 -76.85 16.66 3.92
N LEU D 29 -76.56 17.09 5.15
CA LEU D 29 -77.59 17.33 6.15
C LEU D 29 -77.46 18.78 6.62
N LEU D 30 -76.25 19.31 6.52
CA LEU D 30 -76.01 20.72 6.83
C LEU D 30 -76.61 21.52 5.70
N TYR D 31 -75.94 21.51 4.55
CA TYR D 31 -76.54 22.07 3.35
C TYR D 31 -77.69 21.17 2.94
N ARG D 32 -78.90 21.72 3.03
CA ARG D 32 -80.14 20.97 2.81
C ARG D 32 -80.24 20.20 1.49
N ASP D 33 -79.42 20.61 0.52
CA ASP D 33 -79.63 20.21 -0.87
C ASP D 33 -79.04 18.86 -1.28
N GLY D 34 -79.89 18.02 -1.89
CA GLY D 34 -79.43 16.83 -2.57
C GLY D 34 -79.49 15.53 -1.78
N ALA D 35 -78.64 14.58 -2.16
CA ALA D 35 -78.65 13.25 -1.59
C ALA D 35 -77.27 12.87 -1.03
N GLY D 36 -77.23 12.61 0.27
CA GLY D 36 -76.01 12.13 0.90
C GLY D 36 -76.16 10.70 1.37
N VAL D 37 -77.21 10.05 0.90
CA VAL D 37 -77.41 8.62 1.09
C VAL D 37 -76.17 7.80 0.67
N PRO D 38 -75.57 8.13 -0.50
CA PRO D 38 -74.36 7.39 -0.90
C PRO D 38 -73.25 7.45 0.12
N PHE D 39 -72.92 8.64 0.61
CA PHE D 39 -71.78 8.82 1.51
C PHE D 39 -71.91 7.96 2.78
N VAL D 40 -73.15 7.75 3.21
CA VAL D 40 -73.41 6.98 4.43
C VAL D 40 -73.53 5.49 4.13
N THR D 41 -73.84 5.14 2.88
CA THR D 41 -73.73 3.73 2.48
C THR D 41 -72.26 3.35 2.32
N THR D 42 -71.49 4.29 1.80
CA THR D 42 -70.08 4.12 1.47
C THR D 42 -69.25 4.02 2.73
N PHE D 43 -69.52 4.92 3.68
CA PHE D 43 -68.86 4.87 4.99
C PHE D 43 -69.04 3.51 5.65
N PHE D 44 -70.08 2.79 5.24
CA PHE D 44 -70.34 1.46 5.78
C PHE D 44 -69.65 0.34 5.00
N VAL D 45 -69.87 0.28 3.68
CA VAL D 45 -69.23 -0.77 2.89
C VAL D 45 -67.69 -0.72 3.01
N LEU D 46 -67.15 0.50 3.09
CA LEU D 46 -65.70 0.67 3.25
C LEU D 46 -65.18 0.29 4.63
N LEU D 47 -65.82 0.80 5.69
CA LEU D 47 -65.46 0.43 7.06
C LEU D 47 -65.51 -1.08 7.21
N PHE D 48 -66.52 -1.70 6.61
CA PHE D 48 -66.68 -3.14 6.67
C PHE D 48 -65.57 -3.87 5.94
N CYS D 49 -65.32 -3.51 4.69
CA CYS D 49 -64.26 -4.15 3.90
C CYS D 49 -62.89 -4.01 4.58
N GLY D 50 -62.53 -2.77 4.88
CA GLY D 50 -61.30 -2.46 5.58
C GLY D 50 -61.13 -3.27 6.84
N ALA D 51 -62.12 -3.23 7.73
CA ALA D 51 -62.03 -3.97 8.98
C ALA D 51 -62.03 -5.48 8.71
N MET D 52 -62.57 -5.88 7.56
CA MET D 52 -62.54 -7.28 7.15
C MET D 52 -61.14 -7.65 6.68
N CYS D 53 -60.30 -6.63 6.46
CA CYS D 53 -58.89 -6.89 6.16
C CYS D 53 -57.96 -6.76 7.38
N TRP D 54 -58.00 -5.62 8.07
CA TRP D 54 -57.19 -5.39 9.27
C TRP D 54 -57.29 -6.52 10.31
N PHE D 55 -58.52 -6.98 10.55
CA PHE D 55 -58.81 -7.92 11.63
C PHE D 55 -58.25 -9.35 11.45
N PRO D 56 -58.48 -10.00 10.28
CA PRO D 56 -57.93 -11.35 10.10
C PRO D 56 -56.40 -11.42 10.00
N ASN D 57 -55.71 -10.36 10.37
CA ASN D 57 -54.25 -10.32 10.25
C ASN D 57 -53.53 -9.98 11.56
N ARG D 58 -53.33 -8.69 11.77
CA ARG D 58 -52.65 -8.13 12.95
C ARG D 58 -51.22 -8.67 13.16
N ARG D 59 -50.32 -8.27 12.26
CA ARG D 59 -48.91 -8.64 12.30
C ARG D 59 -48.08 -7.48 11.75
N HIS D 60 -47.32 -6.81 12.61
CA HIS D 60 -46.49 -5.70 12.16
C HIS D 60 -45.09 -6.20 11.78
N LYS D 61 -45.04 -7.05 10.74
CA LYS D 61 -43.76 -7.50 10.19
C LYS D 61 -43.07 -6.36 9.45
N HIS D 62 -42.59 -5.41 10.23
CA HIS D 62 -42.03 -4.16 9.71
C HIS D 62 -40.76 -4.40 8.90
N SER D 66 -38.10 -3.00 0.98
CA SER D 66 -38.08 -2.59 -0.42
C SER D 66 -39.35 -3.06 -1.11
N ARG D 67 -39.33 -4.28 -1.62
CA ARG D 67 -40.44 -4.83 -2.41
C ARG D 67 -41.80 -4.70 -1.73
N ASP D 68 -41.80 -4.52 -0.42
CA ASP D 68 -43.02 -4.25 0.32
C ASP D 68 -43.42 -2.78 0.15
N GLY D 69 -42.44 -1.89 0.31
CA GLY D 69 -42.63 -0.46 0.19
C GLY D 69 -43.22 0.00 -1.13
N PHE D 70 -42.69 -0.52 -2.23
CA PHE D 70 -43.22 -0.22 -3.55
C PHE D 70 -44.68 -0.65 -3.63
N LEU D 71 -44.91 -1.94 -3.39
CA LEU D 71 -46.25 -2.52 -3.44
C LEU D 71 -47.25 -1.74 -2.57
N ILE D 72 -46.76 -1.20 -1.46
CA ILE D 72 -47.60 -0.36 -0.60
C ILE D 72 -47.91 0.97 -1.27
N VAL D 73 -46.88 1.70 -1.70
CA VAL D 73 -47.13 3.02 -2.28
C VAL D 73 -47.74 2.94 -3.69
N VAL D 74 -48.04 1.73 -4.14
CA VAL D 74 -48.90 1.59 -5.31
C VAL D 74 -50.30 1.18 -4.84
N LEU D 75 -50.37 0.47 -3.71
CA LEU D 75 -51.67 0.10 -3.14
C LEU D 75 -52.43 1.30 -2.57
N PHE D 76 -51.72 2.19 -1.87
CA PHE D 76 -52.30 3.37 -1.24
C PHE D 76 -53.06 4.22 -2.25
N TRP D 77 -52.67 4.13 -3.52
CA TRP D 77 -53.36 4.85 -4.58
C TRP D 77 -54.34 3.94 -5.33
N THR D 78 -53.83 2.85 -5.88
CA THR D 78 -54.65 1.90 -6.63
C THR D 78 -55.90 1.43 -5.86
N VAL D 79 -55.79 1.35 -4.54
CA VAL D 79 -56.90 0.91 -3.72
C VAL D 79 -57.80 2.06 -3.30
N LEU D 80 -57.22 3.11 -2.74
CA LEU D 80 -57.98 4.29 -2.32
C LEU D 80 -58.69 5.01 -3.48
N GLY D 81 -58.00 5.13 -4.61
CA GLY D 81 -58.60 5.74 -5.79
C GLY D 81 -59.67 4.86 -6.39
N SER D 82 -59.67 3.59 -6.00
CA SER D 82 -60.73 2.67 -6.42
C SER D 82 -61.93 2.77 -5.48
N ALA D 83 -61.66 2.75 -4.17
CA ALA D 83 -62.70 2.87 -3.15
C ALA D 83 -63.46 4.19 -3.23
N GLY D 84 -62.73 5.27 -3.50
CA GLY D 84 -63.30 6.60 -3.56
C GLY D 84 -64.19 6.91 -4.76
N SER D 85 -64.49 5.89 -5.57
CA SER D 85 -65.38 6.05 -6.71
C SER D 85 -66.76 5.50 -6.38
N LEU D 86 -66.95 5.14 -5.13
CA LEU D 86 -68.18 4.49 -4.70
C LEU D 86 -69.37 5.44 -4.48
N PRO D 87 -69.15 6.60 -3.85
CA PRO D 87 -70.23 7.58 -3.85
C PRO D 87 -70.67 7.93 -5.27
N PHE D 88 -69.70 8.19 -6.16
CA PHE D 88 -70.01 8.51 -7.56
C PHE D 88 -70.74 7.42 -8.35
N LEU D 89 -71.00 6.28 -7.72
CA LEU D 89 -71.75 5.21 -8.37
C LEU D 89 -73.19 5.17 -7.88
N ILE D 90 -73.36 4.89 -6.59
CA ILE D 90 -74.69 4.81 -5.98
C ILE D 90 -75.49 6.10 -6.15
N ALA D 91 -74.80 7.23 -6.11
CA ALA D 91 -75.43 8.54 -6.27
C ALA D 91 -76.04 8.74 -7.64
N ASP D 92 -77.37 8.87 -7.66
CA ASP D 92 -78.08 9.20 -8.89
C ASP D 92 -78.34 10.69 -8.96
N ASN D 93 -77.43 11.49 -8.42
CA ASN D 93 -77.56 12.94 -8.53
C ASN D 93 -76.72 13.47 -9.70
N PRO D 94 -75.40 13.19 -9.72
CA PRO D 94 -74.76 13.18 -11.03
C PRO D 94 -74.70 11.74 -11.51
N ASN D 95 -75.74 11.25 -12.16
CA ASN D 95 -75.73 9.84 -12.55
C ASN D 95 -74.79 9.64 -13.73
N ILE D 96 -73.73 8.88 -13.50
CA ILE D 96 -72.64 8.79 -14.46
C ILE D 96 -72.08 7.38 -14.56
N SER D 97 -71.48 7.06 -15.71
CA SER D 97 -70.91 5.74 -15.97
C SER D 97 -69.88 5.28 -14.94
N VAL D 98 -69.77 3.97 -14.76
CA VAL D 98 -68.81 3.40 -13.81
C VAL D 98 -67.37 3.81 -14.13
N THR D 99 -67.01 3.74 -15.41
CA THR D 99 -65.68 4.12 -15.85
C THR D 99 -65.48 5.63 -15.64
N ASP D 100 -66.54 6.39 -15.88
CA ASP D 100 -66.52 7.82 -15.64
C ASP D 100 -66.35 8.10 -14.15
N ALA D 101 -67.00 7.28 -13.33
CA ALA D 101 -66.93 7.42 -11.89
C ALA D 101 -65.49 7.22 -11.44
N PHE D 102 -64.88 6.15 -11.93
CA PHE D 102 -63.47 5.87 -11.67
C PHE D 102 -62.55 6.98 -12.14
N PHE D 103 -62.74 7.45 -13.36
CA PHE D 103 -61.95 8.57 -13.88
C PHE D 103 -62.04 9.75 -12.92
N GLU D 104 -63.24 10.01 -12.42
CA GLU D 104 -63.46 11.16 -11.56
C GLU D 104 -62.77 10.98 -10.21
N SER D 105 -62.83 9.76 -9.68
CA SER D 105 -62.25 9.45 -8.39
C SER D 105 -60.74 9.50 -8.42
N PHE D 106 -60.14 8.81 -9.40
CA PHE D 106 -58.70 8.83 -9.57
C PHE D 106 -58.18 10.23 -9.84
N SER D 107 -58.81 10.93 -10.78
CA SER D 107 -58.44 12.31 -11.08
C SER D 107 -58.54 13.18 -9.83
N ALA D 108 -59.50 12.85 -8.96
CA ALA D 108 -59.68 13.61 -7.73
C ALA D 108 -58.55 13.34 -6.75
N LEU D 109 -58.25 12.06 -6.54
CA LEU D 109 -57.30 11.63 -5.52
C LEU D 109 -55.85 11.86 -5.93
N THR D 110 -55.59 11.80 -7.23
CA THR D 110 -54.26 12.02 -7.77
C THR D 110 -53.85 13.49 -7.70
N THR D 111 -54.85 14.36 -7.52
CA THR D 111 -54.71 15.80 -7.76
C THR D 111 -54.36 16.06 -9.23
N THR D 112 -54.87 15.19 -10.11
CA THR D 112 -54.78 15.42 -11.54
C THR D 112 -55.62 16.62 -11.94
N GLY D 113 -56.93 16.53 -11.68
CA GLY D 113 -57.85 17.61 -11.99
C GLY D 113 -58.35 17.60 -13.42
N ALA D 114 -59.07 16.53 -13.76
CA ALA D 114 -59.66 16.37 -15.07
C ALA D 114 -61.02 15.72 -14.88
N THR D 115 -62.08 16.49 -15.10
CA THR D 115 -63.43 16.00 -14.80
C THR D 115 -64.11 15.41 -16.03
N VAL D 116 -65.03 14.48 -15.81
CA VAL D 116 -65.87 13.97 -16.88
C VAL D 116 -67.34 14.26 -16.61
N ILE D 117 -67.60 14.93 -15.49
CA ILE D 117 -68.95 15.41 -15.19
C ILE D 117 -69.16 16.86 -15.64
N VAL D 118 -69.88 17.02 -16.75
CA VAL D 118 -70.21 18.34 -17.26
C VAL D 118 -71.52 18.79 -16.64
N GLY D 119 -71.60 20.07 -16.30
CA GLY D 119 -72.79 20.64 -15.70
C GLY D 119 -72.83 20.40 -14.20
N LEU D 120 -71.66 20.51 -13.58
CA LEU D 120 -71.54 20.28 -12.14
C LEU D 120 -71.88 21.50 -11.29
N ASP D 121 -72.09 22.64 -11.96
CA ASP D 121 -72.47 23.87 -11.28
C ASP D 121 -73.73 23.65 -10.45
N GLU D 122 -74.64 22.84 -10.99
CA GLU D 122 -75.88 22.51 -10.31
C GLU D 122 -75.91 21.06 -9.85
N LEU D 123 -75.22 20.76 -8.75
CA LEU D 123 -75.24 19.44 -8.15
C LEU D 123 -75.26 19.61 -6.62
N PRO D 124 -75.65 18.55 -5.89
CA PRO D 124 -75.64 18.57 -4.42
C PRO D 124 -74.33 19.11 -3.84
N LYS D 125 -74.44 19.90 -2.77
CA LYS D 125 -73.27 20.51 -2.14
C LYS D 125 -72.40 19.49 -1.43
N ALA D 126 -72.83 18.23 -1.43
CA ALA D 126 -72.10 17.16 -0.77
C ALA D 126 -71.25 16.42 -1.77
N ILE D 127 -71.87 15.98 -2.86
CA ILE D 127 -71.16 15.32 -3.96
C ILE D 127 -70.22 16.33 -4.64
N LEU D 128 -70.42 17.61 -4.35
CA LEU D 128 -69.57 18.65 -4.88
C LEU D 128 -68.39 18.85 -3.93
N PHE D 129 -68.67 18.75 -2.64
CA PHE D 129 -67.65 18.89 -1.61
C PHE D 129 -66.72 17.67 -1.60
N TYR D 130 -67.30 16.50 -1.85
CA TYR D 130 -66.55 15.25 -1.94
C TYR D 130 -65.43 15.34 -2.98
N ARG D 131 -65.76 15.91 -4.13
CA ARG D 131 -64.81 16.15 -5.20
C ARG D 131 -63.57 16.93 -4.77
N GLN D 132 -63.77 17.94 -3.91
CA GLN D 132 -62.68 18.79 -3.45
C GLN D 132 -61.93 18.12 -2.30
N PHE D 133 -62.68 17.36 -1.52
CA PHE D 133 -62.14 16.72 -0.32
C PHE D 133 -61.17 15.63 -0.72
N LEU D 134 -61.56 14.82 -1.69
CA LEU D 134 -60.64 13.87 -2.31
C LEU D 134 -59.31 14.54 -2.68
N GLN D 135 -59.36 15.61 -3.48
CA GLN D 135 -58.17 16.36 -3.84
C GLN D 135 -57.32 16.77 -2.64
N TRP D 136 -57.98 17.18 -1.56
CA TRP D 136 -57.28 17.65 -0.36
C TRP D 136 -56.54 16.48 0.30
N PHE D 137 -57.26 15.35 0.42
CA PHE D 137 -56.75 14.14 1.05
C PHE D 137 -55.59 13.52 0.26
N GLY D 138 -55.73 13.48 -1.05
CA GLY D 138 -54.66 12.98 -1.89
C GLY D 138 -53.52 13.97 -1.83
N GLY D 139 -53.87 15.22 -1.57
CA GLY D 139 -52.89 16.28 -1.48
C GLY D 139 -52.14 16.15 -0.17
N MET D 140 -52.71 15.34 0.72
CA MET D 140 -52.01 14.99 1.96
C MET D 140 -51.03 13.91 1.58
N GLY D 141 -51.57 12.86 0.94
CA GLY D 141 -50.76 11.74 0.50
C GLY D 141 -49.48 12.12 -0.22
N ILE D 142 -49.61 12.96 -1.25
CA ILE D 142 -48.48 13.38 -2.08
C ILE D 142 -47.35 14.10 -1.30
N ILE D 143 -47.62 14.52 -0.07
CA ILE D 143 -46.55 15.15 0.74
C ILE D 143 -46.14 14.38 2.00
N VAL D 144 -47.02 13.56 2.54
CA VAL D 144 -46.60 12.68 3.63
C VAL D 144 -45.92 11.43 3.09
N LEU D 145 -45.94 11.26 1.77
CA LEU D 145 -45.18 10.18 1.12
C LEU D 145 -43.81 10.68 0.68
N ALA D 146 -43.56 11.97 0.87
CA ALA D 146 -42.21 12.51 0.75
C ALA D 146 -41.57 12.51 2.14
N VAL D 147 -42.17 11.72 3.04
CA VAL D 147 -41.66 11.50 4.39
C VAL D 147 -41.84 10.05 4.84
N ALA D 148 -43.09 9.60 4.90
CA ALA D 148 -43.43 8.22 5.23
C ALA D 148 -42.78 7.09 4.42
N ILE D 149 -42.28 7.38 3.22
CA ILE D 149 -41.64 6.32 2.44
C ILE D 149 -40.33 5.81 3.03
N LEU D 150 -39.50 6.72 3.54
CA LEU D 150 -38.21 6.36 4.15
C LEU D 150 -38.23 5.12 5.06
N PRO D 151 -39.23 5.01 5.95
CA PRO D 151 -39.29 3.77 6.74
C PRO D 151 -39.53 2.53 5.90
N VAL D 152 -40.47 2.59 4.96
CA VAL D 152 -40.77 1.43 4.11
C VAL D 152 -39.82 1.29 2.91
N LEU D 153 -39.27 2.42 2.44
CA LEU D 153 -38.66 2.48 1.13
C LEU D 153 -37.37 3.30 1.26
N GLY D 154 -36.87 3.81 0.14
CA GLY D 154 -35.66 4.62 0.15
C GLY D 154 -35.73 5.81 -0.79
N ILE D 155 -35.57 7.01 -0.23
CA ILE D 155 -35.24 8.18 -1.04
C ILE D 155 -33.72 8.42 -0.99
N GLY D 156 -33.15 8.40 0.21
CA GLY D 156 -31.72 8.49 0.39
C GLY D 156 -31.08 7.11 0.35
N GLY D 157 -31.86 6.15 -0.15
CA GLY D 157 -31.44 4.77 -0.33
C GLY D 157 -31.12 4.53 -1.79
N MET D 158 -31.41 5.55 -2.60
CA MET D 158 -31.01 5.61 -3.99
C MET D 158 -29.54 5.99 -4.12
N ILE D 178 -38.56 10.49 12.98
CA ILE D 178 -38.73 11.05 11.64
C ILE D 178 -40.21 11.34 11.35
N ALA D 179 -41.09 10.61 12.02
CA ALA D 179 -42.52 10.90 11.97
C ALA D 179 -42.81 12.10 12.88
N GLU D 180 -41.73 12.74 13.33
CA GLU D 180 -41.77 14.03 13.99
C GLU D 180 -42.48 14.99 13.05
N THR D 181 -42.27 14.77 11.75
CA THR D 181 -42.78 15.64 10.70
C THR D 181 -44.13 15.13 10.17
N ALA D 182 -44.61 14.02 10.70
CA ALA D 182 -45.92 13.49 10.27
C ALA D 182 -47.04 14.43 10.69
N LYS D 183 -46.98 14.90 11.94
CA LYS D 183 -47.89 15.93 12.42
C LYS D 183 -47.38 17.28 11.92
N ALA D 184 -46.08 17.50 12.05
CA ALA D 184 -45.44 18.77 11.72
C ALA D 184 -45.64 19.24 10.27
N LEU D 185 -45.95 18.32 9.37
CA LEU D 185 -46.28 18.71 7.99
C LEU D 185 -47.75 19.05 7.93
N TRP D 186 -48.57 18.22 8.58
CA TRP D 186 -50.01 18.40 8.62
C TRP D 186 -50.42 19.78 9.13
N TYR D 187 -49.53 20.41 9.90
CA TYR D 187 -49.80 21.77 10.35
C TYR D 187 -49.58 22.73 9.20
N ILE D 188 -48.41 22.64 8.58
CA ILE D 188 -48.07 23.45 7.41
C ILE D 188 -49.11 23.33 6.32
N TYR D 189 -49.79 22.18 6.30
CA TYR D 189 -50.82 21.95 5.31
C TYR D 189 -52.11 22.63 5.76
N LEU D 190 -52.47 22.39 7.01
CA LEU D 190 -53.74 22.88 7.53
C LEU D 190 -53.73 24.39 7.62
N SER D 191 -52.69 24.90 8.27
CA SER D 191 -52.50 26.33 8.42
C SER D 191 -52.23 27.02 7.08
N LEU D 192 -52.39 26.28 5.98
CA LEU D 192 -52.31 26.91 4.68
C LEU D 192 -53.70 26.91 4.05
N THR D 193 -54.37 25.77 4.09
CA THR D 193 -55.71 25.69 3.48
C THR D 193 -56.65 26.62 4.20
N ILE D 194 -56.56 26.62 5.53
CA ILE D 194 -57.34 27.51 6.35
C ILE D 194 -56.94 28.93 5.95
N ALA D 195 -55.63 29.18 5.93
CA ALA D 195 -55.11 30.51 5.64
C ALA D 195 -55.49 30.98 4.24
N CYS D 196 -55.97 30.06 3.42
CA CYS D 196 -56.38 30.45 2.09
C CYS D 196 -57.87 30.72 2.08
N ALA D 197 -58.64 29.82 2.69
CA ALA D 197 -60.10 29.93 2.68
C ALA D 197 -60.57 31.32 3.09
N VAL D 198 -60.04 31.79 4.22
CA VAL D 198 -60.30 33.12 4.70
C VAL D 198 -60.08 34.16 3.60
N ALA D 199 -58.88 34.18 3.03
CA ALA D 199 -58.57 35.17 2.01
C ALA D 199 -59.50 35.05 0.81
N PHE D 200 -59.87 33.81 0.49
CA PHE D 200 -60.73 33.57 -0.66
C PHE D 200 -62.10 34.14 -0.35
N TRP D 201 -62.49 33.97 0.91
CA TRP D 201 -63.80 34.41 1.35
C TRP D 201 -63.72 35.87 1.79
N LEU D 202 -62.53 36.45 1.71
CA LEU D 202 -62.37 37.88 1.99
C LEU D 202 -62.40 38.68 0.69
N ALA D 203 -62.20 37.97 -0.42
CA ALA D 203 -62.47 38.55 -1.73
C ALA D 203 -63.86 38.10 -2.11
N GLY D 204 -64.54 37.49 -1.14
CA GLY D 204 -65.97 37.25 -1.20
C GLY D 204 -66.46 36.11 -2.06
N MET D 205 -66.15 34.88 -1.67
CA MET D 205 -66.90 33.74 -2.17
C MET D 205 -67.86 33.34 -1.07
N THR D 206 -68.90 32.59 -1.43
CA THR D 206 -69.69 31.87 -0.44
C THR D 206 -68.71 30.98 0.33
N PRO D 207 -68.94 30.78 1.63
CA PRO D 207 -67.99 30.02 2.47
C PRO D 207 -67.66 28.66 1.88
N PHE D 208 -68.70 27.97 1.40
CA PHE D 208 -68.55 26.68 0.73
C PHE D 208 -67.54 26.77 -0.42
N ASP D 209 -67.70 27.77 -1.26
CA ASP D 209 -66.87 27.90 -2.47
C ASP D 209 -65.47 28.39 -2.16
N ALA D 210 -65.28 28.96 -0.97
CA ALA D 210 -63.98 29.51 -0.61
C ALA D 210 -63.19 28.54 0.27
N ILE D 211 -63.87 27.54 0.81
CA ILE D 211 -63.21 26.48 1.53
C ILE D 211 -62.83 25.41 0.52
N SER D 212 -63.81 25.07 -0.33
CA SER D 212 -63.62 24.01 -1.32
C SER D 212 -62.67 24.43 -2.45
N HIS D 213 -62.31 25.70 -2.48
CA HIS D 213 -61.35 26.18 -3.47
C HIS D 213 -59.96 26.33 -2.86
N SER D 214 -59.89 26.27 -1.53
CA SER D 214 -58.61 26.27 -0.84
C SER D 214 -58.14 24.83 -0.79
N PHE D 215 -59.10 23.93 -0.60
CA PHE D 215 -58.87 22.50 -0.79
C PHE D 215 -58.08 22.27 -2.07
N SER D 216 -58.62 22.79 -3.17
CA SER D 216 -58.02 22.58 -4.47
C SER D 216 -56.75 23.39 -4.67
N THR D 217 -56.73 24.63 -4.20
CA THR D 217 -55.60 25.52 -4.49
C THR D 217 -54.34 25.20 -3.71
N ILE D 218 -54.48 24.58 -2.54
CA ILE D 218 -53.28 24.22 -1.77
C ILE D 218 -52.75 22.86 -2.18
N ALA D 219 -53.67 21.93 -2.48
CA ALA D 219 -53.27 20.60 -2.86
C ALA D 219 -52.87 20.53 -4.33
N ILE D 220 -52.81 21.70 -4.98
CA ILE D 220 -52.50 21.81 -6.40
C ILE D 220 -53.19 20.71 -7.22
N GLY D 221 -54.52 20.78 -7.26
CA GLY D 221 -55.34 19.72 -7.84
C GLY D 221 -56.08 20.13 -9.10
N GLY D 222 -56.74 21.28 -9.05
CA GLY D 222 -57.36 21.83 -10.24
C GLY D 222 -58.87 21.76 -10.27
N PHE D 223 -59.46 20.98 -9.36
CA PHE D 223 -60.91 20.85 -9.29
C PHE D 223 -61.57 22.17 -8.90
N SER D 224 -62.82 22.34 -9.33
CA SER D 224 -63.57 23.55 -9.01
C SER D 224 -65.05 23.26 -8.74
N THR D 225 -65.77 24.30 -8.30
CA THR D 225 -67.21 24.21 -8.18
C THR D 225 -67.86 24.75 -9.45
N HIS D 226 -67.35 25.85 -9.96
CA HIS D 226 -67.80 26.39 -11.24
C HIS D 226 -67.27 25.55 -12.40
N ASP D 227 -68.16 25.22 -13.33
CA ASP D 227 -67.78 24.49 -14.54
C ASP D 227 -66.75 25.26 -15.37
N ALA D 228 -66.57 26.54 -15.05
CA ALA D 228 -65.58 27.36 -15.72
C ALA D 228 -64.46 27.71 -14.75
N SER D 229 -64.33 26.90 -13.70
CA SER D 229 -63.30 27.03 -12.68
C SER D 229 -63.14 28.45 -12.12
N MET D 230 -61.97 29.04 -12.30
CA MET D 230 -61.69 30.37 -11.78
C MET D 230 -62.25 31.46 -12.70
N GLY D 231 -63.31 31.12 -13.41
CA GLY D 231 -64.00 32.06 -14.28
C GLY D 231 -65.25 32.65 -13.67
N TYR D 232 -65.48 32.42 -12.38
CA TYR D 232 -66.65 32.99 -11.73
C TYR D 232 -66.56 34.51 -11.75
N PHE D 233 -65.61 35.02 -10.97
CA PHE D 233 -65.46 36.44 -10.75
C PHE D 233 -64.06 36.76 -11.18
N ASP D 234 -63.91 37.43 -12.32
CA ASP D 234 -62.58 37.72 -12.85
C ASP D 234 -61.95 38.85 -12.03
N SER D 235 -62.35 38.96 -10.78
CA SER D 235 -61.77 39.94 -9.88
C SER D 235 -60.35 39.49 -9.68
N TYR D 236 -59.43 40.39 -10.00
CA TYR D 236 -58.00 40.16 -9.94
C TYR D 236 -57.61 39.81 -8.50
N ALA D 237 -58.53 40.02 -7.57
CA ALA D 237 -58.35 39.64 -6.18
C ALA D 237 -58.16 38.13 -6.05
N ILE D 238 -59.13 37.38 -6.57
CA ILE D 238 -59.10 35.92 -6.45
C ILE D 238 -58.05 35.29 -7.35
N ASN D 239 -57.91 35.82 -8.55
CA ASN D 239 -56.87 35.37 -9.47
C ASN D 239 -55.49 35.53 -8.84
N LEU D 240 -55.22 36.71 -8.31
CA LEU D 240 -53.91 37.02 -7.75
C LEU D 240 -53.74 36.50 -6.31
N ILE D 241 -54.81 35.97 -5.74
CA ILE D 241 -54.66 35.22 -4.48
C ILE D 241 -54.29 33.78 -4.81
N THR D 242 -55.07 33.17 -5.70
CA THR D 242 -54.82 31.81 -6.15
C THR D 242 -53.38 31.69 -6.64
N VAL D 243 -52.93 32.67 -7.41
CA VAL D 243 -51.52 32.73 -7.80
C VAL D 243 -50.57 32.58 -6.60
N VAL D 244 -50.73 33.48 -5.64
CA VAL D 244 -49.80 33.56 -4.52
C VAL D 244 -49.88 32.36 -3.59
N PHE D 245 -51.00 31.65 -3.60
CA PHE D 245 -51.12 30.48 -2.75
C PHE D 245 -50.66 29.24 -3.50
N LEU D 246 -50.65 29.35 -4.82
CA LEU D 246 -50.13 28.30 -5.68
C LEU D 246 -48.63 28.27 -5.57
N LEU D 247 -47.98 29.41 -5.88
CA LEU D 247 -46.52 29.53 -5.71
C LEU D 247 -46.02 29.00 -4.36
N ILE D 248 -46.75 29.28 -3.29
CA ILE D 248 -46.38 28.77 -1.97
C ILE D 248 -46.61 27.26 -1.87
N SER D 249 -47.81 26.81 -2.23
CA SER D 249 -48.11 25.39 -2.19
C SER D 249 -47.23 24.59 -3.13
N ALA D 250 -46.97 25.15 -4.32
CA ALA D 250 -46.12 24.50 -5.29
C ALA D 250 -44.65 24.61 -4.94
N CYS D 251 -44.34 24.67 -3.65
CA CYS D 251 -42.95 24.91 -3.28
C CYS D 251 -42.48 24.30 -1.97
N ASN D 252 -42.12 23.01 -2.05
CA ASN D 252 -41.21 22.39 -1.09
C ASN D 252 -41.60 22.46 0.38
N PHE D 253 -42.54 21.61 0.79
CA PHE D 253 -43.05 21.65 2.16
C PHE D 253 -41.96 21.41 3.20
N THR D 254 -40.94 20.64 2.83
CA THR D 254 -39.81 20.40 3.73
C THR D 254 -39.01 21.68 3.93
N LEU D 255 -39.00 22.54 2.92
CA LEU D 255 -38.29 23.81 3.00
C LEU D 255 -39.15 24.74 3.84
N HIS D 256 -40.47 24.67 3.63
CA HIS D 256 -41.44 25.46 4.40
C HIS D 256 -41.32 25.16 5.89
N PHE D 257 -40.87 23.95 6.21
CA PHE D 257 -40.71 23.48 7.59
C PHE D 257 -39.83 24.40 8.45
N ALA D 258 -39.22 25.39 7.79
CA ALA D 258 -38.49 26.43 8.50
C ALA D 258 -39.48 27.42 9.17
N ALA D 259 -40.75 27.03 9.23
CA ALA D 259 -41.77 27.85 9.88
C ALA D 259 -42.09 27.41 11.32
N PHE D 260 -42.57 26.18 11.49
CA PHE D 260 -42.90 25.69 12.81
C PHE D 260 -41.61 25.48 13.61
N ALA D 261 -40.58 25.00 12.91
CA ALA D 261 -39.26 24.88 13.52
C ALA D 261 -38.78 26.29 13.81
N SER D 262 -38.68 26.62 15.10
CA SER D 262 -38.47 28.01 15.54
C SER D 262 -39.58 28.95 15.09
N GLY D 263 -39.19 30.18 14.76
CA GLY D 263 -40.15 31.17 14.29
C GLY D 263 -40.02 31.60 12.84
N GLY D 264 -40.29 32.87 12.60
CA GLY D 264 -40.28 33.44 11.27
C GLY D 264 -38.93 33.84 10.71
N VAL D 265 -37.90 33.02 10.93
CA VAL D 265 -36.58 33.29 10.38
C VAL D 265 -36.48 32.72 8.94
N HIS D 266 -37.64 32.64 8.30
CA HIS D 266 -37.79 32.25 6.89
C HIS D 266 -36.80 32.86 5.86
N PRO D 267 -36.72 34.21 5.77
CA PRO D 267 -36.16 34.92 4.61
C PRO D 267 -35.05 34.22 3.84
N LYS D 268 -33.96 33.85 4.52
CA LYS D 268 -32.76 33.39 3.85
C LYS D 268 -32.86 31.95 3.32
N TYR D 269 -33.51 31.09 4.08
CA TYR D 269 -33.66 29.66 3.75
C TYR D 269 -34.12 29.41 2.31
N TYR D 270 -35.15 30.10 1.87
CA TYR D 270 -35.63 29.97 0.49
C TYR D 270 -34.55 30.32 -0.52
N TRP D 271 -34.07 31.56 -0.53
CA TRP D 271 -33.12 31.95 -1.55
C TRP D 271 -31.75 31.28 -1.41
N LYS D 272 -31.58 30.46 -0.38
CA LYS D 272 -30.37 29.65 -0.28
C LYS D 272 -30.43 28.46 -1.25
N ASP D 273 -31.43 27.59 -1.05
CA ASP D 273 -31.64 26.41 -1.87
C ASP D 273 -31.78 26.80 -3.34
N PRO D 274 -30.95 26.20 -4.21
CA PRO D 274 -31.00 26.59 -5.64
C PRO D 274 -32.20 26.00 -6.37
N GLU D 275 -32.91 25.07 -5.74
CA GLU D 275 -34.15 24.54 -6.30
C GLU D 275 -35.18 25.66 -6.38
N PHE D 276 -35.50 26.25 -5.24
CA PHE D 276 -36.45 27.37 -5.18
C PHE D 276 -35.95 28.51 -6.06
N ARG D 277 -34.67 28.82 -5.91
CA ARG D 277 -34.02 29.86 -6.68
C ARG D 277 -34.27 29.67 -8.17
N ALA D 278 -34.34 28.41 -8.60
CA ALA D 278 -34.58 28.09 -10.00
C ALA D 278 -36.07 28.16 -10.37
N PHE D 279 -36.92 27.56 -9.54
CA PHE D 279 -38.37 27.63 -9.70
C PHE D 279 -38.87 29.05 -9.89
N ILE D 280 -38.18 30.00 -9.25
CA ILE D 280 -38.58 31.40 -9.33
C ILE D 280 -38.17 32.01 -10.66
N PHE D 281 -36.93 31.77 -11.09
CA PHE D 281 -36.49 32.24 -12.40
C PHE D 281 -37.38 31.69 -13.51
N ILE D 282 -37.63 30.38 -13.45
CA ILE D 282 -38.47 29.71 -14.43
C ILE D 282 -39.84 30.39 -14.49
N GLN D 283 -40.47 30.52 -13.32
CA GLN D 283 -41.79 31.13 -13.24
C GLN D 283 -41.78 32.52 -13.88
N VAL D 284 -40.77 33.31 -13.52
CA VAL D 284 -40.64 34.67 -14.04
C VAL D 284 -40.50 34.72 -15.56
N LEU D 285 -39.47 34.05 -16.10
CA LEU D 285 -39.23 34.06 -17.54
C LEU D 285 -40.48 33.64 -18.32
N LEU D 286 -41.11 32.57 -17.84
CA LEU D 286 -42.30 32.02 -18.49
C LEU D 286 -43.42 33.07 -18.52
N PHE D 287 -43.72 33.65 -17.36
CA PHE D 287 -44.73 34.70 -17.32
C PHE D 287 -44.37 35.85 -18.26
N LEU D 288 -43.18 36.42 -18.07
CA LEU D 288 -42.68 37.52 -18.87
C LEU D 288 -42.93 37.32 -20.36
N VAL D 289 -42.38 36.25 -20.94
CA VAL D 289 -42.60 35.99 -22.36
C VAL D 289 -44.09 35.86 -22.71
N CYS D 290 -44.85 35.15 -21.87
CA CYS D 290 -46.28 34.98 -22.12
C CYS D 290 -47.02 36.33 -22.22
N PHE D 291 -46.97 37.09 -21.14
CA PHE D 291 -47.46 38.47 -21.07
C PHE D 291 -47.05 39.33 -22.27
N LEU D 292 -45.75 39.43 -22.52
CA LEU D 292 -45.25 40.25 -23.62
C LEU D 292 -45.80 39.83 -24.98
N LEU D 293 -46.07 38.54 -25.15
CA LEU D 293 -46.67 38.10 -26.41
C LEU D 293 -48.17 38.39 -26.47
N LEU D 294 -48.86 38.25 -25.35
CA LEU D 294 -50.27 38.63 -25.30
C LEU D 294 -50.44 40.14 -25.54
N LEU D 295 -49.38 40.90 -25.29
CA LEU D 295 -49.41 42.33 -25.54
C LEU D 295 -49.10 42.64 -26.99
N LYS D 296 -48.00 42.09 -27.48
CA LYS D 296 -47.57 42.30 -28.85
C LYS D 296 -48.64 41.89 -29.86
N HIS D 297 -49.46 40.92 -29.48
CA HIS D 297 -50.44 40.32 -30.39
C HIS D 297 -51.81 41.01 -30.33
N HIS D 298 -51.97 41.90 -29.35
CA HIS D 298 -53.23 42.58 -29.11
C HIS D 298 -54.35 41.57 -28.86
N SER D 299 -54.11 40.66 -27.92
CA SER D 299 -55.06 39.61 -27.61
C SER D 299 -56.00 40.03 -26.49
N TYR D 300 -55.73 41.19 -25.89
CA TYR D 300 -56.56 41.71 -24.80
C TYR D 300 -56.82 43.21 -24.88
N THR D 301 -58.06 43.62 -24.64
CA THR D 301 -58.47 45.02 -24.75
C THR D 301 -57.54 45.94 -23.98
N SER D 302 -57.42 45.69 -22.68
CA SER D 302 -56.55 46.47 -21.81
C SER D 302 -55.30 45.70 -21.43
N PRO D 303 -54.14 46.35 -21.50
CA PRO D 303 -52.88 45.77 -21.01
C PRO D 303 -52.90 45.46 -19.51
N TYR D 304 -54.07 45.51 -18.89
CA TYR D 304 -54.25 45.07 -17.51
C TYR D 304 -54.77 43.64 -17.48
N ASP D 305 -55.87 43.41 -18.19
CA ASP D 305 -56.39 42.06 -18.40
C ASP D 305 -55.32 41.13 -18.97
N ALA D 306 -54.40 41.70 -19.74
CA ALA D 306 -53.27 40.94 -20.29
C ALA D 306 -52.36 40.45 -19.17
N PHE D 307 -51.90 41.38 -18.34
CA PHE D 307 -51.09 41.06 -17.16
C PHE D 307 -51.75 40.01 -16.28
N ASP D 308 -52.98 40.30 -15.88
CA ASP D 308 -53.79 39.40 -15.08
C ASP D 308 -53.80 37.98 -15.67
N GLN D 309 -54.29 37.87 -16.90
CA GLN D 309 -54.50 36.55 -17.49
C GLN D 309 -53.19 35.79 -17.70
N ALA D 310 -52.16 36.50 -18.14
CA ALA D 310 -50.85 35.89 -18.32
C ALA D 310 -50.33 35.35 -16.98
N LEU D 311 -50.19 36.24 -16.00
CA LEU D 311 -49.70 35.88 -14.67
C LEU D 311 -50.46 34.72 -14.03
N PHE D 312 -51.78 34.69 -14.16
CA PHE D 312 -52.53 33.58 -13.57
C PHE D 312 -52.33 32.29 -14.37
N GLN D 313 -52.31 32.42 -15.69
CA GLN D 313 -52.27 31.25 -16.56
C GLN D 313 -50.94 30.52 -16.52
N THR D 314 -49.83 31.26 -16.59
CA THR D 314 -48.51 30.63 -16.52
C THR D 314 -48.32 29.89 -15.20
N VAL D 315 -48.53 30.57 -14.09
CA VAL D 315 -48.39 29.95 -12.78
C VAL D 315 -49.32 28.75 -12.60
N SER D 316 -50.58 28.89 -13.02
CA SER D 316 -51.53 27.79 -12.84
C SER D 316 -51.14 26.56 -13.68
N ILE D 317 -50.84 26.79 -14.95
CA ILE D 317 -50.62 25.68 -15.87
C ILE D 317 -49.23 25.06 -15.70
N SER D 318 -48.23 25.86 -15.35
CA SER D 318 -46.85 25.36 -15.27
C SER D 318 -46.55 24.68 -13.94
N THR D 319 -47.18 25.14 -12.87
CA THR D 319 -46.97 24.54 -11.54
C THR D 319 -47.96 23.42 -11.28
N THR D 320 -48.55 22.90 -12.35
CA THR D 320 -49.36 21.69 -12.31
C THR D 320 -50.69 21.95 -11.59
N ALA D 321 -51.11 23.21 -11.53
CA ALA D 321 -52.35 23.54 -10.84
C ALA D 321 -53.57 23.16 -11.66
N GLY D 322 -53.73 23.80 -12.80
CA GLY D 322 -54.84 23.46 -13.69
C GLY D 322 -55.91 24.51 -13.83
N PHE D 323 -56.08 25.35 -12.81
CA PHE D 323 -57.09 26.40 -12.83
C PHE D 323 -56.96 27.25 -14.08
N THR D 324 -58.07 27.45 -14.78
CA THR D 324 -58.07 28.30 -15.97
C THR D 324 -59.06 29.45 -15.81
N THR D 325 -58.68 30.62 -16.31
CA THR D 325 -59.50 31.80 -16.21
C THR D 325 -59.87 32.30 -17.61
N THR D 326 -59.26 31.70 -18.62
CA THR D 326 -59.59 32.02 -20.01
C THR D 326 -59.91 30.73 -20.73
N GLY D 327 -59.96 30.80 -22.05
CA GLY D 327 -60.13 29.63 -22.89
C GLY D 327 -59.16 29.72 -24.06
N PHE D 328 -58.23 30.67 -23.95
CA PHE D 328 -57.21 30.90 -24.97
C PHE D 328 -57.86 31.25 -26.31
N ALA D 329 -58.82 32.17 -26.26
CA ALA D 329 -59.56 32.60 -27.45
C ALA D 329 -58.66 33.39 -28.41
N ASP D 330 -58.02 34.44 -27.91
CA ASP D 330 -57.16 35.26 -28.75
C ASP D 330 -55.69 34.87 -28.59
N TRP D 331 -55.42 33.92 -27.71
CA TRP D 331 -54.04 33.51 -27.42
C TRP D 331 -53.39 32.87 -28.63
N PRO D 332 -52.19 33.39 -29.01
CA PRO D 332 -51.37 32.78 -30.05
C PRO D 332 -50.98 31.36 -29.68
N LEU D 333 -51.20 30.42 -30.60
CA LEU D 333 -51.05 28.98 -30.34
C LEU D 333 -49.76 28.63 -29.61
N PHE D 334 -48.72 29.39 -29.92
CA PHE D 334 -47.41 29.26 -29.31
C PHE D 334 -47.51 29.27 -27.79
N LEU D 335 -48.51 29.97 -27.26
CA LEU D 335 -48.63 30.13 -25.81
C LEU D 335 -49.29 28.96 -25.08
N PRO D 336 -50.44 28.48 -25.57
CA PRO D 336 -50.95 27.30 -24.87
C PRO D 336 -50.07 26.09 -25.11
N VAL D 337 -49.37 26.05 -26.26
CA VAL D 337 -48.46 24.95 -26.50
C VAL D 337 -47.27 25.00 -25.53
N LEU D 338 -46.57 26.13 -25.51
CA LEU D 338 -45.44 26.32 -24.62
C LEU D 338 -45.83 26.15 -23.15
N LEU D 339 -47.07 26.51 -22.83
CA LEU D 339 -47.58 26.32 -21.48
C LEU D 339 -47.73 24.84 -21.17
N LEU D 340 -48.32 24.09 -22.11
CA LEU D 340 -48.48 22.65 -21.95
C LEU D 340 -47.13 21.93 -21.86
N PHE D 341 -46.09 22.52 -22.44
CA PHE D 341 -44.76 21.94 -22.35
C PHE D 341 -44.10 22.27 -21.01
N SER D 342 -44.21 23.53 -20.60
CA SER D 342 -43.70 23.96 -19.31
C SER D 342 -44.42 23.25 -18.17
N SER D 343 -45.55 22.63 -18.50
CA SER D 343 -46.28 21.80 -17.54
C SER D 343 -45.46 20.62 -17.07
N PHE D 344 -44.40 20.29 -17.81
CA PHE D 344 -43.52 19.17 -17.48
C PHE D 344 -42.59 19.45 -16.30
N ILE D 345 -42.44 20.73 -15.95
CA ILE D 345 -41.58 21.13 -14.85
C ILE D 345 -42.46 21.83 -13.85
N GLY D 346 -42.95 21.12 -12.84
CA GLY D 346 -43.85 21.79 -11.92
C GLY D 346 -43.77 21.37 -10.48
N GLY D 347 -43.32 22.29 -9.65
CA GLY D 347 -43.31 22.07 -8.22
C GLY D 347 -41.90 21.93 -7.72
N CYS D 348 -41.51 22.75 -6.75
CA CYS D 348 -40.31 22.46 -5.97
C CYS D 348 -40.48 21.00 -5.55
N ALA D 349 -39.42 20.20 -5.63
CA ALA D 349 -39.53 18.79 -5.30
C ALA D 349 -39.99 18.62 -3.86
N GLY D 350 -40.89 17.68 -3.64
CA GLY D 350 -41.50 17.51 -2.33
C GLY D 350 -42.52 18.59 -2.04
N SER D 351 -43.33 18.91 -3.04
CA SER D 351 -44.49 19.76 -2.86
C SER D 351 -45.70 18.99 -3.35
N THR D 352 -46.79 19.68 -3.63
CA THR D 352 -48.00 19.01 -4.10
C THR D 352 -48.17 19.10 -5.62
N GLY D 353 -47.07 19.33 -6.34
CA GLY D 353 -47.15 19.56 -7.77
C GLY D 353 -47.09 18.29 -8.61
N GLY D 354 -45.88 17.82 -8.90
CA GLY D 354 -45.74 16.55 -9.58
C GLY D 354 -45.48 16.53 -11.07
N GLY D 355 -44.66 17.45 -11.58
CA GLY D 355 -44.12 17.26 -12.92
C GLY D 355 -42.96 16.29 -12.80
N MET D 356 -42.03 16.29 -13.75
CA MET D 356 -40.72 15.77 -13.44
C MET D 356 -40.02 16.92 -12.72
N LYS D 357 -40.16 16.93 -11.40
CA LYS D 357 -39.97 18.11 -10.54
C LYS D 357 -38.77 19.01 -10.87
N VAL D 358 -38.91 20.29 -10.51
CA VAL D 358 -37.93 21.34 -10.84
C VAL D 358 -36.47 20.90 -10.81
N ILE D 359 -36.04 20.34 -9.69
CA ILE D 359 -34.68 19.84 -9.53
C ILE D 359 -34.26 18.85 -10.61
N ARG D 360 -35.18 18.00 -11.05
CA ARG D 360 -34.91 17.11 -12.18
C ARG D 360 -34.44 17.93 -13.39
N ILE D 361 -35.18 18.98 -13.73
CA ILE D 361 -34.85 19.83 -14.87
C ILE D 361 -33.54 20.61 -14.64
N LEU D 362 -33.36 21.12 -13.43
CA LEU D 362 -32.13 21.79 -13.05
C LEU D 362 -30.96 20.86 -13.30
N LEU D 363 -31.00 19.70 -12.65
CA LEU D 363 -29.99 18.66 -12.76
C LEU D 363 -29.74 18.33 -14.21
N LEU D 364 -30.81 18.03 -14.94
CA LEU D 364 -30.74 17.67 -16.35
C LEU D 364 -29.95 18.68 -17.17
N THR D 365 -30.33 19.95 -17.08
CA THR D 365 -29.61 21.01 -17.79
C THR D 365 -28.13 21.02 -17.38
N LEU D 366 -27.86 20.90 -16.08
CA LEU D 366 -26.48 20.80 -15.61
C LEU D 366 -25.69 19.66 -16.27
N GLN D 367 -26.26 18.45 -16.22
CA GLN D 367 -25.64 17.23 -16.71
C GLN D 367 -25.39 17.33 -18.21
N GLY D 368 -26.37 17.84 -18.94
CA GLY D 368 -26.21 18.02 -20.37
C GLY D 368 -25.12 19.05 -20.65
N ALA D 369 -25.08 20.09 -19.82
CA ALA D 369 -24.07 21.13 -19.96
C ALA D 369 -22.68 20.52 -19.81
N ARG D 370 -22.52 19.71 -18.76
CA ARG D 370 -21.31 18.94 -18.54
C ARG D 370 -20.97 18.16 -19.80
N GLU D 371 -21.90 17.32 -20.24
CA GLU D 371 -21.74 16.53 -21.45
C GLU D 371 -21.26 17.35 -22.63
N LEU D 372 -21.70 18.61 -22.69
CA LEU D 372 -21.29 19.51 -23.76
C LEU D 372 -19.89 20.05 -23.52
N LYS D 373 -19.49 20.16 -22.25
CA LYS D 373 -18.16 20.65 -21.91
C LYS D 373 -17.11 19.60 -22.20
N ARG D 374 -17.41 18.35 -21.86
CA ARG D 374 -16.47 17.25 -22.01
C ARG D 374 -15.99 17.08 -23.46
N LEU D 375 -16.85 17.39 -24.42
CA LEU D 375 -16.45 17.36 -25.82
C LEU D 375 -15.27 18.28 -26.12
N VAL D 376 -15.25 19.46 -25.51
CA VAL D 376 -14.19 20.43 -25.74
C VAL D 376 -12.86 19.97 -25.13
N HIS D 377 -12.77 19.96 -23.81
CA HIS D 377 -11.62 19.37 -23.12
C HIS D 377 -12.03 18.03 -22.55
N PRO D 378 -11.57 16.95 -23.17
CA PRO D 378 -12.10 15.64 -22.79
C PRO D 378 -11.28 14.94 -21.70
N ARG D 379 -10.06 15.42 -21.46
CA ARG D 379 -9.22 14.83 -20.43
C ARG D 379 -9.50 15.49 -19.09
N ALA D 380 -10.53 16.32 -19.04
CA ALA D 380 -10.80 17.15 -17.87
C ALA D 380 -11.82 16.51 -16.94
N VAL D 381 -11.76 16.89 -15.67
CA VAL D 381 -12.67 16.36 -14.65
C VAL D 381 -13.72 17.39 -14.27
N TYR D 382 -14.94 17.22 -14.80
CA TYR D 382 -16.05 18.11 -14.47
C TYR D 382 -16.98 17.41 -13.50
N THR D 383 -17.45 18.13 -12.49
CA THR D 383 -18.35 17.56 -11.49
C THR D 383 -19.67 18.31 -11.49
N ILE D 384 -20.76 17.60 -11.24
CA ILE D 384 -22.08 18.22 -11.20
C ILE D 384 -22.26 18.93 -9.87
N LYS D 385 -22.47 20.24 -9.91
CA LYS D 385 -22.56 21.01 -8.68
C LYS D 385 -23.94 21.62 -8.52
N VAL D 386 -24.60 21.33 -7.39
CA VAL D 386 -25.92 21.89 -7.10
C VAL D 386 -25.90 23.00 -6.04
N GLY D 387 -25.75 22.63 -4.77
CA GLY D 387 -25.75 23.62 -3.72
C GLY D 387 -24.33 23.98 -3.39
N GLY D 388 -23.60 22.98 -2.89
CA GLY D 388 -22.17 23.08 -2.69
C GLY D 388 -21.55 21.79 -3.17
N SER D 389 -21.81 20.71 -2.44
CA SER D 389 -21.29 19.39 -2.78
C SER D 389 -21.81 18.87 -4.13
N ALA D 390 -20.97 18.10 -4.81
CA ALA D 390 -21.32 17.46 -6.05
C ALA D 390 -22.32 16.32 -5.89
N LEU D 391 -22.98 15.97 -6.99
CA LEU D 391 -23.93 14.86 -6.99
C LEU D 391 -23.16 13.61 -7.35
N PRO D 392 -23.49 12.47 -6.72
CA PRO D 392 -22.78 11.23 -7.03
C PRO D 392 -23.26 10.61 -8.34
N GLN D 393 -22.42 9.78 -8.95
CA GLN D 393 -22.70 9.24 -10.28
C GLN D 393 -23.64 8.03 -10.14
N ARG D 394 -24.55 8.13 -9.16
CA ARG D 394 -25.51 7.10 -8.89
C ARG D 394 -26.86 7.79 -8.95
N VAL D 395 -26.79 9.13 -8.89
CA VAL D 395 -27.97 9.96 -8.85
C VAL D 395 -28.14 10.66 -10.19
N VAL D 396 -27.02 11.00 -10.83
CA VAL D 396 -27.04 11.50 -12.20
C VAL D 396 -27.62 10.42 -13.14
N ASP D 397 -27.16 9.19 -12.95
CA ASP D 397 -27.64 8.06 -13.72
C ASP D 397 -29.14 7.87 -13.52
N ALA D 398 -29.55 8.01 -12.26
CA ALA D 398 -30.95 7.81 -11.91
C ALA D 398 -31.83 8.87 -12.55
N VAL D 399 -31.38 10.13 -12.51
CA VAL D 399 -32.12 11.24 -13.12
C VAL D 399 -32.28 11.01 -14.62
N TRP D 400 -31.16 10.72 -15.29
CA TRP D 400 -31.20 10.50 -16.74
C TRP D 400 -32.16 9.35 -17.07
N GLY D 401 -32.07 8.28 -16.29
CA GLY D 401 -32.92 7.11 -16.50
C GLY D 401 -34.38 7.48 -16.33
N PHE D 402 -34.66 8.31 -15.34
CA PHE D 402 -36.01 8.79 -15.08
C PHE D 402 -36.55 9.57 -16.26
N PHE D 403 -35.76 10.50 -16.78
CA PHE D 403 -36.20 11.31 -17.91
C PHE D 403 -36.50 10.42 -19.12
N SER D 404 -35.60 9.48 -19.40
CA SER D 404 -35.81 8.53 -20.49
C SER D 404 -37.12 7.76 -20.32
N ALA D 405 -37.24 7.05 -19.20
CA ALA D 405 -38.47 6.34 -18.84
C ALA D 405 -39.73 7.19 -19.00
N TYR D 406 -39.67 8.44 -18.53
CA TYR D 406 -40.76 9.39 -18.68
C TYR D 406 -41.17 9.49 -20.14
N ALA D 407 -40.17 9.74 -20.98
CA ALA D 407 -40.41 9.82 -22.42
C ALA D 407 -41.10 8.54 -22.94
N LEU D 408 -40.54 7.38 -22.60
CA LEU D 408 -41.13 6.09 -22.96
C LEU D 408 -42.61 6.05 -22.63
N VAL D 409 -42.94 6.21 -21.35
CA VAL D 409 -44.33 6.23 -20.89
C VAL D 409 -45.20 7.19 -21.69
N PHE D 410 -44.72 8.41 -21.90
CA PHE D 410 -45.47 9.40 -22.67
C PHE D 410 -45.83 8.90 -24.07
N VAL D 411 -44.81 8.47 -24.81
CA VAL D 411 -45.05 8.03 -26.19
C VAL D 411 -45.89 6.76 -26.27
N VAL D 412 -45.73 5.91 -25.26
CA VAL D 412 -46.52 4.69 -25.15
C VAL D 412 -47.99 4.99 -24.93
N CYS D 413 -48.31 5.76 -23.90
CA CYS D 413 -49.71 6.10 -23.64
C CYS D 413 -50.33 6.97 -24.73
N MET D 414 -49.50 7.76 -25.42
CA MET D 414 -49.99 8.58 -26.53
C MET D 414 -50.45 7.67 -27.66
N LEU D 415 -49.64 6.65 -27.94
CA LEU D 415 -50.02 5.66 -28.94
C LEU D 415 -51.21 4.84 -28.48
N GLY D 416 -51.20 4.41 -27.23
CA GLY D 416 -52.32 3.71 -26.64
C GLY D 416 -53.63 4.45 -26.80
N LEU D 417 -53.57 5.77 -26.71
CA LEU D 417 -54.76 6.59 -26.92
C LEU D 417 -55.13 6.71 -28.40
N ILE D 418 -54.14 6.93 -29.25
CA ILE D 418 -54.42 7.00 -30.69
C ILE D 418 -55.02 5.67 -31.18
N ALA D 419 -54.64 4.59 -30.50
CA ALA D 419 -55.14 3.25 -30.76
C ALA D 419 -56.53 3.05 -30.19
N THR D 420 -56.76 3.65 -29.02
CA THR D 420 -58.08 3.63 -28.39
C THR D 420 -59.13 4.16 -29.37
N GLY D 421 -58.73 5.09 -30.21
CA GLY D 421 -59.62 5.70 -31.16
C GLY D 421 -59.37 7.17 -31.37
N MET D 422 -58.87 7.83 -30.32
CA MET D 422 -58.66 9.28 -30.34
C MET D 422 -57.77 9.72 -31.48
N ASP D 423 -57.85 10.99 -31.84
CA ASP D 423 -56.99 11.51 -32.90
C ASP D 423 -55.67 11.93 -32.28
N GLU D 424 -54.72 12.27 -33.13
CA GLU D 424 -53.32 12.43 -32.74
C GLU D 424 -53.10 13.53 -31.69
N LEU D 425 -53.48 14.75 -32.04
CA LEU D 425 -53.19 15.91 -31.22
C LEU D 425 -53.95 15.87 -29.89
N SER D 426 -55.16 15.32 -29.92
CA SER D 426 -55.98 15.21 -28.72
C SER D 426 -55.38 14.22 -27.75
N ALA D 427 -54.88 13.09 -28.27
CA ALA D 427 -54.20 12.10 -27.45
C ALA D 427 -52.91 12.65 -26.87
N PHE D 428 -52.24 13.51 -27.65
CA PHE D 428 -51.01 14.14 -27.20
C PHE D 428 -51.29 15.05 -26.02
N SER D 429 -52.30 15.89 -26.18
CA SER D 429 -52.70 16.78 -25.10
C SER D 429 -53.14 15.99 -23.89
N ALA D 430 -53.81 14.86 -24.15
CA ALA D 430 -54.37 14.02 -23.10
C ALA D 430 -53.27 13.47 -22.20
N VAL D 431 -52.30 12.77 -22.79
CA VAL D 431 -51.15 12.29 -22.02
C VAL D 431 -50.43 13.45 -21.34
N ALA D 432 -50.12 14.49 -22.10
CA ALA D 432 -49.45 15.67 -21.54
C ALA D 432 -50.23 16.32 -20.38
N ALA D 433 -51.49 15.93 -20.22
CA ALA D 433 -52.33 16.49 -19.16
C ALA D 433 -52.54 15.52 -18.01
N THR D 434 -52.36 14.23 -18.26
CA THR D 434 -52.56 13.24 -17.21
C THR D 434 -51.25 12.68 -16.65
N LEU D 435 -50.16 12.84 -17.37
CA LEU D 435 -48.87 12.31 -16.91
C LEU D 435 -48.21 13.35 -16.04
N ASN D 436 -48.56 14.61 -16.28
CA ASN D 436 -48.08 15.67 -15.44
C ASN D 436 -49.11 15.97 -14.37
N ASN D 437 -50.33 15.48 -14.58
CA ASN D 437 -51.48 15.74 -13.72
C ASN D 437 -51.92 17.20 -13.75
N LEU D 438 -52.35 17.68 -14.91
CA LEU D 438 -52.74 19.09 -15.00
C LEU D 438 -54.18 19.42 -14.52
N GLY D 439 -55.25 19.08 -15.25
CA GLY D 439 -55.24 18.33 -16.50
C GLY D 439 -56.21 18.86 -17.55
N PRO D 440 -56.08 20.14 -17.93
CA PRO D 440 -56.85 20.70 -19.06
C PRO D 440 -56.24 20.26 -20.40
N GLY D 441 -57.07 20.06 -21.42
CA GLY D 441 -56.60 19.73 -22.76
C GLY D 441 -55.48 20.61 -23.27
N LEU D 442 -55.74 21.92 -23.38
CA LEU D 442 -54.69 22.92 -23.57
C LEU D 442 -54.02 22.90 -24.96
N GLY D 443 -54.29 21.88 -25.77
CA GLY D 443 -53.62 21.75 -27.05
C GLY D 443 -54.13 22.72 -28.10
N GLU D 444 -55.30 22.42 -28.63
CA GLU D 444 -55.94 23.26 -29.64
C GLU D 444 -57.42 23.28 -29.32
N VAL D 445 -57.72 23.61 -28.07
CA VAL D 445 -59.09 23.70 -27.56
C VAL D 445 -59.92 22.44 -27.84
N ALA D 446 -59.43 21.30 -27.35
CA ALA D 446 -60.13 20.03 -27.45
C ALA D 446 -60.16 19.36 -26.07
N LEU D 447 -60.28 20.19 -25.04
CA LEU D 447 -59.97 19.78 -23.66
C LEU D 447 -60.84 18.71 -22.99
N HIS D 448 -62.10 18.58 -23.38
CA HIS D 448 -63.09 17.96 -22.50
C HIS D 448 -63.22 16.43 -22.58
N PHE D 449 -62.87 15.79 -21.46
CA PHE D 449 -62.69 14.34 -21.39
C PHE D 449 -63.99 13.56 -21.28
N GLY D 450 -65.04 14.24 -20.84
CA GLY D 450 -66.35 13.62 -20.63
C GLY D 450 -66.78 12.59 -21.65
N ASP D 451 -66.71 12.96 -22.93
CA ASP D 451 -67.26 12.12 -23.99
C ASP D 451 -66.18 11.46 -24.85
N VAL D 452 -64.96 11.45 -24.35
CA VAL D 452 -63.86 10.74 -25.00
C VAL D 452 -64.13 9.23 -24.89
N ASN D 453 -63.44 8.44 -25.71
CA ASN D 453 -63.54 6.98 -25.67
C ASN D 453 -63.50 6.41 -24.25
N ASP D 454 -64.19 5.29 -24.05
CA ASP D 454 -64.29 4.66 -22.74
C ASP D 454 -62.98 4.00 -22.31
N LYS D 455 -62.34 3.30 -23.24
CA LYS D 455 -61.04 2.69 -22.96
C LYS D 455 -60.04 3.80 -22.64
N ALA D 456 -60.08 4.86 -23.44
CA ALA D 456 -59.22 6.03 -23.25
C ALA D 456 -59.26 6.56 -21.83
N LYS D 457 -60.41 6.48 -21.19
CA LYS D 457 -60.53 6.93 -19.81
C LYS D 457 -59.66 6.05 -18.93
N TRP D 458 -59.73 4.75 -19.14
CA TRP D 458 -58.90 3.79 -18.41
C TRP D 458 -57.41 4.06 -18.61
N VAL D 459 -57.01 4.08 -19.88
CA VAL D 459 -55.65 4.47 -20.26
C VAL D 459 -55.19 5.71 -19.52
N LEU D 460 -56.02 6.75 -19.53
CA LEU D 460 -55.70 8.02 -18.87
C LEU D 460 -55.58 7.87 -17.35
N ILE D 461 -56.36 6.97 -16.77
CA ILE D 461 -56.24 6.67 -15.35
C ILE D 461 -54.84 6.11 -15.08
N VAL D 462 -54.45 5.13 -15.87
CA VAL D 462 -53.09 4.64 -15.85
C VAL D 462 -52.08 5.79 -15.94
N SER D 463 -52.22 6.60 -16.99
CA SER D 463 -51.38 7.79 -17.22
C SER D 463 -51.22 8.66 -15.98
N MET D 464 -52.29 8.84 -15.21
CA MET D 464 -52.18 9.67 -14.01
C MET D 464 -51.67 8.92 -12.78
N LEU D 465 -51.76 7.60 -12.80
CA LEU D 465 -51.08 6.79 -11.81
C LEU D 465 -49.56 6.82 -12.01
N PHE D 466 -49.12 6.65 -13.25
CA PHE D 466 -47.72 6.88 -13.61
C PHE D 466 -47.32 8.28 -13.20
N GLY D 467 -48.12 9.26 -13.61
CA GLY D 467 -47.85 10.65 -13.30
C GLY D 467 -47.69 10.93 -11.81
N ARG D 468 -48.43 10.20 -10.98
CA ARG D 468 -48.30 10.35 -9.55
C ARG D 468 -47.04 9.66 -9.03
N LEU D 469 -46.95 8.37 -9.29
CA LEU D 469 -45.88 7.52 -8.73
C LEU D 469 -44.49 7.80 -9.30
N GLU D 470 -44.33 8.92 -9.98
CA GLU D 470 -43.06 9.31 -10.58
C GLU D 470 -42.45 8.22 -11.46
N ILE D 471 -43.32 7.36 -12.00
CA ILE D 471 -42.98 6.48 -13.13
C ILE D 471 -42.17 5.22 -12.78
N PHE D 472 -41.16 5.34 -11.94
CA PHE D 472 -40.33 4.19 -11.64
C PHE D 472 -41.09 3.23 -10.73
N THR D 473 -41.67 3.76 -9.66
CA THR D 473 -42.21 2.94 -8.60
C THR D 473 -43.45 2.16 -9.01
N LEU D 474 -43.74 2.16 -10.32
CA LEU D 474 -44.81 1.37 -10.90
C LEU D 474 -44.20 0.52 -12.00
N LEU D 475 -43.28 1.12 -12.75
CA LEU D 475 -42.54 0.41 -13.79
C LEU D 475 -41.86 -0.85 -13.26
N ILE D 476 -41.22 -0.74 -12.09
CA ILE D 476 -40.51 -1.90 -11.53
C ILE D 476 -41.48 -3.02 -11.11
N LEU D 477 -42.76 -2.70 -10.99
CA LEU D 477 -43.74 -3.66 -10.49
C LEU D 477 -43.99 -4.79 -11.49
N LEU D 478 -43.67 -4.56 -12.75
CA LEU D 478 -43.90 -5.56 -13.79
C LEU D 478 -42.61 -6.10 -14.40
N THR D 479 -41.47 -5.72 -13.83
CA THR D 479 -40.20 -6.35 -14.14
C THR D 479 -40.11 -7.70 -13.44
N PRO D 480 -39.44 -8.68 -14.09
CA PRO D 480 -39.29 -9.98 -13.44
C PRO D 480 -38.51 -9.84 -12.14
N THR D 481 -37.51 -8.95 -12.15
CA THR D 481 -36.59 -8.79 -11.04
C THR D 481 -37.28 -8.44 -9.72
N PHE D 482 -38.46 -7.82 -9.80
CA PHE D 482 -39.20 -7.43 -8.61
C PHE D 482 -39.60 -8.64 -7.77
N TRP D 483 -39.95 -9.73 -8.45
CA TRP D 483 -40.30 -10.96 -7.76
C TRP D 483 -39.31 -12.07 -8.13
N ARG D 484 -38.56 -12.61 -7.17
CA ARG D 484 -38.68 -12.26 -5.75
C ARG D 484 -37.38 -12.57 -5.03
N MET E 1 -33.11 15.42 26.13
CA MET E 1 -31.72 15.80 25.95
C MET E 1 -31.37 15.76 24.47
N LYS E 2 -30.61 16.74 23.99
CA LYS E 2 -30.11 16.70 22.61
C LYS E 2 -28.58 16.71 22.58
N ILE E 3 -28.01 15.61 22.11
CA ILE E 3 -26.57 15.46 22.07
C ILE E 3 -25.97 15.51 20.67
N ILE E 4 -24.83 16.19 20.58
CA ILE E 4 -24.00 16.16 19.39
C ILE E 4 -22.89 15.18 19.69
N ILE E 5 -22.76 14.15 18.86
CA ILE E 5 -21.71 13.16 19.02
C ILE E 5 -20.63 13.35 17.97
N LEU E 6 -19.43 13.67 18.44
CA LEU E 6 -18.30 13.83 17.55
C LEU E 6 -17.62 12.48 17.40
N GLY E 7 -17.76 11.89 16.21
CA GLY E 7 -17.16 10.60 15.91
C GLY E 7 -18.19 9.53 15.65
N ALA E 8 -18.27 9.11 14.40
CA ALA E 8 -19.24 8.10 13.95
C ALA E 8 -18.56 6.74 13.94
N GLY E 9 -17.26 6.75 14.19
CA GLY E 9 -16.47 5.54 14.12
C GLY E 9 -16.73 4.55 15.24
N GLN E 10 -15.66 4.08 15.86
CA GLN E 10 -15.74 2.97 16.80
C GLN E 10 -16.73 3.14 17.96
N VAL E 11 -16.56 4.16 18.79
CA VAL E 11 -17.36 4.31 20.00
C VAL E 11 -18.63 5.11 19.78
N GLY E 12 -18.49 6.27 19.12
CA GLY E 12 -19.62 7.12 18.80
C GLY E 12 -20.75 6.39 18.12
N GLY E 13 -20.39 5.33 17.39
CA GLY E 13 -21.37 4.45 16.79
C GLY E 13 -22.31 3.85 17.82
N THR E 14 -21.78 3.00 18.69
CA THR E 14 -22.58 2.33 19.71
C THR E 14 -23.25 3.31 20.66
N LEU E 15 -22.56 4.42 20.91
CA LEU E 15 -23.07 5.46 21.78
C LEU E 15 -24.35 6.04 21.16
N ALA E 16 -24.28 6.32 19.87
CA ALA E 16 -25.42 6.84 19.13
C ALA E 16 -26.54 5.80 19.12
N GLU E 17 -26.19 4.57 18.75
CA GLU E 17 -27.13 3.47 18.69
C GLU E 17 -27.89 3.28 20.00
N ASN E 18 -27.25 3.63 21.13
CA ASN E 18 -27.89 3.41 22.42
C ASN E 18 -28.71 4.62 22.87
N LEU E 19 -28.12 5.81 22.77
CA LEU E 19 -28.82 7.04 23.15
C LEU E 19 -30.04 7.32 22.28
N VAL E 20 -30.13 6.65 21.14
CA VAL E 20 -31.26 6.81 20.23
C VAL E 20 -32.45 6.01 20.77
N GLY E 21 -32.15 4.93 21.48
CA GLY E 21 -33.17 4.10 22.11
C GLY E 21 -34.06 4.89 23.04
N GLU E 22 -33.46 5.62 23.97
CA GLU E 22 -34.19 6.61 24.75
C GLU E 22 -34.41 7.82 23.84
N ASN E 23 -35.52 8.52 24.04
CA ASN E 23 -35.84 9.65 23.17
C ASN E 23 -34.91 10.86 23.37
N ASN E 24 -33.95 10.99 22.47
CA ASN E 24 -33.03 12.13 22.46
C ASN E 24 -32.89 12.64 21.04
N ASP E 25 -32.41 13.88 20.89
CA ASP E 25 -32.13 14.41 19.57
C ASP E 25 -30.64 14.29 19.35
N ILE E 26 -30.25 13.40 18.46
CA ILE E 26 -28.85 13.12 18.28
C ILE E 26 -28.37 13.57 16.91
N THR E 27 -27.39 14.47 16.89
CA THR E 27 -26.74 14.79 15.63
C THR E 27 -25.32 14.30 15.74
N ILE E 28 -24.84 13.60 14.73
CA ILE E 28 -23.50 13.01 14.84
C ILE E 28 -22.60 13.38 13.64
N VAL E 29 -21.42 13.89 13.97
CA VAL E 29 -20.49 14.42 12.99
C VAL E 29 -19.39 13.42 12.69
N ASP E 30 -18.94 13.35 11.43
CA ASP E 30 -17.79 12.49 11.13
C ASP E 30 -16.90 12.83 9.93
N ASN E 31 -15.62 12.46 10.06
CA ASN E 31 -14.61 12.57 9.01
C ASN E 31 -15.09 12.08 7.65
N ASN E 32 -15.39 10.79 7.56
CA ASN E 32 -15.79 10.19 6.29
C ASN E 32 -17.24 9.73 6.32
N ALA E 33 -17.95 9.99 5.22
CA ALA E 33 -19.40 9.83 5.18
C ALA E 33 -19.84 8.36 5.08
N ASP E 34 -18.92 7.47 4.73
CA ASP E 34 -19.26 6.05 4.60
C ASP E 34 -19.69 5.43 5.93
N ARG E 35 -19.03 5.83 7.01
CA ARG E 35 -19.41 5.37 8.33
C ARG E 35 -20.72 6.02 8.75
N LEU E 36 -21.03 7.17 8.15
CA LEU E 36 -22.25 7.91 8.45
C LEU E 36 -23.47 7.29 7.77
N ARG E 37 -23.24 6.74 6.57
CA ARG E 37 -24.27 6.03 5.81
C ARG E 37 -24.98 5.01 6.67
N GLU E 38 -24.20 4.19 7.38
CA GLU E 38 -24.74 3.08 8.15
C GLU E 38 -25.73 3.53 9.23
N LEU E 39 -25.37 4.54 10.02
CA LEU E 39 -26.22 4.96 11.13
C LEU E 39 -27.36 5.85 10.66
N GLN E 40 -27.14 6.52 9.53
CA GLN E 40 -28.19 7.27 8.87
C GLN E 40 -29.27 6.27 8.47
N ASP E 41 -28.82 5.21 7.81
CA ASP E 41 -29.67 4.07 7.48
C ASP E 41 -30.41 3.52 8.68
N LYS E 42 -29.66 3.23 9.74
CA LYS E 42 -30.21 2.47 10.86
C LYS E 42 -31.11 3.26 11.82
N TYR E 43 -30.54 4.22 12.53
CA TYR E 43 -31.18 4.65 13.77
C TYR E 43 -31.96 5.95 13.72
N ASP E 44 -32.09 6.53 12.53
CA ASP E 44 -32.85 7.76 12.34
C ASP E 44 -32.39 8.91 13.25
N LEU E 45 -31.25 9.49 12.87
CA LEU E 45 -30.73 10.67 13.54
C LEU E 45 -30.06 11.53 12.47
N ARG E 46 -29.80 12.78 12.79
CA ARG E 46 -29.21 13.68 11.81
C ARG E 46 -27.69 13.54 11.76
N VAL E 47 -27.17 13.64 10.53
CA VAL E 47 -25.76 13.40 10.26
C VAL E 47 -25.06 14.62 9.68
N VAL E 48 -23.86 14.92 10.19
CA VAL E 48 -23.08 16.05 9.68
C VAL E 48 -21.69 15.58 9.25
N ASN E 49 -21.43 15.65 7.94
CA ASN E 49 -20.14 15.24 7.42
C ASN E 49 -19.21 16.45 7.38
N GLY E 50 -18.06 16.32 8.01
CA GLY E 50 -17.08 17.39 8.04
C GLY E 50 -16.17 17.25 9.24
N HIS E 51 -15.10 18.02 9.27
CA HIS E 51 -14.14 17.94 10.36
C HIS E 51 -14.77 18.40 11.67
N ALA E 52 -14.77 17.52 12.66
CA ALA E 52 -15.56 17.73 13.88
C ALA E 52 -14.95 18.75 14.82
N SER E 53 -14.01 19.54 14.32
CA SER E 53 -13.31 20.48 15.15
C SER E 53 -13.32 21.86 14.49
N HIS E 54 -14.08 21.98 13.41
CA HIS E 54 -14.24 23.26 12.72
C HIS E 54 -15.51 23.93 13.23
N PRO E 55 -15.43 25.24 13.53
CA PRO E 55 -16.58 26.03 13.99
C PRO E 55 -17.80 25.84 13.09
N ASP E 56 -17.65 26.03 11.78
CA ASP E 56 -18.78 25.93 10.85
C ASP E 56 -19.45 24.57 10.86
N VAL E 57 -18.69 23.53 11.17
CA VAL E 57 -19.19 22.17 11.17
C VAL E 57 -20.03 21.96 12.41
N LEU E 58 -19.48 22.38 13.56
CA LEU E 58 -20.18 22.37 14.83
C LEU E 58 -21.50 23.12 14.69
N HIS E 59 -21.44 24.27 14.02
CA HIS E 59 -22.62 25.06 13.70
C HIS E 59 -23.62 24.20 12.95
N GLU E 60 -23.18 23.59 11.85
CA GLU E 60 -24.03 22.68 11.09
C GLU E 60 -24.64 21.58 11.97
N ALA E 61 -23.96 21.27 13.08
CA ALA E 61 -24.42 20.20 13.96
C ALA E 61 -25.35 20.74 15.03
N GLY E 62 -25.19 22.01 15.38
CA GLY E 62 -26.08 22.65 16.33
C GLY E 62 -25.48 22.88 17.71
N ALA E 63 -24.20 23.24 17.74
CA ALA E 63 -23.51 23.48 19.00
C ALA E 63 -24.20 24.56 19.83
N GLN E 64 -24.88 25.47 19.17
CA GLN E 64 -25.58 26.55 19.86
C GLN E 64 -26.79 26.04 20.63
N ASP E 65 -27.58 25.19 19.98
CA ASP E 65 -28.85 24.75 20.56
C ASP E 65 -28.74 23.46 21.35
N ALA E 66 -27.51 22.93 21.46
CA ALA E 66 -27.30 21.63 22.09
C ALA E 66 -27.13 21.71 23.61
N ASP E 67 -27.16 20.56 24.27
CA ASP E 67 -26.95 20.49 25.72
C ASP E 67 -25.70 19.68 26.06
N MET E 68 -25.12 19.02 25.07
CA MET E 68 -23.98 18.14 25.33
C MET E 68 -23.14 17.85 24.09
N LEU E 69 -21.84 18.03 24.24
CA LEU E 69 -20.89 17.75 23.18
C LEU E 69 -20.14 16.47 23.51
N VAL E 70 -20.64 15.34 23.04
CA VAL E 70 -19.94 14.08 23.26
C VAL E 70 -18.84 13.91 22.22
N ALA E 71 -17.68 14.46 22.53
CA ALA E 71 -16.55 14.47 21.62
C ALA E 71 -15.74 13.19 21.76
N VAL E 72 -16.12 12.16 21.01
CA VAL E 72 -15.39 10.90 21.08
C VAL E 72 -14.90 10.47 19.69
N THR E 73 -13.66 10.85 19.37
CA THR E 73 -13.09 10.47 18.08
C THR E 73 -11.82 9.66 18.28
N ASN E 74 -11.05 9.53 17.20
CA ASN E 74 -9.83 8.73 17.22
C ASN E 74 -8.70 9.55 17.79
N THR E 75 -8.62 10.79 17.30
CA THR E 75 -7.59 11.73 17.72
C THR E 75 -7.96 12.44 19.01
N ASP E 76 -7.01 12.55 19.93
CA ASP E 76 -7.18 13.30 21.15
C ASP E 76 -7.27 14.78 20.80
N GLU E 77 -6.24 15.23 20.10
CA GLU E 77 -6.04 16.65 19.78
C GLU E 77 -7.29 17.28 19.19
N THR E 78 -7.95 16.56 18.27
CA THR E 78 -9.17 17.06 17.66
C THR E 78 -10.33 17.06 18.65
N ASN E 79 -10.42 16.05 19.50
CA ASN E 79 -11.46 16.03 20.53
C ASN E 79 -11.37 17.24 21.46
N MET E 80 -10.14 17.54 21.87
CA MET E 80 -9.90 18.64 22.80
C MET E 80 -10.22 19.94 22.09
N ALA E 81 -9.62 20.13 20.93
CA ALA E 81 -9.87 21.32 20.11
C ALA E 81 -11.36 21.53 19.86
N ALA E 82 -12.08 20.41 19.77
CA ALA E 82 -13.53 20.44 19.64
C ALA E 82 -14.14 21.06 20.87
N CYS E 83 -13.71 20.60 22.05
CA CYS E 83 -14.23 21.21 23.28
C CYS E 83 -13.90 22.70 23.37
N GLN E 84 -12.68 23.06 22.98
CA GLN E 84 -12.24 24.45 23.04
C GLN E 84 -13.08 25.34 22.14
N VAL E 85 -13.21 24.93 20.89
CA VAL E 85 -13.97 25.69 19.91
C VAL E 85 -15.44 25.73 20.28
N ALA E 86 -15.98 24.63 20.78
CA ALA E 86 -17.40 24.60 21.11
C ALA E 86 -17.69 25.50 22.30
N PHE E 87 -16.74 25.55 23.23
CA PHE E 87 -16.93 26.36 24.43
C PHE E 87 -16.77 27.86 24.14
N THR E 88 -15.64 28.26 23.56
CA THR E 88 -15.42 29.67 23.29
C THR E 88 -16.15 30.23 22.06
N LEU E 89 -16.83 29.37 21.30
CA LEU E 89 -17.58 29.86 20.13
C LEU E 89 -19.09 29.62 20.20
N PHE E 90 -19.52 28.68 21.02
CA PHE E 90 -20.94 28.37 21.12
C PHE E 90 -21.42 28.24 22.56
N ASN E 91 -20.47 28.31 23.49
CA ASN E 91 -20.74 28.08 24.91
C ASN E 91 -21.57 26.82 25.12
N THR E 92 -21.21 25.75 24.40
CA THR E 92 -21.93 24.49 24.45
C THR E 92 -21.81 23.84 25.82
N PRO E 93 -22.97 23.54 26.44
CA PRO E 93 -23.12 23.10 27.84
C PRO E 93 -22.19 22.00 28.31
N ASN E 94 -22.53 20.74 28.04
CA ASN E 94 -21.83 19.63 28.68
C ASN E 94 -20.83 18.96 27.76
N ARG E 95 -19.55 19.09 28.08
CA ARG E 95 -18.48 18.71 27.16
C ARG E 95 -17.67 17.50 27.63
N VAL E 96 -18.11 16.30 27.26
CA VAL E 96 -17.31 15.10 27.51
C VAL E 96 -16.38 14.86 26.33
N ALA E 97 -15.18 14.34 26.60
CA ALA E 97 -14.18 14.18 25.55
C ALA E 97 -13.30 12.95 25.76
N ARG E 98 -13.27 12.05 24.78
CA ARG E 98 -12.42 10.87 24.88
C ARG E 98 -10.96 11.22 24.77
N ILE E 99 -10.20 10.92 25.82
CA ILE E 99 -8.75 11.07 25.77
C ILE E 99 -8.06 9.75 26.10
N ARG E 100 -7.18 9.31 25.21
CA ARG E 100 -6.49 8.04 25.37
C ARG E 100 -5.11 8.27 25.98
N SER E 101 -4.36 9.16 25.35
CA SER E 101 -2.96 9.41 25.71
C SER E 101 -2.78 9.58 27.21
N PRO E 102 -1.92 8.75 27.81
CA PRO E 102 -1.74 8.71 29.26
C PRO E 102 -1.09 9.97 29.81
N GLU E 103 -0.17 10.56 29.07
CA GLU E 103 0.56 11.72 29.56
C GLU E 103 -0.21 13.01 29.37
N TYR E 104 -1.49 12.91 28.99
CA TYR E 104 -2.38 14.06 29.05
C TYR E 104 -3.11 14.02 30.37
N LEU E 105 -3.86 12.95 30.59
CA LEU E 105 -4.59 12.78 31.85
C LEU E 105 -3.64 12.44 33.00
N ALA E 106 -2.34 12.48 32.70
CA ALA E 106 -1.33 12.46 33.73
C ALA E 106 -1.46 13.73 34.56
N GLU E 107 -1.72 14.84 33.86
CA GLU E 107 -1.99 16.10 34.51
C GLU E 107 -3.45 16.46 34.32
N LYS E 108 -4.32 15.46 34.49
CA LYS E 108 -5.75 15.62 34.31
C LYS E 108 -6.33 16.89 34.96
N GLU E 109 -5.95 17.13 36.21
CA GLU E 109 -6.47 18.27 36.95
C GLU E 109 -5.87 19.56 36.42
N ALA E 110 -4.55 19.58 36.26
CA ALA E 110 -3.82 20.78 35.87
C ALA E 110 -4.10 21.20 34.43
N LEU E 111 -4.74 20.32 33.67
CA LEU E 111 -4.87 20.51 32.23
C LEU E 111 -6.32 20.56 31.75
N PHE E 112 -7.24 20.04 32.57
CA PHE E 112 -8.63 20.01 32.15
C PHE E 112 -9.57 20.72 33.13
N LYS E 113 -9.40 20.46 34.42
CA LYS E 113 -10.25 21.04 35.45
C LYS E 113 -9.86 22.48 35.80
N SER E 114 -9.28 23.19 34.85
CA SER E 114 -8.92 24.59 35.07
C SER E 114 -9.53 25.49 33.99
N GLY E 115 -10.36 24.92 33.13
CA GLY E 115 -10.98 25.68 32.06
C GLY E 115 -9.99 26.18 31.01
N ALA E 116 -8.79 25.62 31.03
CA ALA E 116 -7.77 25.94 30.04
C ALA E 116 -8.16 25.17 28.79
N ILE E 117 -8.25 23.86 28.95
CA ILE E 117 -8.89 23.00 27.97
C ILE E 117 -10.26 22.68 28.55
N PRO E 118 -11.30 23.37 28.06
CA PRO E 118 -12.63 23.32 28.67
C PRO E 118 -13.33 21.97 28.55
N VAL E 119 -12.72 20.92 29.08
CA VAL E 119 -13.35 19.61 29.12
C VAL E 119 -13.98 19.36 30.48
N ASP E 120 -15.29 19.08 30.47
CA ASP E 120 -16.03 18.82 31.70
C ASP E 120 -15.74 17.43 32.24
N HIS E 121 -15.89 16.43 31.40
CA HIS E 121 -15.60 15.06 31.80
C HIS E 121 -14.70 14.37 30.79
N LEU E 122 -13.70 13.67 31.27
CA LEU E 122 -12.91 12.82 30.41
C LEU E 122 -13.53 11.43 30.39
N ILE E 123 -13.36 10.71 29.29
CA ILE E 123 -13.88 9.36 29.19
C ILE E 123 -12.96 8.52 28.31
N ALA E 124 -12.12 7.72 28.95
CA ALA E 124 -11.20 6.84 28.24
C ALA E 124 -11.81 5.45 28.20
N PRO E 125 -12.33 5.05 27.03
CA PRO E 125 -13.16 3.85 26.90
C PRO E 125 -12.39 2.54 27.09
N GLU E 126 -11.22 2.47 26.46
CA GLU E 126 -10.45 1.23 26.51
C GLU E 126 -9.99 0.93 27.92
N GLU E 127 -9.56 1.95 28.66
CA GLU E 127 -9.15 1.78 30.05
C GLU E 127 -10.27 1.16 30.89
N LEU E 128 -11.51 1.55 30.60
CA LEU E 128 -12.67 0.96 31.26
C LEU E 128 -12.72 -0.51 30.89
N VAL E 129 -12.50 -0.81 29.61
CA VAL E 129 -12.50 -2.21 29.19
C VAL E 129 -11.44 -3.04 29.93
N THR E 130 -10.21 -2.52 30.03
CA THR E 130 -9.14 -3.27 30.71
C THR E 130 -9.47 -3.43 32.19
N SER E 131 -10.04 -2.42 32.81
CA SER E 131 -10.42 -2.54 34.21
C SER E 131 -11.44 -3.65 34.37
N TYR E 132 -12.39 -3.69 33.44
CA TYR E 132 -13.40 -4.75 33.42
C TYR E 132 -12.73 -6.12 33.37
N ILE E 133 -11.79 -6.29 32.44
CA ILE E 133 -11.07 -7.56 32.31
C ILE E 133 -10.31 -7.92 33.59
N GLU E 134 -9.45 -7.01 34.03
CA GLU E 134 -8.67 -7.14 35.26
C GLU E 134 -9.52 -7.58 36.45
N ARG E 135 -10.67 -6.95 36.64
CA ARG E 135 -11.56 -7.34 37.73
C ARG E 135 -12.03 -8.77 37.47
N LEU E 136 -12.46 -9.04 36.25
CA LEU E 136 -12.88 -10.39 35.88
C LEU E 136 -11.81 -11.42 36.22
N ILE E 137 -10.56 -10.98 36.29
CA ILE E 137 -9.45 -11.86 36.62
C ILE E 137 -9.21 -11.99 38.12
N GLN E 138 -9.17 -10.86 38.82
CA GLN E 138 -8.88 -10.88 40.25
C GLN E 138 -10.09 -11.30 41.08
N TYR E 139 -11.17 -11.64 40.39
CA TYR E 139 -12.34 -12.23 41.03
C TYR E 139 -12.74 -13.47 40.25
N PRO E 140 -11.98 -14.57 40.44
CA PRO E 140 -12.16 -15.83 39.73
C PRO E 140 -13.59 -16.35 39.80
N GLY E 141 -14.15 -16.70 38.64
CA GLY E 141 -15.49 -17.25 38.60
C GLY E 141 -16.53 -16.20 38.30
N ALA E 142 -16.09 -14.96 38.22
CA ALA E 142 -17.01 -13.85 37.96
C ALA E 142 -17.24 -13.69 36.46
N LEU E 143 -18.45 -13.28 36.11
CA LEU E 143 -18.80 -12.99 34.73
C LEU E 143 -18.91 -11.48 34.52
N GLN E 144 -18.97 -10.75 35.63
CA GLN E 144 -19.12 -9.30 35.59
C GLN E 144 -18.99 -8.75 37.02
N VAL E 145 -18.24 -7.66 37.16
CA VAL E 145 -18.00 -7.06 38.47
C VAL E 145 -18.09 -5.53 38.40
N VAL E 146 -19.18 -4.97 38.89
CA VAL E 146 -19.32 -3.52 38.92
C VAL E 146 -19.36 -2.97 40.34
N SER E 147 -18.46 -2.03 40.62
CA SER E 147 -18.34 -1.39 41.93
C SER E 147 -18.96 0.01 41.91
N PHE E 148 -19.67 0.37 42.96
CA PHE E 148 -20.41 1.63 42.96
C PHE E 148 -19.82 2.72 43.85
N ALA E 149 -20.25 2.78 45.11
CA ALA E 149 -19.87 3.90 45.95
C ALA E 149 -18.39 3.84 46.31
N GLU E 150 -17.59 4.43 45.42
CA GLU E 150 -16.13 4.43 45.54
C GLU E 150 -15.54 3.08 45.92
N GLN E 151 -15.94 2.05 45.18
CA GLN E 151 -15.53 0.67 45.42
C GLN E 151 -15.84 0.21 46.83
N LYS E 152 -17.09 0.36 47.24
CA LYS E 152 -17.49 -0.09 48.57
C LYS E 152 -18.61 -1.12 48.50
N VAL E 153 -19.57 -0.88 47.62
CA VAL E 153 -20.57 -1.90 47.31
C VAL E 153 -20.25 -2.45 45.94
N SER E 154 -20.55 -3.73 45.72
CA SER E 154 -20.27 -4.38 44.46
C SER E 154 -21.39 -5.31 44.04
N LEU E 155 -21.92 -5.02 42.85
CA LEU E 155 -22.80 -5.92 42.12
C LEU E 155 -21.89 -6.87 41.36
N VAL E 156 -22.09 -8.16 41.56
CA VAL E 156 -21.26 -9.18 40.90
C VAL E 156 -22.17 -10.17 40.19
N ALA E 157 -21.63 -10.91 39.22
CA ALA E 157 -22.46 -11.83 38.45
C ALA E 157 -21.73 -13.15 38.21
N VAL E 158 -22.47 -14.25 38.36
CA VAL E 158 -21.89 -15.58 38.20
C VAL E 158 -22.90 -16.62 37.71
N LYS E 159 -22.45 -17.48 36.79
CA LYS E 159 -23.27 -18.59 36.31
C LYS E 159 -23.44 -19.62 37.43
N ALA E 160 -24.66 -20.11 37.60
CA ALA E 160 -24.90 -21.19 38.56
C ALA E 160 -24.46 -22.49 37.92
N TYR E 161 -23.55 -23.21 38.57
CA TYR E 161 -23.07 -24.46 38.02
C TYR E 161 -23.30 -25.62 38.98
N GLY E 164 -22.43 -26.34 43.91
CA GLY E 164 -22.34 -25.30 44.91
C GLY E 164 -23.68 -24.74 45.36
N PRO E 165 -24.46 -24.17 44.42
CA PRO E 165 -25.80 -23.65 44.74
C PRO E 165 -26.84 -24.76 44.94
N LEU E 166 -27.99 -24.61 44.28
CA LEU E 166 -29.04 -25.61 44.25
C LEU E 166 -29.65 -25.98 45.62
N VAL E 167 -30.04 -24.96 46.38
CA VAL E 167 -30.69 -25.13 47.67
C VAL E 167 -31.60 -23.93 47.93
N GLY E 168 -32.30 -23.91 49.06
CA GLY E 168 -33.19 -22.80 49.37
C GLY E 168 -32.46 -21.47 49.34
N ASN E 169 -33.00 -20.52 48.58
CA ASN E 169 -32.32 -19.27 48.26
C ASN E 169 -31.82 -18.43 49.44
N ALA E 170 -32.76 -17.96 50.26
CA ALA E 170 -32.41 -17.11 51.41
C ALA E 170 -32.05 -17.96 52.61
N LEU E 171 -32.14 -19.27 52.45
CA LEU E 171 -31.82 -20.21 53.52
C LEU E 171 -30.33 -20.50 53.49
N SER E 172 -29.74 -20.40 52.31
CA SER E 172 -28.29 -20.52 52.15
C SER E 172 -27.65 -19.20 52.58
N ALA E 173 -28.44 -18.13 52.53
CA ALA E 173 -27.98 -16.80 52.91
C ALA E 173 -27.59 -16.77 54.39
N LEU E 174 -28.25 -17.61 55.18
CA LEU E 174 -27.91 -17.77 56.59
C LEU E 174 -26.52 -18.35 56.76
N ARG E 175 -26.07 -19.14 55.79
CA ARG E 175 -24.78 -19.81 55.89
C ARG E 175 -23.60 -18.92 55.52
N GLU E 176 -23.87 -17.64 55.24
CA GLU E 176 -22.80 -16.70 54.94
C GLU E 176 -22.57 -15.71 56.08
N HIS E 177 -23.68 -15.31 56.71
CA HIS E 177 -23.67 -14.37 57.82
C HIS E 177 -22.80 -14.82 58.99
N ASP E 182 -23.68 -11.01 54.39
CA ASP E 182 -24.18 -9.65 54.18
C ASP E 182 -24.39 -9.36 52.70
N THR E 183 -25.29 -10.10 52.07
CA THR E 183 -25.52 -9.95 50.63
C THR E 183 -26.92 -10.40 50.23
N ARG E 184 -27.55 -9.63 49.33
CA ARG E 184 -28.82 -10.03 48.72
C ARG E 184 -28.70 -10.15 47.20
N VAL E 185 -29.55 -10.99 46.62
CA VAL E 185 -29.58 -11.19 45.18
C VAL E 185 -30.39 -10.10 44.48
N ALA E 186 -29.71 -9.30 43.66
CA ALA E 186 -30.37 -8.20 42.94
C ALA E 186 -31.24 -8.72 41.79
N ALA E 187 -30.83 -9.86 41.23
CA ALA E 187 -31.53 -10.43 40.08
C ALA E 187 -31.00 -11.82 39.72
N ILE E 188 -31.86 -12.62 39.12
CA ILE E 188 -31.52 -13.98 38.72
C ILE E 188 -32.11 -14.23 37.34
N PHE E 189 -31.26 -14.44 36.35
CA PHE E 189 -31.77 -14.72 35.02
C PHE E 189 -31.86 -16.23 34.86
N ARG E 190 -33.08 -16.71 34.72
CA ARG E 190 -33.33 -18.14 34.60
C ARG E 190 -33.42 -18.57 33.15
N GLN E 191 -34.17 -17.82 32.36
CA GLN E 191 -34.26 -18.07 30.93
C GLN E 191 -33.81 -16.82 30.16
N GLY E 192 -34.75 -15.91 29.92
CA GLY E 192 -34.46 -14.66 29.24
C GLY E 192 -34.71 -13.45 30.11
N ARG E 193 -35.85 -13.45 30.79
CA ARG E 193 -36.19 -12.39 31.74
C ARG E 193 -36.05 -12.94 33.16
N PRO E 194 -35.73 -12.08 34.12
CA PRO E 194 -35.52 -12.58 35.48
C PRO E 194 -36.81 -12.98 36.18
N ILE E 195 -36.67 -13.41 37.43
CA ILE E 195 -37.81 -13.77 38.27
C ILE E 195 -37.65 -13.14 39.65
N ARG E 196 -38.74 -13.10 40.41
CA ARG E 196 -38.77 -12.42 41.71
C ARG E 196 -37.89 -13.07 42.78
N PRO E 197 -36.82 -12.37 43.19
CA PRO E 197 -35.90 -12.86 44.23
C PRO E 197 -36.35 -12.40 45.62
N GLN E 198 -36.95 -13.30 46.39
CA GLN E 198 -37.35 -12.98 47.75
C GLN E 198 -36.77 -14.01 48.70
N GLY E 199 -37.28 -14.05 49.93
CA GLY E 199 -36.80 -14.96 50.95
C GLY E 199 -36.99 -16.44 50.62
N THR E 200 -37.90 -16.73 49.70
CA THR E 200 -38.30 -18.11 49.42
C THR E 200 -38.30 -18.56 47.95
N THR E 201 -37.34 -18.10 47.16
CA THR E 201 -37.31 -18.43 45.73
C THR E 201 -36.48 -19.70 45.43
N ILE E 202 -36.96 -20.53 44.51
CA ILE E 202 -36.27 -21.79 44.18
C ILE E 202 -35.05 -21.57 43.26
N ILE E 203 -33.90 -22.12 43.68
CA ILE E 203 -32.67 -22.00 42.90
C ILE E 203 -32.55 -23.03 41.77
N GLU E 204 -32.74 -22.56 40.54
CA GLU E 204 -32.57 -23.40 39.36
C GLU E 204 -31.11 -23.47 38.92
N ALA E 205 -30.80 -24.44 38.07
CA ALA E 205 -29.47 -24.58 37.48
C ALA E 205 -29.35 -23.70 36.24
N ASP E 206 -28.12 -23.46 35.81
CA ASP E 206 -27.83 -22.68 34.60
C ASP E 206 -28.44 -21.28 34.65
N ASP E 207 -28.52 -20.73 35.85
CA ASP E 207 -29.01 -19.37 36.03
C ASP E 207 -27.85 -18.40 36.12
N GLU E 208 -28.08 -17.14 35.75
CA GLU E 208 -27.08 -16.09 35.96
C GLU E 208 -27.48 -15.30 37.19
N VAL E 209 -26.68 -15.40 38.25
CA VAL E 209 -27.07 -14.77 39.51
C VAL E 209 -26.26 -13.50 39.77
N PHE E 210 -26.94 -12.46 40.26
CA PHE E 210 -26.31 -11.18 40.54
C PHE E 210 -26.28 -10.88 42.04
N PHE E 211 -25.14 -11.11 42.68
CA PHE E 211 -24.97 -10.78 44.09
C PHE E 211 -24.72 -9.28 44.27
N VAL E 212 -25.01 -8.78 45.46
CA VAL E 212 -24.66 -7.41 45.82
C VAL E 212 -24.16 -7.40 47.25
N ALA E 213 -22.83 -7.30 47.41
CA ALA E 213 -22.29 -7.26 48.76
C ALA E 213 -21.32 -6.11 48.95
N ALA E 214 -20.69 -6.05 50.12
CA ALA E 214 -19.63 -5.09 50.33
C ALA E 214 -18.46 -5.47 49.43
N SER E 215 -17.68 -4.49 48.99
CA SER E 215 -16.58 -4.76 48.06
C SER E 215 -15.40 -5.37 48.81
N ASN E 216 -15.45 -5.31 50.13
CA ASN E 216 -14.43 -5.93 50.96
C ASN E 216 -14.77 -7.40 51.15
N HIS E 217 -15.99 -7.63 51.62
CA HIS E 217 -16.44 -8.97 51.96
C HIS E 217 -16.98 -9.74 50.76
N ILE E 218 -16.45 -9.50 49.58
CA ILE E 218 -16.92 -10.19 48.37
C ILE E 218 -16.04 -11.38 47.97
N ARG E 219 -14.73 -11.21 48.07
CA ARG E 219 -13.79 -12.29 47.77
C ARG E 219 -13.98 -13.38 48.81
N SER E 220 -14.40 -12.98 50.00
CA SER E 220 -14.72 -13.90 51.08
C SER E 220 -16.09 -14.52 50.84
N VAL E 221 -17.05 -13.68 50.45
CA VAL E 221 -18.38 -14.15 50.07
C VAL E 221 -18.28 -15.15 48.93
N MET E 222 -17.45 -14.84 47.93
CA MET E 222 -17.26 -15.71 46.77
C MET E 222 -16.71 -17.08 47.15
N SER E 223 -15.95 -17.14 48.24
CA SER E 223 -15.33 -18.39 48.67
C SER E 223 -16.33 -19.34 49.32
N GLU E 224 -16.93 -18.89 50.41
CA GLU E 224 -17.96 -19.67 51.09
C GLU E 224 -19.26 -19.71 50.32
N LEU E 225 -19.27 -19.06 49.16
CA LEU E 225 -20.37 -19.16 48.20
C LEU E 225 -20.34 -20.55 47.56
N GLN E 226 -19.28 -21.30 47.86
CA GLN E 226 -19.05 -22.64 47.32
C GLN E 226 -18.56 -22.58 45.87
N ARG E 227 -18.05 -21.42 45.46
CA ARG E 227 -17.53 -21.28 44.12
C ARG E 227 -16.46 -20.22 43.89
N LEU E 228 -15.43 -20.19 44.74
CA LEU E 228 -14.23 -19.41 44.42
C LEU E 228 -13.28 -20.28 43.59
N GLU E 229 -13.00 -19.85 42.36
CA GLU E 229 -12.17 -20.63 41.46
C GLU E 229 -10.69 -20.41 41.79
N LYS E 230 -9.85 -21.42 41.53
CA LYS E 230 -8.42 -21.34 41.86
C LYS E 230 -7.73 -20.18 41.14
N PRO E 231 -7.02 -19.33 41.90
CA PRO E 231 -6.35 -18.10 41.45
C PRO E 231 -5.47 -18.28 40.21
N TYR E 232 -5.56 -17.33 39.28
CA TYR E 232 -4.83 -17.42 38.02
C TYR E 232 -3.35 -17.07 38.17
N ARG E 233 -2.49 -17.86 37.52
CA ARG E 233 -1.04 -17.63 37.55
C ARG E 233 -0.50 -17.25 36.17
N ARG E 234 -0.79 -18.08 35.17
CA ARG E 234 -0.21 -17.91 33.84
C ARG E 234 -1.24 -17.35 32.86
N ILE E 235 -0.92 -16.21 32.27
CA ILE E 235 -1.86 -15.47 31.41
C ILE E 235 -1.31 -15.19 30.01
N MET E 236 -2.15 -15.39 29.00
CA MET E 236 -1.78 -15.15 27.61
C MET E 236 -2.84 -14.32 26.88
N ILE E 237 -2.41 -13.21 26.29
CA ILE E 237 -3.33 -12.34 25.55
C ILE E 237 -2.91 -12.17 24.08
N VAL E 238 -3.87 -12.36 23.19
CA VAL E 238 -3.61 -12.21 21.75
C VAL E 238 -4.18 -10.90 21.25
N GLY E 239 -3.37 -10.13 20.54
CA GLY E 239 -3.72 -8.78 20.12
C GLY E 239 -3.07 -7.73 20.99
N GLY E 240 -2.13 -6.99 20.42
CA GLY E 240 -1.35 -6.03 21.18
C GLY E 240 -1.76 -4.60 20.97
N GLY E 241 -3.07 -4.39 20.80
CA GLY E 241 -3.61 -3.06 20.57
C GLY E 241 -3.68 -2.27 21.87
N ASN E 242 -4.55 -1.27 21.93
CA ASN E 242 -4.66 -0.43 23.13
C ASN E 242 -5.10 -1.26 24.34
N ILE E 243 -6.26 -1.90 24.19
CA ILE E 243 -6.85 -2.70 25.25
C ILE E 243 -5.88 -3.80 25.69
N GLY E 244 -5.36 -4.52 24.70
CA GLY E 244 -4.44 -5.62 24.95
C GLY E 244 -3.17 -5.19 25.67
N ALA E 245 -2.43 -4.26 25.08
CA ALA E 245 -1.18 -3.81 25.66
C ALA E 245 -1.34 -3.20 27.05
N SER E 246 -2.48 -2.57 27.30
CA SER E 246 -2.68 -1.96 28.62
C SER E 246 -3.01 -3.02 29.66
N LEU E 247 -3.92 -3.95 29.31
CA LEU E 247 -4.18 -5.10 30.17
C LEU E 247 -2.90 -5.83 30.51
N ALA E 248 -2.02 -5.91 29.52
CA ALA E 248 -0.70 -6.49 29.71
C ALA E 248 0.06 -5.71 30.76
N LYS E 249 0.21 -4.42 30.53
CA LYS E 249 0.95 -3.55 31.45
C LYS E 249 0.44 -3.64 32.89
N ARG E 250 -0.86 -3.86 33.05
CA ARG E 250 -1.43 -4.04 34.39
C ARG E 250 -1.08 -5.41 34.97
N LEU E 251 -1.52 -6.47 34.30
CA LEU E 251 -1.35 -7.84 34.77
C LEU E 251 0.10 -8.24 34.98
N GLU E 252 1.02 -7.53 34.31
CA GLU E 252 2.40 -7.95 34.24
C GLU E 252 3.13 -7.97 35.57
N GLN E 253 2.58 -7.28 36.57
CA GLN E 253 3.16 -7.30 37.90
C GLN E 253 2.72 -8.55 38.66
N THR E 254 1.41 -8.65 38.88
CA THR E 254 0.86 -9.75 39.66
C THR E 254 0.84 -11.07 38.90
N TYR E 255 1.10 -11.03 37.60
CA TYR E 255 0.96 -12.23 36.78
C TYR E 255 2.05 -12.40 35.74
N SER E 256 2.10 -13.58 35.16
CA SER E 256 3.04 -13.88 34.08
C SER E 256 2.27 -13.73 32.79
N VAL E 257 2.80 -12.97 31.85
CA VAL E 257 2.03 -12.61 30.68
C VAL E 257 2.77 -12.82 29.36
N LYS E 258 2.15 -13.58 28.46
CA LYS E 258 2.65 -13.71 27.10
C LYS E 258 1.71 -12.94 26.18
N LEU E 259 2.26 -12.12 25.28
CA LEU E 259 1.41 -11.28 24.45
C LEU E 259 1.71 -11.51 22.98
N ILE E 260 0.76 -12.11 22.26
CA ILE E 260 0.97 -12.39 20.84
C ILE E 260 0.30 -11.33 19.98
N GLU E 261 1.10 -10.55 19.26
CA GLU E 261 0.56 -9.47 18.43
C GLU E 261 1.03 -9.66 17.00
N ARG E 262 0.14 -9.41 16.04
CA ARG E 262 0.37 -9.79 14.65
C ARG E 262 1.28 -8.88 13.83
N ASP E 263 1.23 -7.58 14.08
CA ASP E 263 2.02 -6.65 13.30
C ASP E 263 3.41 -6.57 13.91
N TYR E 264 4.45 -6.55 13.08
CA TYR E 264 5.80 -6.54 13.62
C TYR E 264 6.17 -5.27 14.40
N GLN E 265 6.11 -4.10 13.77
CA GLN E 265 6.48 -2.87 14.48
C GLN E 265 5.73 -2.76 15.79
N ARG E 266 4.43 -3.05 15.76
CA ARG E 266 3.61 -2.99 16.96
C ARG E 266 4.20 -3.93 18.02
N ALA E 267 4.65 -5.09 17.59
CA ALA E 267 5.24 -6.06 18.51
C ALA E 267 6.60 -5.59 19.05
N GLU E 268 7.46 -5.08 18.17
CA GLU E 268 8.78 -4.62 18.54
C GLU E 268 8.73 -3.45 19.51
N LYS E 269 7.79 -2.55 19.28
CA LYS E 269 7.67 -1.37 20.13
C LYS E 269 7.01 -1.79 21.44
N LEU E 270 6.06 -2.70 21.34
CA LEU E 270 5.44 -3.28 22.52
C LEU E 270 6.53 -3.88 23.39
N SER E 271 7.51 -4.49 22.74
CA SER E 271 8.57 -5.24 23.41
C SER E 271 9.43 -4.39 24.33
N GLU E 272 9.54 -3.10 24.03
CA GLU E 272 10.29 -2.22 24.90
C GLU E 272 9.37 -1.44 25.81
N GLN E 273 8.15 -1.20 25.36
CA GLN E 273 7.21 -0.45 26.17
C GLN E 273 6.84 -1.17 27.47
N LEU E 274 6.91 -2.50 27.47
CA LEU E 274 6.65 -3.26 28.70
C LEU E 274 7.70 -4.32 29.07
N GLU E 275 8.46 -4.03 30.12
CA GLU E 275 9.41 -4.99 30.68
C GLU E 275 8.61 -6.10 31.34
N ASN E 276 9.22 -7.27 31.48
CA ASN E 276 8.64 -8.38 32.24
C ASN E 276 7.51 -9.18 31.56
N THR E 277 7.10 -8.77 30.36
CA THR E 277 6.24 -9.64 29.55
C THR E 277 6.96 -10.04 28.28
N ILE E 278 6.62 -11.22 27.76
CA ILE E 278 7.23 -11.68 26.53
C ILE E 278 6.33 -11.46 25.31
N VAL E 279 6.84 -10.63 24.41
CA VAL E 279 6.11 -10.21 23.22
C VAL E 279 6.41 -11.13 22.07
N PHE E 280 5.38 -11.77 21.52
CA PHE E 280 5.54 -12.67 20.40
C PHE E 280 4.90 -12.06 19.16
N CYS E 281 5.70 -11.86 18.12
CA CYS E 281 5.16 -11.39 16.86
C CYS E 281 4.65 -12.59 16.07
N GLY E 282 3.38 -12.56 15.71
CA GLY E 282 2.77 -13.68 15.01
C GLY E 282 1.27 -13.70 15.16
N ASP E 283 0.64 -14.71 14.59
CA ASP E 283 -0.82 -14.75 14.49
C ASP E 283 -1.42 -15.54 15.65
N ALA E 284 -2.55 -15.06 16.13
CA ALA E 284 -3.26 -15.70 17.23
C ALA E 284 -3.82 -17.06 16.82
N ALA E 285 -3.63 -17.41 15.56
CA ALA E 285 -4.27 -18.60 15.02
C ALA E 285 -3.36 -19.81 15.02
N ASP E 286 -2.10 -19.64 14.63
CA ASP E 286 -1.23 -20.80 14.39
C ASP E 286 -0.94 -21.60 15.66
N GLN E 287 -1.36 -22.87 15.64
CA GLN E 287 -1.23 -23.76 16.80
C GLN E 287 0.21 -23.91 17.20
N GLU E 288 1.12 -23.70 16.26
CA GLU E 288 2.55 -23.78 16.48
C GLU E 288 3.01 -22.89 17.63
N LEU E 289 2.91 -21.57 17.43
CA LEU E 289 3.29 -20.59 18.44
C LEU E 289 2.59 -20.92 19.75
N LEU E 290 1.30 -21.22 19.66
CA LEU E 290 0.48 -21.55 20.83
C LEU E 290 1.03 -22.70 21.69
N THR E 291 1.21 -23.87 21.09
CA THR E 291 1.70 -25.05 21.80
C THR E 291 3.14 -24.89 22.24
N GLU E 292 3.94 -24.21 21.44
CA GLU E 292 5.36 -24.05 21.76
C GLU E 292 5.51 -23.23 23.02
N GLU E 293 4.50 -22.43 23.32
CA GLU E 293 4.55 -21.56 24.48
C GLU E 293 3.64 -22.05 25.60
N ASN E 294 3.29 -23.33 25.53
CA ASN E 294 2.49 -23.98 26.57
C ASN E 294 1.08 -23.41 26.77
N ILE E 295 0.30 -23.44 25.70
CA ILE E 295 -1.11 -23.04 25.75
C ILE E 295 -1.92 -24.02 26.60
N ASP E 296 -1.29 -25.11 27.03
CA ASP E 296 -1.96 -26.11 27.86
C ASP E 296 -1.75 -25.85 29.35
N GLN E 297 -0.70 -25.13 29.68
CA GLN E 297 -0.41 -24.79 31.07
C GLN E 297 -0.94 -23.41 31.43
N VAL E 298 -1.65 -22.79 30.51
CA VAL E 298 -2.10 -21.41 30.70
C VAL E 298 -3.48 -21.34 31.33
N ASP E 299 -3.67 -20.39 32.25
CA ASP E 299 -4.89 -20.30 33.03
C ASP E 299 -6.01 -19.55 32.35
N VAL E 300 -5.70 -18.42 31.71
CA VAL E 300 -6.71 -17.67 30.97
C VAL E 300 -6.20 -17.19 29.62
N PHE E 301 -7.00 -17.42 28.59
CA PHE E 301 -6.68 -17.00 27.24
C PHE E 301 -7.61 -15.85 26.86
N ILE E 302 -7.05 -14.64 26.82
CA ILE E 302 -7.85 -13.46 26.53
C ILE E 302 -7.63 -12.97 25.11
N ALA E 303 -8.70 -13.01 24.31
CA ALA E 303 -8.64 -12.59 22.91
C ALA E 303 -8.97 -11.11 22.83
N LEU E 304 -8.09 -10.32 22.23
CA LEU E 304 -8.28 -8.88 22.12
C LEU E 304 -7.77 -8.30 20.81
N THR E 305 -8.07 -8.94 19.69
CA THR E 305 -7.71 -8.35 18.40
C THR E 305 -8.96 -7.67 17.86
N ASN E 306 -8.81 -6.81 16.86
CA ASN E 306 -9.95 -6.05 16.36
C ASN E 306 -10.90 -6.90 15.52
N GLU E 307 -10.34 -7.82 14.74
CA GLU E 307 -11.13 -8.80 14.01
C GLU E 307 -11.92 -9.67 14.98
N ASP E 308 -13.24 -9.57 14.96
CA ASP E 308 -14.10 -10.32 15.89
C ASP E 308 -14.02 -11.83 15.67
N GLU E 309 -14.15 -12.24 14.42
CA GLU E 309 -14.12 -13.65 14.05
C GLU E 309 -12.87 -14.35 14.57
N THR E 310 -11.70 -13.80 14.28
CA THR E 310 -10.46 -14.45 14.70
C THR E 310 -10.35 -14.50 16.22
N ASN E 311 -11.01 -13.57 16.89
CA ASN E 311 -11.05 -13.61 18.35
C ASN E 311 -11.79 -14.85 18.80
N ILE E 312 -13.04 -14.98 18.35
CA ILE E 312 -13.85 -16.13 18.75
C ILE E 312 -13.20 -17.46 18.39
N MET E 313 -12.82 -17.61 17.12
CA MET E 313 -12.20 -18.83 16.62
C MET E 313 -10.91 -19.18 17.38
N SER E 314 -9.98 -18.22 17.45
CA SER E 314 -8.74 -18.44 18.19
C SER E 314 -9.03 -18.90 19.61
N ALA E 315 -10.00 -18.27 20.27
CA ALA E 315 -10.37 -18.69 21.62
C ALA E 315 -10.84 -20.14 21.68
N MET E 316 -11.69 -20.54 20.74
CA MET E 316 -12.19 -21.91 20.73
C MET E 316 -11.05 -22.90 20.51
N LEU E 317 -10.11 -22.53 19.65
CA LEU E 317 -8.96 -23.38 19.37
C LEU E 317 -8.12 -23.52 20.64
N ALA E 318 -7.87 -22.39 21.30
CA ALA E 318 -7.04 -22.38 22.51
C ALA E 318 -7.70 -23.14 23.65
N LYS E 319 -9.02 -23.26 23.61
CA LYS E 319 -9.73 -24.06 24.60
C LYS E 319 -9.65 -25.53 24.22
N ARG E 320 -9.49 -25.79 22.93
CA ARG E 320 -9.29 -27.16 22.46
C ARG E 320 -7.90 -27.66 22.83
N MET E 321 -6.88 -26.84 22.59
CA MET E 321 -5.52 -27.16 23.03
C MET E 321 -5.40 -27.10 24.55
N GLY E 322 -6.51 -26.86 25.23
CA GLY E 322 -6.63 -27.04 26.65
C GLY E 322 -6.16 -25.89 27.52
N ALA E 323 -6.62 -24.69 27.19
CA ALA E 323 -6.50 -23.58 28.12
C ALA E 323 -7.60 -23.75 29.17
N LYS E 324 -7.32 -23.33 30.40
CA LYS E 324 -8.30 -23.43 31.46
C LYS E 324 -9.54 -22.62 31.12
N LYS E 325 -9.36 -21.32 30.97
CA LYS E 325 -10.46 -20.42 30.65
C LYS E 325 -10.14 -19.45 29.52
N VAL E 326 -11.18 -19.03 28.79
CA VAL E 326 -10.99 -18.08 27.69
C VAL E 326 -11.88 -16.84 27.83
N MET E 327 -11.29 -15.67 27.62
CA MET E 327 -12.03 -14.42 27.59
C MET E 327 -11.93 -13.81 26.20
N VAL E 328 -13.06 -13.76 25.50
CA VAL E 328 -13.07 -13.24 24.15
C VAL E 328 -13.78 -11.91 24.13
N LEU E 329 -13.24 -10.98 23.36
CA LEU E 329 -13.85 -9.68 23.19
C LEU E 329 -14.63 -9.67 21.88
N ILE E 330 -15.94 -9.51 21.99
CA ILE E 330 -16.84 -9.62 20.85
C ILE E 330 -17.73 -8.39 20.72
N GLN E 331 -17.41 -7.50 19.79
CA GLN E 331 -18.19 -6.26 19.67
C GLN E 331 -19.52 -6.43 18.90
N ARG E 332 -19.60 -7.42 18.02
CA ARG E 332 -20.85 -7.66 17.30
C ARG E 332 -21.80 -8.56 18.10
N GLY E 333 -22.93 -8.00 18.51
CA GLY E 333 -23.90 -8.67 19.35
C GLY E 333 -24.38 -10.03 18.88
N ALA E 334 -24.72 -10.12 17.59
CA ALA E 334 -25.19 -11.36 17.00
C ALA E 334 -24.25 -12.51 17.31
N TYR E 335 -22.96 -12.25 17.22
CA TYR E 335 -21.93 -13.21 17.59
C TYR E 335 -22.01 -13.56 19.07
N VAL E 336 -22.04 -12.54 19.93
CA VAL E 336 -22.14 -12.72 21.38
C VAL E 336 -23.27 -13.69 21.72
N ASP E 337 -24.36 -13.62 20.96
CA ASP E 337 -25.45 -14.56 21.18
C ASP E 337 -25.19 -15.91 20.51
N LEU E 338 -24.45 -15.91 19.40
CA LEU E 338 -24.09 -17.15 18.74
C LEU E 338 -23.32 -18.07 19.68
N VAL E 339 -22.38 -17.50 20.43
CA VAL E 339 -21.54 -18.27 21.33
C VAL E 339 -22.13 -18.37 22.73
N GLN E 340 -23.39 -18.77 22.82
CA GLN E 340 -24.07 -18.82 24.10
C GLN E 340 -23.72 -20.04 24.95
N GLY E 341 -24.31 -21.18 24.62
CA GLY E 341 -24.13 -22.39 25.40
C GLY E 341 -22.77 -23.06 25.26
N GLY E 342 -21.86 -22.42 24.54
CA GLY E 342 -20.62 -23.06 24.13
C GLY E 342 -19.42 -22.95 25.06
N VAL E 343 -18.23 -23.04 24.46
CA VAL E 343 -16.99 -23.20 25.20
C VAL E 343 -16.45 -21.90 25.79
N ILE E 344 -16.70 -20.78 25.10
CA ILE E 344 -16.25 -19.48 25.58
C ILE E 344 -16.85 -19.20 26.95
N ASP E 345 -15.97 -18.96 27.92
CA ASP E 345 -16.37 -18.85 29.31
C ASP E 345 -16.98 -17.48 29.61
N VAL E 346 -16.38 -16.43 29.06
CA VAL E 346 -16.90 -15.09 29.28
C VAL E 346 -16.63 -14.15 28.09
N ALA E 347 -17.71 -13.54 27.61
CA ALA E 347 -17.67 -12.66 26.45
C ALA E 347 -17.74 -11.20 26.89
N ILE E 348 -16.80 -10.40 26.39
CA ILE E 348 -16.67 -9.01 26.81
C ILE E 348 -17.11 -8.05 25.71
N SER E 349 -18.28 -7.46 25.88
CA SER E 349 -18.75 -6.43 24.96
C SER E 349 -18.21 -5.12 25.48
N PRO E 350 -17.40 -4.42 24.67
CA PRO E 350 -16.79 -3.17 25.14
C PRO E 350 -17.72 -1.97 24.96
N GLN E 351 -19.02 -2.24 25.01
CA GLN E 351 -20.02 -1.18 25.03
C GLN E 351 -20.53 -1.07 26.46
N GLN E 352 -20.74 -2.21 27.09
CA GLN E 352 -21.15 -2.29 28.49
C GLN E 352 -20.22 -1.51 29.41
N ALA E 353 -19.05 -1.12 28.89
CA ALA E 353 -18.09 -0.36 29.66
C ALA E 353 -18.20 1.12 29.36
N THR E 354 -18.55 1.46 28.13
CA THR E 354 -18.54 2.86 27.70
C THR E 354 -19.94 3.47 27.69
N ILE E 355 -20.91 2.71 27.19
CA ILE E 355 -22.32 3.10 27.29
C ILE E 355 -22.64 3.42 28.73
N SER E 356 -22.11 2.59 29.63
CA SER E 356 -22.36 2.74 31.06
C SER E 356 -21.72 3.99 31.65
N ALA E 357 -20.43 4.19 31.37
CA ALA E 357 -19.72 5.33 31.94
C ALA E 357 -20.00 6.61 31.17
N LEU E 358 -20.86 6.54 30.16
CA LEU E 358 -21.31 7.73 29.45
C LEU E 358 -22.70 8.11 29.93
N LEU E 359 -23.55 7.10 30.10
CA LEU E 359 -24.90 7.32 30.64
C LEU E 359 -24.88 8.07 31.97
N THR E 360 -23.74 8.04 32.66
CA THR E 360 -23.59 8.77 33.91
C THR E 360 -23.67 10.28 33.72
N HIS E 361 -23.66 10.74 32.47
CA HIS E 361 -23.68 12.17 32.19
C HIS E 361 -24.87 12.63 31.35
N VAL E 362 -25.77 11.71 31.01
CA VAL E 362 -27.00 12.07 30.29
C VAL E 362 -28.22 11.89 31.20
N ARG E 363 -28.04 11.09 32.23
CA ARG E 363 -29.05 10.88 33.27
C ARG E 363 -28.82 11.93 34.35
N ARG E 364 -29.85 12.20 35.14
CA ARG E 364 -29.89 13.39 36.01
C ARG E 364 -28.77 13.49 37.05
N ALA E 365 -28.70 14.65 37.71
CA ALA E 365 -27.65 14.94 38.67
C ALA E 365 -27.74 14.11 39.94
N ASP E 366 -28.95 13.69 40.30
CA ASP E 366 -29.17 12.94 41.53
C ASP E 366 -28.59 11.53 41.53
N ILE E 367 -28.38 10.98 40.34
CA ILE E 367 -27.75 9.67 40.21
C ILE E 367 -26.29 9.81 39.77
N VAL E 368 -25.40 9.16 40.51
CA VAL E 368 -23.97 9.35 40.29
C VAL E 368 -23.35 8.24 39.44
N ASN E 369 -23.81 7.02 39.65
CA ASN E 369 -23.37 5.91 38.81
C ASN E 369 -24.55 5.19 38.17
N VAL E 370 -24.40 4.91 36.88
CA VAL E 370 -25.33 4.05 36.17
C VAL E 370 -24.46 3.03 35.45
N SER E 371 -25.01 1.85 35.17
CA SER E 371 -24.21 0.80 34.56
C SER E 371 -25.07 -0.19 33.77
N SER E 372 -24.98 -0.14 32.45
CA SER E 372 -25.68 -1.08 31.59
C SER E 372 -25.15 -2.49 31.85
N LEU E 373 -26.02 -3.49 31.81
CA LEU E 373 -25.60 -4.82 32.21
C LEU E 373 -25.91 -5.94 31.22
N ARG E 374 -27.01 -6.65 31.45
CA ARG E 374 -27.26 -7.92 30.77
C ARG E 374 -28.10 -7.72 29.53
N ARG E 375 -27.42 -7.85 28.38
CA ARG E 375 -27.98 -7.63 27.04
C ARG E 375 -28.09 -6.14 26.78
N GLY E 376 -27.82 -5.35 27.81
CA GLY E 376 -28.00 -3.91 27.78
C GLY E 376 -29.43 -3.50 28.11
N ALA E 377 -30.32 -4.49 28.15
CA ALA E 377 -31.73 -4.24 28.39
C ALA E 377 -32.01 -3.90 29.85
N ALA E 378 -31.11 -4.34 30.73
CA ALA E 378 -31.25 -4.07 32.14
C ALA E 378 -30.23 -3.02 32.53
N GLU E 379 -30.42 -2.40 33.69
CA GLU E 379 -29.56 -1.31 34.11
C GLU E 379 -29.38 -1.37 35.63
N ALA E 380 -28.31 -0.79 36.13
CA ALA E 380 -28.08 -0.78 37.57
C ALA E 380 -27.50 0.55 37.98
N ILE E 381 -28.21 1.28 38.86
CA ILE E 381 -27.80 2.65 39.15
C ILE E 381 -27.58 2.94 40.64
N GLU E 382 -26.72 3.91 40.89
CA GLU E 382 -26.47 4.44 42.23
C GLU E 382 -27.13 5.82 42.33
N ALA E 383 -28.26 5.86 43.01
CA ALA E 383 -29.04 7.10 43.12
C ALA E 383 -28.95 7.72 44.50
N VAL E 384 -28.65 9.02 44.55
CA VAL E 384 -28.63 9.72 45.82
C VAL E 384 -29.98 10.34 46.06
N ALA E 385 -30.40 10.36 47.32
CA ALA E 385 -31.65 10.99 47.71
C ALA E 385 -31.30 12.28 48.42
N HIS E 386 -30.94 13.30 47.63
CA HIS E 386 -30.33 14.52 48.15
C HIS E 386 -31.32 15.45 48.83
N GLY E 387 -32.55 14.98 49.03
CA GLY E 387 -33.58 15.78 49.62
C GLY E 387 -33.58 15.78 51.14
N ASP E 388 -34.70 16.22 51.70
CA ASP E 388 -34.89 16.29 53.14
C ASP E 388 -36.13 15.49 53.51
N GLU E 389 -36.38 15.37 54.81
CA GLU E 389 -37.48 14.56 55.32
C GLU E 389 -38.83 14.98 54.73
N THR E 390 -38.92 16.24 54.30
CA THR E 390 -40.15 16.78 53.73
C THR E 390 -40.13 16.82 52.21
N THR E 391 -39.08 17.41 51.64
CA THR E 391 -39.02 17.70 50.21
C THR E 391 -38.80 16.48 49.33
N SER E 392 -38.09 15.48 49.84
CA SER E 392 -37.83 14.28 49.03
C SER E 392 -38.88 13.26 49.37
N LYS E 393 -39.28 12.50 48.36
CA LYS E 393 -40.27 11.46 48.58
C LYS E 393 -39.64 10.14 49.03
N VAL E 394 -38.31 10.06 48.99
CA VAL E 394 -37.62 8.83 49.40
C VAL E 394 -37.16 8.79 50.86
N VAL E 395 -36.38 9.79 51.27
CA VAL E 395 -35.73 9.76 52.57
C VAL E 395 -36.72 9.69 53.71
N GLY E 396 -36.30 9.10 54.82
CA GLY E 396 -37.16 8.98 55.99
C GLY E 396 -38.03 7.74 55.94
N ARG E 397 -38.38 7.30 54.74
CA ARG E 397 -39.22 6.12 54.59
C ARG E 397 -38.41 4.85 54.79
N ALA E 398 -39.09 3.71 54.76
CA ALA E 398 -38.40 2.43 54.85
C ALA E 398 -38.33 1.80 53.47
N ILE E 399 -37.47 0.79 53.33
CA ILE E 399 -37.20 0.18 52.04
C ILE E 399 -38.46 -0.42 51.39
N GLY E 400 -39.17 -1.24 52.16
CA GLY E 400 -40.41 -1.85 51.70
C GLY E 400 -41.57 -0.88 51.49
N ASP E 401 -41.32 0.39 51.78
CA ASP E 401 -42.39 1.38 51.80
C ASP E 401 -42.42 2.27 50.55
N ILE E 402 -41.34 2.27 49.78
CA ILE E 402 -41.27 3.07 48.56
C ILE E 402 -41.95 2.42 47.36
N LYS E 403 -42.64 3.24 46.58
CA LYS E 403 -43.32 2.75 45.38
C LYS E 403 -42.35 2.71 44.21
N LEU E 404 -41.52 1.68 44.17
CA LEU E 404 -40.53 1.53 43.10
C LEU E 404 -41.17 1.15 41.75
N PRO E 405 -40.60 1.69 40.66
CA PRO E 405 -41.05 1.46 39.29
C PRO E 405 -41.17 -0.03 38.97
N PRO E 406 -41.98 -0.39 37.97
CA PRO E 406 -42.20 -1.82 37.67
C PRO E 406 -40.90 -2.54 37.35
N GLY E 407 -40.57 -3.57 38.13
CA GLY E 407 -39.37 -4.35 37.90
C GLY E 407 -38.10 -3.71 38.42
N THR E 408 -38.16 -3.13 39.62
CA THR E 408 -36.98 -2.56 40.25
C THR E 408 -36.81 -3.16 41.65
N THR E 409 -35.57 -3.15 42.15
CA THR E 409 -35.29 -3.71 43.47
C THR E 409 -34.10 -2.99 44.10
N ILE E 410 -34.30 -2.44 45.30
CA ILE E 410 -33.18 -1.87 46.04
C ILE E 410 -32.24 -3.00 46.44
N GLY E 411 -30.95 -2.70 46.46
CA GLY E 411 -29.94 -3.70 46.77
C GLY E 411 -29.08 -3.29 47.94
N ALA E 412 -28.65 -2.03 47.96
CA ALA E 412 -27.81 -1.58 49.04
C ALA E 412 -27.92 -0.08 49.32
N VAL E 413 -27.38 0.34 50.45
CA VAL E 413 -27.36 1.75 50.84
C VAL E 413 -25.99 2.05 51.42
N VAL E 414 -25.40 3.17 51.00
CA VAL E 414 -24.06 3.57 51.43
C VAL E 414 -24.09 4.89 52.19
N ARG E 415 -23.76 4.80 53.47
CA ARG E 415 -23.65 5.94 54.38
C ARG E 415 -22.19 6.29 54.64
N GLY E 416 -21.67 7.30 53.95
CA GLY E 416 -20.29 7.70 54.09
C GLY E 416 -19.31 6.61 53.72
N GLU E 417 -18.76 5.95 54.74
CA GLU E 417 -17.82 4.85 54.52
C GLU E 417 -18.43 3.52 54.95
N GLU E 418 -19.69 3.55 55.37
CA GLU E 418 -20.38 2.33 55.76
C GLU E 418 -21.20 1.79 54.59
N VAL E 419 -21.35 0.47 54.55
CA VAL E 419 -22.15 -0.17 53.52
C VAL E 419 -23.18 -1.05 54.20
N LEU E 420 -24.45 -0.72 53.99
CA LEU E 420 -25.54 -1.40 54.66
C LEU E 420 -26.45 -1.97 53.59
N ILE E 421 -26.51 -3.29 53.52
CA ILE E 421 -27.29 -3.95 52.48
C ILE E 421 -28.75 -3.78 52.83
N ALA E 422 -29.60 -3.79 51.81
CA ALA E 422 -30.98 -3.37 52.00
C ALA E 422 -31.90 -4.49 52.50
N HIS E 423 -32.37 -4.34 53.73
CA HIS E 423 -33.51 -5.11 54.20
C HIS E 423 -34.64 -4.12 54.40
N ASP E 424 -35.88 -4.62 54.41
CA ASP E 424 -37.09 -3.78 54.39
C ASP E 424 -37.23 -2.70 55.47
N ARG E 425 -36.33 -2.66 56.44
CA ARG E 425 -36.52 -1.78 57.61
C ARG E 425 -35.61 -0.55 57.63
N THR E 426 -34.50 -0.60 56.90
CA THR E 426 -33.44 0.39 57.04
C THR E 426 -33.90 1.81 56.70
N VAL E 427 -33.14 2.80 57.14
CA VAL E 427 -33.54 4.19 57.01
C VAL E 427 -32.75 4.94 55.93
N ILE E 428 -33.47 5.50 54.97
CA ILE E 428 -32.84 6.30 53.94
C ILE E 428 -32.60 7.68 54.53
N GLU E 429 -31.35 8.14 54.43
CA GLU E 429 -30.95 9.40 55.04
C GLU E 429 -30.49 10.37 53.97
N GLN E 430 -30.41 11.65 54.33
CA GLN E 430 -29.90 12.66 53.42
C GLN E 430 -28.48 12.32 53.05
N ASP E 431 -28.09 12.66 51.82
CA ASP E 431 -26.75 12.39 51.32
C ASP E 431 -26.31 10.94 51.50
N ASP E 432 -27.21 10.03 51.12
CA ASP E 432 -26.91 8.60 51.20
C ASP E 432 -26.98 8.07 49.79
N HIS E 433 -26.21 7.04 49.49
CA HIS E 433 -26.28 6.49 48.15
C HIS E 433 -27.13 5.24 48.17
N VAL E 434 -27.96 5.06 47.16
CA VAL E 434 -28.83 3.89 47.12
C VAL E 434 -28.55 3.13 45.84
N VAL E 435 -28.00 1.93 46.00
CA VAL E 435 -27.66 1.08 44.87
C VAL E 435 -28.83 0.17 44.55
N MET E 436 -29.45 0.44 43.41
CA MET E 436 -30.67 -0.25 42.99
C MET E 436 -30.54 -0.78 41.56
N PHE E 437 -31.48 -1.64 41.18
CA PHE E 437 -31.33 -2.46 39.98
C PHE E 437 -32.59 -2.52 39.12
N LEU E 438 -32.54 -1.87 37.96
CA LEU E 438 -33.60 -1.96 36.95
C LEU E 438 -33.46 -3.19 36.05
N VAL E 439 -34.59 -3.82 35.77
CA VAL E 439 -34.65 -4.98 34.89
C VAL E 439 -34.95 -4.49 33.47
N ASP E 440 -35.47 -3.26 33.41
CA ASP E 440 -35.80 -2.63 32.15
C ASP E 440 -35.41 -1.16 32.18
N LYS E 441 -34.41 -0.81 31.36
CA LYS E 441 -33.85 0.54 31.38
C LYS E 441 -34.91 1.61 31.10
N LYS E 442 -35.98 1.22 30.41
CA LYS E 442 -37.01 2.17 30.02
C LYS E 442 -37.78 2.74 31.20
N TYR E 443 -37.69 2.06 32.35
CA TYR E 443 -38.32 2.57 33.56
C TYR E 443 -37.28 3.25 34.45
N VAL E 444 -36.26 3.84 33.82
CA VAL E 444 -35.26 4.60 34.56
C VAL E 444 -35.70 6.05 34.87
N PRO E 445 -36.32 6.74 33.88
CA PRO E 445 -36.90 8.06 34.20
C PRO E 445 -37.83 8.05 35.41
N ASP E 446 -38.48 6.93 35.68
CA ASP E 446 -39.32 6.80 36.86
C ASP E 446 -38.48 6.92 38.14
N VAL E 447 -37.42 6.10 38.22
CA VAL E 447 -36.48 6.15 39.32
C VAL E 447 -35.90 7.55 39.45
N GLU E 448 -35.67 8.16 38.30
CA GLU E 448 -35.10 9.49 38.21
C GLU E 448 -36.01 10.49 38.90
N ALA E 449 -37.29 10.42 38.55
CA ALA E 449 -38.33 11.25 39.16
C ALA E 449 -38.51 10.94 40.65
N LEU E 450 -38.39 9.65 40.99
CA LEU E 450 -38.59 9.19 42.36
C LEU E 450 -37.54 9.73 43.31
N PHE E 451 -36.49 10.35 42.78
CA PHE E 451 -35.38 10.78 43.62
C PHE E 451 -35.15 12.28 43.61
N GLN E 452 -36.05 13.03 42.97
CA GLN E 452 -35.92 14.48 42.94
C GLN E 452 -36.84 15.15 43.96
N PRO E 453 -36.29 16.06 44.77
CA PRO E 453 -36.97 16.91 45.76
C PRO E 453 -38.17 17.71 45.26
N SER E 454 -39.31 17.08 45.04
CA SER E 454 -40.52 17.83 44.70
C SER E 454 -40.82 18.78 45.84
N PRO E 455 -41.28 20.02 45.53
CA PRO E 455 -41.51 21.01 46.58
C PRO E 455 -42.72 20.72 47.46
N PHE E 456 -43.29 19.52 47.34
CA PHE E 456 -44.53 19.05 48.02
C PHE E 456 -45.25 19.91 49.07
N PHE E 457 -44.55 20.88 49.68
CA PHE E 457 -45.18 21.77 50.64
C PHE E 457 -46.20 22.69 49.98
N MET F 1 9.39 -43.63 -3.97
CA MET F 1 9.24 -42.55 -4.95
C MET F 1 9.85 -41.26 -4.42
N LYS F 2 10.55 -40.53 -5.27
CA LYS F 2 11.04 -39.21 -4.89
C LYS F 2 10.48 -38.10 -5.79
N ILE F 3 9.65 -37.24 -5.18
CA ILE F 3 8.98 -36.18 -5.93
C ILE F 3 9.53 -34.79 -5.67
N ILE F 4 9.60 -34.00 -6.74
CA ILE F 4 9.88 -32.58 -6.62
C ILE F 4 8.55 -31.85 -6.72
N ILE F 5 8.23 -31.06 -5.70
CA ILE F 5 7.01 -30.27 -5.68
C ILE F 5 7.34 -28.80 -5.88
N LEU F 6 6.86 -28.24 -6.98
CA LEU F 6 7.09 -26.84 -7.28
C LEU F 6 6.00 -25.98 -6.68
N GLY F 7 6.33 -25.24 -5.63
CA GLY F 7 5.38 -24.35 -5.00
C GLY F 7 5.00 -24.76 -3.59
N ALA F 8 5.45 -23.99 -2.61
CA ALA F 8 5.17 -24.30 -1.21
C ALA F 8 3.96 -23.51 -0.77
N GLY F 9 3.24 -22.97 -1.74
CA GLY F 9 2.09 -22.13 -1.42
C GLY F 9 0.89 -22.94 -0.99
N GLN F 10 -0.26 -22.57 -1.57
CA GLN F 10 -1.54 -23.09 -1.15
C GLN F 10 -1.64 -24.62 -1.24
N VAL F 11 -1.45 -25.18 -2.43
CA VAL F 11 -1.69 -26.59 -2.69
C VAL F 11 -0.45 -27.45 -2.48
N GLY F 12 0.67 -27.02 -3.03
CA GLY F 12 1.93 -27.73 -2.88
C GLY F 12 2.25 -28.05 -1.43
N GLY F 13 1.79 -27.20 -0.52
CA GLY F 13 1.89 -27.46 0.91
C GLY F 13 1.25 -28.78 1.30
N THR F 14 -0.08 -28.83 1.20
CA THR F 14 -0.84 -30.02 1.59
C THR F 14 -0.38 -31.24 0.79
N LEU F 15 0.06 -30.98 -0.44
CA LEU F 15 0.56 -32.03 -1.30
C LEU F 15 1.81 -32.64 -0.70
N ALA F 16 2.71 -31.78 -0.21
CA ALA F 16 3.92 -32.25 0.44
C ALA F 16 3.55 -33.01 1.70
N GLU F 17 2.72 -32.39 2.53
CA GLU F 17 2.28 -32.98 3.78
C GLU F 17 1.67 -34.38 3.61
N ASN F 18 1.05 -34.62 2.45
CA ASN F 18 0.40 -35.91 2.23
C ASN F 18 1.33 -36.94 1.58
N LEU F 19 2.05 -36.52 0.53
CA LEU F 19 2.99 -37.43 -0.12
C LEU F 19 4.12 -37.84 0.83
N VAL F 20 4.28 -37.07 1.90
CA VAL F 20 5.24 -37.39 2.95
C VAL F 20 4.64 -38.46 3.86
N GLY F 21 3.31 -38.48 3.92
CA GLY F 21 2.57 -39.47 4.69
C GLY F 21 2.92 -40.89 4.30
N GLU F 22 2.83 -41.20 3.01
CA GLU F 22 3.42 -42.43 2.50
C GLU F 22 4.91 -42.13 2.49
N ASN F 23 5.75 -43.12 2.75
CA ASN F 23 7.18 -42.85 2.85
C ASN F 23 7.80 -42.55 1.48
N ASN F 24 7.99 -41.26 1.20
CA ASN F 24 8.62 -40.82 -0.03
C ASN F 24 9.69 -39.77 0.24
N ASP F 25 10.54 -39.53 -0.75
CA ASP F 25 11.56 -38.49 -0.64
C ASP F 25 11.04 -37.25 -1.35
N ILE F 26 10.75 -36.20 -0.58
CA ILE F 26 10.12 -35.03 -1.14
C ILE F 26 11.03 -33.81 -1.08
N THR F 27 11.30 -33.21 -2.23
CA THR F 27 11.99 -31.92 -2.23
C THR F 27 11.02 -30.87 -2.73
N ILE F 28 10.93 -29.75 -2.04
CA ILE F 28 9.93 -28.75 -2.42
C ILE F 28 10.53 -27.37 -2.66
N VAL F 29 10.26 -26.82 -3.85
CA VAL F 29 10.87 -25.57 -4.26
C VAL F 29 9.89 -24.42 -4.08
N ASP F 30 10.39 -23.25 -3.68
CA ASP F 30 9.51 -22.08 -3.63
C ASP F 30 10.15 -20.69 -3.74
N ASN F 31 9.37 -19.78 -4.31
CA ASN F 31 9.70 -18.36 -4.43
C ASN F 31 10.27 -17.76 -3.14
N ASN F 32 9.45 -17.76 -2.10
CA ASN F 32 9.82 -17.14 -0.83
C ASN F 32 10.02 -18.15 0.31
N ALA F 33 11.08 -17.94 1.09
CA ALA F 33 11.52 -18.93 2.06
C ALA F 33 10.67 -19.03 3.32
N ASP F 34 9.85 -18.01 3.60
CA ASP F 34 9.03 -18.04 4.80
C ASP F 34 7.99 -19.15 4.75
N ARG F 35 7.43 -19.39 3.57
CA ARG F 35 6.49 -20.49 3.41
C ARG F 35 7.22 -21.82 3.51
N LEU F 36 8.52 -21.80 3.24
CA LEU F 36 9.36 -22.99 3.27
C LEU F 36 9.70 -23.36 4.72
N ARG F 37 9.86 -22.33 5.56
CA ARG F 37 10.14 -22.48 6.99
C ARG F 37 9.21 -23.49 7.66
N GLU F 38 7.91 -23.31 7.45
CA GLU F 38 6.92 -24.13 8.13
C GLU F 38 6.99 -25.62 7.81
N LEU F 39 7.07 -25.97 6.53
CA LEU F 39 7.05 -27.39 6.17
C LEU F 39 8.43 -28.02 6.39
N GLN F 40 9.46 -27.18 6.36
CA GLN F 40 10.80 -27.62 6.75
C GLN F 40 10.78 -28.03 8.20
N ASP F 41 10.25 -27.14 9.04
CA ASP F 41 10.03 -27.39 10.45
C ASP F 41 9.24 -28.67 10.68
N LYS F 42 8.09 -28.77 10.01
CA LYS F 42 7.11 -29.81 10.30
C LYS F 42 7.44 -31.20 9.74
N TYR F 43 7.53 -31.33 8.42
CA TYR F 43 7.35 -32.66 7.82
C TYR F 43 8.64 -33.41 7.44
N ASP F 44 9.78 -32.84 7.77
CA ASP F 44 11.06 -33.50 7.54
C ASP F 44 11.27 -33.93 6.08
N LEU F 45 11.51 -32.94 5.23
CA LEU F 45 11.80 -33.16 3.82
C LEU F 45 12.78 -32.09 3.34
N ARG F 46 13.38 -32.28 2.17
CA ARG F 46 14.36 -31.32 1.69
C ARG F 46 13.68 -30.14 0.99
N VAL F 47 14.21 -28.95 1.23
CA VAL F 47 13.61 -27.70 0.75
C VAL F 47 14.56 -26.89 -0.13
N VAL F 48 14.05 -26.36 -1.24
CA VAL F 48 14.86 -25.56 -2.15
C VAL F 48 14.25 -24.18 -2.39
N ASN F 49 14.94 -23.15 -1.93
CA ASN F 49 14.50 -21.78 -2.12
C ASN F 49 15.06 -21.21 -3.42
N GLY F 50 14.18 -20.72 -4.29
CA GLY F 50 14.59 -20.15 -5.55
C GLY F 50 13.47 -20.23 -6.56
N HIS F 51 13.61 -19.54 -7.68
CA HIS F 51 12.57 -19.56 -8.71
C HIS F 51 12.40 -20.95 -9.29
N ALA F 52 11.19 -21.47 -9.21
CA ALA F 52 10.94 -22.89 -9.48
C ALA F 52 10.94 -23.22 -10.97
N SER F 53 11.48 -22.34 -11.78
CA SER F 53 11.48 -22.54 -13.22
C SER F 53 12.86 -22.31 -13.80
N HIS F 54 13.84 -22.13 -12.93
CA HIS F 54 15.23 -21.93 -13.36
C HIS F 54 15.94 -23.28 -13.35
N PRO F 55 16.72 -23.56 -14.41
CA PRO F 55 17.53 -24.77 -14.52
C PRO F 55 18.39 -25.04 -13.28
N ASP F 56 19.17 -24.07 -12.84
CA ASP F 56 20.04 -24.27 -11.68
C ASP F 56 19.27 -24.62 -10.40
N VAL F 57 18.03 -24.15 -10.31
CA VAL F 57 17.21 -24.40 -9.13
C VAL F 57 16.68 -25.83 -9.17
N LEU F 58 16.12 -26.22 -10.32
CA LEU F 58 15.66 -27.57 -10.54
C LEU F 58 16.78 -28.57 -10.28
N HIS F 59 17.98 -28.23 -10.77
CA HIS F 59 19.17 -29.02 -10.52
C HIS F 59 19.39 -29.16 -9.02
N GLU F 60 19.46 -28.02 -8.33
CA GLU F 60 19.61 -28.01 -6.87
C GLU F 60 18.56 -28.86 -6.16
N ALA F 61 17.41 -29.05 -6.81
CA ALA F 61 16.31 -29.78 -6.20
C ALA F 61 16.41 -31.28 -6.47
N GLY F 62 17.07 -31.61 -7.58
CA GLY F 62 17.30 -33.01 -7.92
C GLY F 62 16.44 -33.44 -9.08
N ALA F 63 16.26 -32.54 -10.04
CA ALA F 63 15.47 -32.80 -11.22
C ALA F 63 15.99 -34.03 -11.97
N GLN F 64 17.29 -34.29 -11.85
CA GLN F 64 17.90 -35.40 -12.52
C GLN F 64 17.45 -36.73 -11.94
N ASP F 65 17.43 -36.82 -10.61
CA ASP F 65 17.14 -38.08 -9.94
C ASP F 65 15.67 -38.25 -9.60
N ALA F 66 14.82 -37.30 -10.03
CA ALA F 66 13.43 -37.34 -9.61
C ALA F 66 12.63 -38.30 -10.47
N ASP F 67 11.43 -38.64 -10.01
CA ASP F 67 10.54 -39.52 -10.78
C ASP F 67 9.25 -38.81 -11.13
N MET F 68 9.07 -37.61 -10.58
CA MET F 68 7.82 -36.88 -10.75
C MET F 68 7.97 -35.40 -10.46
N LEU F 69 7.51 -34.58 -11.41
CA LEU F 69 7.53 -33.13 -11.26
C LEU F 69 6.14 -32.63 -10.98
N VAL F 70 5.78 -32.48 -9.71
CA VAL F 70 4.49 -31.90 -9.38
C VAL F 70 4.58 -30.39 -9.40
N ALA F 71 4.38 -29.82 -10.58
CA ALA F 71 4.49 -28.38 -10.78
C ALA F 71 3.19 -27.68 -10.44
N VAL F 72 3.04 -27.30 -9.17
CA VAL F 72 1.83 -26.62 -8.74
C VAL F 72 2.12 -25.26 -8.10
N THR F 73 2.08 -24.21 -8.93
CA THR F 73 2.28 -22.87 -8.43
C THR F 73 1.05 -22.03 -8.71
N ASN F 74 1.17 -20.71 -8.59
CA ASN F 74 0.04 -19.82 -8.82
C ASN F 74 -0.04 -19.52 -10.31
N THR F 75 1.12 -19.23 -10.89
CA THR F 75 1.22 -18.87 -12.29
C THR F 75 1.19 -20.11 -13.19
N ASP F 76 0.41 -20.03 -14.26
CA ASP F 76 0.34 -21.08 -15.26
C ASP F 76 1.66 -21.14 -16.02
N GLU F 77 2.01 -20.00 -16.60
CA GLU F 77 3.16 -19.86 -17.48
C GLU F 77 4.44 -20.43 -16.89
N THR F 78 4.67 -20.18 -15.60
CA THR F 78 5.85 -20.70 -14.93
C THR F 78 5.77 -22.21 -14.76
N ASN F 79 4.59 -22.74 -14.46
CA ASN F 79 4.43 -24.18 -14.37
C ASN F 79 4.76 -24.86 -15.71
N MET F 80 4.29 -24.26 -16.79
CA MET F 80 4.50 -24.83 -18.12
C MET F 80 5.98 -24.79 -18.42
N ALA F 81 6.54 -23.59 -18.35
CA ALA F 81 7.96 -23.38 -18.59
C ALA F 81 8.84 -24.28 -17.73
N ALA F 82 8.35 -24.59 -16.53
CA ALA F 82 9.00 -25.53 -15.63
C ALA F 82 9.02 -26.94 -16.20
N CYS F 83 7.86 -27.40 -16.65
CA CYS F 83 7.82 -28.72 -17.26
C CYS F 83 8.74 -28.77 -18.47
N GLN F 84 8.75 -27.70 -19.25
CA GLN F 84 9.57 -27.62 -20.45
C GLN F 84 11.06 -27.71 -20.14
N VAL F 85 11.50 -26.88 -19.20
CA VAL F 85 12.92 -26.84 -18.83
C VAL F 85 13.36 -28.14 -18.20
N ALA F 86 12.51 -28.72 -17.36
CA ALA F 86 12.85 -29.96 -16.69
C ALA F 86 12.93 -31.10 -17.70
N PHE F 87 12.09 -31.03 -18.72
CA PHE F 87 12.04 -32.06 -19.74
C PHE F 87 13.25 -31.99 -20.67
N THR F 88 13.49 -30.82 -21.26
CA THR F 88 14.61 -30.67 -22.18
C THR F 88 16.00 -30.51 -21.54
N LEU F 89 16.06 -30.40 -20.22
CA LEU F 89 17.36 -30.32 -19.56
C LEU F 89 17.68 -31.45 -18.60
N PHE F 90 16.66 -32.14 -18.10
CA PHE F 90 16.91 -33.18 -17.11
C PHE F 90 16.15 -34.46 -17.42
N ASN F 91 15.32 -34.39 -18.46
CA ASN F 91 14.43 -35.50 -18.83
C ASN F 91 13.63 -36.06 -17.65
N THR F 92 13.07 -35.18 -16.84
CA THR F 92 12.31 -35.58 -15.65
C THR F 92 11.04 -36.35 -16.00
N PRO F 93 10.91 -37.57 -15.46
CA PRO F 93 9.88 -38.56 -15.77
C PRO F 93 8.43 -38.06 -15.79
N ASN F 94 7.82 -37.92 -14.63
CA ASN F 94 6.38 -37.68 -14.55
C ASN F 94 6.02 -36.24 -14.26
N ARG F 95 5.43 -35.57 -15.24
CA ARG F 95 5.24 -34.12 -15.16
C ARG F 95 3.77 -33.71 -15.02
N VAL F 96 3.32 -33.57 -13.78
CA VAL F 96 2.01 -32.99 -13.50
C VAL F 96 2.16 -31.49 -13.42
N ALA F 97 1.15 -30.77 -13.88
CA ALA F 97 1.22 -29.31 -13.92
C ALA F 97 -0.14 -28.67 -13.69
N ARG F 98 -0.24 -27.86 -12.65
CA ARG F 98 -1.49 -27.16 -12.38
C ARG F 98 -1.73 -26.07 -13.41
N ILE F 99 -2.84 -26.19 -14.13
CA ILE F 99 -3.23 -25.14 -15.06
C ILE F 99 -4.61 -24.61 -14.65
N ARG F 100 -4.69 -23.30 -14.45
CA ARG F 100 -5.91 -22.66 -14.00
C ARG F 100 -6.64 -22.10 -15.22
N SER F 101 -5.91 -21.29 -15.98
CA SER F 101 -6.46 -20.57 -17.13
C SER F 101 -7.22 -21.48 -18.08
N PRO F 102 -8.49 -21.14 -18.35
CA PRO F 102 -9.40 -21.94 -19.16
C PRO F 102 -9.00 -21.97 -20.63
N GLU F 103 -8.49 -20.85 -21.14
CA GLU F 103 -8.16 -20.76 -22.56
C GLU F 103 -6.83 -21.41 -22.89
N TYR F 104 -6.26 -22.16 -21.95
CA TYR F 104 -5.16 -23.05 -22.26
C TYR F 104 -5.71 -24.43 -22.55
N LEU F 105 -6.38 -25.01 -21.57
CA LEU F 105 -6.98 -26.33 -21.76
C LEU F 105 -8.21 -26.31 -22.67
N ALA F 106 -8.50 -25.16 -23.26
CA ALA F 106 -9.47 -25.11 -24.36
C ALA F 106 -8.96 -25.95 -25.53
N GLU F 107 -7.67 -25.82 -25.83
CA GLU F 107 -7.01 -26.68 -26.81
C GLU F 107 -6.03 -27.57 -26.06
N LYS F 108 -6.51 -28.11 -24.95
CA LYS F 108 -5.78 -29.00 -24.07
C LYS F 108 -4.94 -30.03 -24.84
N GLU F 109 -5.56 -30.63 -25.85
CA GLU F 109 -4.92 -31.66 -26.65
C GLU F 109 -3.83 -31.08 -27.55
N ALA F 110 -4.17 -30.02 -28.27
CA ALA F 110 -3.27 -29.43 -29.25
C ALA F 110 -2.08 -28.74 -28.59
N LEU F 111 -2.16 -28.56 -27.28
CA LEU F 111 -1.18 -27.73 -26.58
C LEU F 111 -0.43 -28.51 -25.51
N PHE F 112 -0.97 -29.65 -25.09
CA PHE F 112 -0.35 -30.43 -24.02
C PHE F 112 -0.05 -31.86 -24.43
N LYS F 113 -1.00 -32.51 -25.10
CA LYS F 113 -0.84 -33.89 -25.50
C LYS F 113 0.05 -34.03 -26.73
N SER F 114 0.91 -33.03 -26.91
CA SER F 114 1.95 -33.04 -27.93
C SER F 114 3.27 -32.73 -27.24
N GLY F 115 4.37 -32.85 -27.98
CA GLY F 115 5.69 -32.59 -27.43
C GLY F 115 6.01 -31.11 -27.44
N ALA F 116 4.99 -30.29 -27.59
CA ALA F 116 5.16 -28.84 -27.58
C ALA F 116 5.31 -28.33 -26.16
N ILE F 117 4.25 -28.48 -25.36
CA ILE F 117 4.36 -28.25 -23.93
C ILE F 117 4.37 -29.58 -23.21
N PRO F 118 5.55 -30.03 -22.79
CA PRO F 118 5.73 -31.38 -22.22
C PRO F 118 5.07 -31.56 -20.86
N VAL F 119 3.77 -31.37 -20.79
CA VAL F 119 3.02 -31.68 -19.57
C VAL F 119 2.38 -33.05 -19.71
N ASP F 120 2.70 -33.94 -18.79
CA ASP F 120 2.17 -35.30 -18.83
C ASP F 120 0.72 -35.32 -18.38
N HIS F 121 0.46 -34.73 -17.23
CA HIS F 121 -0.89 -34.63 -16.72
C HIS F 121 -1.17 -33.22 -16.24
N LEU F 122 -2.33 -32.68 -16.59
CA LEU F 122 -2.76 -31.42 -16.01
C LEU F 122 -3.61 -31.70 -14.77
N ILE F 123 -3.62 -30.77 -13.83
CA ILE F 123 -4.40 -30.94 -12.61
C ILE F 123 -4.90 -29.57 -12.11
N ALA F 124 -6.17 -29.29 -12.38
CA ALA F 124 -6.78 -28.04 -11.94
C ALA F 124 -7.60 -28.25 -10.66
N PRO F 125 -7.05 -27.81 -9.52
CA PRO F 125 -7.57 -28.12 -8.18
C PRO F 125 -8.90 -27.43 -7.88
N GLU F 126 -8.97 -26.15 -8.20
CA GLU F 126 -10.15 -25.34 -7.87
C GLU F 126 -11.38 -25.83 -8.62
N GLU F 127 -11.21 -26.17 -9.89
CA GLU F 127 -12.28 -26.72 -10.71
C GLU F 127 -12.85 -27.98 -10.06
N LEU F 128 -11.98 -28.79 -9.45
CA LEU F 128 -12.42 -29.96 -8.70
C LEU F 128 -13.21 -29.59 -7.47
N VAL F 129 -12.75 -28.59 -6.71
CA VAL F 129 -13.51 -28.18 -5.52
C VAL F 129 -14.91 -27.72 -5.93
N THR F 130 -14.98 -26.90 -6.98
CA THR F 130 -16.26 -26.42 -7.50
C THR F 130 -17.14 -27.55 -8.00
N SER F 131 -16.51 -28.54 -8.65
CA SER F 131 -17.24 -29.71 -9.15
C SER F 131 -17.84 -30.46 -7.98
N TYR F 132 -17.05 -30.62 -6.93
CA TYR F 132 -17.45 -31.26 -5.68
C TYR F 132 -18.70 -30.57 -5.13
N ILE F 133 -18.62 -29.24 -5.01
CA ILE F 133 -19.75 -28.47 -4.48
C ILE F 133 -20.99 -28.64 -5.37
N GLU F 134 -20.83 -28.36 -6.65
CA GLU F 134 -21.88 -28.53 -7.65
C GLU F 134 -22.62 -29.85 -7.50
N ARG F 135 -21.85 -30.93 -7.35
CA ARG F 135 -22.43 -32.24 -7.17
C ARG F 135 -23.21 -32.30 -5.86
N LEU F 136 -22.58 -31.83 -4.77
CA LEU F 136 -23.25 -31.77 -3.48
C LEU F 136 -24.59 -31.05 -3.55
N ILE F 137 -24.74 -30.14 -4.51
CA ILE F 137 -25.98 -29.41 -4.67
C ILE F 137 -26.98 -30.17 -5.52
N GLN F 138 -26.54 -30.71 -6.66
CA GLN F 138 -27.50 -31.40 -7.53
C GLN F 138 -27.85 -32.80 -7.01
N TYR F 139 -27.31 -33.15 -5.84
CA TYR F 139 -27.73 -34.37 -5.15
C TYR F 139 -28.02 -34.07 -3.68
N PRO F 140 -29.17 -33.45 -3.41
CA PRO F 140 -29.57 -33.01 -2.06
C PRO F 140 -29.53 -34.13 -1.02
N GLY F 141 -28.93 -33.85 0.13
CA GLY F 141 -28.89 -34.80 1.22
C GLY F 141 -27.59 -35.58 1.28
N ALA F 142 -26.72 -35.34 0.31
CA ALA F 142 -25.43 -36.00 0.24
C ALA F 142 -24.37 -35.28 1.07
N LEU F 143 -23.42 -36.05 1.61
CA LEU F 143 -22.32 -35.47 2.36
C LEU F 143 -21.06 -35.48 1.50
N GLN F 144 -21.10 -36.28 0.44
CA GLN F 144 -19.98 -36.41 -0.48
C GLN F 144 -20.44 -37.24 -1.66
N VAL F 145 -20.07 -36.78 -2.86
CA VAL F 145 -20.48 -37.44 -4.09
C VAL F 145 -19.29 -37.50 -5.03
N VAL F 146 -18.67 -38.67 -5.14
CA VAL F 146 -17.54 -38.83 -6.05
C VAL F 146 -17.88 -39.77 -7.21
N SER F 147 -17.68 -39.26 -8.43
CA SER F 147 -17.98 -40.04 -9.62
C SER F 147 -16.68 -40.57 -10.22
N PHE F 148 -16.73 -41.81 -10.70
CA PHE F 148 -15.53 -42.49 -11.17
C PHE F 148 -15.46 -42.61 -12.70
N ALA F 149 -15.99 -43.71 -13.22
CA ALA F 149 -15.82 -44.03 -14.63
C ALA F 149 -16.63 -43.13 -15.54
N GLU F 150 -16.02 -42.01 -15.93
CA GLU F 150 -16.65 -40.99 -16.76
C GLU F 150 -18.06 -40.64 -16.28
N GLN F 151 -18.19 -40.42 -14.97
CA GLN F 151 -19.49 -40.13 -14.35
C GLN F 151 -20.54 -41.16 -14.71
N LYS F 152 -20.23 -42.44 -14.52
CA LYS F 152 -21.18 -43.50 -14.83
C LYS F 152 -21.50 -44.31 -13.58
N VAL F 153 -20.47 -44.56 -12.79
CA VAL F 153 -20.65 -45.10 -11.45
C VAL F 153 -20.37 -43.95 -10.48
N SER F 154 -21.07 -43.95 -9.35
CA SER F 154 -20.92 -42.89 -8.36
C SER F 154 -20.98 -43.46 -6.95
N LEU F 155 -19.91 -43.19 -6.20
CA LEU F 155 -19.87 -43.43 -4.76
C LEU F 155 -20.52 -42.23 -4.10
N VAL F 156 -21.52 -42.47 -3.26
CA VAL F 156 -22.23 -41.39 -2.59
C VAL F 156 -22.21 -41.64 -1.07
N ALA F 157 -22.41 -40.59 -0.28
CA ALA F 157 -22.36 -40.73 1.18
C ALA F 157 -23.48 -39.99 1.88
N VAL F 158 -24.08 -40.60 2.89
CA VAL F 158 -25.19 -39.98 3.60
C VAL F 158 -25.29 -40.37 5.08
N LYS F 159 -25.55 -39.37 5.91
CA LYS F 159 -25.76 -39.53 7.34
C LYS F 159 -27.12 -40.20 7.62
N ALA F 160 -27.12 -41.15 8.55
CA ALA F 160 -28.35 -41.72 9.07
C ALA F 160 -28.92 -40.75 10.09
N TYR F 161 -30.21 -40.44 10.00
CA TYR F 161 -30.81 -39.49 10.92
C TYR F 161 -31.80 -40.22 11.82
N TYR F 162 -32.41 -39.50 12.76
CA TYR F 162 -33.38 -40.12 13.67
C TYR F 162 -34.63 -40.57 12.91
N GLY F 163 -34.78 -40.05 11.70
CA GLY F 163 -35.97 -40.24 10.90
C GLY F 163 -35.88 -41.18 9.70
N GLY F 164 -34.87 -40.97 8.86
CA GLY F 164 -34.86 -41.55 7.52
C GLY F 164 -34.70 -43.06 7.34
N PRO F 165 -33.58 -43.64 7.80
CA PRO F 165 -33.38 -45.09 7.65
C PRO F 165 -33.97 -45.92 8.79
N LEU F 166 -33.10 -46.45 9.64
CA LEU F 166 -33.48 -47.21 10.83
C LEU F 166 -34.28 -48.48 10.53
N VAL F 167 -33.76 -49.31 9.63
CA VAL F 167 -34.38 -50.59 9.27
C VAL F 167 -33.31 -51.62 8.88
N GLY F 168 -33.75 -52.86 8.61
CA GLY F 168 -32.85 -53.93 8.22
C GLY F 168 -32.07 -53.62 6.95
N ASN F 169 -30.75 -53.78 7.03
CA ASN F 169 -29.84 -53.37 5.95
C ASN F 169 -30.14 -53.95 4.58
N ALA F 170 -30.02 -55.27 4.44
CA ALA F 170 -30.25 -55.92 3.16
C ALA F 170 -31.74 -56.20 2.99
N LEU F 171 -32.51 -55.85 4.01
CA LEU F 171 -33.95 -56.05 4.01
C LEU F 171 -34.64 -54.86 3.38
N SER F 172 -34.01 -53.69 3.48
CA SER F 172 -34.51 -52.50 2.80
C SER F 172 -34.07 -52.59 1.35
N ALA F 173 -32.98 -53.32 1.11
CA ALA F 173 -32.44 -53.51 -0.22
C ALA F 173 -33.41 -54.29 -1.11
N LEU F 174 -34.19 -55.16 -0.50
CA LEU F 174 -35.22 -55.93 -1.21
C LEU F 174 -36.31 -55.05 -1.81
N ARG F 175 -36.53 -53.88 -1.21
CA ARG F 175 -37.59 -52.98 -1.65
C ARG F 175 -37.20 -52.23 -2.91
N GLU F 176 -36.05 -51.56 -2.88
CA GLU F 176 -35.58 -50.76 -4.00
C GLU F 176 -35.56 -51.54 -5.32
N HIS F 177 -34.81 -52.65 -5.32
CA HIS F 177 -34.68 -53.55 -6.47
C HIS F 177 -35.91 -53.63 -7.36
N ASP F 182 -30.15 -51.77 -7.76
CA ASP F 182 -28.88 -51.80 -8.47
C ASP F 182 -27.81 -51.00 -7.73
N THR F 183 -27.57 -51.36 -6.47
CA THR F 183 -26.63 -50.64 -5.65
C THR F 183 -26.16 -51.49 -4.47
N ARG F 184 -24.86 -51.46 -4.18
CA ARG F 184 -24.35 -52.09 -2.96
C ARG F 184 -23.61 -51.09 -2.07
N VAL F 185 -23.64 -51.36 -0.76
CA VAL F 185 -23.00 -50.51 0.24
C VAL F 185 -21.52 -50.82 0.35
N ALA F 186 -20.69 -49.85 0.00
CA ALA F 186 -19.24 -50.06 0.07
C ALA F 186 -18.73 -50.04 1.50
N ALA F 187 -19.39 -49.28 2.37
CA ALA F 187 -18.94 -49.11 3.76
C ALA F 187 -19.92 -48.34 4.63
N ILE F 188 -19.86 -48.60 5.93
CA ILE F 188 -20.69 -47.92 6.93
C ILE F 188 -19.85 -47.56 8.15
N PHE F 189 -19.71 -46.27 8.40
CA PHE F 189 -18.94 -45.77 9.53
C PHE F 189 -19.82 -45.46 10.74
N ARG F 190 -19.58 -46.15 11.86
CA ARG F 190 -20.41 -45.93 13.05
C ARG F 190 -19.82 -44.93 14.06
N GLN F 191 -18.54 -45.05 14.38
CA GLN F 191 -17.93 -44.05 15.25
C GLN F 191 -16.78 -43.31 14.59
N GLY F 192 -15.59 -43.89 14.70
CA GLY F 192 -14.40 -43.32 14.09
C GLY F 192 -13.91 -44.29 13.04
N ARG F 193 -13.95 -45.57 13.41
CA ARG F 193 -13.60 -46.65 12.49
C ARG F 193 -14.90 -47.34 12.06
N PRO F 194 -14.91 -47.87 10.82
CA PRO F 194 -16.10 -48.51 10.23
C PRO F 194 -16.43 -49.90 10.77
N ILE F 195 -17.46 -50.50 10.17
CA ILE F 195 -17.87 -51.86 10.52
C ILE F 195 -18.12 -52.68 9.25
N ARG F 196 -18.21 -54.00 9.43
CA ARG F 196 -18.36 -54.96 8.34
C ARG F 196 -19.69 -54.78 7.62
N PRO F 197 -19.66 -54.36 6.34
CA PRO F 197 -20.95 -54.19 5.67
C PRO F 197 -21.45 -55.46 4.99
N GLN F 198 -22.36 -56.17 5.64
CA GLN F 198 -22.96 -57.35 5.03
C GLN F 198 -24.49 -57.38 5.08
N GLY F 199 -25.06 -58.54 4.79
CA GLY F 199 -26.50 -58.71 4.70
C GLY F 199 -27.38 -58.49 5.91
N THR F 200 -26.83 -58.56 7.11
CA THR F 200 -27.67 -58.55 8.30
C THR F 200 -27.27 -57.52 9.37
N THR F 201 -26.83 -56.35 8.92
CA THR F 201 -26.37 -55.31 9.84
C THR F 201 -27.46 -54.32 10.27
N ILE F 202 -27.44 -53.97 11.56
CA ILE F 202 -28.41 -53.06 12.15
C ILE F 202 -28.07 -51.60 11.84
N ILE F 203 -29.04 -50.86 11.30
CA ILE F 203 -28.81 -49.44 11.00
C ILE F 203 -29.03 -48.53 12.21
N GLU F 204 -27.93 -48.05 12.78
CA GLU F 204 -27.96 -47.09 13.87
C GLU F 204 -28.14 -45.69 13.33
N ALA F 205 -28.46 -44.74 14.20
CA ALA F 205 -28.56 -43.35 13.79
C ALA F 205 -27.15 -42.75 13.79
N ASP F 206 -27.02 -41.61 13.11
CA ASP F 206 -25.74 -40.89 13.04
C ASP F 206 -24.60 -41.73 12.46
N ASP F 207 -24.93 -42.66 11.57
CA ASP F 207 -23.91 -43.44 10.88
C ASP F 207 -23.64 -42.79 9.53
N GLU F 208 -22.44 -42.97 9.01
CA GLU F 208 -22.12 -42.47 7.67
C GLU F 208 -22.12 -43.63 6.67
N VAL F 209 -23.09 -43.63 5.77
CA VAL F 209 -23.28 -44.75 4.85
C VAL F 209 -22.82 -44.44 3.42
N PHE F 210 -22.17 -45.39 2.77
CA PHE F 210 -21.62 -45.19 1.43
C PHE F 210 -22.29 -46.03 0.34
N PHE F 211 -23.17 -45.41 -0.45
CA PHE F 211 -23.77 -46.10 -1.60
C PHE F 211 -22.79 -46.13 -2.76
N VAL F 212 -22.95 -47.08 -3.67
CA VAL F 212 -22.19 -47.12 -4.91
C VAL F 212 -23.16 -47.58 -5.99
N ALA F 213 -23.65 -46.64 -6.79
CA ALA F 213 -24.59 -47.03 -7.84
C ALA F 213 -24.24 -46.48 -9.20
N ALA F 214 -25.11 -46.73 -10.18
CA ALA F 214 -24.97 -46.09 -11.48
C ALA F 214 -25.21 -44.60 -11.28
N SER F 215 -24.58 -43.77 -12.11
CA SER F 215 -24.70 -42.33 -11.96
C SER F 215 -26.03 -41.83 -12.49
N ASN F 216 -26.76 -42.71 -13.18
CA ASN F 216 -28.08 -42.37 -13.65
C ASN F 216 -29.11 -42.59 -12.55
N HIS F 217 -29.14 -43.82 -12.03
CA HIS F 217 -30.15 -44.22 -11.06
C HIS F 217 -29.75 -43.84 -9.65
N ILE F 218 -28.99 -42.76 -9.50
CA ILE F 218 -28.48 -42.37 -8.19
C ILE F 218 -29.37 -41.32 -7.56
N ARG F 219 -29.87 -40.39 -8.36
CA ARG F 219 -30.86 -39.43 -7.89
C ARG F 219 -32.16 -40.20 -7.60
N SER F 220 -32.35 -41.29 -8.34
CA SER F 220 -33.52 -42.15 -8.20
C SER F 220 -33.37 -43.01 -6.94
N VAL F 221 -32.17 -43.57 -6.77
CA VAL F 221 -31.86 -44.30 -5.54
C VAL F 221 -32.07 -43.36 -4.37
N MET F 222 -31.61 -42.12 -4.52
CA MET F 222 -31.75 -41.09 -3.50
C MET F 222 -33.23 -40.81 -3.23
N SER F 223 -34.06 -41.03 -4.25
CA SER F 223 -35.49 -40.79 -4.10
C SER F 223 -36.16 -41.91 -3.29
N GLU F 224 -36.09 -43.15 -3.78
CA GLU F 224 -36.69 -44.27 -3.04
C GLU F 224 -35.91 -44.67 -1.77
N LEU F 225 -34.78 -44.01 -1.53
CA LEU F 225 -34.06 -44.14 -0.26
C LEU F 225 -34.82 -43.40 0.82
N GLN F 226 -35.83 -42.65 0.38
CA GLN F 226 -36.67 -41.82 1.22
C GLN F 226 -35.93 -40.61 1.77
N ARG F 227 -35.00 -40.07 0.99
CA ARG F 227 -34.32 -38.85 1.40
C ARG F 227 -33.75 -38.02 0.25
N LEU F 228 -34.54 -37.81 -0.79
CA LEU F 228 -34.20 -36.79 -1.78
C LEU F 228 -34.78 -35.48 -1.26
N GLU F 229 -33.94 -34.50 -0.97
CA GLU F 229 -34.44 -33.25 -0.40
C GLU F 229 -35.00 -32.36 -1.50
N LYS F 230 -35.94 -31.50 -1.14
CA LYS F 230 -36.62 -30.63 -2.10
C LYS F 230 -35.60 -29.79 -2.87
N PRO F 231 -35.70 -29.79 -4.20
CA PRO F 231 -34.74 -29.12 -5.11
C PRO F 231 -34.43 -27.69 -4.69
N TYR F 232 -33.15 -27.33 -4.74
CA TYR F 232 -32.73 -26.00 -4.34
C TYR F 232 -33.12 -24.99 -5.42
N ARG F 233 -33.60 -23.84 -4.98
CA ARG F 233 -34.02 -22.78 -5.91
C ARG F 233 -33.08 -21.58 -5.79
N ARG F 234 -32.95 -21.08 -4.58
CA ARG F 234 -32.20 -19.86 -4.33
C ARG F 234 -30.88 -20.12 -3.60
N ILE F 235 -29.78 -19.69 -4.21
CA ILE F 235 -28.42 -19.95 -3.72
C ILE F 235 -27.64 -18.67 -3.51
N MET F 236 -26.91 -18.57 -2.40
CA MET F 236 -26.09 -17.40 -2.14
C MET F 236 -24.66 -17.80 -1.76
N ILE F 237 -23.68 -17.28 -2.50
CA ILE F 237 -22.28 -17.61 -2.23
C ILE F 237 -21.44 -16.38 -1.91
N VAL F 238 -20.70 -16.47 -0.81
CA VAL F 238 -19.84 -15.38 -0.37
C VAL F 238 -18.39 -15.68 -0.69
N GLY F 239 -17.71 -14.72 -1.29
CA GLY F 239 -16.36 -14.93 -1.78
C GLY F 239 -16.37 -15.13 -3.28
N GLY F 240 -15.82 -14.16 -4.01
CA GLY F 240 -15.88 -14.17 -5.45
C GLY F 240 -14.54 -14.58 -6.03
N GLY F 241 -13.88 -15.51 -5.35
CA GLY F 241 -12.59 -15.97 -5.77
C GLY F 241 -12.68 -16.96 -6.92
N ASN F 242 -11.66 -17.80 -7.09
CA ASN F 242 -11.67 -18.75 -8.19
C ASN F 242 -12.81 -19.74 -8.02
N ILE F 243 -12.80 -20.44 -6.89
CA ILE F 243 -13.82 -21.43 -6.56
C ILE F 243 -15.21 -20.82 -6.53
N GLY F 244 -15.33 -19.68 -5.84
CA GLY F 244 -16.60 -18.99 -5.74
C GLY F 244 -17.17 -18.60 -7.09
N ALA F 245 -16.41 -17.81 -7.85
CA ALA F 245 -16.87 -17.34 -9.16
C ALA F 245 -17.13 -18.47 -10.14
N SER F 246 -16.41 -19.58 -10.01
CA SER F 246 -16.61 -20.69 -10.95
C SER F 246 -17.88 -21.46 -10.62
N LEU F 247 -18.04 -21.80 -9.34
CA LEU F 247 -19.28 -22.41 -8.86
C LEU F 247 -20.46 -21.53 -9.24
N ALA F 248 -20.25 -20.21 -9.20
CA ALA F 248 -21.26 -19.24 -9.61
C ALA F 248 -21.61 -19.42 -11.07
N LYS F 249 -20.63 -19.25 -11.95
CA LYS F 249 -20.89 -19.33 -13.40
C LYS F 249 -21.53 -20.66 -13.80
N ARG F 250 -21.23 -21.73 -13.08
CA ARG F 250 -21.87 -23.02 -13.33
C ARG F 250 -23.32 -23.02 -12.85
N LEU F 251 -23.51 -22.82 -11.54
CA LEU F 251 -24.85 -22.83 -10.94
C LEU F 251 -25.82 -21.79 -11.51
N GLU F 252 -25.27 -20.74 -12.12
CA GLU F 252 -26.08 -19.60 -12.53
C GLU F 252 -27.13 -19.95 -13.57
N GLN F 253 -26.98 -21.13 -14.19
CA GLN F 253 -27.95 -21.59 -15.17
C GLN F 253 -29.18 -22.21 -14.52
N THR F 254 -28.98 -23.31 -13.80
CA THR F 254 -30.09 -24.04 -13.20
C THR F 254 -30.66 -23.37 -11.95
N TYR F 255 -29.97 -22.37 -11.42
CA TYR F 255 -30.36 -21.79 -10.13
C TYR F 255 -30.26 -20.27 -10.12
N SER F 256 -30.87 -19.64 -9.12
CA SER F 256 -30.77 -18.20 -8.96
C SER F 256 -29.70 -17.97 -7.91
N VAL F 257 -28.71 -17.16 -8.22
CA VAL F 257 -27.54 -17.05 -7.35
C VAL F 257 -27.13 -15.61 -7.06
N LYS F 258 -26.99 -15.30 -5.77
CA LYS F 258 -26.49 -14.01 -5.33
C LYS F 258 -25.06 -14.18 -4.83
N LEU F 259 -24.14 -13.32 -5.25
CA LEU F 259 -22.73 -13.52 -4.89
C LEU F 259 -22.15 -12.30 -4.18
N ILE F 260 -21.81 -12.46 -2.90
CA ILE F 260 -21.24 -11.35 -2.15
C ILE F 260 -19.72 -11.44 -2.09
N GLU F 261 -19.05 -10.46 -2.69
CA GLU F 261 -17.59 -10.43 -2.78
C GLU F 261 -17.04 -9.13 -2.21
N ARG F 262 -15.96 -9.20 -1.44
CA ARG F 262 -15.50 -8.05 -0.65
C ARG F 262 -14.71 -6.99 -1.42
N ASP F 263 -13.94 -7.40 -2.43
CA ASP F 263 -13.14 -6.45 -3.18
C ASP F 263 -14.00 -5.79 -4.24
N TYR F 264 -13.90 -4.48 -4.38
CA TYR F 264 -14.72 -3.79 -5.37
C TYR F 264 -14.36 -4.19 -6.79
N GLN F 265 -13.13 -3.94 -7.20
CA GLN F 265 -12.69 -4.25 -8.56
C GLN F 265 -13.02 -5.69 -8.95
N ARG F 266 -12.72 -6.63 -8.05
CA ARG F 266 -13.04 -8.04 -8.28
C ARG F 266 -14.53 -8.23 -8.52
N ALA F 267 -15.36 -7.52 -7.76
CA ALA F 267 -16.81 -7.62 -7.90
C ALA F 267 -17.28 -7.01 -9.21
N GLU F 268 -16.73 -5.85 -9.56
CA GLU F 268 -17.10 -5.11 -10.75
C GLU F 268 -16.76 -5.94 -11.98
N LYS F 269 -15.64 -6.66 -11.91
CA LYS F 269 -15.19 -7.49 -13.02
C LYS F 269 -16.04 -8.75 -13.08
N LEU F 270 -16.36 -9.27 -11.89
CA LEU F 270 -17.25 -10.42 -11.76
C LEU F 270 -18.60 -10.08 -12.42
N SER F 271 -19.02 -8.83 -12.27
CA SER F 271 -20.32 -8.36 -12.73
C SER F 271 -20.48 -8.43 -14.25
N GLU F 272 -19.37 -8.32 -14.97
CA GLU F 272 -19.43 -8.41 -16.43
C GLU F 272 -18.97 -9.77 -16.94
N GLN F 273 -18.08 -10.41 -16.20
CA GLN F 273 -17.55 -11.70 -16.61
C GLN F 273 -18.61 -12.82 -16.60
N LEU F 274 -19.62 -12.70 -15.75
CA LEU F 274 -20.72 -13.66 -15.74
C LEU F 274 -22.11 -13.03 -15.76
N GLU F 275 -22.77 -13.12 -16.91
CA GLU F 275 -24.13 -12.64 -17.05
C GLU F 275 -25.12 -13.58 -16.35
N ASN F 276 -26.14 -12.99 -15.74
CA ASN F 276 -27.30 -13.69 -15.14
C ASN F 276 -27.20 -14.00 -13.63
N THR F 277 -26.09 -13.63 -13.00
CA THR F 277 -26.00 -13.70 -11.55
C THR F 277 -25.88 -12.28 -11.00
N ILE F 278 -26.36 -12.06 -9.78
CA ILE F 278 -26.26 -10.73 -9.19
C ILE F 278 -25.09 -10.57 -8.22
N VAL F 279 -24.18 -9.68 -8.60
CA VAL F 279 -22.95 -9.44 -7.86
C VAL F 279 -23.12 -8.33 -6.83
N PHE F 280 -22.88 -8.66 -5.56
CA PHE F 280 -22.96 -7.71 -4.47
C PHE F 280 -21.56 -7.48 -3.91
N CYS F 281 -21.11 -6.24 -3.94
CA CYS F 281 -19.84 -5.91 -3.31
C CYS F 281 -20.06 -5.61 -1.83
N GLY F 282 -19.36 -6.33 -0.96
CA GLY F 282 -19.52 -6.16 0.48
C GLY F 282 -19.06 -7.37 1.27
N ASP F 283 -19.24 -7.32 2.58
CA ASP F 283 -18.68 -8.32 3.49
C ASP F 283 -19.68 -9.42 3.80
N ALA F 284 -19.18 -10.65 3.90
CA ALA F 284 -20.00 -11.82 4.21
C ALA F 284 -20.57 -11.78 5.62
N ALA F 285 -20.22 -10.76 6.37
CA ALA F 285 -20.56 -10.70 7.78
C ALA F 285 -21.81 -9.88 8.10
N ASP F 286 -21.94 -8.71 7.47
CA ASP F 286 -22.96 -7.73 7.86
C ASP F 286 -24.40 -8.18 7.67
N GLN F 287 -25.16 -8.23 8.78
CA GLN F 287 -26.54 -8.67 8.75
C GLN F 287 -27.35 -7.82 7.78
N GLU F 288 -26.85 -6.61 7.55
CA GLU F 288 -27.49 -5.66 6.63
C GLU F 288 -27.70 -6.27 5.25
N LEU F 289 -26.60 -6.53 4.53
CA LEU F 289 -26.67 -7.11 3.20
C LEU F 289 -27.50 -8.40 3.19
N LEU F 290 -27.22 -9.27 4.16
CA LEU F 290 -27.91 -10.55 4.26
C LEU F 290 -29.44 -10.44 4.33
N THR F 291 -29.95 -9.70 5.32
CA THR F 291 -31.39 -9.56 5.48
C THR F 291 -32.02 -8.78 4.34
N GLU F 292 -31.29 -7.78 3.84
CA GLU F 292 -31.84 -6.93 2.79
C GLU F 292 -31.99 -7.75 1.51
N GLU F 293 -31.21 -8.81 1.39
CA GLU F 293 -31.27 -9.64 0.19
C GLU F 293 -31.92 -10.98 0.47
N ASN F 294 -32.63 -11.05 1.60
CA ASN F 294 -33.39 -12.24 1.97
C ASN F 294 -32.56 -13.52 2.20
N ILE F 295 -31.65 -13.45 3.16
CA ILE F 295 -30.88 -14.60 3.64
C ILE F 295 -31.82 -15.61 4.32
N ASP F 296 -33.07 -15.22 4.46
CA ASP F 296 -34.10 -16.07 5.05
C ASP F 296 -34.85 -16.87 4.00
N GLN F 297 -34.84 -16.38 2.76
CA GLN F 297 -35.52 -17.07 1.67
C GLN F 297 -34.56 -17.94 0.88
N VAL F 298 -33.31 -18.02 1.34
CA VAL F 298 -32.25 -18.71 0.60
C VAL F 298 -32.10 -20.17 1.02
N ASP F 299 -31.86 -21.03 0.03
CA ASP F 299 -31.82 -22.48 0.22
C ASP F 299 -30.46 -22.98 0.71
N VAL F 300 -29.38 -22.46 0.14
CA VAL F 300 -28.04 -22.80 0.60
C VAL F 300 -27.11 -21.59 0.65
N PHE F 301 -26.40 -21.46 1.78
CA PHE F 301 -25.44 -20.37 1.97
C PHE F 301 -24.04 -20.99 1.91
N ILE F 302 -23.34 -20.75 0.81
CA ILE F 302 -22.04 -21.36 0.59
C ILE F 302 -20.91 -20.35 0.84
N ALA F 303 -20.10 -20.63 1.85
CA ALA F 303 -18.98 -19.76 2.18
C ALA F 303 -17.74 -20.23 1.42
N LEU F 304 -17.12 -19.31 0.69
CA LEU F 304 -15.95 -19.64 -0.10
C LEU F 304 -14.93 -18.50 -0.13
N THR F 305 -14.65 -17.90 1.02
CA THR F 305 -13.60 -16.90 1.09
C THR F 305 -12.37 -17.59 1.68
N ASN F 306 -11.20 -16.98 1.52
CA ASN F 306 -9.96 -17.64 1.94
C ASN F 306 -9.74 -17.65 3.44
N GLU F 307 -10.12 -16.57 4.10
CA GLU F 307 -10.11 -16.54 5.56
C GLU F 307 -11.05 -17.61 6.08
N ASP F 308 -10.50 -18.60 6.77
CA ASP F 308 -11.30 -19.71 7.27
C ASP F 308 -12.31 -19.23 8.31
N GLU F 309 -11.82 -18.44 9.26
CA GLU F 309 -12.64 -17.94 10.35
C GLU F 309 -13.91 -17.24 9.85
N THR F 310 -13.77 -16.25 8.97
CA THR F 310 -14.93 -15.53 8.49
C THR F 310 -15.89 -16.43 7.71
N ASN F 311 -15.36 -17.51 7.15
CA ASN F 311 -16.21 -18.49 6.49
C ASN F 311 -17.12 -19.19 7.49
N ILE F 312 -16.49 -19.79 8.51
CA ILE F 312 -17.26 -20.50 9.53
C ILE F 312 -18.28 -19.56 10.19
N MET F 313 -17.77 -18.42 10.66
CA MET F 313 -18.58 -17.43 11.34
C MET F 313 -19.76 -16.93 10.49
N SER F 314 -19.48 -16.43 9.28
CA SER F 314 -20.54 -15.97 8.39
C SER F 314 -21.59 -17.04 8.20
N ALA F 315 -21.15 -18.29 8.02
CA ALA F 315 -22.09 -19.39 7.87
C ALA F 315 -23.01 -19.54 9.09
N MET F 316 -22.42 -19.48 10.29
CA MET F 316 -23.22 -19.62 11.50
C MET F 316 -24.23 -18.48 11.63
N LEU F 317 -23.80 -17.29 11.25
CA LEU F 317 -24.70 -16.14 11.30
C LEU F 317 -25.85 -16.38 10.35
N ALA F 318 -25.54 -16.83 9.13
CA ALA F 318 -26.55 -17.05 8.11
C ALA F 318 -27.52 -18.15 8.51
N LYS F 319 -27.08 -19.06 9.38
CA LYS F 319 -28.01 -20.06 9.89
C LYS F 319 -28.86 -19.46 11.00
N ARG F 320 -28.33 -18.44 11.66
CA ARG F 320 -29.14 -17.75 12.66
C ARG F 320 -30.23 -16.90 12.00
N MET F 321 -29.87 -16.12 11.00
CA MET F 321 -30.88 -15.38 10.23
C MET F 321 -31.74 -16.30 9.35
N GLY F 322 -31.49 -17.61 9.46
CA GLY F 322 -32.39 -18.61 8.93
C GLY F 322 -32.25 -18.97 7.46
N ALA F 323 -31.03 -19.25 7.02
CA ALA F 323 -30.84 -19.88 5.73
C ALA F 323 -31.14 -21.36 5.93
N LYS F 324 -31.66 -22.02 4.90
CA LYS F 324 -31.99 -23.44 4.99
C LYS F 324 -30.76 -24.29 5.33
N LYS F 325 -29.77 -24.28 4.44
CA LYS F 325 -28.54 -25.04 4.63
C LYS F 325 -27.29 -24.19 4.38
N VAL F 326 -26.19 -24.56 5.04
CA VAL F 326 -24.94 -23.84 4.87
C VAL F 326 -23.77 -24.73 4.47
N MET F 327 -22.99 -24.30 3.48
CA MET F 327 -21.78 -25.00 3.07
C MET F 327 -20.54 -24.13 3.28
N VAL F 328 -19.69 -24.55 4.20
CA VAL F 328 -18.50 -23.79 4.55
C VAL F 328 -17.25 -24.47 4.03
N LEU F 329 -16.31 -23.68 3.52
CA LEU F 329 -15.02 -24.23 3.09
C LEU F 329 -14.00 -23.93 4.18
N ILE F 330 -13.48 -24.99 4.80
CA ILE F 330 -12.60 -24.85 5.95
C ILE F 330 -11.32 -25.63 5.70
N GLN F 331 -10.24 -24.95 5.35
CA GLN F 331 -9.00 -25.66 5.00
C GLN F 331 -8.17 -26.09 6.21
N ARG F 332 -8.31 -25.37 7.32
CA ARG F 332 -7.60 -25.75 8.54
C ARG F 332 -8.35 -26.84 9.28
N GLY F 333 -7.75 -28.02 9.34
CA GLY F 333 -8.38 -29.19 9.92
C GLY F 333 -8.93 -29.03 11.32
N ALA F 334 -8.13 -28.42 12.18
CA ALA F 334 -8.51 -28.19 13.57
C ALA F 334 -9.87 -27.53 13.67
N TYR F 335 -10.11 -26.54 12.80
CA TYR F 335 -11.40 -25.89 12.72
C TYR F 335 -12.51 -26.86 12.30
N VAL F 336 -12.27 -27.60 11.22
CA VAL F 336 -13.22 -28.60 10.74
C VAL F 336 -13.66 -29.53 11.86
N ASP F 337 -12.73 -29.83 12.77
CA ASP F 337 -13.06 -30.63 13.95
C ASP F 337 -13.77 -29.82 15.03
N LEU F 338 -13.41 -28.54 15.14
CA LEU F 338 -14.04 -27.66 16.11
C LEU F 338 -15.56 -27.59 15.89
N VAL F 339 -15.95 -27.39 14.64
CA VAL F 339 -17.36 -27.25 14.28
C VAL F 339 -18.02 -28.55 13.83
N GLN F 340 -17.89 -29.61 14.61
CA GLN F 340 -18.43 -30.90 14.18
C GLN F 340 -19.93 -31.07 14.39
N GLY F 341 -20.34 -31.32 15.62
CA GLY F 341 -21.73 -31.59 15.92
C GLY F 341 -22.63 -30.38 15.82
N GLY F 342 -22.09 -29.27 15.34
CA GLY F 342 -22.76 -27.97 15.40
C GLY F 342 -23.66 -27.64 14.24
N VAL F 343 -23.80 -26.34 13.97
CA VAL F 343 -24.81 -25.83 13.04
C VAL F 343 -24.45 -26.03 11.57
N ILE F 344 -23.15 -25.98 11.26
CA ILE F 344 -22.68 -26.18 9.90
C ILE F 344 -23.10 -27.54 9.37
N ASP F 345 -23.81 -27.56 8.24
CA ASP F 345 -24.41 -28.78 7.73
C ASP F 345 -23.38 -29.67 7.05
N VAL F 346 -22.47 -29.06 6.29
CA VAL F 346 -21.44 -29.81 5.59
C VAL F 346 -20.17 -28.99 5.45
N ALA F 347 -19.05 -29.56 5.89
CA ALA F 347 -17.77 -28.85 5.81
C ALA F 347 -16.98 -29.40 4.64
N ILE F 348 -16.56 -28.50 3.75
CA ILE F 348 -15.87 -28.90 2.53
C ILE F 348 -14.42 -28.50 2.61
N SER F 349 -13.55 -29.48 2.86
CA SER F 349 -12.12 -29.23 2.86
C SER F 349 -11.61 -29.43 1.44
N PRO F 350 -11.00 -28.40 0.86
CA PRO F 350 -10.52 -28.43 -0.53
C PRO F 350 -9.19 -29.15 -0.67
N GLN F 351 -8.96 -30.15 0.18
CA GLN F 351 -7.84 -31.06 0.07
C GLN F 351 -8.36 -32.37 -0.51
N GLN F 352 -9.53 -32.77 -0.04
CA GLN F 352 -10.24 -33.96 -0.51
C GLN F 352 -10.42 -34.01 -2.03
N ALA F 353 -10.19 -32.88 -2.69
CA ALA F 353 -10.32 -32.79 -4.13
C ALA F 353 -8.97 -32.89 -4.84
N THR F 354 -7.93 -32.39 -4.20
CA THR F 354 -6.64 -32.24 -4.87
C THR F 354 -5.66 -33.35 -4.50
N ILE F 355 -5.62 -33.71 -3.22
CA ILE F 355 -4.89 -34.89 -2.78
C ILE F 355 -5.35 -36.05 -3.64
N SER F 356 -6.65 -36.08 -3.90
CA SER F 356 -7.27 -37.13 -4.66
C SER F 356 -6.86 -37.12 -6.14
N ALA F 357 -6.95 -35.97 -6.78
CA ALA F 357 -6.63 -35.88 -8.20
C ALA F 357 -5.14 -35.78 -8.47
N LEU F 358 -4.35 -35.85 -7.41
CA LEU F 358 -2.91 -35.89 -7.58
C LEU F 358 -2.46 -37.34 -7.40
N LEU F 359 -3.01 -38.01 -6.38
CA LEU F 359 -2.71 -39.41 -6.16
C LEU F 359 -2.97 -40.30 -7.39
N THR F 360 -3.80 -39.84 -8.33
CA THR F 360 -4.04 -40.59 -9.55
C THR F 360 -2.80 -40.69 -10.43
N HIS F 361 -1.77 -39.93 -10.11
CA HIS F 361 -0.57 -39.90 -10.93
C HIS F 361 0.67 -40.30 -10.16
N VAL F 362 0.49 -40.72 -8.91
CA VAL F 362 1.60 -41.22 -8.10
C VAL F 362 1.39 -42.72 -7.95
N ARG F 363 0.15 -43.15 -8.14
CA ARG F 363 -0.18 -44.58 -8.19
C ARG F 363 -0.12 -45.04 -9.65
N ARG F 364 0.17 -46.32 -9.85
CA ARG F 364 0.52 -46.86 -11.18
C ARG F 364 -0.63 -46.82 -12.18
N ALA F 365 -0.35 -47.26 -13.41
CA ALA F 365 -1.27 -47.24 -14.54
C ALA F 365 -2.51 -48.11 -14.33
N ASP F 366 -2.37 -49.15 -13.49
CA ASP F 366 -3.50 -50.03 -13.24
C ASP F 366 -4.61 -49.30 -12.50
N ILE F 367 -4.28 -48.23 -11.79
CA ILE F 367 -5.28 -47.37 -11.18
C ILE F 367 -5.40 -46.06 -11.95
N VAL F 368 -6.62 -45.75 -12.41
CA VAL F 368 -6.82 -44.56 -13.22
C VAL F 368 -7.47 -43.43 -12.42
N ASN F 369 -8.40 -43.79 -11.55
CA ASN F 369 -9.00 -42.80 -10.66
C ASN F 369 -8.83 -43.21 -9.20
N VAL F 370 -8.43 -42.26 -8.37
CA VAL F 370 -8.38 -42.47 -6.93
C VAL F 370 -9.10 -41.29 -6.30
N SER F 371 -9.62 -41.46 -5.10
CA SER F 371 -10.38 -40.41 -4.45
C SER F 371 -10.31 -40.55 -2.93
N SER F 372 -9.53 -39.69 -2.30
CA SER F 372 -9.42 -39.69 -0.84
C SER F 372 -10.79 -39.33 -0.25
N LEU F 373 -11.13 -39.96 0.87
CA LEU F 373 -12.48 -39.80 1.41
C LEU F 373 -12.53 -39.40 2.88
N ARG F 374 -12.67 -40.38 3.76
CA ARG F 374 -13.08 -40.08 5.11
C ARG F 374 -11.89 -39.82 6.02
N ARG F 375 -11.69 -38.52 6.29
CA ARG F 375 -10.58 -38.01 7.09
C ARG F 375 -9.29 -38.05 6.28
N GLY F 376 -9.38 -38.62 5.08
CA GLY F 376 -8.22 -38.85 4.24
C GLY F 376 -7.57 -40.19 4.53
N ALA F 377 -8.01 -40.83 5.60
CA ALA F 377 -7.45 -42.12 6.03
C ALA F 377 -7.90 -43.28 5.14
N ALA F 378 -9.06 -43.12 4.49
CA ALA F 378 -9.60 -44.15 3.62
C ALA F 378 -9.46 -43.75 2.16
N GLU F 379 -9.62 -44.70 1.25
CA GLU F 379 -9.39 -44.39 -0.16
C GLU F 379 -10.38 -45.15 -1.03
N ALA F 380 -10.64 -44.67 -2.25
CA ALA F 380 -11.55 -45.37 -3.15
C ALA F 380 -11.02 -45.27 -4.58
N ILE F 381 -10.75 -46.40 -5.22
CA ILE F 381 -10.07 -46.36 -6.52
C ILE F 381 -10.78 -47.10 -7.67
N GLU F 382 -10.52 -46.61 -8.89
CA GLU F 382 -10.98 -47.24 -10.14
C GLU F 382 -9.81 -47.92 -10.85
N ALA F 383 -9.78 -49.25 -10.79
CA ALA F 383 -8.68 -50.01 -11.37
C ALA F 383 -9.04 -50.72 -12.66
N VAL F 384 -8.22 -50.55 -13.69
CA VAL F 384 -8.38 -51.24 -14.96
C VAL F 384 -7.52 -52.50 -15.02
N ALA F 385 -8.02 -53.53 -15.70
CA ALA F 385 -7.28 -54.77 -15.87
C ALA F 385 -6.73 -54.86 -17.28
N GLU F 389 -6.16 -63.50 -20.04
CA GLU F 389 -6.71 -64.45 -19.08
C GLU F 389 -5.61 -65.19 -18.34
N THR F 390 -4.41 -65.17 -18.91
CA THR F 390 -3.28 -65.92 -18.38
C THR F 390 -2.51 -65.03 -17.42
N THR F 391 -2.21 -63.82 -17.88
CA THR F 391 -1.33 -62.89 -17.16
C THR F 391 -1.96 -62.29 -15.90
N SER F 392 -3.28 -62.16 -15.88
CA SER F 392 -3.98 -61.51 -14.79
C SER F 392 -4.48 -62.45 -13.70
N LYS F 393 -4.48 -61.95 -12.47
CA LYS F 393 -5.01 -62.69 -11.33
C LYS F 393 -6.52 -62.48 -11.21
N VAL F 394 -7.01 -61.47 -11.92
CA VAL F 394 -8.41 -61.06 -11.84
C VAL F 394 -9.37 -61.56 -12.94
N VAL F 395 -8.99 -61.39 -14.20
CA VAL F 395 -9.90 -61.53 -15.35
C VAL F 395 -10.66 -62.84 -15.55
N GLY F 396 -10.39 -63.84 -14.71
CA GLY F 396 -11.06 -65.11 -14.85
C GLY F 396 -12.03 -65.34 -13.70
N ARG F 397 -11.70 -64.74 -12.57
CA ARG F 397 -12.48 -64.88 -11.35
C ARG F 397 -13.76 -64.06 -11.34
N ALA F 398 -14.53 -64.23 -10.28
CA ALA F 398 -15.74 -63.47 -10.01
C ALA F 398 -15.42 -62.45 -8.93
N ILE F 399 -16.34 -61.53 -8.66
CA ILE F 399 -16.08 -60.45 -7.71
C ILE F 399 -15.67 -61.02 -6.36
N GLY F 400 -16.50 -61.92 -5.85
CA GLY F 400 -16.24 -62.62 -4.60
C GLY F 400 -15.09 -63.61 -4.65
N ASP F 401 -14.46 -63.77 -5.82
CA ASP F 401 -13.49 -64.83 -5.99
C ASP F 401 -12.04 -64.34 -5.93
N ILE F 402 -11.83 -63.04 -6.12
CA ILE F 402 -10.50 -62.45 -6.02
C ILE F 402 -10.18 -62.05 -4.57
N LYS F 403 -8.93 -62.26 -4.15
CA LYS F 403 -8.51 -61.98 -2.77
C LYS F 403 -8.12 -60.52 -2.48
N LEU F 404 -9.12 -59.68 -2.22
CA LEU F 404 -8.86 -58.28 -1.89
C LEU F 404 -8.21 -58.15 -0.51
N PRO F 405 -7.27 -57.19 -0.39
CA PRO F 405 -6.55 -56.88 0.86
C PRO F 405 -7.51 -56.62 2.03
N PRO F 406 -7.02 -56.75 3.28
CA PRO F 406 -7.90 -56.63 4.46
C PRO F 406 -8.64 -55.30 4.50
N GLY F 407 -9.97 -55.35 4.54
CA GLY F 407 -10.78 -54.16 4.61
C GLY F 407 -10.98 -53.47 3.27
N THR F 408 -11.23 -54.27 2.22
CA THR F 408 -11.52 -53.73 0.92
C THR F 408 -12.83 -54.29 0.41
N THR F 409 -13.49 -53.57 -0.47
CA THR F 409 -14.78 -54.00 -1.00
C THR F 409 -14.91 -53.49 -2.43
N ILE F 410 -15.06 -54.42 -3.37
CA ILE F 410 -15.38 -54.03 -4.73
C ILE F 410 -16.80 -53.49 -4.70
N GLY F 411 -17.08 -52.49 -5.52
CA GLY F 411 -18.38 -51.85 -5.49
C GLY F 411 -19.05 -51.92 -6.84
N ALA F 412 -18.30 -51.68 -7.90
CA ALA F 412 -18.89 -51.73 -9.23
C ALA F 412 -17.90 -52.13 -10.30
N VAL F 413 -18.44 -52.45 -11.49
CA VAL F 413 -17.64 -52.83 -12.64
C VAL F 413 -18.18 -52.14 -13.88
N VAL F 414 -17.28 -51.57 -14.67
CA VAL F 414 -17.66 -50.81 -15.86
C VAL F 414 -17.09 -51.50 -17.08
N ARG F 415 -18.01 -52.06 -17.87
CA ARG F 415 -17.67 -52.73 -19.12
C ARG F 415 -18.03 -51.80 -20.27
N GLY F 416 -17.04 -51.10 -20.79
CA GLY F 416 -17.31 -50.15 -21.84
C GLY F 416 -18.26 -49.08 -21.33
N GLU F 417 -19.53 -49.23 -21.63
CA GLU F 417 -20.55 -48.28 -21.19
C GLU F 417 -21.56 -48.87 -20.20
N GLU F 418 -21.34 -50.11 -19.77
CA GLU F 418 -22.24 -50.76 -18.83
C GLU F 418 -21.79 -50.60 -17.38
N VAL F 419 -22.77 -50.65 -16.47
CA VAL F 419 -22.49 -50.56 -15.04
C VAL F 419 -23.07 -51.74 -14.28
N LEU F 420 -22.21 -52.51 -13.62
CA LEU F 420 -22.60 -53.74 -12.94
C LEU F 420 -22.21 -53.67 -11.47
N ILE F 421 -23.22 -53.63 -10.60
CA ILE F 421 -22.99 -53.49 -9.17
C ILE F 421 -22.50 -54.77 -8.51
N ASP F 424 -22.26 -59.70 -5.55
CA ASP F 424 -21.24 -60.59 -5.01
C ASP F 424 -20.82 -61.66 -6.01
N ARG F 425 -21.54 -61.74 -7.11
CA ARG F 425 -21.40 -62.86 -8.04
C ARG F 425 -20.72 -62.56 -9.38
N THR F 426 -20.71 -61.29 -9.78
CA THR F 426 -20.36 -60.91 -11.16
C THR F 426 -18.93 -61.27 -11.58
N VAL F 427 -18.69 -61.30 -12.89
CA VAL F 427 -17.41 -61.76 -13.44
C VAL F 427 -16.57 -60.63 -14.08
N ILE F 428 -15.32 -60.47 -13.62
CA ILE F 428 -14.42 -59.46 -14.16
C ILE F 428 -13.82 -59.88 -15.51
N GLU F 429 -13.89 -58.98 -16.49
CA GLU F 429 -13.42 -59.25 -17.84
C GLU F 429 -12.26 -58.31 -18.18
N GLN F 430 -11.50 -58.60 -19.23
CA GLN F 430 -10.41 -57.69 -19.64
C GLN F 430 -10.91 -56.30 -20.05
N ASP F 431 -10.06 -55.31 -19.83
CA ASP F 431 -10.33 -53.90 -20.15
C ASP F 431 -11.63 -53.47 -19.50
N ASP F 432 -11.75 -53.81 -18.22
CA ASP F 432 -12.92 -53.47 -17.42
C ASP F 432 -12.47 -52.58 -16.29
N HIS F 433 -13.35 -51.72 -15.83
CA HIS F 433 -13.01 -50.85 -14.72
C HIS F 433 -13.62 -51.39 -13.45
N VAL F 434 -12.87 -51.33 -12.35
CA VAL F 434 -13.37 -51.83 -11.08
C VAL F 434 -13.35 -50.74 -10.03
N VAL F 435 -14.52 -50.32 -9.60
CA VAL F 435 -14.64 -49.29 -8.58
C VAL F 435 -14.73 -49.94 -7.21
N MET F 436 -13.67 -49.76 -6.42
CA MET F 436 -13.54 -50.41 -5.12
C MET F 436 -13.18 -49.42 -4.01
N PHE F 437 -13.30 -49.88 -2.77
CA PHE F 437 -13.27 -49.00 -1.61
C PHE F 437 -12.37 -49.56 -0.51
N LEU F 438 -11.22 -48.91 -0.33
CA LEU F 438 -10.31 -49.21 0.76
C LEU F 438 -10.74 -48.46 2.01
N VAL F 439 -10.68 -49.15 3.15
CA VAL F 439 -11.05 -48.57 4.42
C VAL F 439 -9.80 -47.98 5.08
N ASP F 440 -8.65 -48.45 4.62
CA ASP F 440 -7.37 -47.95 5.10
C ASP F 440 -6.44 -47.92 3.89
N LYS F 441 -6.11 -46.71 3.45
CA LYS F 441 -5.36 -46.50 2.22
C LYS F 441 -3.99 -47.17 2.23
N LYS F 442 -3.52 -47.50 3.44
CA LYS F 442 -2.18 -48.06 3.61
C LYS F 442 -2.08 -49.42 2.92
N TYR F 443 -3.24 -50.02 2.61
CA TYR F 443 -3.28 -51.27 1.87
C TYR F 443 -3.58 -51.07 0.38
N VAL F 444 -3.15 -49.95 -0.18
CA VAL F 444 -3.35 -49.71 -1.61
C VAL F 444 -2.30 -50.37 -2.54
N PRO F 445 -1.00 -50.32 -2.17
CA PRO F 445 0.00 -51.04 -2.97
C PRO F 445 -0.33 -52.52 -3.21
N ASP F 446 -1.03 -53.16 -2.29
CA ASP F 446 -1.47 -54.54 -2.48
C ASP F 446 -2.50 -54.64 -3.61
N VAL F 447 -3.55 -53.82 -3.55
CA VAL F 447 -4.56 -53.75 -4.60
C VAL F 447 -3.88 -53.46 -5.94
N GLU F 448 -2.84 -52.64 -5.87
CA GLU F 448 -2.07 -52.24 -7.04
C GLU F 448 -1.43 -53.49 -7.67
N ALA F 449 -0.78 -54.31 -6.85
CA ALA F 449 -0.20 -55.55 -7.33
C ALA F 449 -1.24 -56.54 -7.85
N LEU F 450 -2.39 -56.59 -7.19
CA LEU F 450 -3.44 -57.53 -7.55
C LEU F 450 -4.10 -57.23 -8.90
N PHE F 451 -3.77 -56.09 -9.49
CA PHE F 451 -4.37 -55.67 -10.75
C PHE F 451 -3.31 -55.52 -11.83
N GLN F 452 -2.09 -55.97 -11.53
CA GLN F 452 -1.00 -55.89 -12.48
C GLN F 452 -0.77 -57.22 -13.19
N PRO F 453 -0.60 -57.16 -14.52
CA PRO F 453 -0.26 -58.31 -15.37
C PRO F 453 0.90 -59.14 -14.80
N MET G 1 5.44 -6.00 -44.25
CA MET G 1 5.45 -6.88 -43.09
C MET G 1 4.35 -6.48 -42.11
N LYS G 2 3.69 -7.48 -41.53
CA LYS G 2 2.74 -7.22 -40.44
C LYS G 2 3.16 -7.94 -39.16
N ILE G 3 3.53 -7.16 -38.14
CA ILE G 3 4.00 -7.74 -36.90
C ILE G 3 3.02 -7.59 -35.74
N ILE G 4 2.97 -8.64 -34.92
CA ILE G 4 2.25 -8.63 -33.66
C ILE G 4 3.25 -8.37 -32.56
N ILE G 5 3.01 -7.33 -31.76
CA ILE G 5 3.88 -7.02 -30.65
C ILE G 5 3.18 -7.39 -29.34
N LEU G 6 3.75 -8.36 -28.63
CA LEU G 6 3.24 -8.80 -27.35
C LEU G 6 3.89 -8.00 -26.25
N GLY G 7 3.14 -7.10 -25.63
CA GLY G 7 3.70 -6.31 -24.55
C GLY G 7 3.80 -4.86 -24.99
N ALA G 8 3.03 -3.98 -24.35
CA ALA G 8 3.08 -2.59 -24.74
C ALA G 8 4.17 -1.98 -23.89
N GLY G 9 3.82 -1.53 -22.69
CA GLY G 9 4.75 -0.94 -21.75
C GLY G 9 6.08 -0.40 -22.24
N GLN G 10 7.15 -0.82 -21.56
CA GLN G 10 8.48 -0.28 -21.77
C GLN G 10 9.05 -0.44 -23.20
N VAL G 11 9.20 -1.67 -23.66
CA VAL G 11 9.89 -1.94 -24.92
C VAL G 11 8.96 -1.97 -26.13
N GLY G 12 7.88 -2.73 -26.01
CA GLY G 12 6.89 -2.83 -27.07
C GLY G 12 6.39 -1.48 -27.54
N GLY G 13 6.40 -0.50 -26.63
CA GLY G 13 6.08 0.87 -26.96
C GLY G 13 6.96 1.44 -28.06
N THR G 14 8.24 1.66 -27.74
CA THR G 14 9.18 2.21 -28.70
C THR G 14 9.31 1.33 -29.94
N LEU G 15 9.16 0.04 -29.73
CA LEU G 15 9.25 -0.93 -30.82
C LEU G 15 8.13 -0.70 -31.85
N ALA G 16 6.91 -0.56 -31.33
CA ALA G 16 5.76 -0.29 -32.18
C ALA G 16 5.92 1.08 -32.83
N GLU G 17 6.22 2.06 -31.99
CA GLU G 17 6.42 3.46 -32.41
C GLU G 17 7.43 3.58 -33.54
N ASN G 18 8.38 2.66 -33.60
CA ASN G 18 9.41 2.71 -34.61
C ASN G 18 9.00 1.94 -35.85
N LEU G 19 8.48 0.73 -35.64
CA LEU G 19 8.00 -0.09 -36.75
C LEU G 19 6.78 0.52 -37.45
N VAL G 20 6.12 1.47 -36.79
CA VAL G 20 5.00 2.19 -37.38
C VAL G 20 5.51 3.30 -38.31
N GLY G 21 6.68 3.83 -37.97
CA GLY G 21 7.34 4.86 -38.77
C GLY G 21 7.54 4.37 -40.19
N GLU G 22 8.15 3.19 -40.31
CA GLU G 22 8.17 2.47 -41.56
C GLU G 22 6.77 1.91 -41.76
N ASN G 23 6.30 1.84 -43.00
CA ASN G 23 4.93 1.37 -43.20
C ASN G 23 4.75 -0.14 -42.99
N ASN G 24 4.24 -0.49 -41.81
CA ASN G 24 3.94 -1.87 -41.48
C ASN G 24 2.57 -1.96 -40.82
N ASP G 25 2.02 -3.17 -40.77
CA ASP G 25 0.76 -3.38 -40.09
C ASP G 25 1.09 -3.92 -38.70
N ILE G 26 0.83 -3.12 -37.69
CA ILE G 26 1.21 -3.48 -36.34
C ILE G 26 -0.01 -3.69 -35.46
N THR G 27 -0.11 -4.89 -34.88
CA THR G 27 -1.13 -5.08 -33.86
C THR G 27 -0.42 -5.32 -32.53
N ILE G 28 -0.84 -4.63 -31.48
CA ILE G 28 -0.12 -4.73 -30.21
C ILE G 28 -1.02 -5.14 -29.05
N VAL G 29 -0.62 -6.20 -28.37
CA VAL G 29 -1.43 -6.80 -27.31
C VAL G 29 -0.90 -6.37 -25.97
N ASP G 30 -1.77 -6.14 -24.99
CA ASP G 30 -1.25 -5.88 -23.64
C ASP G 30 -2.19 -6.20 -22.47
N ASN G 31 -1.57 -6.54 -21.34
CA ASN G 31 -2.22 -6.80 -20.07
C ASN G 31 -3.30 -5.80 -19.70
N ASN G 32 -2.90 -4.55 -19.52
CA ASN G 32 -3.82 -3.50 -19.12
C ASN G 32 -4.02 -2.46 -20.22
N ALA G 33 -5.28 -2.06 -20.42
CA ALA G 33 -5.66 -1.26 -21.58
C ALA G 33 -5.21 0.19 -21.49
N ASP G 34 -4.83 0.61 -20.29
CA ASP G 34 -4.36 1.97 -20.09
C ASP G 34 -3.07 2.21 -20.87
N ARG G 35 -2.20 1.21 -20.90
CA ARG G 35 -0.97 1.30 -21.68
C ARG G 35 -1.28 1.26 -23.18
N LEU G 36 -2.43 0.70 -23.52
CA LEU G 36 -2.88 0.55 -24.91
C LEU G 36 -3.48 1.83 -25.50
N ARG G 37 -4.23 2.55 -24.66
CA ARG G 37 -4.87 3.82 -25.02
C ARG G 37 -3.90 4.78 -25.68
N GLU G 38 -2.73 4.94 -25.07
CA GLU G 38 -1.74 5.93 -25.48
C GLU G 38 -1.26 5.75 -26.93
N LEU G 39 -0.85 4.53 -27.26
CA LEU G 39 -0.32 4.26 -28.59
C LEU G 39 -1.44 4.11 -29.60
N GLN G 40 -2.62 3.76 -29.10
CA GLN G 40 -3.83 3.77 -29.93
C GLN G 40 -4.06 5.19 -30.43
N ASP G 41 -4.06 6.13 -29.50
CA ASP G 41 -4.11 7.55 -29.83
C ASP G 41 -3.03 7.97 -30.80
N LYS G 42 -1.78 7.64 -30.48
CA LYS G 42 -0.66 8.20 -31.22
C LYS G 42 -0.39 7.61 -32.61
N TYR G 43 -0.06 6.33 -32.69
CA TYR G 43 0.66 5.85 -33.88
C TYR G 43 -0.14 5.13 -34.97
N ASP G 44 -1.46 5.12 -34.83
CA ASP G 44 -2.33 4.48 -35.82
C ASP G 44 -2.00 3.01 -36.07
N LEU G 45 -2.36 2.18 -35.09
CA LEU G 45 -2.22 0.74 -35.22
C LEU G 45 -3.35 0.06 -34.45
N ARG G 46 -3.55 -1.22 -34.74
CA ARG G 46 -4.61 -1.97 -34.09
C ARG G 46 -4.17 -2.54 -32.74
N VAL G 47 -5.09 -2.51 -31.78
CA VAL G 47 -4.77 -2.86 -30.40
C VAL G 47 -5.60 -4.04 -29.89
N VAL G 48 -4.95 -4.96 -29.17
CA VAL G 48 -5.63 -6.13 -28.62
C VAL G 48 -5.45 -6.24 -27.11
N ASN G 49 -6.57 -6.11 -26.39
CA ASN G 49 -6.53 -6.21 -24.93
C ASN G 49 -6.76 -7.63 -24.47
N GLY G 50 -5.84 -8.14 -23.65
CA GLY G 50 -5.96 -9.48 -23.11
C GLY G 50 -4.61 -10.06 -22.77
N HIS G 51 -4.62 -11.18 -22.04
CA HIS G 51 -3.38 -11.84 -21.64
C HIS G 51 -2.67 -12.33 -22.89
N ALA G 52 -1.42 -11.90 -23.07
CA ALA G 52 -0.73 -12.06 -24.34
C ALA G 52 -0.23 -13.48 -24.59
N SER G 53 -0.76 -14.44 -23.83
CA SER G 53 -0.30 -15.81 -23.93
C SER G 53 -1.47 -16.77 -24.08
N HIS G 54 -2.66 -16.24 -24.30
CA HIS G 54 -3.83 -17.07 -24.53
C HIS G 54 -4.05 -17.26 -26.02
N PRO G 55 -4.33 -18.50 -26.45
CA PRO G 55 -4.63 -18.82 -27.84
C PRO G 55 -5.67 -17.88 -28.46
N ASP G 56 -6.81 -17.71 -27.79
CA ASP G 56 -7.88 -16.86 -28.31
C ASP G 56 -7.46 -15.40 -28.52
N VAL G 57 -6.52 -14.95 -27.69
CA VAL G 57 -6.05 -13.58 -27.77
C VAL G 57 -5.10 -13.44 -28.94
N LEU G 58 -4.16 -14.38 -29.04
CA LEU G 58 -3.25 -14.43 -30.18
C LEU G 58 -4.06 -14.43 -31.47
N HIS G 59 -5.13 -15.22 -31.47
CA HIS G 59 -6.06 -15.22 -32.58
C HIS G 59 -6.61 -13.81 -32.84
N GLU G 60 -7.18 -13.20 -31.80
CA GLU G 60 -7.69 -11.82 -31.90
C GLU G 60 -6.66 -10.84 -32.44
N ALA G 61 -5.38 -11.16 -32.28
CA ALA G 61 -4.33 -10.27 -32.74
C ALA G 61 -3.95 -10.64 -34.17
N GLY G 62 -4.17 -11.90 -34.53
CA GLY G 62 -3.94 -12.36 -35.89
C GLY G 62 -2.70 -13.24 -36.02
N ALA G 63 -2.48 -14.10 -35.04
CA ALA G 63 -1.32 -14.98 -35.03
C ALA G 63 -1.22 -15.83 -36.30
N GLN G 64 -2.36 -16.11 -36.91
CA GLN G 64 -2.39 -16.90 -38.13
C GLN G 64 -1.81 -16.13 -39.31
N ASP G 65 -2.18 -14.87 -39.42
CA ASP G 65 -1.86 -14.06 -40.60
C ASP G 65 -0.55 -13.26 -40.48
N ALA G 66 0.16 -13.42 -39.37
CA ALA G 66 1.33 -12.58 -39.12
C ALA G 66 2.61 -13.11 -39.78
N ASP G 67 3.66 -12.29 -39.77
CA ASP G 67 4.95 -12.70 -40.29
C ASP G 67 6.00 -12.68 -39.18
N MET G 68 5.62 -12.13 -38.02
CA MET G 68 6.55 -11.97 -36.91
C MET G 68 5.85 -11.77 -35.57
N LEU G 69 6.25 -12.57 -34.59
CA LEU G 69 5.73 -12.46 -33.23
C LEU G 69 6.79 -11.87 -32.30
N VAL G 70 6.74 -10.56 -32.07
CA VAL G 70 7.66 -9.95 -31.12
C VAL G 70 7.14 -10.11 -29.71
N ALA G 71 7.45 -11.24 -29.09
CA ALA G 71 6.95 -11.52 -27.75
C ALA G 71 7.89 -10.89 -26.74
N VAL G 72 7.64 -9.61 -26.45
CA VAL G 72 8.47 -8.88 -25.51
C VAL G 72 7.64 -8.22 -24.39
N THR G 73 7.53 -8.91 -23.26
CA THR G 73 6.82 -8.37 -22.11
C THR G 73 7.76 -8.28 -20.91
N ASN G 74 7.18 -8.15 -19.72
CA ASN G 74 7.97 -8.04 -18.50
C ASN G 74 8.36 -9.44 -18.05
N THR G 75 7.40 -10.35 -18.12
CA THR G 75 7.63 -11.73 -17.71
C THR G 75 8.29 -12.58 -18.79
N ASP G 76 9.31 -13.35 -18.39
CA ASP G 76 9.98 -14.31 -19.27
C ASP G 76 9.04 -15.48 -19.58
N GLU G 77 8.58 -16.12 -18.52
CA GLU G 77 7.80 -17.35 -18.62
C GLU G 77 6.63 -17.19 -19.61
N THR G 78 5.96 -16.06 -19.56
CA THR G 78 4.85 -15.77 -20.48
C THR G 78 5.34 -15.52 -21.90
N ASN G 79 6.47 -14.84 -22.05
CA ASN G 79 7.02 -14.65 -23.40
C ASN G 79 7.30 -15.98 -24.08
N MET G 80 7.90 -16.90 -23.32
CA MET G 80 8.26 -18.20 -23.86
C MET G 80 7.00 -18.98 -24.16
N ALA G 81 6.13 -19.14 -23.16
CA ALA G 81 4.87 -19.85 -23.37
C ALA G 81 4.07 -19.27 -24.53
N ALA G 82 4.19 -17.97 -24.74
CA ALA G 82 3.58 -17.29 -25.88
C ALA G 82 4.15 -17.78 -27.19
N CYS G 83 5.48 -17.83 -27.29
CA CYS G 83 6.09 -18.34 -28.51
C CYS G 83 5.71 -19.80 -28.76
N GLN G 84 5.63 -20.57 -27.68
CA GLN G 84 5.27 -21.98 -27.77
C GLN G 84 3.86 -22.15 -28.34
N VAL G 85 2.93 -21.41 -27.74
CA VAL G 85 1.53 -21.46 -28.13
C VAL G 85 1.35 -20.95 -29.55
N ALA G 86 2.10 -19.91 -29.90
CA ALA G 86 1.97 -19.32 -31.22
C ALA G 86 2.49 -20.28 -32.28
N PHE G 87 3.55 -21.01 -31.95
CA PHE G 87 4.13 -21.91 -32.93
C PHE G 87 3.27 -23.16 -33.13
N THR G 88 2.96 -23.88 -32.06
CA THR G 88 2.16 -25.08 -32.24
C THR G 88 0.65 -24.86 -32.43
N LEU G 89 0.18 -23.63 -32.35
CA LEU G 89 -1.25 -23.39 -32.56
C LEU G 89 -1.58 -22.51 -33.77
N PHE G 90 -0.62 -21.71 -34.22
CA PHE G 90 -0.88 -20.84 -35.36
C PHE G 90 0.27 -20.89 -36.37
N ASN G 91 1.31 -21.63 -36.01
CA ASN G 91 2.54 -21.68 -36.81
C ASN G 91 3.00 -20.28 -37.21
N THR G 92 2.97 -19.37 -36.25
CA THR G 92 3.36 -17.98 -36.51
C THR G 92 4.83 -17.94 -36.88
N PRO G 93 5.14 -17.38 -38.07
CA PRO G 93 6.48 -17.41 -38.67
C PRO G 93 7.62 -17.00 -37.75
N ASN G 94 7.81 -15.71 -37.48
CA ASN G 94 9.02 -15.24 -36.82
C ASN G 94 8.86 -14.89 -35.34
N ARG G 95 9.45 -15.69 -34.47
CA ARG G 95 9.21 -15.59 -33.04
C ARG G 95 10.41 -15.11 -32.24
N VAL G 96 10.56 -13.79 -32.09
CA VAL G 96 11.56 -13.25 -31.18
C VAL G 96 10.95 -13.14 -29.79
N ALA G 97 11.76 -13.34 -28.77
CA ALA G 97 11.25 -13.36 -27.41
C ALA G 97 12.23 -12.76 -26.41
N ARG G 98 11.79 -11.72 -25.72
CA ARG G 98 12.62 -11.06 -24.72
C ARG G 98 12.82 -11.96 -23.51
N ILE G 99 14.07 -12.30 -23.21
CA ILE G 99 14.37 -13.05 -22.01
C ILE G 99 15.30 -12.27 -21.11
N ARG G 100 14.92 -12.12 -19.85
CA ARG G 100 15.70 -11.33 -18.91
C ARG G 100 16.59 -12.25 -18.11
N SER G 101 15.98 -13.26 -17.48
CA SER G 101 16.67 -14.16 -16.59
C SER G 101 17.92 -14.77 -17.21
N PRO G 102 19.07 -14.56 -16.56
CA PRO G 102 20.37 -15.01 -17.08
C PRO G 102 20.47 -16.54 -17.10
N GLU G 103 19.87 -17.19 -16.11
CA GLU G 103 19.98 -18.64 -16.01
C GLU G 103 19.04 -19.36 -16.97
N TYR G 104 18.40 -18.61 -17.88
CA TYR G 104 17.73 -19.24 -19.01
C TYR G 104 18.69 -19.26 -20.19
N LEU G 105 19.11 -18.08 -20.62
CA LEU G 105 20.04 -17.96 -21.75
C LEU G 105 21.44 -18.42 -21.38
N ALA G 106 21.56 -18.98 -20.18
CA ALA G 106 22.75 -19.73 -19.79
C ALA G 106 22.85 -20.95 -20.72
N GLU G 107 21.70 -21.55 -21.01
CA GLU G 107 21.63 -22.64 -21.99
C GLU G 107 20.95 -22.17 -23.26
N LYS G 108 21.34 -20.99 -23.73
CA LYS G 108 20.78 -20.39 -24.95
C LYS G 108 20.62 -21.42 -26.08
N GLU G 109 21.65 -22.24 -26.29
CA GLU G 109 21.63 -23.24 -27.34
C GLU G 109 20.70 -24.38 -26.96
N ALA G 110 20.88 -24.87 -25.74
CA ALA G 110 20.19 -26.08 -25.28
C ALA G 110 18.68 -25.92 -25.07
N LEU G 111 18.20 -24.69 -25.07
CA LEU G 111 16.82 -24.44 -24.66
C LEU G 111 15.95 -23.74 -25.69
N PHE G 112 16.57 -23.09 -26.68
CA PHE G 112 15.80 -22.32 -27.65
C PHE G 112 16.09 -22.74 -29.09
N LYS G 113 17.36 -22.84 -29.43
CA LYS G 113 17.79 -23.22 -30.77
C LYS G 113 17.74 -24.74 -30.94
N SER G 114 16.82 -25.38 -30.22
CA SER G 114 16.62 -26.81 -30.30
C SER G 114 15.18 -27.12 -30.69
N GLY G 115 14.41 -26.08 -30.96
CA GLY G 115 13.01 -26.23 -31.32
C GLY G 115 12.19 -26.77 -30.15
N ALA G 116 12.78 -26.72 -28.95
CA ALA G 116 12.11 -27.12 -27.73
C ALA G 116 11.19 -25.99 -27.29
N ILE G 117 11.80 -24.84 -27.04
CA ILE G 117 11.07 -23.59 -26.85
C ILE G 117 11.23 -22.84 -28.16
N PRO G 118 10.17 -22.82 -28.98
CA PRO G 118 10.26 -22.34 -30.36
C PRO G 118 10.54 -20.85 -30.46
N VAL G 119 11.67 -20.43 -29.90
CA VAL G 119 12.10 -19.05 -30.03
C VAL G 119 13.15 -18.93 -31.12
N ASP G 120 12.88 -18.07 -32.09
CA ASP G 120 13.77 -17.87 -33.21
C ASP G 120 14.97 -17.06 -32.76
N HIS G 121 14.71 -15.93 -32.14
CA HIS G 121 15.76 -15.10 -31.57
C HIS G 121 15.43 -14.65 -30.15
N LEU G 122 16.42 -14.70 -29.28
CA LEU G 122 16.28 -14.09 -27.97
C LEU G 122 16.74 -12.64 -28.08
N ILE G 123 16.20 -11.80 -27.21
CA ILE G 123 16.56 -10.40 -27.21
C ILE G 123 16.50 -9.88 -25.78
N ALA G 124 17.67 -9.77 -25.16
CA ALA G 124 17.76 -9.26 -23.80
C ALA G 124 18.12 -7.80 -23.89
N PRO G 125 17.13 -6.93 -23.65
CA PRO G 125 17.27 -5.50 -23.94
C PRO G 125 18.25 -4.81 -22.99
N GLU G 126 18.13 -5.14 -21.71
CA GLU G 126 18.97 -4.53 -20.69
C GLU G 126 20.44 -4.88 -20.92
N GLU G 127 20.70 -6.13 -21.31
CA GLU G 127 22.05 -6.55 -21.65
C GLU G 127 22.67 -5.69 -22.75
N LEU G 128 21.85 -5.31 -23.72
CA LEU G 128 22.28 -4.42 -24.78
C LEU G 128 22.64 -3.08 -24.17
N VAL G 129 21.79 -2.59 -23.27
CA VAL G 129 22.08 -1.33 -22.60
C VAL G 129 23.41 -1.36 -21.81
N THR G 130 23.62 -2.40 -21.01
CA THR G 130 24.84 -2.52 -20.21
C THR G 130 26.08 -2.63 -21.08
N SER G 131 25.98 -3.41 -22.15
CA SER G 131 27.11 -3.56 -23.07
C SER G 131 27.45 -2.21 -23.70
N TYR G 132 26.42 -1.48 -24.11
CA TYR G 132 26.58 -0.13 -24.66
C TYR G 132 27.33 0.75 -23.66
N ILE G 133 26.87 0.77 -22.41
CA ILE G 133 27.50 1.59 -21.39
C ILE G 133 28.96 1.19 -21.20
N GLU G 134 29.18 -0.09 -20.90
CA GLU G 134 30.50 -0.66 -20.72
C GLU G 134 31.45 -0.25 -21.84
N ARG G 135 30.98 -0.30 -23.08
CA ARG G 135 31.81 0.13 -24.20
C ARG G 135 32.14 1.60 -24.06
N LEU G 136 31.11 2.41 -23.81
CA LEU G 136 31.29 3.84 -23.62
C LEU G 136 32.34 4.14 -22.53
N ILE G 137 32.51 3.18 -21.62
CA ILE G 137 33.47 3.31 -20.53
C ILE G 137 34.88 2.89 -20.95
N GLN G 138 35.00 1.74 -21.61
CA GLN G 138 36.31 1.23 -21.99
C GLN G 138 36.88 1.96 -23.21
N TYR G 139 36.14 2.95 -23.70
CA TYR G 139 36.64 3.85 -24.72
C TYR G 139 36.36 5.30 -24.33
N PRO G 140 37.13 5.84 -23.37
CA PRO G 140 36.93 7.18 -22.83
C PRO G 140 36.87 8.26 -23.91
N GLY G 141 35.86 9.12 -23.84
CA GLY G 141 35.71 10.22 -24.76
C GLY G 141 34.74 9.92 -25.90
N ALA G 142 34.23 8.71 -25.92
CA ALA G 142 33.28 8.29 -26.95
C ALA G 142 31.84 8.66 -26.60
N LEU G 143 31.04 8.96 -27.62
CA LEU G 143 29.64 9.27 -27.43
C LEU G 143 28.79 8.07 -27.84
N GLN G 144 29.40 7.16 -28.58
CA GLN G 144 28.73 5.98 -29.09
C GLN G 144 29.76 5.08 -29.74
N VAL G 145 29.68 3.78 -29.45
CA VAL G 145 30.63 2.82 -30.00
C VAL G 145 29.87 1.57 -30.43
N VAL G 146 29.63 1.43 -31.72
CA VAL G 146 28.97 0.23 -32.21
C VAL G 146 29.91 -0.60 -33.08
N SER G 147 30.09 -1.87 -32.70
CA SER G 147 30.96 -2.77 -33.43
C SER G 147 30.11 -3.75 -34.23
N PHE G 148 30.54 -4.06 -35.45
CA PHE G 148 29.75 -4.89 -36.35
C PHE G 148 30.23 -6.33 -36.52
N ALA G 149 31.11 -6.56 -37.49
CA ALA G 149 31.45 -7.92 -37.90
C ALA G 149 32.21 -8.65 -36.82
N GLU G 150 31.46 -9.31 -35.94
CA GLU G 150 32.01 -10.02 -34.78
C GLU G 150 33.02 -9.15 -34.03
N GLN G 151 32.64 -7.91 -33.77
CA GLN G 151 33.49 -6.94 -33.10
C GLN G 151 34.85 -6.79 -33.78
N LYS G 152 34.83 -6.53 -35.08
CA LYS G 152 36.09 -6.38 -35.82
C LYS G 152 36.18 -5.01 -36.47
N VAL G 153 35.06 -4.54 -37.00
CA VAL G 153 34.98 -3.16 -37.44
C VAL G 153 34.17 -2.43 -36.38
N SER G 154 34.49 -1.17 -36.15
CA SER G 154 33.79 -0.37 -35.15
C SER G 154 33.58 1.06 -35.64
N LEU G 155 32.30 1.44 -35.68
CA LEU G 155 31.89 2.81 -35.86
C LEU G 155 31.91 3.46 -34.48
N VAL G 156 32.62 4.58 -34.39
CA VAL G 156 32.79 5.28 -33.12
C VAL G 156 32.34 6.73 -33.29
N ALA G 157 32.04 7.40 -32.20
CA ALA G 157 31.53 8.77 -32.25
C ALA G 157 32.17 9.65 -31.19
N VAL G 158 32.55 10.86 -31.57
CA VAL G 158 33.18 11.78 -30.62
C VAL G 158 32.93 13.24 -30.99
N LYS G 159 32.64 14.05 -29.97
CA LYS G 159 32.48 15.49 -30.16
C LYS G 159 33.86 16.09 -30.47
N ALA G 160 33.94 16.97 -31.46
CA ALA G 160 35.22 17.63 -31.71
C ALA G 160 35.42 18.74 -30.69
N TYR G 161 36.50 18.63 -29.91
CA TYR G 161 36.80 19.65 -28.91
C TYR G 161 38.22 20.18 -29.09
N GLY G 164 42.28 19.28 -30.13
CA GLY G 164 42.87 18.15 -30.82
C GLY G 164 42.74 18.21 -32.33
N PRO G 165 41.49 18.26 -32.84
CA PRO G 165 41.26 18.37 -34.29
C PRO G 165 41.63 19.76 -34.82
N LEU G 166 40.68 20.40 -35.50
CA LEU G 166 40.87 21.77 -36.00
C LEU G 166 42.04 21.82 -36.97
N VAL G 167 42.04 20.92 -37.93
CA VAL G 167 43.08 20.85 -38.95
C VAL G 167 42.49 20.34 -40.27
N GLY G 168 43.31 20.30 -41.31
CA GLY G 168 42.88 19.85 -42.62
C GLY G 168 42.33 18.44 -42.64
N ASN G 169 41.12 18.28 -43.19
CA ASN G 169 40.40 17.01 -43.16
C ASN G 169 41.18 15.82 -43.70
N ALA G 170 41.53 15.88 -44.98
CA ALA G 170 42.21 14.76 -45.62
C ALA G 170 43.72 14.81 -45.36
N LEU G 171 44.17 15.86 -44.70
CA LEU G 171 45.60 16.01 -44.38
C LEU G 171 45.95 15.42 -43.02
N SER G 172 44.99 15.41 -42.10
CA SER G 172 45.19 14.80 -40.80
C SER G 172 45.07 13.27 -40.90
N ALA G 173 44.35 12.83 -41.93
CA ALA G 173 44.17 11.40 -42.15
C ALA G 173 45.48 10.70 -42.47
N LEU G 174 46.39 11.41 -43.13
CA LEU G 174 47.71 10.84 -43.43
C LEU G 174 48.55 10.61 -42.16
N ARG G 175 48.43 11.54 -41.21
CA ARG G 175 49.19 11.46 -39.96
C ARG G 175 48.45 10.63 -38.89
N GLU G 176 49.03 9.51 -38.46
CA GLU G 176 50.27 8.96 -39.00
C GLU G 176 50.30 7.44 -38.89
N HIS G 177 49.78 6.77 -39.91
CA HIS G 177 49.76 5.31 -39.96
C HIS G 177 49.03 4.70 -38.76
N ILE G 181 45.98 4.25 -39.34
CA ILE G 181 45.59 5.04 -40.50
C ILE G 181 44.29 4.50 -41.09
N ASP G 182 43.77 3.43 -40.48
CA ASP G 182 42.62 2.72 -41.00
C ASP G 182 41.39 3.61 -41.20
N THR G 183 41.02 4.32 -40.15
CA THR G 183 39.77 5.08 -40.11
C THR G 183 39.52 6.13 -41.20
N ARG G 184 38.29 6.12 -41.69
CA ARG G 184 37.74 7.19 -42.52
C ARG G 184 36.52 7.74 -41.81
N VAL G 185 36.17 9.00 -42.06
CA VAL G 185 35.00 9.61 -41.45
C VAL G 185 33.72 9.26 -42.21
N ALA G 186 32.84 8.51 -41.58
CA ALA G 186 31.58 8.11 -42.21
C ALA G 186 30.60 9.26 -42.28
N ALA G 187 30.68 10.16 -41.32
CA ALA G 187 29.74 11.29 -41.22
C ALA G 187 30.15 12.28 -40.12
N ILE G 188 29.76 13.54 -40.33
CA ILE G 188 30.04 14.62 -39.37
C ILE G 188 28.83 15.52 -39.24
N PHE G 189 28.26 15.58 -38.05
CA PHE G 189 27.10 16.43 -37.82
C PHE G 189 27.56 17.79 -37.31
N ARG G 190 27.28 18.82 -38.10
CA ARG G 190 27.73 20.17 -37.77
C ARG G 190 26.68 21.00 -37.05
N GLN G 191 25.46 21.02 -37.60
CA GLN G 191 24.34 21.70 -36.97
C GLN G 191 23.21 20.71 -36.72
N GLY G 192 22.37 20.51 -37.75
CA GLY G 192 21.27 19.57 -37.66
C GLY G 192 21.44 18.42 -38.64
N ARG G 193 21.80 18.75 -39.88
CA ARG G 193 22.10 17.73 -40.88
C ARG G 193 23.61 17.71 -41.14
N PRO G 194 24.14 16.54 -41.50
CA PRO G 194 25.58 16.42 -41.76
C PRO G 194 25.98 17.04 -43.08
N ILE G 195 27.23 16.89 -43.45
CA ILE G 195 27.74 17.40 -44.73
C ILE G 195 28.52 16.32 -45.46
N ARG G 196 28.69 16.51 -46.76
CA ARG G 196 29.37 15.54 -47.61
C ARG G 196 30.84 15.46 -47.21
N PRO G 197 31.26 14.33 -46.62
CA PRO G 197 32.65 14.23 -46.18
C PRO G 197 33.60 13.72 -47.26
N GLN G 198 34.33 14.65 -47.86
CA GLN G 198 35.34 14.32 -48.85
C GLN G 198 36.69 14.92 -48.48
N GLY G 199 37.59 14.94 -49.45
CA GLY G 199 38.94 15.44 -49.28
C GLY G 199 39.01 16.91 -48.92
N THR G 200 37.91 17.63 -49.12
CA THR G 200 37.93 19.09 -49.03
C THR G 200 36.94 19.70 -48.05
N THR G 201 36.71 19.02 -46.93
CA THR G 201 35.82 19.53 -45.91
C THR G 201 36.58 20.29 -44.82
N ILE G 202 36.07 21.45 -44.43
CA ILE G 202 36.69 22.19 -43.35
C ILE G 202 36.22 21.59 -42.03
N ILE G 203 37.15 21.26 -41.15
CA ILE G 203 36.78 20.66 -39.88
C ILE G 203 36.37 21.76 -38.90
N GLU G 204 35.06 21.87 -38.67
CA GLU G 204 34.53 22.84 -37.73
C GLU G 204 34.61 22.31 -36.30
N ALA G 205 34.49 23.22 -35.34
CA ALA G 205 34.46 22.86 -33.94
C ALA G 205 33.05 22.45 -33.53
N ASP G 206 32.95 21.77 -32.39
CA ASP G 206 31.66 21.37 -31.83
C ASP G 206 30.81 20.50 -32.77
N ASP G 207 31.48 19.73 -33.62
CA ASP G 207 30.79 18.79 -34.51
C ASP G 207 30.80 17.40 -33.89
N GLU G 208 29.82 16.57 -34.28
CA GLU G 208 29.80 15.18 -33.84
C GLU G 208 30.36 14.30 -34.95
N VAL G 209 31.51 13.68 -34.70
CA VAL G 209 32.21 12.96 -35.75
C VAL G 209 32.10 11.44 -35.58
N PHE G 210 31.93 10.74 -36.71
CA PHE G 210 31.78 9.29 -36.74
C PHE G 210 32.97 8.61 -37.42
N PHE G 211 33.91 8.09 -36.64
CA PHE G 211 35.04 7.34 -37.18
C PHE G 211 34.60 5.91 -37.49
N VAL G 212 35.31 5.23 -38.38
CA VAL G 212 35.07 3.80 -38.61
C VAL G 212 36.39 3.09 -38.82
N ALA G 213 36.86 2.37 -37.80
CA ALA G 213 38.13 1.67 -37.97
C ALA G 213 38.08 0.20 -37.54
N ALA G 214 39.23 -0.46 -37.59
CA ALA G 214 39.35 -1.80 -37.06
C ALA G 214 39.13 -1.74 -35.55
N SER G 215 38.59 -2.81 -34.98
CA SER G 215 38.26 -2.83 -33.55
C SER G 215 39.52 -3.00 -32.70
N ASN G 216 40.62 -3.33 -33.35
CA ASN G 216 41.91 -3.43 -32.66
C ASN G 216 42.56 -2.06 -32.60
N HIS G 217 42.73 -1.45 -33.77
CA HIS G 217 43.43 -0.18 -33.90
C HIS G 217 42.50 1.00 -33.67
N ILE G 218 41.53 0.83 -32.78
CA ILE G 218 40.54 1.88 -32.53
C ILE G 218 40.92 2.70 -31.31
N ARG G 219 41.42 2.03 -30.28
CA ARG G 219 41.96 2.72 -29.11
C ARG G 219 43.22 3.47 -29.54
N SER G 220 43.86 2.95 -30.60
CA SER G 220 45.06 3.54 -31.17
C SER G 220 44.73 4.77 -32.02
N VAL G 221 43.70 4.66 -32.85
CA VAL G 221 43.20 5.80 -33.61
C VAL G 221 42.79 6.86 -32.61
N MET G 222 42.14 6.40 -31.55
CA MET G 222 41.67 7.22 -30.44
C MET G 222 42.86 7.87 -29.77
N SER G 223 44.02 7.20 -29.86
CA SER G 223 45.24 7.70 -29.24
C SER G 223 45.80 8.87 -30.05
N GLU G 224 46.07 8.64 -31.34
CA GLU G 224 46.56 9.71 -32.20
C GLU G 224 45.50 10.77 -32.56
N LEU G 225 44.30 10.64 -32.01
CA LEU G 225 43.26 11.65 -32.22
C LEU G 225 43.47 13.00 -31.54
N GLN G 226 42.80 13.22 -30.41
CA GLN G 226 42.77 14.53 -29.76
C GLN G 226 43.25 14.68 -28.32
N ARG G 227 42.57 13.98 -27.43
CA ARG G 227 42.86 13.94 -26.01
C ARG G 227 42.34 12.59 -25.61
N LEU G 228 43.22 11.60 -25.68
CA LEU G 228 42.86 10.28 -25.20
C LEU G 228 42.69 10.48 -23.73
N GLU G 229 41.47 10.26 -23.27
CA GLU G 229 41.12 10.62 -21.92
C GLU G 229 41.64 9.58 -20.95
N LYS G 230 42.02 10.06 -19.77
CA LYS G 230 42.62 9.23 -18.74
C LYS G 230 41.70 8.11 -18.30
N PRO G 231 42.20 6.86 -18.33
CA PRO G 231 41.41 5.66 -18.01
C PRO G 231 40.65 5.80 -16.70
N TYR G 232 39.41 5.37 -16.68
CA TYR G 232 38.58 5.51 -15.48
C TYR G 232 39.00 4.50 -14.43
N ARG G 233 39.04 4.95 -13.17
CA ARG G 233 39.41 4.07 -12.07
C ARG G 233 38.20 3.84 -11.18
N ARG G 234 37.61 4.94 -10.73
CA ARG G 234 36.53 4.90 -9.75
C ARG G 234 35.18 5.27 -10.37
N ILE G 235 34.20 4.38 -10.24
CA ILE G 235 32.89 4.54 -10.87
C ILE G 235 31.73 4.43 -9.85
N MET G 236 30.75 5.30 -9.99
CA MET G 236 29.58 5.31 -9.12
C MET G 236 28.28 5.32 -9.93
N ILE G 237 27.41 4.35 -9.66
CA ILE G 237 26.13 4.26 -10.37
C ILE G 237 24.94 4.34 -9.42
N VAL G 238 23.98 5.19 -9.78
CA VAL G 238 22.76 5.36 -8.99
C VAL G 238 21.61 4.65 -9.66
N GLY G 239 20.88 3.86 -8.87
CA GLY G 239 19.84 3.00 -9.41
C GLY G 239 20.33 1.57 -9.49
N GLY G 240 19.77 0.69 -8.67
CA GLY G 240 20.25 -0.67 -8.58
C GLY G 240 19.32 -1.65 -9.27
N GLY G 241 18.72 -1.22 -10.37
CA GLY G 241 17.80 -2.05 -11.11
C GLY G 241 18.51 -3.06 -11.98
N ASN G 242 17.82 -3.55 -13.01
CA ASN G 242 18.37 -4.57 -13.89
C ASN G 242 19.59 -4.05 -14.64
N ILE G 243 19.38 -2.96 -15.36
CA ILE G 243 20.43 -2.33 -16.15
C ILE G 243 21.56 -1.96 -15.20
N GLY G 244 21.21 -1.32 -14.10
CA GLY G 244 22.17 -0.89 -13.11
C GLY G 244 22.97 -2.01 -12.48
N ALA G 245 22.28 -2.96 -11.85
CA ALA G 245 22.94 -4.05 -11.17
C ALA G 245 23.81 -4.88 -12.12
N SER G 246 23.42 -4.92 -13.39
CA SER G 246 24.19 -5.69 -14.36
C SER G 246 25.45 -4.94 -14.73
N LEU G 247 25.30 -3.64 -14.99
CA LEU G 247 26.47 -2.78 -15.23
C LEU G 247 27.46 -2.87 -14.07
N ALA G 248 26.92 -2.95 -12.86
CA ALA G 248 27.73 -3.14 -11.67
C ALA G 248 28.49 -4.46 -11.73
N LYS G 249 27.73 -5.55 -11.81
CA LYS G 249 28.31 -6.89 -11.78
C LYS G 249 29.38 -7.09 -12.85
N ARG G 250 29.22 -6.43 -13.98
CA ARG G 250 30.23 -6.45 -15.03
C ARG G 250 31.44 -5.60 -14.69
N LEU G 251 31.21 -4.30 -14.55
CA LEU G 251 32.29 -3.34 -14.32
C LEU G 251 33.13 -3.60 -13.08
N GLU G 252 32.58 -4.35 -12.13
CA GLU G 252 33.18 -4.46 -10.81
C GLU G 252 34.56 -5.12 -10.79
N GLN G 253 34.93 -5.75 -11.89
CA GLN G 253 36.25 -6.38 -11.98
C GLN G 253 37.37 -5.39 -12.33
N THR G 254 37.28 -4.79 -13.50
CA THR G 254 38.31 -3.88 -13.98
C THR G 254 38.26 -2.53 -13.26
N TYR G 255 37.20 -2.31 -12.47
CA TYR G 255 36.97 -1.01 -11.85
C TYR G 255 36.50 -1.12 -10.40
N SER G 256 36.58 0.00 -9.69
CA SER G 256 36.09 0.10 -8.32
C SER G 256 34.73 0.77 -8.41
N VAL G 257 33.72 0.15 -7.82
CA VAL G 257 32.36 0.61 -8.08
C VAL G 257 31.49 0.77 -6.83
N LYS G 258 30.88 1.95 -6.69
CA LYS G 258 29.92 2.21 -5.64
C LYS G 258 28.51 2.28 -6.24
N LEU G 259 27.55 1.58 -5.62
CA LEU G 259 26.21 1.49 -6.20
C LEU G 259 25.12 1.96 -5.23
N ILE G 260 24.47 3.07 -5.55
CA ILE G 260 23.43 3.60 -4.68
C ILE G 260 22.02 3.24 -5.18
N GLU G 261 21.27 2.48 -4.39
CA GLU G 261 19.91 2.05 -4.74
C GLU G 261 18.90 2.48 -3.67
N ARG G 262 17.72 2.93 -4.09
CA ARG G 262 16.80 3.60 -3.18
C ARG G 262 15.98 2.68 -2.26
N ASP G 263 15.59 1.51 -2.77
CA ASP G 263 14.77 0.60 -1.96
C ASP G 263 15.71 -0.24 -1.10
N TYR G 264 15.35 -0.44 0.17
CA TYR G 264 16.24 -1.21 1.05
C TYR G 264 16.37 -2.65 0.58
N GLN G 265 15.28 -3.40 0.52
CA GLN G 265 15.34 -4.82 0.16
C GLN G 265 16.15 -5.07 -1.11
N ARG G 266 15.87 -4.28 -2.14
CA ARG G 266 16.62 -4.37 -3.40
C ARG G 266 18.11 -4.19 -3.19
N ALA G 267 18.46 -3.23 -2.35
CA ALA G 267 19.86 -2.94 -2.05
C ALA G 267 20.49 -4.07 -1.25
N GLU G 268 19.75 -4.56 -0.26
CA GLU G 268 20.21 -5.61 0.64
C GLU G 268 20.50 -6.90 -0.11
N LYS G 269 19.66 -7.22 -1.08
CA LYS G 269 19.81 -8.45 -1.86
C LYS G 269 20.94 -8.22 -2.88
N LEU G 270 20.99 -7.00 -3.38
CA LEU G 270 22.06 -6.57 -4.27
C LEU G 270 23.39 -6.79 -3.55
N SER G 271 23.40 -6.56 -2.25
CA SER G 271 24.60 -6.61 -1.42
C SER G 271 25.28 -7.97 -1.40
N GLU G 272 24.50 -9.03 -1.59
CA GLU G 272 25.07 -10.36 -1.63
C GLU G 272 25.23 -10.83 -3.06
N GLN G 273 24.41 -10.30 -3.97
CA GLN G 273 24.51 -10.72 -5.37
C GLN G 273 25.86 -10.36 -6.04
N LEU G 274 26.53 -9.30 -5.56
CA LEU G 274 27.86 -8.95 -6.10
C LEU G 274 28.94 -8.71 -5.02
N GLU G 275 29.89 -9.65 -4.95
CA GLU G 275 31.04 -9.61 -4.01
C GLU G 275 32.19 -8.59 -4.26
N ASN G 276 32.02 -7.64 -5.18
CA ASN G 276 33.08 -6.63 -5.33
C ASN G 276 32.65 -5.17 -5.33
N THR G 277 31.36 -4.91 -5.21
CA THR G 277 30.91 -3.52 -5.08
C THR G 277 30.26 -3.24 -3.73
N ILE G 278 30.30 -1.97 -3.34
CA ILE G 278 29.68 -1.52 -2.11
C ILE G 278 28.29 -0.93 -2.37
N VAL G 279 27.29 -1.58 -1.78
CA VAL G 279 25.89 -1.21 -1.98
C VAL G 279 25.41 -0.22 -0.93
N PHE G 280 24.92 0.93 -1.40
CA PHE G 280 24.42 1.98 -0.53
C PHE G 280 22.90 2.09 -0.67
N CYS G 281 22.19 1.93 0.44
CA CYS G 281 20.75 2.17 0.42
C CYS G 281 20.50 3.65 0.63
N GLY G 282 19.80 4.28 -0.31
CA GLY G 282 19.54 5.70 -0.23
C GLY G 282 19.24 6.33 -1.57
N ASP G 283 19.04 7.64 -1.56
CA ASP G 283 18.54 8.34 -2.74
C ASP G 283 19.68 8.92 -3.57
N ALA G 284 19.49 8.87 -4.89
CA ALA G 284 20.47 9.41 -5.82
C ALA G 284 20.58 10.92 -5.72
N ALA G 285 19.75 11.50 -4.85
CA ALA G 285 19.64 12.95 -4.76
C ALA G 285 20.48 13.58 -3.66
N ASP G 286 20.49 12.98 -2.47
CA ASP G 286 21.06 13.65 -1.29
C ASP G 286 22.57 13.92 -1.37
N GLN G 287 22.93 15.20 -1.36
CA GLN G 287 24.31 15.64 -1.48
C GLN G 287 25.17 15.07 -0.37
N GLU G 288 24.52 14.79 0.75
CA GLU G 288 25.18 14.22 1.92
C GLU G 288 25.93 12.94 1.58
N LEU G 289 25.19 11.88 1.24
CA LEU G 289 25.78 10.59 0.87
C LEU G 289 26.82 10.76 -0.24
N LEU G 290 26.46 11.54 -1.25
CA LEU G 290 27.34 11.80 -2.38
C LEU G 290 28.72 12.31 -1.97
N THR G 291 28.76 13.42 -1.23
CA THR G 291 30.02 14.01 -0.79
C THR G 291 30.71 13.08 0.19
N GLU G 292 29.92 12.36 0.99
CA GLU G 292 30.46 11.47 2.01
C GLU G 292 31.21 10.32 1.38
N GLU G 293 30.85 9.97 0.15
CA GLU G 293 31.47 8.84 -0.50
C GLU G 293 32.43 9.29 -1.60
N ASN G 294 32.84 10.56 -1.52
CA ASN G 294 33.79 11.14 -2.46
C ASN G 294 33.29 11.22 -3.90
N ILE G 295 32.15 11.87 -4.08
CA ILE G 295 31.60 12.13 -5.40
C ILE G 295 32.50 13.11 -6.17
N ASP G 296 33.49 13.68 -5.48
CA ASP G 296 34.41 14.62 -6.12
C ASP G 296 35.62 13.87 -6.68
N GLN G 297 35.88 12.71 -6.12
CA GLN G 297 37.02 11.89 -6.54
C GLN G 297 36.61 10.80 -7.53
N VAL G 298 35.35 10.82 -7.96
CA VAL G 298 34.80 9.79 -8.84
C VAL G 298 34.92 10.18 -10.31
N ASP G 299 35.22 9.21 -11.16
CA ASP G 299 35.50 9.48 -12.58
C ASP G 299 34.25 9.59 -13.45
N VAL G 300 33.29 8.68 -13.29
CA VAL G 300 32.04 8.77 -14.05
C VAL G 300 30.81 8.46 -13.19
N PHE G 301 29.81 9.32 -13.32
CA PHE G 301 28.57 9.17 -12.57
C PHE G 301 27.46 8.73 -13.52
N ILE G 302 27.06 7.47 -13.42
CA ILE G 302 26.05 6.91 -14.31
C ILE G 302 24.70 6.81 -13.63
N ALA G 303 23.72 7.55 -14.14
CA ALA G 303 22.37 7.52 -13.60
C ALA G 303 21.57 6.44 -14.31
N LEU G 304 20.95 5.54 -13.56
CA LEU G 304 20.19 4.45 -14.15
C LEU G 304 18.94 4.11 -13.32
N THR G 305 18.20 5.11 -12.88
CA THR G 305 16.93 4.86 -12.22
C THR G 305 15.83 5.09 -13.24
N ASN G 306 14.63 4.62 -12.98
CA ASN G 306 13.57 4.68 -13.97
C ASN G 306 12.96 6.07 -14.14
N GLU G 307 12.81 6.78 -13.02
CA GLU G 307 12.37 8.16 -13.05
C GLU G 307 13.38 8.95 -13.86
N ASP G 308 12.95 9.50 -15.00
CA ASP G 308 13.86 10.23 -15.89
C ASP G 308 14.39 11.50 -15.21
N GLU G 309 13.46 12.25 -14.62
CA GLU G 309 13.81 13.51 -13.96
C GLU G 309 14.92 13.30 -12.93
N THR G 310 14.74 12.34 -12.02
CA THR G 310 15.74 12.15 -10.98
C THR G 310 17.08 11.71 -11.57
N ASN G 311 17.06 11.08 -12.74
CA ASN G 311 18.30 10.73 -13.41
C ASN G 311 19.05 11.98 -13.86
N ILE G 312 18.39 12.80 -14.68
CA ILE G 312 19.02 14.02 -15.18
C ILE G 312 19.48 14.94 -14.04
N MET G 313 18.55 15.23 -13.13
CA MET G 313 18.84 16.08 -11.99
C MET G 313 20.02 15.54 -11.18
N SER G 314 19.96 14.28 -10.77
CA SER G 314 21.05 13.66 -10.04
C SER G 314 22.38 13.84 -10.76
N ALA G 315 22.37 13.64 -12.08
CA ALA G 315 23.58 13.84 -12.86
C ALA G 315 24.12 15.28 -12.80
N MET G 316 23.25 16.26 -12.99
CA MET G 316 23.68 17.65 -12.96
C MET G 316 24.23 18.04 -11.59
N LEU G 317 23.58 17.54 -10.55
CA LEU G 317 24.01 17.78 -9.18
C LEU G 317 25.39 17.19 -9.00
N ALA G 318 25.56 15.96 -9.47
CA ALA G 318 26.84 15.26 -9.34
C ALA G 318 27.96 15.92 -10.13
N LYS G 319 27.59 16.66 -11.18
CA LYS G 319 28.59 17.41 -11.93
C LYS G 319 28.90 18.72 -11.23
N ARG G 320 27.95 19.23 -10.46
CA ARG G 320 28.21 20.44 -9.68
C ARG G 320 29.14 20.16 -8.50
N MET G 321 28.86 19.11 -7.73
CA MET G 321 29.83 18.69 -6.69
C MET G 321 31.07 18.06 -7.31
N GLY G 322 31.12 18.05 -8.64
CA GLY G 322 32.33 17.79 -9.37
C GLY G 322 32.74 16.37 -9.64
N ALA G 323 31.84 15.57 -10.17
CA ALA G 323 32.25 14.31 -10.76
C ALA G 323 32.85 14.67 -12.12
N LYS G 324 33.86 13.92 -12.55
CA LYS G 324 34.50 14.20 -13.83
C LYS G 324 33.50 14.13 -14.97
N LYS G 325 32.89 12.96 -15.14
CA LYS G 325 31.93 12.76 -16.22
C LYS G 325 30.62 12.15 -15.72
N VAL G 326 29.53 12.43 -16.44
CA VAL G 326 28.22 11.89 -16.10
C VAL G 326 27.56 11.17 -17.29
N MET G 327 27.01 9.99 -17.02
CA MET G 327 26.23 9.26 -18.03
C MET G 327 24.80 9.12 -17.53
N VAL G 328 23.87 9.78 -18.21
CA VAL G 328 22.47 9.75 -17.80
C VAL G 328 21.65 8.91 -18.77
N LEU G 329 20.74 8.12 -18.22
CA LEU G 329 19.83 7.35 -19.06
C LEU G 329 18.51 8.08 -19.14
N ILE G 330 18.16 8.50 -20.34
CA ILE G 330 16.99 9.35 -20.57
C ILE G 330 16.11 8.71 -21.63
N GLN G 331 15.01 8.10 -21.20
CA GLN G 331 14.15 7.37 -22.13
C GLN G 331 13.16 8.24 -22.91
N ARG G 332 12.76 9.38 -22.33
CA ARG G 332 11.87 10.29 -23.04
C ARG G 332 12.69 11.25 -23.91
N GLY G 333 12.54 11.13 -25.23
CA GLY G 333 13.33 11.89 -26.19
C GLY G 333 13.38 13.39 -25.99
N ALA G 334 12.23 13.99 -25.72
CA ALA G 334 12.11 15.44 -25.52
C ALA G 334 13.13 15.94 -24.50
N TYR G 335 13.31 15.19 -23.41
CA TYR G 335 14.32 15.50 -22.42
C TYR G 335 15.72 15.44 -23.02
N VAL G 336 16.02 14.33 -23.71
CA VAL G 336 17.31 14.15 -24.37
C VAL G 336 17.65 15.36 -25.22
N ASP G 337 16.63 15.97 -25.82
CA ASP G 337 16.85 17.18 -26.60
C ASP G 337 16.99 18.41 -25.70
N LEU G 338 16.27 18.42 -24.58
CA LEU G 338 16.35 19.52 -23.62
C LEU G 338 17.76 19.70 -23.06
N VAL G 339 18.39 18.59 -22.69
CA VAL G 339 19.71 18.61 -22.09
C VAL G 339 20.83 18.47 -23.12
N GLN G 340 20.79 19.30 -24.17
CA GLN G 340 21.77 19.20 -25.25
C GLN G 340 23.11 19.88 -24.97
N GLY G 341 23.13 21.20 -25.09
CA GLY G 341 24.38 21.95 -24.94
C GLY G 341 24.87 22.05 -23.51
N GLY G 342 24.20 21.33 -22.61
CA GLY G 342 24.41 21.49 -21.18
C GLY G 342 25.49 20.62 -20.56
N VAL G 343 25.31 20.35 -19.27
CA VAL G 343 26.33 19.74 -18.43
C VAL G 343 26.49 18.23 -18.65
N ILE G 344 25.38 17.56 -18.97
CA ILE G 344 25.39 16.12 -19.21
C ILE G 344 26.35 15.74 -20.33
N ASP G 345 27.28 14.84 -20.01
CA ASP G 345 28.36 14.49 -20.91
C ASP G 345 27.92 13.53 -22.01
N VAL G 346 27.12 12.54 -21.65
CA VAL G 346 26.62 11.58 -22.62
C VAL G 346 25.25 11.04 -22.20
N ALA G 347 24.28 11.14 -23.10
CA ALA G 347 22.92 10.69 -22.82
C ALA G 347 22.66 9.37 -23.53
N ILE G 348 22.23 8.38 -22.77
CA ILE G 348 22.04 7.03 -23.31
C ILE G 348 20.56 6.70 -23.41
N SER G 349 20.05 6.70 -24.64
CA SER G 349 18.66 6.31 -24.88
C SER G 349 18.63 4.81 -25.10
N PRO G 350 17.89 4.08 -24.24
CA PRO G 350 17.85 2.62 -24.35
C PRO G 350 16.85 2.14 -25.38
N GLN G 351 16.63 2.97 -26.41
CA GLN G 351 15.84 2.56 -27.55
C GLN G 351 16.82 2.27 -28.66
N GLN G 352 17.82 3.15 -28.77
CA GLN G 352 18.94 2.97 -29.70
C GLN G 352 19.64 1.63 -29.48
N ALA G 353 19.33 0.99 -28.38
CA ALA G 353 19.94 -0.30 -28.06
C ALA G 353 19.06 -1.48 -28.46
N THR G 354 17.74 -1.31 -28.35
CA THR G 354 16.83 -2.42 -28.59
C THR G 354 16.16 -2.34 -29.96
N ILE G 355 15.73 -1.15 -30.35
CA ILE G 355 15.24 -0.90 -31.70
C ILE G 355 16.29 -1.40 -32.69
N SER G 356 17.55 -1.15 -32.37
CA SER G 356 18.67 -1.52 -33.23
C SER G 356 18.83 -3.04 -33.31
N ALA G 357 18.84 -3.71 -32.16
CA ALA G 357 19.03 -5.14 -32.14
C ALA G 357 17.75 -5.93 -32.45
N LEU G 358 16.68 -5.19 -32.77
CA LEU G 358 15.44 -5.81 -33.21
C LEU G 358 15.31 -5.68 -34.72
N LEU G 359 15.62 -4.50 -35.23
CA LEU G 359 15.60 -4.24 -36.68
C LEU G 359 16.48 -5.22 -37.47
N THR G 360 17.43 -5.88 -36.80
CA THR G 360 18.25 -6.91 -37.44
C THR G 360 17.43 -8.13 -37.83
N HIS G 361 16.19 -8.20 -37.34
CA HIS G 361 15.35 -9.35 -37.54
C HIS G 361 14.06 -9.01 -38.26
N VAL G 362 13.91 -7.76 -38.68
CA VAL G 362 12.74 -7.38 -39.46
C VAL G 362 13.15 -7.09 -40.90
N ARG G 363 14.42 -6.76 -41.09
CA ARG G 363 14.98 -6.62 -42.42
C ARG G 363 15.63 -7.95 -42.81
N ARG G 364 15.72 -8.21 -44.12
CA ARG G 364 16.08 -9.54 -44.64
C ARG G 364 17.53 -9.96 -44.32
N ALA G 365 17.87 -11.19 -44.71
CA ALA G 365 19.16 -11.82 -44.41
C ALA G 365 20.40 -11.16 -45.00
N ASP G 366 20.24 -10.41 -46.09
CA ASP G 366 21.40 -9.79 -46.74
C ASP G 366 22.09 -8.75 -45.83
N ILE G 367 21.33 -8.20 -44.89
CA ILE G 367 21.91 -7.37 -43.82
C ILE G 367 21.87 -8.14 -42.50
N VAL G 368 23.01 -8.25 -41.82
CA VAL G 368 23.08 -9.05 -40.58
C VAL G 368 23.00 -8.16 -39.34
N ASN G 369 23.64 -7.00 -39.40
CA ASN G 369 23.53 -6.04 -38.31
C ASN G 369 23.03 -4.69 -38.80
N VAL G 370 22.09 -4.13 -38.05
CA VAL G 370 21.60 -2.77 -38.27
C VAL G 370 21.69 -2.04 -36.93
N SER G 371 21.81 -0.71 -36.96
CA SER G 371 21.98 0.05 -35.73
C SER G 371 21.50 1.49 -35.83
N SER G 372 20.38 1.77 -35.18
CA SER G 372 19.86 3.14 -35.12
C SER G 372 20.85 4.02 -34.36
N LEU G 373 21.02 5.26 -34.78
CA LEU G 373 22.08 6.11 -34.22
C LEU G 373 21.62 7.47 -33.70
N ARG G 374 21.81 8.49 -34.52
CA ARG G 374 21.68 9.88 -34.07
C ARG G 374 20.27 10.38 -34.35
N ARG G 375 19.50 10.49 -33.27
CA ARG G 375 18.08 10.89 -33.28
C ARG G 375 17.21 9.73 -33.72
N GLY G 376 17.85 8.66 -34.20
CA GLY G 376 17.16 7.51 -34.74
C GLY G 376 16.81 7.64 -36.22
N ALA G 377 16.96 8.85 -36.77
CA ALA G 377 16.60 9.10 -38.16
C ALA G 377 17.63 8.51 -39.11
N ALA G 378 18.85 8.33 -38.62
CA ALA G 378 19.92 7.78 -39.43
C ALA G 378 20.17 6.35 -38.99
N GLU G 379 20.85 5.59 -39.83
CA GLU G 379 21.01 4.16 -39.55
C GLU G 379 22.38 3.69 -40.05
N ALA G 380 22.89 2.60 -39.52
CA ALA G 380 24.18 2.09 -39.97
C ALA G 380 24.16 0.57 -40.04
N ILE G 381 24.41 0.02 -41.22
CA ILE G 381 24.20 -1.41 -41.40
C ILE G 381 25.41 -2.21 -41.93
N GLU G 382 25.43 -3.48 -41.56
CA GLU G 382 26.40 -4.46 -42.05
C GLU G 382 25.71 -5.39 -43.03
N ALA G 383 25.97 -5.20 -44.32
CA ALA G 383 25.31 -6.00 -45.36
C ALA G 383 26.22 -7.05 -45.97
N VAL G 384 25.74 -8.28 -46.09
CA VAL G 384 26.53 -9.33 -46.73
C VAL G 384 26.19 -9.35 -48.22
N ALA G 385 27.18 -9.65 -49.04
CA ALA G 385 26.96 -9.72 -50.48
C ALA G 385 26.94 -11.16 -50.99
N HIS G 386 25.83 -11.85 -50.71
CA HIS G 386 25.73 -13.28 -50.98
C HIS G 386 25.39 -13.58 -52.44
N GLY G 387 26.15 -13.00 -53.37
CA GLY G 387 25.87 -13.21 -54.78
C GLY G 387 27.08 -13.56 -55.64
N ASP G 388 26.90 -13.42 -56.94
CA ASP G 388 27.96 -13.68 -57.91
C ASP G 388 28.13 -12.44 -58.77
N GLU G 389 29.16 -12.41 -59.59
CA GLU G 389 29.41 -11.28 -60.48
C GLU G 389 28.22 -11.09 -61.40
N THR G 390 27.46 -12.17 -61.58
CA THR G 390 26.32 -12.18 -62.48
C THR G 390 25.01 -11.95 -61.75
N THR G 391 24.73 -12.77 -60.73
CA THR G 391 23.41 -12.70 -60.09
C THR G 391 23.26 -11.49 -59.18
N SER G 392 24.38 -11.06 -58.58
CA SER G 392 24.36 -9.90 -57.69
C SER G 392 24.82 -8.69 -58.50
N LYS G 393 24.26 -7.53 -58.21
CA LYS G 393 24.68 -6.31 -58.90
C LYS G 393 25.84 -5.58 -58.22
N VAL G 394 26.21 -5.98 -57.01
CA VAL G 394 27.32 -5.31 -56.30
C VAL G 394 28.69 -5.99 -56.45
N VAL G 395 28.78 -7.29 -56.16
CA VAL G 395 30.08 -7.97 -56.10
C VAL G 395 30.84 -7.91 -57.42
N GLY G 396 32.17 -7.84 -57.30
CA GLY G 396 33.03 -7.77 -58.46
C GLY G 396 33.38 -6.33 -58.78
N ARG G 397 32.46 -5.42 -58.48
CA ARG G 397 32.67 -3.99 -58.74
C ARG G 397 33.55 -3.34 -57.68
N ALA G 398 33.87 -2.07 -57.91
CA ALA G 398 34.65 -1.28 -56.95
C ALA G 398 33.76 -0.28 -56.21
N ILE G 399 34.30 0.27 -55.13
CA ILE G 399 33.55 1.15 -54.22
C ILE G 399 32.96 2.42 -54.85
N GLY G 400 33.80 3.20 -55.52
CA GLY G 400 33.36 4.42 -56.19
C GLY G 400 32.42 4.22 -57.37
N ASP G 401 32.15 2.95 -57.70
CA ASP G 401 31.43 2.61 -58.91
C ASP G 401 29.97 2.22 -58.65
N ILE G 402 29.63 1.93 -57.40
CA ILE G 402 28.27 1.54 -57.04
C ILE G 402 27.34 2.73 -56.84
N LYS G 403 26.11 2.59 -57.32
CA LYS G 403 25.11 3.65 -57.22
C LYS G 403 24.39 3.61 -55.88
N LEU G 404 25.05 4.15 -54.86
CA LEU G 404 24.48 4.19 -53.52
C LEU G 404 23.33 5.18 -53.39
N PRO G 405 22.30 4.81 -52.61
CA PRO G 405 21.12 5.65 -52.36
C PRO G 405 21.51 7.04 -51.88
N PRO G 406 20.63 8.03 -52.06
CA PRO G 406 20.96 9.41 -51.69
C PRO G 406 21.30 9.55 -50.20
N GLY G 407 22.50 10.02 -49.92
CA GLY G 407 22.97 10.21 -48.56
C GLY G 407 23.46 8.94 -47.89
N THR G 408 24.18 8.12 -48.64
CA THR G 408 24.78 6.91 -48.09
C THR G 408 26.28 6.89 -48.40
N THR G 409 27.05 6.19 -47.58
CA THR G 409 28.49 6.12 -47.76
C THR G 409 29.01 4.80 -47.22
N ILE G 410 29.71 4.05 -48.06
CA ILE G 410 30.39 2.84 -47.61
C ILE G 410 31.48 3.25 -46.64
N GLY G 411 31.71 2.44 -45.61
CA GLY G 411 32.69 2.80 -44.60
C GLY G 411 33.76 1.73 -44.46
N ALA G 412 33.35 0.46 -44.46
CA ALA G 412 34.34 -0.59 -44.31
C ALA G 412 33.90 -1.90 -44.96
N VAL G 413 34.85 -2.82 -45.12
CA VAL G 413 34.56 -4.14 -45.70
C VAL G 413 35.30 -5.23 -44.92
N VAL G 414 34.61 -6.32 -44.64
CA VAL G 414 35.17 -7.41 -43.86
C VAL G 414 35.25 -8.69 -44.69
N ARG G 415 36.49 -9.10 -44.96
CA ARG G 415 36.79 -10.35 -45.66
C ARG G 415 37.33 -11.38 -44.67
N GLY G 416 36.45 -12.29 -44.24
CA GLY G 416 36.80 -13.31 -43.26
C GLY G 416 37.26 -12.72 -41.93
N GLU G 417 38.57 -12.70 -41.71
CA GLU G 417 39.13 -12.13 -40.48
C GLU G 417 39.94 -10.87 -40.76
N GLU G 418 39.96 -10.45 -42.02
CA GLU G 418 40.65 -9.23 -42.38
C GLU G 418 39.65 -8.09 -42.40
N VAL G 419 40.12 -6.89 -42.08
CA VAL G 419 39.26 -5.72 -42.12
C VAL G 419 39.91 -4.68 -43.01
N LEU G 420 39.21 -4.33 -44.08
CA LEU G 420 39.76 -3.44 -45.07
C LEU G 420 38.85 -2.23 -45.18
N ILE G 421 39.39 -1.09 -44.79
CA ILE G 421 38.65 0.15 -44.74
C ILE G 421 38.39 0.63 -46.16
N ALA G 422 37.33 1.41 -46.34
CA ALA G 422 36.87 1.70 -47.70
C ALA G 422 37.61 2.86 -48.35
N HIS G 423 38.38 2.53 -49.39
CA HIS G 423 38.86 3.51 -50.34
C HIS G 423 38.19 3.21 -51.68
N ASP G 424 38.13 4.21 -52.55
CA ASP G 424 37.39 4.10 -53.82
C ASP G 424 37.79 2.93 -54.74
N ARG G 425 38.85 2.20 -54.41
CA ARG G 425 39.38 1.23 -55.36
C ARG G 425 39.08 -0.24 -55.05
N THR G 426 38.83 -0.57 -53.79
CA THR G 426 38.76 -1.98 -53.39
C THR G 426 37.57 -2.70 -54.05
N VAL G 427 37.66 -4.02 -54.12
CA VAL G 427 36.68 -4.84 -54.83
C VAL G 427 35.80 -5.67 -53.91
N ILE G 428 34.48 -5.56 -54.05
CA ILE G 428 33.55 -6.33 -53.23
C ILE G 428 33.49 -7.77 -53.71
N GLU G 429 33.65 -8.70 -52.78
CA GLU G 429 33.70 -10.13 -53.10
C GLU G 429 32.53 -10.90 -52.51
N GLN G 430 32.35 -12.12 -52.98
CA GLN G 430 31.34 -13.02 -52.43
C GLN G 430 31.64 -13.24 -50.95
N ASP G 431 30.59 -13.40 -50.17
CA ASP G 431 30.71 -13.60 -48.72
C ASP G 431 31.57 -12.53 -48.07
N ASP G 432 31.28 -11.27 -48.40
CA ASP G 432 32.01 -10.14 -47.82
C ASP G 432 31.01 -9.29 -47.08
N HIS G 433 31.46 -8.63 -46.02
CA HIS G 433 30.56 -7.78 -45.27
C HIS G 433 30.85 -6.31 -45.55
N VAL G 434 29.79 -5.52 -45.70
CA VAL G 434 29.93 -4.10 -46.01
C VAL G 434 29.26 -3.23 -44.97
N VAL G 435 30.07 -2.48 -44.21
CA VAL G 435 29.57 -1.59 -43.20
C VAL G 435 29.38 -0.20 -43.80
N MET G 436 28.12 0.19 -43.93
CA MET G 436 27.74 1.44 -44.58
C MET G 436 26.80 2.28 -43.70
N PHE G 437 26.60 3.53 -44.09
CA PHE G 437 26.02 4.53 -43.20
C PHE G 437 24.95 5.41 -43.88
N LEU G 438 23.69 5.18 -43.51
CA LEU G 438 22.58 6.05 -43.91
C LEU G 438 22.43 7.24 -42.98
N VAL G 439 22.16 8.40 -43.59
CA VAL G 439 21.96 9.64 -42.85
C VAL G 439 20.46 9.79 -42.58
N ASP G 440 19.67 9.07 -43.36
CA ASP G 440 18.23 9.07 -43.22
C ASP G 440 17.73 7.65 -43.49
N LYS G 441 17.19 7.01 -42.45
CA LYS G 441 16.84 5.59 -42.52
C LYS G 441 15.84 5.26 -43.62
N LYS G 442 15.10 6.26 -44.08
CA LYS G 442 14.02 6.01 -45.04
C LYS G 442 14.50 5.51 -46.41
N TYR G 443 15.79 5.67 -46.69
CA TYR G 443 16.38 5.11 -47.90
C TYR G 443 17.10 3.79 -47.62
N VAL G 444 16.60 3.04 -46.65
CA VAL G 444 17.17 1.72 -46.33
C VAL G 444 16.65 0.59 -47.24
N PRO G 445 15.33 0.57 -47.57
CA PRO G 445 14.86 -0.43 -48.54
C PRO G 445 15.66 -0.47 -49.84
N ASP G 446 16.22 0.67 -50.26
CA ASP G 446 17.10 0.69 -51.43
C ASP G 446 18.38 -0.10 -51.17
N VAL G 447 19.04 0.17 -50.04
CA VAL G 447 20.24 -0.56 -49.65
C VAL G 447 19.96 -2.05 -49.59
N GLU G 448 18.77 -2.40 -49.09
CA GLU G 448 18.36 -3.79 -48.99
C GLU G 448 18.26 -4.41 -50.38
N ALA G 449 17.55 -3.72 -51.26
CA ALA G 449 17.41 -4.17 -52.64
C ALA G 449 18.74 -4.17 -53.38
N LEU G 450 19.58 -3.18 -53.10
CA LEU G 450 20.86 -3.04 -53.80
C LEU G 450 21.85 -4.15 -53.44
N PHE G 451 21.52 -4.96 -52.43
CA PHE G 451 22.43 -6.00 -51.98
C PHE G 451 21.82 -7.39 -52.16
N GLN G 452 20.66 -7.45 -52.79
CA GLN G 452 20.01 -8.72 -53.03
C GLN G 452 20.20 -9.22 -54.46
N PRO G 453 20.60 -10.48 -54.61
CA PRO G 453 20.72 -11.21 -55.88
C PRO G 453 19.44 -11.10 -56.73
N SER G 454 19.15 -9.92 -57.28
CA SER G 454 18.00 -9.77 -58.15
C SER G 454 18.08 -10.71 -59.34
N PRO G 455 16.94 -11.29 -59.74
CA PRO G 455 16.96 -12.26 -60.86
C PRO G 455 17.21 -11.55 -62.19
N PHE G 456 18.40 -11.77 -62.74
CA PHE G 456 18.84 -11.10 -63.96
C PHE G 456 18.22 -11.73 -65.20
N PHE G 457 17.73 -12.96 -65.04
CA PHE G 457 17.05 -13.65 -66.13
C PHE G 457 15.72 -12.97 -66.48
N MET H 1 19.03 33.70 21.98
CA MET H 1 17.67 33.18 22.05
C MET H 1 17.67 31.67 22.02
N LYS H 2 16.80 31.07 22.82
CA LYS H 2 16.61 29.62 22.74
C LYS H 2 15.18 29.22 22.38
N ILE H 3 15.04 28.68 21.18
CA ILE H 3 13.73 28.29 20.65
C ILE H 3 13.54 26.77 20.59
N ILE H 4 12.33 26.35 20.93
CA ILE H 4 11.91 24.98 20.73
C ILE H 4 11.07 24.97 19.48
N ILE H 5 11.43 24.13 18.51
CA ILE H 5 10.66 24.02 17.29
C ILE H 5 9.86 22.73 17.29
N LEU H 6 8.54 22.85 17.28
CA LEU H 6 7.69 21.67 17.24
C LEU H 6 7.45 21.31 15.79
N GLY H 7 8.11 20.24 15.34
CA GLY H 7 7.97 19.74 13.99
C GLY H 7 9.24 19.90 13.17
N ALA H 8 9.90 18.78 12.91
CA ALA H 8 11.16 18.80 12.16
C ALA H 8 10.89 18.49 10.70
N GLY H 9 9.63 18.58 10.32
CA GLY H 9 9.25 18.21 8.96
C GLY H 9 9.61 19.23 7.90
N GLN H 10 8.62 19.50 7.05
CA GLN H 10 8.81 20.33 5.87
C GLN H 10 9.34 21.73 6.20
N VAL H 11 8.64 22.47 7.04
CA VAL H 11 8.99 23.86 7.33
C VAL H 11 9.96 23.98 8.50
N GLY H 12 9.65 23.27 9.58
CA GLY H 12 10.51 23.26 10.75
C GLY H 12 11.96 22.94 10.43
N GLY H 13 12.16 22.16 9.37
CA GLY H 13 13.49 21.89 8.85
C GLY H 13 14.23 23.16 8.52
N THR H 14 13.80 23.87 7.48
CA THR H 14 14.48 25.09 7.04
C THR H 14 14.50 26.17 8.12
N LEU H 15 13.47 26.19 8.95
CA LEU H 15 13.39 27.15 10.05
C LEU H 15 14.53 26.90 11.02
N ALA H 16 14.74 25.64 11.36
CA ALA H 16 15.84 25.25 12.24
C ALA H 16 17.16 25.55 11.54
N GLU H 17 17.28 25.12 10.29
CA GLU H 17 18.48 25.30 9.49
C GLU H 17 18.91 26.76 9.46
N ASN H 18 17.95 27.66 9.58
CA ASN H 18 18.26 29.09 9.54
C ASN H 18 18.54 29.70 10.92
N LEU H 19 17.70 29.40 11.89
CA LEU H 19 17.91 29.90 13.24
C LEU H 19 19.19 29.36 13.88
N VAL H 20 19.72 28.27 13.32
CA VAL H 20 20.98 27.71 13.79
C VAL H 20 22.17 28.46 13.20
N GLY H 21 21.97 29.00 11.99
CA GLY H 21 22.98 29.79 11.31
C GLY H 21 23.43 30.97 12.16
N GLU H 22 22.47 31.75 12.63
CA GLU H 22 22.72 32.73 13.66
C GLU H 22 22.88 31.94 14.94
N ASN H 23 23.75 32.39 15.85
CA ASN H 23 24.00 31.62 17.05
C ASN H 23 22.84 31.63 18.05
N ASN H 24 22.03 30.57 18.01
CA ASN H 24 20.92 30.40 18.93
C ASN H 24 20.89 28.98 19.48
N ASP H 25 20.11 28.78 20.54
CA ASP H 25 19.94 27.44 21.11
C ASP H 25 18.63 26.85 20.60
N ILE H 26 18.74 25.83 19.75
CA ILE H 26 17.55 25.26 19.14
C ILE H 26 17.33 23.83 19.59
N THR H 27 16.16 23.56 20.16
CA THR H 27 15.82 22.16 20.40
C THR H 27 14.63 21.84 19.51
N ILE H 28 14.68 20.73 18.79
CA ILE H 28 13.62 20.48 17.82
C ILE H 28 12.96 19.11 18.01
N VAL H 29 11.64 19.16 18.15
CA VAL H 29 10.86 17.98 18.47
C VAL H 29 10.20 17.48 17.22
N ASP H 30 10.09 16.15 17.08
CA ASP H 30 9.32 15.63 15.94
C ASP H 30 8.67 14.26 16.11
N ASN H 31 7.58 14.10 15.38
CA ASN H 31 6.82 12.86 15.30
C ASN H 31 7.72 11.63 15.11
N ASN H 32 8.41 11.59 13.97
CA ASN H 32 9.27 10.46 13.62
C ASN H 32 10.75 10.83 13.59
N ALA H 33 11.59 9.95 14.12
CA ALA H 33 13.00 10.25 14.38
C ALA H 33 13.88 10.29 13.13
N ASP H 34 13.38 9.75 12.03
CA ASP H 34 14.14 9.72 10.79
C ASP H 34 14.43 11.12 10.25
N ARG H 35 13.44 12.02 10.37
CA ARG H 35 13.63 13.40 9.96
C ARG H 35 14.57 14.12 10.93
N LEU H 36 14.67 13.60 12.14
CA LEU H 36 15.50 14.19 13.18
C LEU H 36 16.97 13.85 12.99
N ARG H 37 17.22 12.63 12.51
CA ARG H 37 18.59 12.17 12.22
C ARG H 37 19.37 13.18 11.40
N GLU H 38 18.75 13.64 10.33
CA GLU H 38 19.40 14.49 9.34
C GLU H 38 19.91 15.82 9.90
N LEU H 39 19.07 16.55 10.61
CA LEU H 39 19.48 17.86 11.12
C LEU H 39 20.34 17.66 12.38
N GLN H 40 20.18 16.52 13.03
CA GLN H 40 21.06 16.16 14.14
C GLN H 40 22.48 16.04 13.63
N ASP H 41 22.65 15.26 12.57
CA ASP H 41 23.92 15.14 11.86
C ASP H 41 24.45 16.51 11.44
N LYS H 42 23.59 17.30 10.79
CA LYS H 42 24.04 18.55 10.15
C LYS H 42 24.33 19.74 11.07
N TYR H 43 23.30 20.25 11.75
CA TYR H 43 23.33 21.64 12.22
C TYR H 43 23.66 21.96 13.68
N ASP H 44 24.05 20.95 14.46
CA ASP H 44 24.42 21.19 15.86
C ASP H 44 23.30 21.83 16.69
N LEU H 45 22.27 21.04 16.99
CA LEU H 45 21.20 21.45 17.87
C LEU H 45 20.69 20.23 18.63
N ARG H 46 19.96 20.43 19.71
CA ARG H 46 19.46 19.30 20.47
C ARG H 46 18.14 18.80 19.87
N VAL H 47 17.96 17.49 19.86
CA VAL H 47 16.83 16.86 19.19
C VAL H 47 15.95 16.05 20.15
N VAL H 48 14.63 16.19 20.01
CA VAL H 48 13.70 15.44 20.85
C VAL H 48 12.69 14.64 20.04
N ASN H 49 12.81 13.32 20.16
CA ASN H 49 11.91 12.38 19.50
C ASN H 49 10.73 12.07 20.42
N GLY H 50 9.52 12.26 19.92
CA GLY H 50 8.33 11.99 20.69
C GLY H 50 7.19 12.85 20.18
N HIS H 51 5.97 12.55 20.64
CA HIS H 51 4.80 13.31 20.21
C HIS H 51 4.93 14.75 20.66
N ALA H 52 4.89 15.68 19.71
CA ALA H 52 5.27 17.06 19.97
C ALA H 52 4.21 17.87 20.75
N SER H 53 3.27 17.17 21.36
CA SER H 53 2.18 17.83 22.07
C SER H 53 2.01 17.26 23.47
N HIS H 54 2.93 16.41 23.88
CA HIS H 54 2.87 15.80 25.21
C HIS H 54 3.73 16.58 26.20
N PRO H 55 3.19 16.77 27.42
CA PRO H 55 3.88 17.44 28.53
C PRO H 55 5.31 16.93 28.73
N ASP H 56 5.47 15.62 28.88
CA ASP H 56 6.80 15.05 29.13
C ASP H 56 7.78 15.36 28.00
N VAL H 57 7.25 15.55 26.79
CA VAL H 57 8.09 15.83 25.63
C VAL H 57 8.53 17.29 25.63
N LEU H 58 7.58 18.20 25.86
CA LEU H 58 7.88 19.62 26.01
C LEU H 58 8.93 19.80 27.10
N HIS H 59 8.73 19.08 28.20
CA HIS H 59 9.66 19.06 29.32
C HIS H 59 11.05 18.63 28.84
N GLU H 60 11.13 17.45 28.21
CA GLU H 60 12.38 16.95 27.64
C GLU H 60 13.04 17.95 26.70
N ALA H 61 12.23 18.81 26.09
CA ALA H 61 12.72 19.76 25.10
C ALA H 61 13.11 21.07 25.74
N GLY H 62 12.50 21.38 26.88
CA GLY H 62 12.87 22.57 27.63
C GLY H 62 11.86 23.69 27.54
N ALA H 63 10.57 23.34 27.54
CA ALA H 63 9.50 24.33 27.48
C ALA H 63 9.62 25.36 28.60
N GLN H 64 10.21 24.92 29.71
CA GLN H 64 10.39 25.78 30.87
C GLN H 64 11.40 26.88 30.60
N ASP H 65 12.55 26.51 30.03
CA ASP H 65 13.66 27.45 29.90
C ASP H 65 13.74 28.20 28.57
N ALA H 66 12.80 27.96 27.67
CA ALA H 66 12.85 28.52 26.32
C ALA H 66 12.26 29.92 26.23
N ASP H 67 12.46 30.57 25.08
CA ASP H 67 11.90 31.91 24.86
C ASP H 67 10.86 31.91 23.75
N MET H 68 10.74 30.80 23.03
CA MET H 68 9.85 30.75 21.89
C MET H 68 9.48 29.32 21.49
N LEU H 69 8.18 29.09 21.33
CA LEU H 69 7.67 27.79 20.91
C LEU H 69 7.20 27.89 19.46
N VAL H 70 8.07 27.53 18.52
CA VAL H 70 7.69 27.52 17.12
C VAL H 70 6.95 26.23 16.79
N ALA H 71 5.63 26.27 16.99
CA ALA H 71 4.79 25.10 16.80
C ALA H 71 4.36 24.97 15.33
N VAL H 72 5.20 24.32 14.54
CA VAL H 72 4.93 24.13 13.13
C VAL H 72 4.96 22.65 12.75
N THR H 73 3.79 22.03 12.78
CA THR H 73 3.66 20.62 12.42
C THR H 73 2.69 20.46 11.25
N ASN H 74 2.23 19.23 11.02
CA ASN H 74 1.33 18.95 9.91
C ASN H 74 -0.10 19.21 10.32
N THR H 75 -0.46 18.70 11.49
CA THR H 75 -1.81 18.84 12.02
C THR H 75 -2.01 20.18 12.74
N ASP H 76 -3.16 20.81 12.50
CA ASP H 76 -3.54 22.05 13.17
C ASP H 76 -3.82 21.74 14.64
N GLU H 77 -4.74 20.80 14.85
CA GLU H 77 -5.25 20.45 16.16
C GLU H 77 -4.14 20.22 17.18
N THR H 78 -3.09 19.52 16.74
CA THR H 78 -1.96 19.25 17.62
C THR H 78 -1.14 20.51 17.90
N ASN H 79 -0.95 21.36 16.89
CA ASN H 79 -0.25 22.63 17.12
C ASN H 79 -0.95 23.50 18.16
N MET H 80 -2.27 23.57 18.05
CA MET H 80 -3.07 24.41 18.93
C MET H 80 -2.99 23.83 20.32
N ALA H 81 -3.35 22.56 20.44
CA ALA H 81 -3.29 21.85 21.70
C ALA H 81 -1.90 21.94 22.36
N ALA H 82 -0.88 21.97 21.53
CA ALA H 82 0.50 22.13 21.98
C ALA H 82 0.76 23.49 22.62
N CYS H 83 0.35 24.56 21.95
CA CYS H 83 0.49 25.89 22.56
C CYS H 83 -0.32 25.99 23.85
N GLN H 84 -1.51 25.38 23.86
CA GLN H 84 -2.36 25.39 25.04
C GLN H 84 -1.67 24.72 26.23
N VAL H 85 -1.17 23.51 25.97
CA VAL H 85 -0.50 22.72 27.00
C VAL H 85 0.80 23.36 27.48
N ALA H 86 1.56 23.92 26.54
CA ALA H 86 2.84 24.54 26.86
C ALA H 86 2.62 25.81 27.68
N PHE H 87 1.54 26.52 27.40
CA PHE H 87 1.25 27.75 28.12
C PHE H 87 0.77 27.44 29.53
N THR H 88 -0.24 26.59 29.65
CA THR H 88 -0.76 26.26 30.97
C THR H 88 0.09 25.30 31.79
N LEU H 89 1.18 24.80 31.22
CA LEU H 89 2.06 23.92 32.00
C LEU H 89 3.49 24.44 32.19
N PHE H 90 3.93 25.35 31.34
CA PHE H 90 5.29 25.87 31.46
C PHE H 90 5.35 27.38 31.33
N ASN H 91 4.21 27.99 31.02
CA ASN H 91 4.13 29.42 30.71
C ASN H 91 5.21 29.80 29.70
N THR H 92 5.36 28.98 28.66
CA THR H 92 6.38 29.18 27.64
C THR H 92 6.14 30.48 26.87
N PRO H 93 7.15 31.36 26.87
CA PRO H 93 7.09 32.75 26.37
C PRO H 93 6.40 32.96 25.02
N ASN H 94 7.12 32.82 23.92
CA ASN H 94 6.59 33.27 22.64
C ASN H 94 6.07 32.11 21.79
N ARG H 95 4.75 32.08 21.62
CA ARG H 95 4.09 30.91 21.05
C ARG H 95 3.51 31.16 19.66
N VAL H 96 4.31 30.92 18.62
CA VAL H 96 3.80 30.95 17.25
C VAL H 96 3.28 29.56 16.91
N ALA H 97 2.23 29.51 16.09
CA ALA H 97 1.57 28.25 15.78
C ALA H 97 1.05 28.21 14.34
N ARG H 98 1.52 27.23 13.59
CA ARG H 98 1.07 27.05 12.21
C ARG H 98 -0.38 26.57 12.14
N ILE H 99 -1.23 27.37 11.53
CA ILE H 99 -2.61 26.94 11.30
C ILE H 99 -2.92 26.99 9.81
N ARG H 100 -3.38 25.86 9.27
CA ARG H 100 -3.64 25.76 7.83
C ARG H 100 -5.12 25.96 7.57
N SER H 101 -5.94 25.16 8.25
CA SER H 101 -7.38 25.14 8.02
C SER H 101 -7.98 26.54 8.06
N PRO H 102 -8.66 26.93 6.98
CA PRO H 102 -9.18 28.28 6.80
C PRO H 102 -10.30 28.61 7.78
N GLU H 103 -11.14 27.63 8.13
CA GLU H 103 -12.28 27.90 9.00
C GLU H 103 -11.88 27.96 10.47
N TYR H 104 -10.59 27.99 10.75
CA TYR H 104 -10.09 28.34 12.07
C TYR H 104 -9.78 29.83 12.09
N LEU H 105 -8.87 30.25 11.21
CA LEU H 105 -8.51 31.66 11.11
C LEU H 105 -9.62 32.49 10.47
N ALA H 106 -10.76 31.84 10.21
CA ALA H 106 -11.99 32.54 9.90
C ALA H 106 -12.36 33.35 11.13
N GLU H 107 -12.15 32.75 12.30
CA GLU H 107 -12.32 33.43 13.57
C GLU H 107 -10.98 33.68 14.23
N LYS H 108 -10.00 34.09 13.42
CA LYS H 108 -8.66 34.38 13.89
C LYS H 108 -8.65 35.20 15.19
N GLU H 109 -9.47 36.25 15.19
CA GLU H 109 -9.56 37.16 16.32
C GLU H 109 -10.32 36.51 17.47
N ALA H 110 -11.46 35.91 17.13
CA ALA H 110 -12.38 35.37 18.12
C ALA H 110 -11.85 34.14 18.85
N LEU H 111 -10.75 33.58 18.35
CA LEU H 111 -10.30 32.28 18.86
C LEU H 111 -8.88 32.26 19.41
N PHE H 112 -8.08 33.25 19.07
CA PHE H 112 -6.66 33.24 19.46
C PHE H 112 -6.24 34.47 20.25
N LYS H 113 -6.62 35.64 19.74
CA LYS H 113 -6.26 36.91 20.37
C LYS H 113 -7.21 37.22 21.52
N SER H 114 -7.74 36.16 22.14
CA SER H 114 -8.63 36.29 23.28
C SER H 114 -8.10 35.48 24.47
N GLY H 115 -6.92 34.92 24.32
CA GLY H 115 -6.29 34.12 25.36
C GLY H 115 -7.02 32.81 25.65
N ALA H 116 -7.91 32.42 24.75
CA ALA H 116 -8.62 31.15 24.85
C ALA H 116 -7.70 30.04 24.36
N ILE H 117 -7.28 30.15 23.11
CA ILE H 117 -6.21 29.32 22.57
C ILE H 117 -4.97 30.21 22.56
N PRO H 118 -4.07 29.99 23.52
CA PRO H 118 -2.93 30.87 23.79
C PRO H 118 -1.89 30.88 22.69
N VAL H 119 -2.30 31.25 21.49
CA VAL H 119 -1.38 31.45 20.38
C VAL H 119 -1.10 32.95 20.28
N ASP H 120 0.16 33.32 20.35
CA ASP H 120 0.54 34.73 20.28
C ASP H 120 0.39 35.21 18.84
N HIS H 121 1.02 34.48 17.92
CA HIS H 121 0.88 34.77 16.51
C HIS H 121 0.59 33.50 15.76
N LEU H 122 -0.37 33.55 14.84
CA LEU H 122 -0.57 32.45 13.90
C LEU H 122 0.27 32.72 12.67
N ILE H 123 0.68 31.64 12.00
CA ILE H 123 1.48 31.76 10.80
C ILE H 123 1.16 30.62 9.84
N ALA H 124 0.40 30.95 8.80
CA ALA H 124 -0.01 29.98 7.80
C ALA H 124 0.94 30.06 6.62
N PRO H 125 1.78 29.04 6.47
CA PRO H 125 2.92 29.07 5.56
C PRO H 125 2.52 29.08 4.09
N GLU H 126 1.54 28.26 3.69
CA GLU H 126 1.16 28.19 2.28
C GLU H 126 0.57 29.49 1.74
N GLU H 127 -0.25 30.16 2.54
CA GLU H 127 -0.83 31.44 2.16
C GLU H 127 0.22 32.46 1.74
N LEU H 128 1.36 32.43 2.42
CA LEU H 128 2.47 33.29 2.03
C LEU H 128 2.97 32.91 0.65
N VAL H 129 3.10 31.61 0.37
CA VAL H 129 3.53 31.15 -0.95
C VAL H 129 2.56 31.57 -2.05
N THR H 130 1.27 31.35 -1.83
CA THR H 130 0.25 31.69 -2.81
C THR H 130 0.22 33.21 -3.04
N SER H 131 0.36 33.96 -1.96
CA SER H 131 0.40 35.41 -2.03
C SER H 131 1.59 35.86 -2.87
N TYR H 132 2.74 35.26 -2.58
CA TYR H 132 4.00 35.52 -3.28
C TYR H 132 3.84 35.31 -4.79
N ILE H 133 3.30 34.14 -5.16
CA ILE H 133 3.12 33.80 -6.55
C ILE H 133 2.19 34.82 -7.20
N GLU H 134 1.02 34.99 -6.59
CA GLU H 134 0.02 35.97 -7.02
C GLU H 134 0.63 37.33 -7.32
N ARG H 135 1.50 37.81 -6.43
CA ARG H 135 2.16 39.08 -6.63
C ARG H 135 3.07 39.03 -7.85
N LEU H 136 3.90 38.00 -7.90
CA LEU H 136 4.80 37.79 -9.03
C LEU H 136 4.05 37.78 -10.37
N ILE H 137 2.76 37.45 -10.31
CA ILE H 137 1.92 37.41 -11.50
C ILE H 137 1.37 38.80 -11.81
N GLN H 138 0.85 39.48 -10.80
CA GLN H 138 0.26 40.81 -11.01
C GLN H 138 1.33 41.91 -11.14
N TYR H 139 2.60 41.51 -11.13
CA TYR H 139 3.71 42.41 -11.45
C TYR H 139 4.61 41.74 -12.47
N PRO H 140 4.17 41.71 -13.74
CA PRO H 140 4.92 41.03 -14.80
C PRO H 140 6.36 41.53 -14.88
N GLY H 141 7.31 40.61 -14.90
CA GLY H 141 8.71 40.99 -15.01
C GLY H 141 9.41 41.06 -13.66
N ALA H 142 8.65 40.85 -12.60
CA ALA H 142 9.23 40.88 -11.25
C ALA H 142 9.79 39.51 -10.89
N LEU H 143 10.87 39.51 -10.13
CA LEU H 143 11.47 38.27 -9.66
C LEU H 143 11.16 38.09 -8.18
N GLN H 144 10.74 39.18 -7.54
CA GLN H 144 10.43 39.18 -6.12
C GLN H 144 9.84 40.53 -5.76
N VAL H 145 8.76 40.53 -4.98
CA VAL H 145 8.09 41.75 -4.57
C VAL H 145 7.75 41.68 -3.09
N VAL H 146 8.53 42.37 -2.27
CA VAL H 146 8.27 42.39 -0.83
C VAL H 146 7.86 43.78 -0.35
N SER H 147 6.71 43.82 0.31
CA SER H 147 6.13 45.07 0.80
C SER H 147 6.34 45.22 2.31
N PHE H 148 6.64 46.43 2.76
CA PHE H 148 6.95 46.66 4.16
C PHE H 148 5.85 47.38 4.94
N ALA H 149 5.92 48.71 5.00
CA ALA H 149 5.04 49.46 5.89
C ALA H 149 3.59 49.44 5.45
N GLU H 150 2.85 48.43 5.90
CA GLU H 150 1.45 48.22 5.48
C GLU H 150 1.28 48.35 3.98
N GLN H 151 2.16 47.69 3.24
CA GLN H 151 2.18 47.75 1.78
C GLN H 151 2.23 49.18 1.28
N LYS H 152 3.20 49.96 1.74
CA LYS H 152 3.31 51.35 1.32
C LYS H 152 4.67 51.59 0.64
N VAL H 153 5.72 51.01 1.19
CA VAL H 153 7.00 50.96 0.50
C VAL H 153 7.18 49.52 0.01
N SER H 154 7.84 49.36 -1.13
CA SER H 154 8.05 48.06 -1.74
C SER H 154 9.44 47.91 -2.32
N LEU H 155 10.13 46.87 -1.84
CA LEU H 155 11.37 46.38 -2.41
C LEU H 155 11.01 45.41 -3.52
N VAL H 156 11.54 45.65 -4.72
CA VAL H 156 11.24 44.79 -5.85
C VAL H 156 12.55 44.33 -6.47
N ALA H 157 12.50 43.24 -7.25
CA ALA H 157 13.72 42.69 -7.85
C ALA H 157 13.49 42.28 -9.31
N VAL H 158 14.46 42.58 -10.17
CA VAL H 158 14.31 42.24 -11.59
C VAL H 158 15.65 41.97 -12.29
N LYS H 159 15.66 40.91 -13.10
CA LYS H 159 16.80 40.54 -13.94
C LYS H 159 17.04 41.44 -15.14
N ALA H 160 18.32 41.71 -15.39
CA ALA H 160 18.74 42.45 -16.59
C ALA H 160 18.70 41.55 -17.82
N TYR H 161 17.99 42.01 -18.84
CA TYR H 161 17.87 41.29 -20.10
C TYR H 161 18.43 42.13 -21.24
N TYR H 162 18.35 41.60 -22.46
CA TYR H 162 18.86 42.30 -23.63
C TYR H 162 18.09 43.58 -23.95
N GLY H 163 16.88 43.74 -23.40
CA GLY H 163 16.05 44.84 -23.83
C GLY H 163 15.96 46.03 -22.91
N GLY H 164 15.58 45.81 -21.66
CA GLY H 164 15.21 46.91 -20.79
C GLY H 164 16.34 47.79 -20.28
N PRO H 165 17.28 47.19 -19.52
CA PRO H 165 18.44 47.92 -18.98
C PRO H 165 19.53 48.16 -20.03
N LEU H 166 20.74 47.71 -19.70
CA LEU H 166 21.90 47.78 -20.59
C LEU H 166 22.36 49.17 -21.04
N VAL H 167 22.45 50.11 -20.09
CA VAL H 167 23.00 51.43 -20.39
C VAL H 167 23.62 52.04 -19.13
N GLY H 168 24.33 53.15 -19.28
CA GLY H 168 24.91 53.84 -18.14
C GLY H 168 23.82 54.33 -17.21
N ASN H 169 23.90 53.98 -15.92
CA ASN H 169 22.82 54.29 -14.99
C ASN H 169 22.45 55.77 -14.91
N ALA H 170 23.40 56.64 -14.59
CA ALA H 170 23.04 58.04 -14.37
C ALA H 170 22.84 58.83 -15.65
N LEU H 171 23.18 58.22 -16.80
CA LEU H 171 22.90 58.88 -18.06
C LEU H 171 21.56 58.39 -18.64
N SER H 172 21.24 57.13 -18.36
CA SER H 172 19.96 56.53 -18.77
C SER H 172 18.78 56.80 -17.83
N ALA H 173 19.08 57.07 -16.56
CA ALA H 173 18.08 57.32 -15.54
C ALA H 173 17.27 58.57 -15.85
N LEU H 174 17.90 59.49 -16.55
CA LEU H 174 17.25 60.73 -16.97
C LEU H 174 16.06 60.43 -17.89
N ARG H 175 16.13 59.29 -18.57
CA ARG H 175 15.10 58.91 -19.53
C ARG H 175 13.85 58.38 -18.86
N GLU H 176 13.97 57.85 -17.65
CA GLU H 176 12.78 57.46 -16.91
C GLU H 176 12.48 58.42 -15.74
N HIS H 177 13.37 59.36 -15.49
CA HIS H 177 13.15 60.32 -14.41
C HIS H 177 12.19 61.43 -14.81
N ILE H 181 10.84 59.23 -10.21
CA ILE H 181 12.27 59.11 -9.98
C ILE H 181 12.51 58.72 -8.52
N ASP H 182 11.43 58.64 -7.77
CA ASP H 182 11.46 58.47 -6.32
C ASP H 182 12.28 57.26 -5.84
N THR H 183 12.43 56.25 -6.69
CA THR H 183 13.11 55.01 -6.30
C THR H 183 14.64 55.09 -6.31
N ARG H 184 15.26 54.46 -5.31
CA ARG H 184 16.71 54.26 -5.31
C ARG H 184 17.05 52.76 -5.31
N VAL H 185 18.20 52.42 -5.87
CA VAL H 185 18.66 51.04 -5.92
C VAL H 185 19.37 50.62 -4.64
N ALA H 186 18.78 49.68 -3.91
CA ALA H 186 19.37 49.22 -2.66
C ALA H 186 20.57 48.30 -2.89
N ALA H 187 20.54 47.55 -3.99
CA ALA H 187 21.59 46.59 -4.31
C ALA H 187 21.43 46.00 -5.71
N ILE H 188 22.56 45.62 -6.31
CA ILE H 188 22.60 45.03 -7.64
C ILE H 188 23.61 43.90 -7.65
N PHE H 189 23.15 42.68 -7.88
CA PHE H 189 24.08 41.55 -7.92
C PHE H 189 24.59 41.31 -9.35
N ARG H 190 25.90 41.44 -9.51
CA ARG H 190 26.55 41.29 -10.80
C ARG H 190 27.05 39.87 -10.97
N GLN H 191 27.75 39.39 -9.94
CA GLN H 191 28.22 38.02 -9.88
C GLN H 191 27.66 37.36 -8.62
N GLY H 192 28.34 37.55 -7.50
CA GLY H 192 27.87 37.00 -6.23
C GLY H 192 27.54 38.09 -5.21
N ARG H 193 28.41 39.08 -5.09
CA ARG H 193 28.16 40.23 -4.23
C ARG H 193 27.89 41.49 -5.05
N PRO H 194 27.09 42.42 -4.49
CA PRO H 194 26.72 43.66 -5.20
C PRO H 194 27.83 44.71 -5.27
N ILE H 195 27.51 45.86 -5.83
CA ILE H 195 28.43 47.00 -5.91
C ILE H 195 27.73 48.29 -5.47
N ARG H 196 28.52 49.32 -5.18
CA ARG H 196 28.03 50.57 -4.59
C ARG H 196 27.11 51.43 -5.47
N PRO H 197 25.83 51.53 -5.07
CA PRO H 197 24.76 52.29 -5.74
C PRO H 197 24.60 53.74 -5.24
N GLN H 198 25.11 54.70 -6.00
CA GLN H 198 24.92 56.11 -5.70
C GLN H 198 24.40 56.84 -6.93
N GLY H 199 24.50 58.17 -6.91
CA GLY H 199 24.00 58.95 -8.02
C GLY H 199 24.68 58.68 -9.35
N THR H 200 25.89 58.11 -9.30
CA THR H 200 26.70 57.97 -10.53
C THR H 200 27.34 56.59 -10.82
N THR H 201 26.65 55.49 -10.51
CA THR H 201 27.23 54.16 -10.73
C THR H 201 26.88 53.57 -12.10
N ILE H 202 27.86 52.93 -12.75
CA ILE H 202 27.71 52.33 -14.07
C ILE H 202 27.03 50.95 -14.11
N ILE H 203 26.03 50.79 -14.98
CA ILE H 203 25.27 49.52 -15.15
C ILE H 203 25.84 48.46 -16.09
N GLU H 204 26.29 47.35 -15.52
CA GLU H 204 26.72 46.18 -16.29
C GLU H 204 25.54 45.30 -16.70
N ALA H 205 25.80 44.33 -17.58
CA ALA H 205 24.77 43.39 -18.05
C ALA H 205 24.49 42.22 -17.11
N ASP H 206 23.33 41.60 -17.30
CA ASP H 206 22.91 40.38 -16.58
C ASP H 206 22.92 40.51 -15.05
N ASP H 207 22.61 41.70 -14.54
CA ASP H 207 22.57 41.91 -13.11
C ASP H 207 21.16 41.73 -12.53
N GLU H 208 21.08 41.41 -11.25
CA GLU H 208 19.80 41.34 -10.55
C GLU H 208 19.64 42.62 -9.73
N VAL H 209 18.66 43.43 -10.09
CA VAL H 209 18.53 44.76 -9.48
C VAL H 209 17.39 44.83 -8.46
N PHE H 210 17.65 45.52 -7.35
CA PHE H 210 16.66 45.66 -6.28
C PHE H 210 16.19 47.11 -6.11
N PHE H 211 15.01 47.43 -6.66
CA PHE H 211 14.42 48.76 -6.47
C PHE H 211 13.74 48.90 -5.12
N VAL H 212 13.59 50.14 -4.65
CA VAL H 212 12.82 50.43 -3.44
C VAL H 212 12.00 51.69 -3.66
N ALA H 213 10.70 51.55 -3.91
CA ALA H 213 9.86 52.72 -4.12
C ALA H 213 8.57 52.71 -3.30
N ALA H 214 7.70 53.69 -3.53
CA ALA H 214 6.37 53.64 -2.95
C ALA H 214 5.63 52.48 -3.60
N SER H 215 4.71 51.85 -2.87
CA SER H 215 4.01 50.69 -3.41
C SER H 215 2.92 51.14 -4.38
N ASN H 216 2.64 52.42 -4.37
CA ASN H 216 1.68 53.00 -5.31
C ASN H 216 2.39 53.31 -6.62
N HIS H 217 3.48 54.08 -6.52
CA HIS H 217 4.19 54.55 -7.69
C HIS H 217 5.22 53.55 -8.19
N ILE H 218 4.98 52.26 -7.99
CA ILE H 218 5.92 51.23 -8.45
C ILE H 218 5.49 50.55 -9.75
N ARG H 219 4.19 50.27 -9.88
CA ARG H 219 3.69 49.66 -11.12
C ARG H 219 3.85 50.63 -12.29
N SER H 220 3.84 51.92 -11.99
CA SER H 220 4.07 52.94 -13.00
C SER H 220 5.57 53.01 -13.28
N VAL H 221 6.34 52.96 -12.20
CA VAL H 221 7.80 52.89 -12.27
C VAL H 221 8.22 51.67 -13.09
N MET H 222 7.55 50.54 -12.86
CA MET H 222 7.87 49.33 -13.59
C MET H 222 7.63 49.52 -15.10
N SER H 223 6.68 50.38 -15.43
CA SER H 223 6.31 50.63 -16.82
C SER H 223 7.28 51.55 -17.55
N GLU H 224 7.41 52.79 -17.07
CA GLU H 224 8.33 53.73 -17.74
C GLU H 224 9.82 53.47 -17.49
N LEU H 225 10.15 52.45 -16.69
CA LEU H 225 11.55 52.03 -16.54
C LEU H 225 12.06 51.29 -17.78
N GLN H 226 11.14 50.98 -18.71
CA GLN H 226 11.39 50.26 -19.97
C GLN H 226 11.15 48.73 -19.90
N ARG H 227 10.42 48.25 -18.89
CA ARG H 227 10.12 46.82 -18.90
C ARG H 227 8.87 46.32 -18.18
N LEU H 228 7.71 46.93 -18.42
CA LEU H 228 6.47 46.28 -18.00
C LEU H 228 5.99 45.35 -19.11
N GLU H 229 5.92 44.05 -18.83
CA GLU H 229 5.56 43.07 -19.85
C GLU H 229 4.04 43.00 -20.03
N LYS H 230 3.61 42.61 -21.23
CA LYS H 230 2.20 42.55 -21.61
C LYS H 230 1.43 41.62 -20.66
N PRO H 231 0.29 42.12 -20.12
CA PRO H 231 -0.56 41.49 -19.09
C PRO H 231 -0.91 40.03 -19.33
N TYR H 232 -0.85 39.22 -18.26
CA TYR H 232 -1.12 37.80 -18.33
C TYR H 232 -2.62 37.51 -18.43
N ARG H 233 -2.98 36.57 -19.29
CA ARG H 233 -4.38 36.19 -19.43
C ARG H 233 -4.65 34.75 -19.02
N ARG H 234 -3.91 33.83 -19.63
CA ARG H 234 -4.16 32.39 -19.47
C ARG H 234 -3.04 31.73 -18.64
N ILE H 235 -3.43 31.06 -17.57
CA ILE H 235 -2.49 30.50 -16.60
C ILE H 235 -2.71 29.00 -16.41
N MET H 236 -1.61 28.23 -16.36
CA MET H 236 -1.71 26.80 -16.14
C MET H 236 -0.78 26.36 -15.01
N ILE H 237 -1.36 25.70 -14.00
CA ILE H 237 -0.57 25.24 -12.85
C ILE H 237 -0.62 23.73 -12.67
N VAL H 238 0.54 23.11 -12.52
CA VAL H 238 0.63 21.67 -12.31
C VAL H 238 0.93 21.35 -10.85
N GLY H 239 0.15 20.44 -10.28
CA GLY H 239 0.22 20.15 -8.87
C GLY H 239 -0.93 20.83 -8.14
N GLY H 240 -1.87 20.02 -7.64
CA GLY H 240 -3.07 20.55 -7.06
C GLY H 240 -3.06 20.47 -5.55
N GLY H 241 -1.90 20.69 -4.96
CA GLY H 241 -1.76 20.63 -3.52
C GLY H 241 -2.28 21.90 -2.87
N ASN H 242 -1.83 22.17 -1.66
CA ASN H 242 -2.29 23.35 -0.92
C ASN H 242 -1.93 24.63 -1.67
N ILE H 243 -0.64 24.80 -1.95
CA ILE H 243 -0.15 25.97 -2.67
C ILE H 243 -0.86 26.05 -4.01
N GLY H 244 -0.89 24.93 -4.72
CA GLY H 244 -1.52 24.86 -6.02
C GLY H 244 -3.00 25.22 -6.03
N ALA H 245 -3.79 24.46 -5.28
CA ALA H 245 -5.24 24.67 -5.25
C ALA H 245 -5.64 26.05 -4.72
N SER H 246 -4.81 26.61 -3.85
CA SER H 246 -5.14 27.93 -3.29
C SER H 246 -4.80 29.02 -4.29
N LEU H 247 -3.60 28.94 -4.88
CA LEU H 247 -3.21 29.85 -5.95
C LEU H 247 -4.25 29.82 -7.05
N ALA H 248 -4.78 28.63 -7.31
CA ALA H 248 -5.84 28.44 -8.28
C ALA H 248 -7.05 29.26 -7.86
N LYS H 249 -7.59 28.98 -6.67
CA LYS H 249 -8.80 29.68 -6.23
C LYS H 249 -8.67 31.21 -6.23
N ARG H 250 -7.47 31.73 -5.97
CA ARG H 250 -7.29 33.18 -6.05
C ARG H 250 -7.24 33.65 -7.50
N LEU H 251 -6.29 33.13 -8.28
CA LEU H 251 -6.09 33.54 -9.66
C LEU H 251 -7.31 33.37 -10.55
N GLU H 252 -8.20 32.46 -10.17
CA GLU H 252 -9.30 32.04 -11.02
C GLU H 252 -10.29 33.14 -11.33
N GLN H 253 -10.24 34.22 -10.56
CA GLN H 253 -11.13 35.35 -10.78
C GLN H 253 -10.61 36.27 -11.88
N THR H 254 -9.44 36.84 -11.65
CA THR H 254 -8.85 37.80 -12.58
C THR H 254 -8.29 37.10 -13.83
N TYR H 255 -8.20 35.77 -13.77
CA TYR H 255 -7.53 35.04 -14.85
C TYR H 255 -8.25 33.73 -15.20
N SER H 256 -7.88 33.16 -16.34
CA SER H 256 -8.39 31.87 -16.78
C SER H 256 -7.35 30.82 -16.44
N VAL H 257 -7.76 29.75 -15.76
CA VAL H 257 -6.78 28.81 -15.20
C VAL H 257 -7.05 27.33 -15.46
N LYS H 258 -6.03 26.63 -15.98
CA LYS H 258 -6.06 25.18 -16.13
C LYS H 258 -5.16 24.53 -15.08
N LEU H 259 -5.66 23.50 -14.40
CA LEU H 259 -4.92 22.91 -13.28
C LEU H 259 -4.70 21.41 -13.45
N ILE H 260 -3.46 20.98 -13.65
CA ILE H 260 -3.18 19.56 -13.83
C ILE H 260 -2.68 18.92 -12.54
N GLU H 261 -3.45 17.98 -12.00
CA GLU H 261 -3.13 17.30 -10.75
C GLU H 261 -3.09 15.79 -10.97
N ARG H 262 -2.10 15.12 -10.37
CA ARG H 262 -1.81 13.72 -10.70
C ARG H 262 -2.70 12.67 -10.05
N ASP H 263 -3.12 12.90 -8.80
CA ASP H 263 -3.93 11.92 -8.10
C ASP H 263 -5.38 12.11 -8.46
N TYR H 264 -6.09 11.01 -8.71
CA TYR H 264 -7.48 11.11 -9.12
C TYR H 264 -8.36 11.71 -8.03
N GLN H 265 -8.44 11.07 -6.86
CA GLN H 265 -9.31 11.55 -5.79
C GLN H 265 -9.09 13.04 -5.50
N ARG H 266 -7.83 13.44 -5.44
CA ARG H 266 -7.47 14.84 -5.24
C ARG H 266 -8.07 15.72 -6.35
N ALA H 267 -8.02 15.22 -7.57
CA ALA H 267 -8.55 15.96 -8.71
C ALA H 267 -10.08 16.04 -8.66
N GLU H 268 -10.69 14.92 -8.33
CA GLU H 268 -12.14 14.78 -8.26
C GLU H 268 -12.72 15.71 -7.21
N LYS H 269 -12.02 15.82 -6.08
CA LYS H 269 -12.49 16.69 -5.01
C LYS H 269 -12.20 18.15 -5.34
N LEU H 270 -11.02 18.36 -5.94
CA LEU H 270 -10.61 19.69 -6.41
C LEU H 270 -11.67 20.24 -7.36
N SER H 271 -12.25 19.35 -8.16
CA SER H 271 -13.18 19.73 -9.21
C SER H 271 -14.43 20.43 -8.67
N GLU H 272 -14.82 20.12 -7.44
CA GLU H 272 -15.96 20.81 -6.84
C GLU H 272 -15.50 21.86 -5.85
N GLN H 273 -14.31 21.68 -5.27
CA GLN H 273 -13.81 22.65 -4.30
C GLN H 273 -13.59 24.01 -4.95
N LEU H 274 -13.32 24.03 -6.25
CA LEU H 274 -13.18 25.30 -6.97
C LEU H 274 -14.03 25.40 -8.24
N GLU H 275 -15.09 26.19 -8.18
CA GLU H 275 -15.89 26.50 -9.36
C GLU H 275 -15.10 27.47 -10.22
N ASN H 276 -15.25 27.37 -11.55
CA ASN H 276 -14.66 28.30 -12.53
C ASN H 276 -13.22 27.97 -12.98
N THR H 277 -12.63 26.92 -12.44
CA THR H 277 -11.36 26.43 -12.98
C THR H 277 -11.52 25.02 -13.56
N ILE H 278 -10.71 24.69 -14.55
CA ILE H 278 -10.77 23.35 -15.15
C ILE H 278 -9.67 22.41 -14.64
N VAL H 279 -10.11 21.34 -13.98
CA VAL H 279 -9.24 20.38 -13.35
C VAL H 279 -8.92 19.22 -14.29
N PHE H 280 -7.62 19.01 -14.56
CA PHE H 280 -7.17 17.92 -15.40
C PHE H 280 -6.42 16.89 -14.57
N CYS H 281 -6.90 15.66 -14.58
CA CYS H 281 -6.19 14.57 -13.93
C CYS H 281 -5.17 13.98 -14.90
N GLY H 282 -3.91 13.92 -14.47
CA GLY H 282 -2.84 13.43 -15.32
C GLY H 282 -1.49 13.95 -14.83
N ASP H 283 -0.43 13.61 -15.55
CA ASP H 283 0.93 13.90 -15.09
C ASP H 283 1.45 15.20 -15.67
N ALA H 284 2.20 15.96 -14.86
CA ALA H 284 2.73 17.25 -15.29
C ALA H 284 3.78 17.12 -16.38
N ALA H 285 4.10 15.89 -16.76
CA ALA H 285 5.17 15.64 -17.70
C ALA H 285 4.66 15.43 -19.12
N ASP H 286 3.56 14.68 -19.27
CA ASP H 286 3.14 14.19 -20.59
C ASP H 286 2.79 15.30 -21.58
N GLN H 287 3.56 15.34 -22.67
CA GLN H 287 3.44 16.36 -23.70
C GLN H 287 2.05 16.38 -24.31
N GLU H 288 1.41 15.21 -24.24
CA GLU H 288 0.06 15.02 -24.75
C GLU H 288 -0.92 16.04 -24.17
N LEU H 289 -1.16 15.96 -22.87
CA LEU H 289 -2.07 16.86 -22.17
C LEU H 289 -1.72 18.32 -22.45
N LEU H 290 -0.44 18.66 -22.34
CA LEU H 290 0.03 20.02 -22.57
C LEU H 290 -0.35 20.56 -23.95
N THR H 291 0.02 19.85 -25.01
CA THR H 291 -0.28 20.30 -26.35
C THR H 291 -1.79 20.30 -26.60
N GLU H 292 -2.49 19.34 -26.01
CA GLU H 292 -3.94 19.25 -26.17
C GLU H 292 -4.63 20.44 -25.54
N GLU H 293 -4.01 21.01 -24.52
CA GLU H 293 -4.61 22.10 -23.78
C GLU H 293 -3.95 23.44 -24.06
N ASN H 294 -3.24 23.53 -25.18
CA ASN H 294 -2.59 24.76 -25.61
C ASN H 294 -1.51 25.25 -24.65
N ILE H 295 -0.51 24.41 -24.41
CA ILE H 295 0.66 24.80 -23.63
C ILE H 295 1.45 25.85 -24.42
N ASP H 296 1.05 26.09 -25.66
CA ASP H 296 1.71 27.08 -26.50
C ASP H 296 1.03 28.44 -26.37
N GLN H 297 -0.24 28.43 -25.96
CA GLN H 297 -0.99 29.67 -25.76
C GLN H 297 -0.98 30.15 -24.32
N VAL H 298 -0.23 29.47 -23.45
CA VAL H 298 -0.28 29.80 -22.04
C VAL H 298 0.76 30.86 -21.70
N ASP H 299 0.36 31.81 -20.85
CA ASP H 299 1.19 32.96 -20.54
C ASP H 299 2.19 32.59 -19.46
N VAL H 300 1.73 31.86 -18.46
CA VAL H 300 2.61 31.37 -17.40
C VAL H 300 2.33 29.92 -17.01
N PHE H 301 3.41 29.14 -16.91
CA PHE H 301 3.33 27.76 -16.49
C PHE H 301 3.92 27.65 -15.09
N ILE H 302 3.07 27.47 -14.09
CA ILE H 302 3.53 27.42 -12.71
C ILE H 302 3.55 25.99 -12.19
N ALA H 303 4.75 25.50 -11.89
CA ALA H 303 4.91 24.15 -11.36
C ALA H 303 4.85 24.18 -9.85
N LEU H 304 3.97 23.37 -9.26
CA LEU H 304 3.82 23.35 -7.81
C LEU H 304 3.55 21.95 -7.31
N THR H 305 4.29 20.95 -7.78
CA THR H 305 4.14 19.61 -7.24
C THR H 305 5.26 19.43 -6.23
N ASN H 306 5.15 18.42 -5.38
CA ASN H 306 6.12 18.26 -4.30
C ASN H 306 7.45 17.72 -4.80
N GLU H 307 7.39 16.82 -5.78
CA GLU H 307 8.62 16.34 -6.41
C GLU H 307 9.33 17.54 -7.04
N ASP H 308 10.51 17.85 -6.52
CA ASP H 308 11.28 19.01 -6.96
C ASP H 308 11.73 18.88 -8.41
N GLU H 309 12.33 17.72 -8.69
CA GLU H 309 12.88 17.39 -9.99
C GLU H 309 11.84 17.54 -11.09
N THR H 310 10.69 16.89 -10.90
CA THR H 310 9.64 16.92 -11.92
C THR H 310 9.11 18.33 -12.14
N ASN H 311 9.20 19.17 -11.12
CA ASN H 311 8.81 20.58 -11.25
C ASN H 311 9.76 21.28 -12.21
N ILE H 312 11.06 21.21 -11.91
CA ILE H 312 12.05 21.86 -12.77
C ILE H 312 11.94 21.37 -14.22
N MET H 313 12.00 20.05 -14.37
CA MET H 313 11.93 19.42 -15.69
C MET H 313 10.65 19.77 -16.46
N SER H 314 9.50 19.53 -15.85
CA SER H 314 8.22 19.85 -16.47
C SER H 314 8.20 21.30 -16.91
N ALA H 315 8.71 22.20 -16.08
CA ALA H 315 8.78 23.61 -16.47
C ALA H 315 9.61 23.82 -17.73
N MET H 316 10.79 23.20 -17.80
CA MET H 316 11.66 23.36 -18.96
C MET H 316 10.96 22.83 -20.23
N LEU H 317 10.24 21.73 -20.06
CA LEU H 317 9.49 21.12 -21.15
C LEU H 317 8.42 22.09 -21.64
N ALA H 318 7.69 22.67 -20.69
CA ALA H 318 6.61 23.60 -21.02
C ALA H 318 7.14 24.85 -21.70
N LYS H 319 8.40 25.16 -21.47
CA LYS H 319 9.03 26.28 -22.16
C LYS H 319 9.49 25.87 -23.55
N ARG H 320 9.80 24.59 -23.74
CA ARG H 320 10.17 24.14 -25.08
C ARG H 320 8.96 24.10 -26.02
N MET H 321 7.86 23.48 -25.59
CA MET H 321 6.63 23.54 -26.37
C MET H 321 5.97 24.93 -26.34
N GLY H 322 6.68 25.87 -25.73
CA GLY H 322 6.37 27.29 -25.88
C GLY H 322 5.34 27.95 -24.99
N ALA H 323 5.48 27.79 -23.68
CA ALA H 323 4.76 28.64 -22.76
C ALA H 323 5.51 29.97 -22.73
N LYS H 324 4.78 31.07 -22.55
CA LYS H 324 5.42 32.37 -22.49
C LYS H 324 6.42 32.43 -21.33
N LYS H 325 5.92 32.23 -20.11
CA LYS H 325 6.79 32.27 -18.93
C LYS H 325 6.58 31.06 -18.02
N VAL H 326 7.62 30.71 -17.26
CA VAL H 326 7.54 29.60 -16.32
C VAL H 326 7.94 29.99 -14.89
N MET H 327 7.13 29.56 -13.94
CA MET H 327 7.44 29.76 -12.53
C MET H 327 7.59 28.42 -11.84
N VAL H 328 8.80 28.10 -11.39
CA VAL H 328 9.05 26.81 -10.76
C VAL H 328 9.27 26.96 -9.27
N LEU H 329 8.73 26.03 -8.49
CA LEU H 329 8.94 26.01 -7.05
C LEU H 329 9.98 24.97 -6.71
N ILE H 330 11.10 25.42 -6.16
CA ILE H 330 12.24 24.56 -5.90
C ILE H 330 12.69 24.66 -4.46
N GLN H 331 12.38 23.66 -3.64
CA GLN H 331 12.71 23.73 -2.21
C GLN H 331 14.18 23.36 -1.91
N ARG H 332 14.79 22.55 -2.78
CA ARG H 332 16.20 22.21 -2.64
C ARG H 332 17.11 23.26 -3.29
N GLY H 333 17.86 23.97 -2.46
CA GLY H 333 18.72 25.07 -2.90
C GLY H 333 19.69 24.76 -4.02
N ALA H 334 20.37 23.63 -3.90
CA ALA H 334 21.36 23.19 -4.88
C ALA H 334 20.77 23.20 -6.28
N TYR H 335 19.53 22.76 -6.40
CA TYR H 335 18.81 22.81 -7.67
C TYR H 335 18.63 24.26 -8.12
N VAL H 336 18.13 25.11 -7.23
CA VAL H 336 17.95 26.53 -7.53
C VAL H 336 19.20 27.18 -8.12
N ASP H 337 20.38 26.76 -7.63
CA ASP H 337 21.61 27.29 -8.21
C ASP H 337 21.95 26.57 -9.52
N LEU H 338 21.60 25.30 -9.61
CA LEU H 338 21.82 24.53 -10.82
C LEU H 338 21.10 25.18 -12.01
N VAL H 339 19.84 25.57 -11.79
CA VAL H 339 19.03 26.15 -12.85
C VAL H 339 19.10 27.68 -12.90
N GLN H 340 20.32 28.21 -12.95
CA GLN H 340 20.50 29.66 -12.90
C GLN H 340 20.26 30.39 -14.22
N GLY H 341 21.24 30.35 -15.11
CA GLY H 341 21.19 31.11 -16.35
C GLY H 341 20.24 30.58 -17.40
N GLY H 342 19.46 29.56 -17.05
CA GLY H 342 18.68 28.82 -18.02
C GLY H 342 17.29 29.35 -18.31
N VAL H 343 16.42 28.44 -18.70
CA VAL H 343 15.10 28.78 -19.24
C VAL H 343 14.12 29.19 -18.14
N ILE H 344 14.29 28.64 -16.95
CA ILE H 344 13.41 29.00 -15.83
C ILE H 344 13.51 30.50 -15.58
N ASP H 345 12.36 31.17 -15.69
CA ASP H 345 12.31 32.62 -15.62
C ASP H 345 12.40 33.09 -14.19
N VAL H 346 11.69 32.37 -13.31
CA VAL H 346 11.66 32.70 -11.90
C VAL H 346 11.49 31.46 -11.02
N ALA H 347 12.39 31.30 -10.05
CA ALA H 347 12.38 30.17 -9.14
C ALA H 347 11.84 30.63 -7.79
N ILE H 348 10.81 29.95 -7.30
CA ILE H 348 10.17 30.38 -6.06
C ILE H 348 10.53 29.42 -4.95
N SER H 349 11.41 29.84 -4.07
CA SER H 349 11.75 29.03 -2.90
C SER H 349 10.76 29.41 -1.81
N PRO H 350 9.99 28.44 -1.32
CA PRO H 350 8.96 28.73 -0.33
C PRO H 350 9.55 28.80 1.08
N GLN H 351 10.81 29.23 1.16
CA GLN H 351 11.45 29.53 2.43
C GLN H 351 11.48 31.05 2.54
N GLN H 352 11.78 31.70 1.42
CA GLN H 352 11.77 33.16 1.31
C GLN H 352 10.45 33.77 1.78
N ALA H 353 9.43 32.93 1.95
CA ALA H 353 8.13 33.38 2.42
C ALA H 353 7.91 33.16 3.91
N THR H 354 8.47 32.08 4.44
CA THR H 354 8.19 31.69 5.82
C THR H 354 9.30 32.03 6.83
N ILE H 355 10.55 31.83 6.42
CA ILE H 355 11.70 32.28 7.20
C ILE H 355 11.51 33.77 7.50
N SER H 356 11.00 34.50 6.50
CA SER H 356 10.80 35.94 6.64
C SER H 356 9.73 36.27 7.66
N ALA H 357 8.58 35.62 7.56
CA ALA H 357 7.47 35.93 8.47
C ALA H 357 7.63 35.24 9.82
N LEU H 358 8.74 34.54 10.00
CA LEU H 358 9.06 33.94 11.30
C LEU H 358 10.13 34.77 12.01
N LEU H 359 11.13 35.20 11.25
CA LEU H 359 12.19 36.06 11.78
C LEU H 359 11.63 37.37 12.39
N THR H 360 10.41 37.74 12.03
CA THR H 360 9.74 38.90 12.61
C THR H 360 9.43 38.68 14.10
N HIS H 361 9.60 37.45 14.58
CA HIS H 361 9.25 37.11 15.95
C HIS H 361 10.45 36.62 16.76
N VAL H 362 11.62 36.63 16.16
CA VAL H 362 12.84 36.27 16.90
C VAL H 362 13.68 37.54 17.08
N ARG H 363 13.45 38.53 16.22
CA ARG H 363 14.07 39.82 16.40
C ARG H 363 13.11 40.65 17.25
N ARG H 364 13.65 41.50 18.12
CA ARG H 364 12.82 42.19 19.10
C ARG H 364 11.99 43.29 18.44
N ALA H 365 11.27 44.06 19.25
CA ALA H 365 10.30 45.06 18.79
C ALA H 365 10.84 46.18 17.89
N ASP H 366 12.12 46.52 17.97
CA ASP H 366 12.63 47.62 17.16
C ASP H 366 12.62 47.30 15.66
N ILE H 367 12.62 46.01 15.33
CA ILE H 367 12.41 45.58 13.95
C ILE H 367 11.02 44.97 13.81
N VAL H 368 10.20 45.52 12.91
CA VAL H 368 8.79 45.10 12.79
C VAL H 368 8.52 44.16 11.63
N ASN H 369 9.15 44.42 10.50
CA ASN H 369 9.05 43.54 9.35
C ASN H 369 10.45 43.12 8.94
N VAL H 370 10.63 41.83 8.69
CA VAL H 370 11.90 41.35 8.15
C VAL H 370 11.62 40.48 6.93
N SER H 371 12.59 40.37 6.04
CA SER H 371 12.40 39.61 4.80
C SER H 371 13.73 39.09 4.27
N SER H 372 13.95 37.78 4.43
CA SER H 372 15.14 37.13 3.89
C SER H 372 15.07 37.18 2.38
N LEU H 373 16.21 37.38 1.71
CA LEU H 373 16.19 37.63 0.28
C LEU H 373 17.10 36.73 -0.55
N ARG H 374 18.29 37.24 -0.86
CA ARG H 374 19.10 36.63 -1.92
C ARG H 374 20.03 35.58 -1.34
N ARG H 375 19.67 34.32 -1.59
CA ARG H 375 20.38 33.13 -1.12
C ARG H 375 20.08 32.88 0.36
N GLY H 376 19.36 33.80 0.98
CA GLY H 376 19.07 33.76 2.40
C GLY H 376 20.18 34.39 3.24
N ALA H 377 21.31 34.67 2.61
CA ALA H 377 22.45 35.25 3.30
C ALA H 377 22.20 36.73 3.57
N ALA H 378 21.33 37.32 2.75
CA ALA H 378 21.01 38.74 2.87
C ALA H 378 19.63 38.94 3.49
N GLU H 379 19.37 40.17 3.95
CA GLU H 379 18.15 40.48 4.66
C GLU H 379 17.69 41.90 4.34
N ALA H 380 16.42 42.18 4.52
CA ALA H 380 15.91 43.55 4.33
C ALA H 380 14.89 43.80 5.41
N ILE H 381 15.13 44.81 6.26
CA ILE H 381 14.28 44.99 7.42
C ILE H 381 13.67 46.38 7.55
N GLU H 382 12.50 46.40 8.20
CA GLU H 382 11.83 47.63 8.54
C GLU H 382 12.05 47.84 10.02
N ALA H 383 13.00 48.72 10.34
CA ALA H 383 13.37 48.98 11.71
C ALA H 383 12.85 50.32 12.16
N VAL H 384 12.19 50.35 13.31
CA VAL H 384 11.71 51.59 13.86
C VAL H 384 12.78 52.16 14.76
N ALA H 385 12.89 53.47 14.79
CA ALA H 385 13.84 54.11 15.66
C ALA H 385 13.04 54.58 16.84
N HIS H 386 12.66 53.62 17.68
CA HIS H 386 11.70 53.86 18.74
C HIS H 386 12.37 54.58 19.87
N GLY H 387 12.24 55.90 19.86
CA GLY H 387 12.85 56.74 20.85
C GLY H 387 12.56 58.21 20.63
N ASP H 388 13.35 59.04 21.28
CA ASP H 388 13.20 60.48 21.20
C ASP H 388 14.53 61.10 20.76
N GLU H 389 14.53 62.40 20.59
CA GLU H 389 15.70 63.15 20.13
C GLU H 389 16.90 62.93 21.04
N THR H 390 16.64 62.53 22.28
CA THR H 390 17.69 62.39 23.28
C THR H 390 18.21 60.95 23.44
N THR H 391 17.29 60.02 23.66
CA THR H 391 17.64 58.66 24.05
C THR H 391 18.23 57.76 22.95
N SER H 392 17.82 57.98 21.72
CA SER H 392 18.26 57.13 20.62
C SER H 392 19.47 57.67 19.86
N LYS H 393 20.35 56.78 19.42
CA LYS H 393 21.50 57.15 18.61
C LYS H 393 21.16 57.18 17.12
N VAL H 394 19.99 56.66 16.77
CA VAL H 394 19.60 56.59 15.36
C VAL H 394 18.87 57.87 14.98
N VAL H 395 17.90 58.24 15.80
CA VAL H 395 17.07 59.42 15.55
C VAL H 395 17.95 60.66 15.56
N GLY H 396 17.68 61.60 14.66
CA GLY H 396 18.41 62.87 14.63
C GLY H 396 19.65 62.99 13.77
N ARG H 397 20.42 61.92 13.62
CA ARG H 397 21.62 62.00 12.78
C ARG H 397 21.22 61.88 11.31
N ALA H 398 22.19 62.01 10.40
CA ALA H 398 21.89 61.86 8.99
C ALA H 398 22.35 60.50 8.51
N ILE H 399 21.86 60.07 7.34
CA ILE H 399 22.11 58.72 6.82
C ILE H 399 23.59 58.40 6.60
N GLY H 400 24.29 59.24 5.85
CA GLY H 400 25.72 59.03 5.66
C GLY H 400 26.49 59.30 6.95
N ASP H 401 25.77 59.77 7.97
CA ASP H 401 26.40 60.19 9.21
C ASP H 401 26.18 59.19 10.35
N ILE H 402 25.17 58.32 10.21
CA ILE H 402 24.94 57.29 11.22
C ILE H 402 25.86 56.12 10.90
N LYS H 403 26.41 55.50 11.94
CA LYS H 403 27.35 54.42 11.73
C LYS H 403 26.63 53.11 11.48
N LEU H 404 26.15 52.96 10.24
CA LEU H 404 25.47 51.74 9.81
C LEU H 404 26.47 50.60 9.70
N PRO H 405 26.06 49.39 10.10
CA PRO H 405 26.89 48.20 10.00
C PRO H 405 27.43 47.99 8.58
N PRO H 406 28.56 47.29 8.44
CA PRO H 406 29.22 47.07 7.15
C PRO H 406 28.34 46.33 6.16
N GLY H 407 28.11 46.92 4.99
CA GLY H 407 27.28 46.29 3.97
C GLY H 407 25.81 46.48 4.24
N THR H 408 25.45 47.69 4.65
CA THR H 408 24.06 48.05 4.89
C THR H 408 23.68 49.29 4.07
N THR H 409 22.39 49.43 3.78
CA THR H 409 21.91 50.56 2.98
C THR H 409 20.50 50.92 3.39
N ILE H 410 20.30 52.16 3.83
CA ILE H 410 18.96 52.67 4.06
C ILE H 410 18.26 52.81 2.71
N GLY H 411 16.97 52.56 2.66
CA GLY H 411 16.24 52.61 1.41
C GLY H 411 15.08 53.57 1.47
N ALA H 412 14.33 53.55 2.56
CA ALA H 412 13.17 54.43 2.66
C ALA H 412 12.81 54.80 4.10
N VAL H 413 11.92 55.78 4.24
CA VAL H 413 11.43 56.18 5.55
C VAL H 413 9.93 56.39 5.47
N VAL H 414 9.21 55.85 6.45
CA VAL H 414 7.76 55.87 6.48
C VAL H 414 7.20 56.65 7.67
N ARG H 415 6.55 57.76 7.35
CA ARG H 415 5.86 58.63 8.30
C ARG H 415 4.34 58.51 8.22
N GLY H 416 3.75 57.71 9.11
CA GLY H 416 2.31 57.49 9.12
C GLY H 416 1.75 56.91 7.83
N GLU H 417 1.17 57.77 7.00
CA GLU H 417 0.61 57.34 5.71
C GLU H 417 1.42 57.93 4.56
N GLU H 418 2.49 58.64 4.91
CA GLU H 418 3.38 59.24 3.94
C GLU H 418 4.59 58.35 3.70
N VAL H 419 5.12 58.38 2.48
CA VAL H 419 6.33 57.61 2.15
C VAL H 419 7.41 58.49 1.54
N LEU H 420 8.54 58.60 2.24
CA LEU H 420 9.62 59.48 1.81
C LEU H 420 10.90 58.67 1.65
N ILE H 421 11.39 58.61 0.42
CA ILE H 421 12.54 57.78 0.09
C ILE H 421 13.83 58.38 0.62
N ALA H 422 14.80 57.51 0.89
CA ALA H 422 16.00 57.89 1.63
C ALA H 422 17.14 58.46 0.78
N HIS H 423 17.46 59.73 1.01
CA HIS H 423 18.72 60.31 0.54
C HIS H 423 19.62 60.59 1.75
N ASP H 424 20.92 60.75 1.49
CA ASP H 424 21.94 60.84 2.55
C ASP H 424 21.74 61.91 3.63
N ARG H 425 20.74 62.76 3.46
CA ARG H 425 20.57 63.93 4.33
C ARG H 425 19.41 63.84 5.31
N THR H 426 18.46 62.93 5.05
CA THR H 426 17.15 62.96 5.71
C THR H 426 17.17 62.90 7.24
N VAL H 427 16.06 63.30 7.83
CA VAL H 427 15.95 63.43 9.27
C VAL H 427 15.11 62.31 9.84
N ILE H 428 15.71 61.54 10.73
CA ILE H 428 15.00 60.46 11.40
C ILE H 428 14.21 61.10 12.53
N GLU H 429 12.92 60.83 12.58
CA GLU H 429 12.08 61.42 13.61
C GLU H 429 11.53 60.31 14.50
N GLN H 430 11.01 60.70 15.65
CA GLN H 430 10.44 59.74 16.59
C GLN H 430 9.29 58.96 15.97
N ASP H 431 9.19 57.68 16.34
CA ASP H 431 8.13 56.79 15.87
C ASP H 431 7.96 56.79 14.35
N ASP H 432 9.09 56.67 13.64
CA ASP H 432 9.11 56.62 12.18
C ASP H 432 9.72 55.30 11.75
N HIS H 433 9.36 54.80 10.57
CA HIS H 433 9.93 53.53 10.14
C HIS H 433 11.05 53.70 9.12
N VAL H 434 12.08 52.86 9.24
CA VAL H 434 13.23 52.89 8.35
C VAL H 434 13.45 51.57 7.62
N VAL H 435 13.27 51.58 6.30
CA VAL H 435 13.45 50.38 5.47
C VAL H 435 14.87 50.32 4.93
N MET H 436 15.63 49.34 5.42
CA MET H 436 17.05 49.17 5.08
C MET H 436 17.40 47.76 4.60
N PHE H 437 18.61 47.60 4.05
CA PHE H 437 18.97 46.39 3.31
C PHE H 437 20.36 45.84 3.63
N LEU H 438 20.42 44.73 4.37
CA LEU H 438 21.66 44.01 4.61
C LEU H 438 21.99 43.05 3.47
N VAL H 439 23.27 43.01 3.10
CA VAL H 439 23.74 42.12 2.05
C VAL H 439 24.23 40.83 2.72
N ASP H 440 24.49 40.94 4.02
CA ASP H 440 24.96 39.83 4.84
C ASP H 440 24.29 39.88 6.21
N LYS H 441 23.44 38.91 6.49
CA LYS H 441 22.58 38.94 7.68
C LYS H 441 23.32 38.99 9.01
N LYS H 442 24.58 38.57 9.03
CA LYS H 442 25.34 38.47 10.28
C LYS H 442 25.56 39.79 10.99
N TYR H 443 25.36 40.90 10.29
CA TYR H 443 25.51 42.20 10.94
C TYR H 443 24.13 42.75 11.31
N VAL H 444 23.19 41.85 11.61
CA VAL H 444 21.85 42.26 12.05
C VAL H 444 21.73 42.60 13.55
N PRO H 445 22.36 41.80 14.44
CA PRO H 445 22.40 42.22 15.85
C PRO H 445 22.91 43.64 16.04
N ASP H 446 23.78 44.09 15.12
CA ASP H 446 24.27 45.46 15.14
C ASP H 446 23.16 46.48 14.89
N VAL H 447 22.42 46.28 13.80
CA VAL H 447 21.30 47.16 13.45
C VAL H 447 20.28 47.23 14.59
N GLU H 448 20.06 46.09 15.24
CA GLU H 448 19.10 46.01 16.34
C GLU H 448 19.49 46.88 17.52
N ALA H 449 20.75 46.74 17.95
CA ALA H 449 21.28 47.56 19.05
C ALA H 449 21.32 49.03 18.66
N LEU H 450 21.60 49.29 17.38
CA LEU H 450 21.74 50.63 16.85
C LEU H 450 20.45 51.44 16.88
N PHE H 451 19.33 50.78 17.19
CA PHE H 451 18.03 51.43 17.14
C PHE H 451 17.34 51.44 18.50
N GLN H 452 18.08 50.99 19.52
CA GLN H 452 17.57 50.94 20.88
C GLN H 452 18.05 52.10 21.75
N PRO H 453 17.15 52.66 22.56
CA PRO H 453 17.41 53.72 23.55
C PRO H 453 18.66 53.44 24.40
TA1 TBR I . 5.71 -28.30 16.60
TA2 TBR I . 8.01 -27.82 18.35
TA3 TBR I . 6.09 -29.91 19.02
TA4 TBR I . 8.78 -30.61 18.10
TA5 TBR I . 6.49 -31.09 16.37
TA6 TBR I . 8.40 -29.00 15.69
BR1 TBR I . 6.26 -26.00 17.68
BR2 TBR I . 3.89 -28.61 18.43
BR3 TBR I . 4.40 -30.05 15.23
BR4 TBR I . 6.77 -27.48 14.37
BR5 TBR I . 6.81 -27.99 20.63
BR6 TBR I . 4.85 -32.01 18.15
BR7 TBR I . 8.19 -32.93 17.08
BR8 TBR I . 10.54 -30.40 16.22
BR9 TBR I . 10.09 -28.87 19.49
BRA TBR I . 7.73 -31.41 20.36
BRB TBR I . 7.72 -30.97 14.11
BRC TBR I . 9.64 -26.91 16.57
TA1 TBR J . 21.14 -30.21 7.45
TA2 TBR J . 21.36 -33.11 7.35
TA3 TBR J . 19.12 -31.87 8.78
TA4 TBR J . 18.67 -33.27 6.24
TA5 TBR J . 18.45 -30.37 6.35
TA6 TBR J . 20.68 -31.60 4.93
BR1 TBR J . 23.23 -31.55 8.26
BR2 TBR J . 20.52 -30.01 9.97
BR3 TBR J . 19.64 -28.15 6.99
BR4 TBR J . 22.40 -29.67 5.24
BR5 TBR J . 20.76 -33.63 9.82
BR6 TBR J . 17.15 -30.20 8.57
BR7 TBR J . 16.57 -31.93 5.47
BR8 TBR J . 19.29 -33.46 3.72
BR9 TBR J . 20.18 -35.33 6.70
BRA TBR J . 17.43 -33.82 8.47
BRB TBR J . 19.02 -29.90 3.87
BRC TBR J . 22.63 -33.32 5.13
TA1 TBR K . 54.66 -23.86 40.39
TA2 TBR K . 57.02 -24.07 42.08
TA3 TBR K . 54.88 -26.05 42.33
TA4 TBR K . 57.45 -26.79 41.14
TA5 TBR K . 55.09 -26.57 39.44
TA6 TBR K . 57.23 -24.59 39.21
BR1 TBR K . 55.50 -21.96 41.98
BR2 TBR K . 52.89 -24.35 42.25
BR3 TBR K . 53.11 -25.06 38.71
BR4 TBR K . 55.78 -22.59 38.40
BR5 TBR K . 55.86 -24.68 44.33
BR6 TBR K . 53.41 -27.74 41.00
BR7 TBR K . 56.62 -28.67 39.53
BR8 TBR K . 59.22 -26.29 39.29
BR9 TBR K . 58.97 -25.61 42.87
BRA TBR K . 56.35 -28.04 43.14
BRB TBR K . 56.27 -25.99 37.21
BRC TBR K . 58.70 -22.89 40.52
K K L . 40.53 -34.79 23.58
TA1 TBR M . 29.15 15.39 5.66
TA2 TBR M . 29.99 14.32 8.23
TA3 TBR M . 31.94 15.63 6.51
TA4 TBR M . 31.05 16.92 8.97
TA5 TBR M . 30.21 18.00 6.41
TA6 TBR M . 28.25 16.68 8.12
BR1 TBR M . 28.86 12.91 6.36
BR2 TBR M . 31.19 14.55 4.26
BR3 TBR M . 29.07 17.49 4.12
BR4 TBR M . 26.65 15.96 6.20
BR5 TBR M . 32.19 13.21 7.44
BR6 TBR M . 32.47 17.81 5.20
BR7 TBR M . 31.39 19.39 8.26
BR8 TBR M . 29.03 17.80 10.37
BR9 TBR M . 31.10 14.83 10.51
BRA TBR M . 33.55 16.44 8.38
BRB TBR M . 27.98 19.10 7.17
BRC TBR M . 27.75 14.53 9.49
TA1 TBR N . 25.74 13.55 23.36
TA2 TBR N . 27.20 15.88 24.31
TA3 TBR N . 26.95 15.41 21.44
TA4 TBR N . 25.51 17.61 22.71
TA5 TBR N . 24.04 15.28 21.75
TA6 TBR N . 24.30 15.75 24.62
BR1 TBR N . 27.75 13.44 25.00
BR2 TBR N . 27.39 12.82 21.48
BR3 TBR N . 23.84 12.69 21.83
BR4 TBR N . 24.15 13.28 25.41
BR5 TBR N . 29.21 15.74 22.70
BR6 TBR N . 25.27 15.04 19.49
BR7 TBR N . 23.51 17.72 21.04
BR8 TBR N . 23.80 18.32 24.55
BR9 TBR N . 27.39 18.47 24.25
BRA TBR N . 27.12 17.88 20.68
BRB TBR N . 22.02 15.42 23.37
BRC TBR N . 25.98 16.22 26.55
K K O . 47.02 3.87 34.22
TA1 TBR P . -2.69 15.02 -29.84
TA2 TBR P . -5.31 14.79 -31.11
TA3 TBR P . -3.33 16.65 -32.20
TA4 TBR P . -4.03 14.20 -33.66
TA5 TBR P . -1.41 14.43 -32.38
TA6 TBR P . -3.39 12.58 -31.29
BR1 TBR P . -4.96 15.33 -28.59
BR2 TBR P . -2.51 17.62 -29.91
BR3 TBR P . -0.12 14.91 -30.17
BR4 TBR P . -2.54 12.62 -28.83
BR5 TBR P . -5.75 17.31 -31.48
BR6 TBR P . -0.88 16.87 -33.06
BR7 TBR P . -1.76 13.84 -34.89
BR8 TBR P . -4.24 11.62 -33.59
BR9 TBR P . -6.58 14.35 -33.33
BRA TBR P . -4.18 16.61 -34.65
BRB TBR P . -0.95 11.91 -31.98
BRC TBR P . -5.85 12.35 -30.45
TA1 TBR Q . -12.54 0.59 -34.76
TA2 TBR Q . -12.49 1.21 -37.61
TA3 TBR Q . -11.03 2.90 -35.73
TA4 TBR Q . -9.58 1.14 -37.56
TA5 TBR Q . -9.64 0.52 -34.71
TA6 TBR Q . -11.10 -1.17 -36.59
BR1 TBR Q . -14.67 0.98 -36.20
BR2 TBR Q . -12.89 3.01 -33.88
BR3 TBR Q . -11.15 0.16 -32.62
BR4 TBR Q . -12.93 -1.99 -34.94
BR5 TBR Q . -12.80 3.76 -37.45
BR6 TBR Q . -9.24 2.92 -33.83
BR7 TBR Q . -7.45 0.77 -36.10
BR8 TBR Q . -9.23 -1.29 -38.42
BR9 TBR Q . -10.99 1.61 -39.69
BRA TBR Q . -9.18 3.71 -37.36
BRB TBR Q . -9.33 -2.05 -34.88
BRC TBR Q . -12.84 -1.19 -38.52
K K R . -34.08 10.28 -45.86
TA1 TBR S . -32.87 -3.51 6.95
TA2 TBR S . -34.75 -2.03 5.29
TA3 TBR S . -35.69 -3.32 7.73
TA4 TBR S . -35.49 -0.40 7.58
TA5 TBR S . -33.62 -1.89 9.25
TA6 TBR S . -32.68 -0.60 6.79
BR1 TBR S . -33.24 -3.95 4.41
BR2 TBR S . -34.39 -5.57 7.46
BR3 TBR S . -31.90 -3.84 9.33
BR4 TBR S . -30.68 -2.21 6.35
BR5 TBR S . -36.74 -3.67 5.36
BR6 TBR S . -35.29 -3.55 10.29
BR7 TBR S . -35.09 0.08 10.11
BR8 TBR S . -33.98 1.66 7.09
BR9 TBR S . -36.53 -0.14 5.22
BRA TBR S . -37.67 -1.70 8.20
BRB TBR S . -31.64 -0.21 9.17
BRC TBR S . -33.05 -0.37 4.23
TA1 TBR T . -33.34 14.62 4.66
TA2 TBR T . -35.87 15.57 5.76
TA3 TBR T . -35.15 12.74 6.01
TA4 TBR T . -35.14 14.49 8.36
TA5 TBR T . -32.62 13.54 7.26
TA6 TBR T . -33.34 16.36 7.01
BR1 TBR T . -35.17 15.87 3.27
BR2 TBR T . -34.24 12.43 3.56
BR3 TBR T . -31.15 13.34 5.13
BR4 TBR T . -31.99 16.86 4.85
BR5 TBR T . -37.39 13.61 4.99
BR6 TBR T . -33.30 11.10 6.82
BR7 TBR T . -33.32 13.23 9.74
BR8 TBR T . -34.25 16.68 9.46
BR9 TBR T . -37.36 15.73 7.89
BRA TBR T . -36.47 12.25 8.19
BRB TBR T . -31.10 15.50 8.05
BRC TBR T . -35.19 18.01 6.21
TA1 TBR U . -60.74 17.72 -35.17
TA2 TBR U . -63.19 19.15 -35.89
TA3 TBR U . -63.27 17.09 -33.82
TA4 TBR U . -63.57 19.90 -33.10
TA5 TBR U . -61.13 18.48 -32.38
TA6 TBR U . -61.04 20.55 -34.45
BR1 TBR U . -61.71 17.85 -37.59
BR2 TBR U . -61.77 15.33 -35.06
BR3 TBR U . -59.15 17.03 -33.26
BR4 TBR U . -59.03 19.59 -35.79
BR5 TBR U . -64.82 17.13 -35.93
BR6 TBR U . -62.22 16.27 -31.58
BR7 TBR U . -62.60 19.77 -30.67
BR8 TBR U . -62.56 22.30 -33.20
BR9 TBR U . -65.17 20.60 -35.01
BRA TBR U . -65.27 18.04 -32.47
BRB TBR U . -59.49 20.50 -32.33
BRC TBR U . -62.10 21.37 -36.67
K K V . -53.57 19.57 -10.91
PA NAD W . -6.67 -2.06 18.00
O1A NAD W . -7.35 -1.22 16.94
O2A NAD W . -5.49 -1.49 18.74
O5B NAD W . -6.25 -3.47 17.34
C5B NAD W . -6.03 -4.63 18.14
C4B NAD W . -4.74 -5.36 17.75
O4B NAD W . -4.94 -6.78 17.58
C3B NAD W . -4.11 -4.89 16.44
O3B NAD W . -2.79 -4.42 16.75
C2B NAD W . -4.02 -6.12 15.57
O2B NAD W . -2.82 -6.10 14.79
C1B NAD W . -3.91 -7.17 16.67
N9A NAD W . -3.85 -8.62 16.29
C8A NAD W . -2.96 -9.45 16.88
N7A NAD W . -3.02 -10.71 16.41
C5A NAD W . -3.98 -10.71 15.46
C6A NAD W . -4.52 -11.74 14.58
N6A NAD W . -4.05 -13.01 14.66
N1A NAD W . -5.51 -11.37 13.74
C2A NAD W . -5.96 -10.09 13.70
N3A NAD W . -5.50 -9.10 14.48
C4A NAD W . -4.52 -9.33 15.37
O3 NAD W . -7.79 -2.50 19.06
PN NAD W . -7.86 -1.87 20.54
O1N NAD W . -7.59 -0.39 20.46
O2N NAD W . -7.04 -2.72 21.46
O5D NAD W . -9.43 -2.12 20.79
C5D NAD W . -9.93 -3.41 20.48
C4D NAD W . -11.26 -3.35 19.74
O4D NAD W . -12.35 -3.19 20.65
C3D NAD W . -11.42 -2.21 18.75
O3D NAD W . -10.86 -2.51 17.47
C2D NAD W . -12.93 -2.08 18.64
O2D NAD W . -13.41 -2.96 17.63
C1D NAD W . -13.46 -2.59 19.97
N1N NAD W . -13.96 -1.49 20.79
C2N NAD W . -13.11 -0.91 21.61
C3N NAD W . -13.52 0.14 22.41
C7N NAD W . -12.51 0.74 23.34
O7N NAD W . -11.35 0.88 22.98
N7N NAD W . -12.95 1.08 24.54
C4N NAD W . -14.84 0.57 22.38
C5N NAD W . -15.72 -0.05 21.52
C6N NAD W . -15.24 -1.10 20.72
TA1 TBR X . 7.12 15.45 38.42
TA2 TBR X . 6.12 15.86 35.73
TA3 TBR X . 4.27 15.97 37.98
TA4 TBR X . 4.98 18.42 36.53
TA5 TBR X . 5.98 18.00 39.25
TA6 TBR X . 7.84 17.89 36.98
BR1 TBR X . 7.44 13.74 36.48
BR2 TBR X . 5.22 13.88 39.26
BR3 TBR X . 7.26 16.38 40.84
BR4 TBR X . 9.57 16.29 38.07
BR5 TBR X . 3.95 14.43 35.89
BR6 TBR X . 3.81 17.08 40.30
BR7 TBR X . 4.66 20.11 38.49
BR8 TBR X . 6.88 19.97 35.69
BR9 TBR X . 4.84 17.48 34.13
BRA TBR X . 2.54 17.59 36.94
BRB TBR X . 8.14 19.44 39.07
BRC TBR X . 8.29 16.78 34.67
TA1 TBR Y . -21.60 -3.51 15.75
TA2 TBR Y . -21.16 -3.18 12.89
TA3 TBR Y . -23.89 -3.44 13.92
TA4 TBR Y . -22.94 -0.86 12.89
TA5 TBR Y . -23.37 -1.20 15.74
TA6 TBR Y . -20.65 -0.94 14.71
BR1 TBR Y . -20.08 -5.07 14.31
BR2 TBR Y . -23.41 -5.38 15.62
BR3 TBR Y . -22.81 -2.62 17.85
BR4 TBR Y . -19.46 -2.27 16.60
BR5 TBR Y . -22.88 -4.93 12.03
BR6 TBR Y . -25.61 -2.50 15.63
BR7 TBR Y . -24.46 0.70 14.33
BR8 TBR Y . -21.14 1.01 13.02
BR9 TBR Y . -21.72 -1.76 10.78
BRA TBR Y . -25.10 -2.08 12.05
BRB TBR Y . -21.68 0.58 16.57
BRC TBR Y . -18.92 -1.88 12.99
PA NAD Z . -9.37 -16.71 -3.63
O1A NAD Z . -7.90 -16.58 -3.29
O2A NAD Z . -9.78 -16.53 -5.06
O5B NAD Z . -10.13 -15.67 -2.68
C5B NAD Z . -11.52 -15.75 -2.33
C4B NAD Z . -12.19 -14.36 -2.43
O4B NAD Z . -13.24 -14.15 -1.48
C3B NAD Z . -11.21 -13.21 -2.23
O3B NAD Z . -11.39 -12.31 -3.34
C2B NAD Z . -11.69 -12.52 -0.98
O2B NAD Z . -11.39 -11.13 -1.01
C1B NAD Z . -13.18 -12.75 -1.12
N9A NAD Z . -14.06 -12.35 0.03
C8A NAD Z . -15.34 -11.95 -0.16
N7A NAD Z . -15.96 -11.62 0.99
C5A NAD Z . -15.06 -11.80 1.97
C6A NAD Z . -15.09 -11.61 3.43
N6A NAD Z . -16.21 -11.18 4.06
N1A NAD Z . -13.96 -11.90 4.10
C2A NAD Z . -12.85 -12.33 3.47
N3A NAD Z . -12.75 -12.51 2.13
C4A NAD Z . -13.81 -12.26 1.34
O3 NAD Z . -9.88 -18.17 -3.16
PN NAD Z . -9.91 -19.44 -4.15
O1N NAD Z . -8.71 -19.41 -5.06
O2N NAD Z . -11.28 -19.51 -4.76
O5D NAD Z . -9.71 -20.65 -3.11
C5D NAD Z . -10.41 -20.63 -1.87
C4D NAD Z . -9.47 -21.12 -0.77
O4D NAD Z . -9.40 -22.55 -0.75
C3D NAD Z . -8.04 -20.64 -0.96
O3D NAD Z . -7.77 -19.57 -0.07
C2D NAD Z . -7.15 -21.82 -0.62
O2D NAD Z . -6.35 -21.57 0.53
C1D NAD Z . -8.10 -22.97 -0.32
N1N NAD Z . -7.65 -24.08 -1.14
C2N NAD Z . -7.85 -23.96 -2.44
C3N NAD Z . -7.44 -24.96 -3.30
C7N NAD Z . -7.72 -24.78 -4.76
O7N NAD Z . -7.49 -23.70 -5.30
N7N NAD Z . -8.23 -25.81 -5.40
C4N NAD Z . -6.84 -26.11 -2.81
C5N NAD Z . -6.63 -26.20 -1.44
C6N NAD Z . -7.06 -25.16 -0.61
TA1 TBR AA . -12.85 -21.79 -32.41
TA2 TBR AA . -10.71 -20.54 -30.89
TA3 TBR AA . -11.83 -23.09 -29.98
TA4 TBR AA . -9.13 -22.97 -31.11
TA5 TBR AA . -11.28 -24.23 -32.63
TA6 TBR AA . -10.16 -21.67 -33.54
BR1 TBR AA . -12.97 -19.36 -31.44
BR2 TBR AA . -14.35 -22.47 -30.38
BR3 TBR AA . -13.67 -23.94 -33.61
BR4 TBR AA . -12.28 -20.79 -34.75
BR5 TBR AA . -11.62 -20.95 -28.49
BR6 TBR AA . -12.36 -25.54 -30.69
BR7 TBR AA . -9.02 -25.40 -32.07
BR8 TBR AA . -7.63 -22.29 -33.14
BR9 TBR AA . -8.32 -20.82 -29.92
BRA TBR AA . -9.71 -24.00 -28.79
BRB TBR AA . -10.35 -23.82 -35.03
BRC TBR AA . -9.58 -19.25 -32.81
TA1 TBR BA . -3.02 -24.36 7.05
TA2 TBR BA . -0.52 -24.18 8.53
TA3 TBR BA . -1.54 -26.80 7.71
TA4 TBR BA . 0.83 -25.66 6.41
TA5 TBR BA . -1.67 -25.83 4.94
TA6 TBR BA . -0.65 -23.22 5.75
BR1 TBR BA . -2.78 -23.20 9.36
BR2 TBR BA . -4.05 -26.37 8.34
BR3 TBR BA . -4.20 -25.25 4.92
BR4 TBR BA . -2.94 -22.01 5.90
BR5 TBR BA . -0.90 -26.16 10.16
BR6 TBR BA . -2.41 -28.19 5.69
BR7 TBR BA . 0.59 -26.84 4.10
BR8 TBR BA . 1.85 -23.67 5.10
BR9 TBR BA . 2.01 -24.80 8.56
BRA TBR BA . 0.75 -28.01 7.56
BRB TBR BA . -1.28 -23.86 3.29
BRC TBR BA . 0.20 -21.82 7.77
PA NAD CA . 14.15 -0.78 -12.72
O1A NAD CA . 12.68 -0.92 -13.03
O2A NAD CA . 14.91 -1.98 -12.21
O5B NAD CA . 14.30 0.43 -11.67
C5B NAD CA . 15.47 1.24 -11.56
C4B NAD CA . 15.95 1.30 -10.11
O4B NAD CA . 16.43 2.60 -9.74
C3B NAD CA . 14.86 0.96 -9.08
O3B NAD CA . 15.31 -0.14 -8.28
C2B NAD CA . 14.75 2.19 -8.21
O2B NAD CA . 14.47 1.82 -6.85
C1B NAD CA . 16.17 2.71 -8.32
N9A NAD CA . 16.45 4.04 -7.72
C8A NAD CA . 17.55 4.28 -6.99
N7A NAD CA . 17.60 5.55 -6.53
C5A NAD CA . 16.48 6.15 -6.94
C6A NAD CA . 15.92 7.50 -6.77
N6A NAD CA . 16.59 8.44 -6.07
N1A NAD CA . 14.73 7.74 -7.37
C2A NAD CA . 14.08 6.80 -8.07
N3A NAD CA . 14.53 5.54 -8.25
C4A NAD CA . 15.71 5.16 -7.72
O3 NAD CA . 14.90 -0.22 -14.01
PN NAD CA . 15.72 -1.17 -15.01
O1N NAD CA . 15.02 -2.51 -15.14
O2N NAD CA . 17.18 -1.14 -14.61
O5D NAD CA . 15.54 -0.34 -16.37
C5D NAD CA . 15.68 1.07 -16.26
C4D NAD CA . 14.67 1.78 -17.15
O4D NAD CA . 15.11 1.80 -18.51
C3D NAD CA . 13.31 1.09 -17.19
O3D NAD CA . 12.46 1.53 -16.14
C2D NAD CA . 12.76 1.48 -18.55
O2D NAD CA . 11.89 2.61 -18.40
C1D NAD CA . 13.97 1.90 -19.37
N1N NAD CA . 14.12 1.00 -20.51
C2N NAD CA . 14.54 -0.23 -20.28
C3N NAD CA . 14.70 -1.11 -21.33
C7N NAD CA . 15.20 -2.48 -21.01
O7N NAD CA . 14.54 -3.20 -20.27
N7N NAD CA . 16.36 -2.86 -21.51
C4N NAD CA . 14.43 -0.73 -22.64
C5N NAD CA . 13.97 0.56 -22.85
C6N NAD CA . 13.84 1.42 -21.76
TA1 TBR DA . 26.84 -27.29 -14.16
TA2 TBR DA . 24.02 -27.03 -14.86
TA3 TBR DA . 25.96 -25.09 -15.89
TA4 TBR DA . 24.72 -27.05 -17.69
TA5 TBR DA . 27.54 -27.30 -16.99
TA6 TBR DA . 25.61 -29.24 -15.96
BR1 TBR DA . 24.91 -27.11 -12.42
BR2 TBR DA . 27.29 -24.77 -13.66
BR3 TBR DA . 29.27 -27.44 -15.04
BR4 TBR DA . 26.90 -29.88 -13.80
BR5 TBR DA . 23.77 -24.46 -14.60
BR6 TBR DA . 28.19 -24.82 -17.19
BR7 TBR DA . 26.66 -27.23 -19.43
BR8 TBR DA . 24.26 -29.56 -18.20
BR9 TBR DA . 22.29 -26.87 -16.80
BRA TBR DA . 24.70 -24.46 -18.07
BRB TBR DA . 27.77 -29.87 -17.29
BRC TBR DA . 23.36 -29.52 -14.68
TA1 TBR EA . 6.85 6.62 -22.57
TA2 TBR EA . 4.06 7.09 -23.30
TA3 TBR EA . 6.05 9.17 -23.78
TA4 TBR EA . 4.88 7.71 -26.02
TA5 TBR EA . 7.66 7.24 -25.30
TA6 TBR EA . 5.68 5.16 -24.81
BR1 TBR EA . 4.85 6.43 -20.90
BR2 TBR EA . 7.33 8.94 -21.49
BR3 TBR EA . 9.31 6.61 -23.39
BR4 TBR EA . 6.87 4.02 -22.80
BR5 TBR EA . 3.83 9.53 -22.44
BR6 TBR EA . 8.35 9.70 -24.90
BR7 TBR EA . 6.88 7.93 -27.68
BR8 TBR EA . 4.42 5.39 -27.12
BR9 TBR EA . 2.41 7.71 -25.22
BRA TBR EA . 4.87 10.31 -25.79
BRB TBR EA . 7.87 4.81 -26.18
BRC TBR EA . 3.38 4.63 -23.69
PA NAD FA . 1.35 18.77 -1.44
O1A NAD FA . 1.82 17.88 -0.31
O2A NAD FA . -0.09 19.19 -1.47
O5B NAD FA . 1.71 18.01 -2.80
C5B NAD FA . 1.71 18.67 -4.07
C4B NAD FA . 0.78 17.95 -5.05
O4B NAD FA . 1.31 17.90 -6.39
C3B NAD FA . 0.50 16.50 -4.67
O3B NAD FA . -0.93 16.35 -4.55
C2B NAD FA . 0.99 15.69 -5.85
O2B NAD FA . 0.17 14.55 -6.06
C1B NAD FA . 0.76 16.70 -6.95
N9A NAD FA . 1.23 16.37 -8.32
C8A NAD FA . 0.46 16.62 -9.40
N7A NAD FA . 1.06 16.25 -10.55
C5A NAD FA . 2.25 15.74 -10.22
C6A NAD FA . 3.36 15.17 -10.99
N6A NAD FA . 3.28 15.09 -12.35
N1A NAD FA . 4.44 14.75 -10.30
C2A NAD FA . 4.49 14.84 -8.96
N3A NAD FA . 3.51 15.36 -8.19
C4A NAD FA . 2.37 15.81 -8.75
O3 NAD FA . 2.27 20.08 -1.48
PN NAD FA . 1.78 21.53 -1.00
O1N NAD FA . 1.20 21.47 0.39
O2N NAD FA . 0.93 22.13 -2.09
O5D NAD FA . 3.20 22.27 -0.96
C5D NAD FA . 4.07 22.12 -2.08
C4D NAD FA . 5.48 21.83 -1.62
O4D NAD FA . 6.12 23.03 -1.18
C3D NAD FA . 5.53 20.88 -0.44
O3D NAD FA . 5.82 19.56 -0.89
C2D NAD FA . 6.66 21.39 0.45
O2D NAD FA . 7.79 20.52 0.35
C1D NAD FA . 7.05 22.74 -0.12
N1N NAD FA . 6.97 23.74 0.93
C2N NAD FA . 5.77 24.13 1.36
C3N NAD FA . 5.65 25.09 2.36
C7N NAD FA . 4.29 25.51 2.82
O7N NAD FA . 3.43 24.69 3.05
N7N NAD FA . 4.07 26.82 2.92
C4N NAD FA . 6.79 25.66 2.91
C5N NAD FA . 8.02 25.23 2.46
C6N NAD FA . 8.08 24.27 1.46
TA1 TBR GA . -21.75 32.09 8.97
TA2 TBR GA . -20.32 31.47 11.44
TA3 TBR GA . -19.10 33.25 9.48
TA4 TBR GA . -20.09 34.31 12.02
TA5 TBR GA . -21.50 34.93 9.55
TA6 TBR GA . -22.74 33.14 11.51
BR1 TBR GA . -21.18 29.67 9.77
BR2 TBR GA . -19.72 31.84 7.36
BR3 TBR GA . -22.64 33.95 7.43
BR4 TBR GA . -24.18 31.78 9.85
BR5 TBR GA . -17.95 31.11 10.46
BR6 TBR GA . -19.45 35.40 8.06
BR7 TBR GA . -20.63 36.73 11.22
BR8 TBR GA . -22.11 34.56 13.64
BR9 TBR GA . -19.20 32.44 13.57
BRA TBR GA . -17.65 34.64 11.13
BRB TBR GA . -23.86 35.31 10.56
BRC TBR GA . -22.37 31.00 12.95
TA1 TBR HA . 15.96 19.47 1.77
TA2 TBR HA . 17.40 17.33 3.13
TA3 TBR HA . 18.67 19.93 2.80
TA4 TBR HA . 17.78 19.06 5.44
TA5 TBR HA . 16.34 21.20 4.09
TA6 TBR HA . 15.07 18.58 4.41
BR1 TBR HA . 16.42 17.12 0.72
BR2 TBR HA . 17.94 20.32 0.31
BR3 TBR HA . 15.13 21.92 1.90
BR4 TBR HA . 13.52 18.72 2.34
BR5 TBR HA . 19.72 17.67 2.05
BR6 TBR HA . 18.37 22.50 3.17
BR7 TBR HA . 17.31 21.40 6.50
BR8 TBR HA . 15.79 18.20 6.91
BR9 TBR HA . 18.65 16.63 5.29
BRA TBR HA . 20.21 19.82 4.89
BRB TBR HA . 14.02 20.84 5.19
BRC TBR HA . 15.34 16.02 4.01
#